data_8VUR
#
_entry.id   8VUR
#
_cell.length_a   1.00
_cell.length_b   1.00
_cell.length_c   1.00
_cell.angle_alpha   90.00
_cell.angle_beta   90.00
_cell.angle_gamma   90.00
#
_symmetry.space_group_name_H-M   'P 1'
#
loop_
_entity.id
_entity.type
_entity.pdbx_description
1 polymer 'Glutamate receptor ionotropic, NMDA 1'
2 polymer 'Glutamate receptor ionotropic, NMDA 2A'
3 polymer 'Glutamate receptor ionotropic, NMDA 1'
4 polymer '003-102 Heavy'
5 polymer '003-102 Light'
#
loop_
_entity_poly.entity_id
_entity_poly.type
_entity_poly.pdbx_seq_one_letter_code
_entity_poly.pdbx_strand_id
1 'polypeptide(L)'
;VNIGAVLSTRKHEQMFREAVNQANKRHGSWKIQLNATSVTHKPNAIQMALSVCEDLISSQVYAILVSHPPTPNDHFTPTP
VSYTAGFYRIPVLGLTTRMSIYSDKSIHLSFLRTVPPYSHQSSVWFEMMRVYSWNHIILLVSDDHEGRAAQKRLETLLEE
RESKAEKVLQFDPGTKNVTALLMEAKELEARVIILSASEDDAATVYRAAAMLNMTGSGYVWLVGEREISGNALRYAPDGI
LGLQLINGKNESAHISDAVGVVAQAVHELLEKENITDPPRGCVGNTNIWKTGPLFKRVLMSSKYADGVTGRVEFNEDGDR
KFANYSIMNLQNRKLVQVGIYNGTHVIPNDRKIIWPGGETEKPRGYQMSTRLKIVTIHQEPFVYVKPTLSDGTCKEEFTV
NGDPVKKVICTGPNDTSPGSPRHTVPQCCYGFCIDLLIKLARTMNFTYEVHLVADGKFGTQERVNNSNKKEWNGMMGELL
SGQADMIVAPLTINNERAQYIEFSKPFKYQGLTILVKKEIPRSTLDSFMQPFQSTLWLLVGLSVHVVAVMLYLLDRFSPF
GRFKVNSEEEEEDALTLSSAMWFSWGVLLNSGIGEGAPRSFSARILGMVWAGFAMIIVASYTANLAAFLVLDRPEERITG
INDPRLRNPSDKFIYATVKQSSVDIYFRRQVELSTMYRHMEKHNYESAAEAIQAVRDNKLHAFIWDSAVLEFEASQKCDL
VTTGELFFRSGFGIGMRKDSPWKQNVSLSILKSHENGFMEDLDKTWVRYQECDSRSNAPATLTFENMAGVFMLVAGGIVA
GIFLIFIEIAYKRHK
;
A
2 'polypeptide(L)'
;LNIAVMLGHSHDVTERELRTLWGPEQAAGLPLDVNVVALLMNRTDPKSLITHVCDLMSGARIHGLVFGDDTDQEAVAQML
DFISSHTFVPILGIHGGASMIMADKDPTSTFFQFGASIQQQATVMLKIMQDYDWHVFSLVTTIFPGYREFISFVKTTVDN
SFVGWDMQNVITLDTSFEDAKTQVQLKKIHSSVILLYCSKDEAVLILSEARSLGLTGYDFFWIVPSLVSGNTELIPKEFP
SGLISVSYDDWDYSLEARVRDGIGILTTAASSMLEKFSYIPEAKASCYGQMERPEVPMHTLHPFMVNVTWDGKDLSFTEE
GYQVHPRLVVIVLNKDREWEKVGKWENHTLSLRHAVWPRYKSFSDCEPDDNHLSIVTLEEAPFVIVEDIDPLTETCVRNT
VPCRKFVKINNSTNEGMNVKKCCKGFCIDILKKLSRTVKFTYDLYLVTNGKHGKKVNNVWNGMIGEVVYQRAVMAVGSLT
INEERSEVVDFSVPFVETGISVMVSRSNGTVSPSAFLEPFSASVWVMMFVMLLIVSAIAVFVFEYFSPVGYNRCLADGRE
PGGPSFTIGKAIWLLWGLVFNNSVPVQNPKGTTSKIMVSVWAFFAVIFLASYTANLAAFMIQEEFVDQVTGLSDKKFQRP
HDYSPPFRFGTVPNGSTERNIRNNYPYMHQYMTKFNQKGVEDALVSLKTGKLDAFIYDAAVLNYKAGRDEGCKLVTIGSG
YIFATTGYGIALQKGSPWKRQIDLALLQFVGDGEMEELETLWLTGICHNEKNEVMSSQLDIDNMAGVFYMLAAAMALSLI
TFIWEHLF
;
B,D
3 'polypeptide(L)'
;VNIGAVLSTRKHEQMFREAVNQANKRHASWKIQLNATSVTHKPNAIQMALSVCEDLISSQVYAILVSHPPTPNDHFTPTP
VSYTAGFYRIPVLGLTTRMSIYSDKSIHLSFLRTVPPYSHQSSVWFEMMRVYSWNHIILLVSDDHEGRAAQKRLETLLEE
RESKAEKVLQFDPGTKNVTALLMEAKELEARVIILSASEDDAATVYRAAAMLNMTGSGYVWLVGEREISGNALRYAPDGI
LGLQLINGKNESAHISDAVGVVAQAVHELLEKENITDPPRGCVGNTNIWKTGPLFKRVLMSSKYADGVTGRVEFNEDGDR
KFANYSIMNLQRRKLVQVGIYNGTHVIPNDRKIIWPGGETEKPRGYQMSTRLKIVTIHQEPFVYVKPTLSDGTCKEEFTV
NGDPVKKVICTGPNDTSPGSPRHTVPQCCYGFCIDLLIKLARTMNFTYEVHLVADGKFGTQERVNNSNKKEWNGMMGELL
SGQADMIVAPLTINNERAQYIEFSKPFKYQGLTILVKKEIPRSTLDSFMQPFQSTLWLLVGLSVHVVAVMLYLLDRFSPF
GRFKVNSEEEEEDALTLSSAMWFSWGVLLNSGIGEGAPRSFSARILGMVWAGFAMIIVASYTANLAAFLVLDRPEERITG
INDPRLRNPSDKFIYATVKQSSVDIYFRRQVELSTMYRHMEKHNYESAAEAIQAVRDNKLHAFIWDSAVLEFEASQKCDL
VTTGELFFRSGFGIGMRKDSPWKQNVSLSILKSHENGFMEDLDKTWVRYQECDSRSNAPATLTFENMAGVFMLVAGGIVA
GIFLIFIEIAYKRHK
;
C
4 'polypeptide(L)'
;LQLQESGPGLVKPSQTLSLTCTVSGGSISSSNWWSWVRQPPGKGLEWIGEIYHSGNTNYNPSLKSRVTVSVDKSKNQFSL
KLTSVTAADTAVYYCARDVSGGVNWFDPWGQGTLVTVLQLQESGPGLVKPSQTLSLTCTVSGGSISSSNWWSWVRQPPGK
GLEWIGEIYHSGNTNYNPSLKSRVTVSVDKSKNQFSLKLTSVTAADTAVYYCARDVSGGVNWFDPWGQGTLVTV
;
H
5 'polypeptide(L)'
;NFMLTQPHSVSESPGKTVTISCTRSSGSIASNYVQWYQQRPGSAPTTVIYEDNQRPSGVPDRFSGSIDSSSNSASLTISG
LKTEDEADYYCQSYDSSTVVFGGGTKLTVNFMLTQPHSVSESPGKTVTISCTRSSGSIASNYVQWYQQRPGSAPTTVIYE
DNQRPSGVPDRFSGSIDSSSNSASLTISGLKTEDEADYYCQSYDSSTVVFGGGTKLTV
;
L
#
# COMPACT_ATOMS: atom_id res chain seq x y z
N VAL A 1 -30.13 -26.48 55.70
CA VAL A 1 -28.71 -26.76 55.59
C VAL A 1 -28.31 -27.95 56.45
N ASN A 2 -27.84 -29.01 55.78
CA ASN A 2 -27.47 -30.27 56.42
C ASN A 2 -26.08 -30.70 55.96
N ILE A 3 -25.13 -29.77 56.06
CA ILE A 3 -23.76 -29.97 55.59
C ILE A 3 -23.17 -31.26 56.13
N GLY A 4 -22.77 -32.15 55.22
CA GLY A 4 -22.14 -33.40 55.58
C GLY A 4 -20.67 -33.44 55.18
N ALA A 5 -20.05 -34.57 55.47
CA ALA A 5 -18.63 -34.72 55.21
C ALA A 5 -18.26 -36.20 55.16
N VAL A 6 -17.12 -36.49 54.55
CA VAL A 6 -16.61 -37.85 54.39
C VAL A 6 -15.19 -37.84 54.93
N LEU A 7 -15.02 -38.22 56.19
CA LEU A 7 -13.71 -38.17 56.83
C LEU A 7 -13.02 -39.54 56.76
N SER A 8 -11.92 -39.68 57.48
CA SER A 8 -11.07 -40.87 57.43
C SER A 8 -11.35 -41.83 58.58
N THR A 9 -11.24 -41.35 59.82
CA THR A 9 -11.40 -42.20 60.99
C THR A 9 -12.43 -41.60 61.94
N ARG A 10 -12.96 -42.45 62.81
CA ARG A 10 -14.07 -42.07 63.68
C ARG A 10 -13.71 -40.93 64.62
N LYS A 11 -12.43 -40.81 65.00
CA LYS A 11 -12.04 -39.80 65.97
C LYS A 11 -12.30 -38.39 65.46
N HIS A 12 -12.14 -38.18 64.16
CA HIS A 12 -12.35 -36.84 63.60
C HIS A 12 -13.81 -36.41 63.62
N GLU A 13 -14.75 -37.36 63.77
CA GLU A 13 -16.16 -37.00 63.72
C GLU A 13 -16.56 -36.14 64.90
N GLN A 14 -16.07 -36.48 66.10
CA GLN A 14 -16.37 -35.66 67.28
C GLN A 14 -15.80 -34.26 67.11
N MET A 15 -14.59 -34.15 66.56
CA MET A 15 -14.00 -32.83 66.32
C MET A 15 -14.82 -32.05 65.30
N PHE A 16 -15.28 -32.72 64.25
CA PHE A 16 -16.14 -32.07 63.26
C PHE A 16 -17.42 -31.55 63.90
N ARG A 17 -18.04 -32.37 64.75
CA ARG A 17 -19.25 -31.95 65.44
C ARG A 17 -18.99 -30.76 66.35
N GLU A 18 -17.87 -30.78 67.06
CA GLU A 18 -17.52 -29.66 67.93
C GLU A 18 -17.30 -28.39 67.12
N ALA A 19 -16.62 -28.52 65.97
CA ALA A 19 -16.38 -27.35 65.13
C ALA A 19 -17.68 -26.77 64.58
N VAL A 20 -18.60 -27.64 64.14
CA VAL A 20 -19.86 -27.14 63.60
C VAL A 20 -20.71 -26.52 64.71
N ASN A 21 -20.64 -27.08 65.93
CA ASN A 21 -21.37 -26.49 67.05
C ASN A 21 -20.80 -25.13 67.42
N GLN A 22 -19.47 -25.00 67.40
CA GLN A 22 -18.85 -23.70 67.67
C GLN A 22 -19.23 -22.68 66.61
N ALA A 23 -19.27 -23.11 65.34
CA ALA A 23 -19.67 -22.19 64.28
C ALA A 23 -21.12 -21.77 64.43
N ASN A 24 -22.01 -22.70 64.77
CA ASN A 24 -23.40 -22.36 64.97
C ASN A 24 -23.59 -21.42 66.15
N LYS A 25 -22.86 -21.67 67.25
CA LYS A 25 -22.96 -20.81 68.42
C LYS A 25 -22.40 -19.43 68.17
N ARG A 26 -21.39 -19.32 67.31
CA ARG A 26 -20.76 -18.02 67.06
C ARG A 26 -21.57 -17.18 66.08
N HIS A 27 -21.71 -17.66 64.85
CA HIS A 27 -22.36 -16.90 63.80
C HIS A 27 -22.55 -17.83 62.59
N GLY A 28 -23.72 -17.72 61.97
CA GLY A 28 -24.01 -18.49 60.78
C GLY A 28 -25.27 -18.00 60.08
N SER A 29 -26.07 -18.92 59.57
CA SER A 29 -27.35 -18.61 58.95
C SER A 29 -28.47 -19.31 59.73
N TRP A 30 -29.64 -18.69 59.74
CA TRP A 30 -30.72 -19.22 60.58
C TRP A 30 -31.23 -20.55 60.05
N LYS A 31 -31.84 -20.54 58.87
CA LYS A 31 -32.31 -21.74 58.17
C LYS A 31 -32.86 -22.80 59.11
N ILE A 32 -32.10 -23.90 59.25
CA ILE A 32 -32.39 -24.96 60.22
C ILE A 32 -31.18 -25.04 61.14
N GLN A 33 -30.56 -23.89 61.38
CA GLN A 33 -29.30 -23.76 62.13
C GLN A 33 -28.18 -24.46 61.36
N LEU A 34 -27.68 -25.58 61.90
CA LEU A 34 -26.65 -26.35 61.22
C LEU A 34 -26.68 -27.77 61.76
N ASN A 35 -26.08 -28.68 61.01
CA ASN A 35 -26.04 -30.09 61.38
C ASN A 35 -24.75 -30.69 60.86
N ALA A 36 -24.67 -32.02 60.86
CA ALA A 36 -23.50 -32.71 60.35
C ALA A 36 -23.89 -34.13 59.98
N THR A 37 -23.12 -34.72 59.07
CA THR A 37 -23.30 -36.10 58.65
C THR A 37 -21.94 -36.69 58.32
N SER A 38 -21.77 -37.97 58.65
CA SER A 38 -20.47 -38.61 58.56
C SER A 38 -20.58 -39.94 57.82
N VAL A 39 -19.46 -40.35 57.23
CA VAL A 39 -19.34 -41.65 56.57
C VAL A 39 -17.86 -41.93 56.38
N THR A 40 -17.48 -43.18 56.55
CA THR A 40 -16.08 -43.59 56.52
C THR A 40 -15.69 -44.08 55.14
N HIS A 41 -14.39 -43.97 54.83
CA HIS A 41 -13.86 -44.36 53.53
C HIS A 41 -13.84 -45.87 53.38
N LYS A 42 -14.87 -46.44 52.78
CA LYS A 42 -14.87 -47.87 52.52
C LYS A 42 -13.94 -48.17 51.35
N PRO A 43 -13.12 -49.22 51.44
CA PRO A 43 -12.15 -49.53 50.39
C PRO A 43 -12.69 -50.50 49.34
N ASN A 44 -13.83 -50.14 48.75
CA ASN A 44 -14.43 -50.94 47.70
C ASN A 44 -14.67 -50.13 46.43
N ALA A 45 -14.12 -48.92 46.34
CA ALA A 45 -14.21 -48.09 45.15
C ALA A 45 -15.66 -47.81 44.77
N ILE A 46 -16.20 -48.62 43.85
CA ILE A 46 -17.52 -48.36 43.29
C ILE A 46 -18.56 -48.25 44.40
N GLN A 47 -18.52 -49.20 45.35
CA GLN A 47 -19.47 -49.21 46.46
C GLN A 47 -19.50 -47.85 47.14
N MET A 48 -18.33 -47.28 47.41
CA MET A 48 -18.25 -45.99 48.10
C MET A 48 -19.13 -44.96 47.41
N ALA A 49 -19.04 -44.87 46.07
CA ALA A 49 -19.85 -43.90 45.35
C ALA A 49 -21.32 -44.05 45.70
N LEU A 50 -21.84 -45.27 45.61
CA LEU A 50 -23.23 -45.51 45.96
C LEU A 50 -23.51 -45.03 47.37
N SER A 51 -22.66 -45.43 48.31
CA SER A 51 -22.87 -45.06 49.71
C SER A 51 -23.03 -43.57 49.86
N VAL A 52 -22.27 -42.79 49.07
CA VAL A 52 -22.36 -41.33 49.13
C VAL A 52 -23.81 -40.91 49.07
N CYS A 53 -24.50 -41.27 47.98
CA CYS A 53 -25.91 -40.94 47.86
C CYS A 53 -26.67 -41.45 49.08
N GLU A 54 -26.53 -42.76 49.35
CA GLU A 54 -27.31 -43.41 50.40
C GLU A 54 -27.06 -42.80 51.76
N ASP A 55 -26.12 -41.87 51.90
CA ASP A 55 -25.91 -41.19 53.16
C ASP A 55 -25.85 -39.68 53.05
N LEU A 56 -25.62 -39.12 51.86
CA LEU A 56 -25.47 -37.67 51.77
C LEU A 56 -26.48 -37.02 50.85
N ILE A 57 -26.63 -37.53 49.63
CA ILE A 57 -27.67 -37.00 48.75
C ILE A 57 -29.04 -37.35 49.31
N SER A 58 -29.15 -38.50 49.99
CA SER A 58 -30.42 -38.89 50.60
C SER A 58 -30.86 -37.93 51.69
N SER A 59 -29.96 -37.10 52.21
CA SER A 59 -30.30 -36.15 53.26
C SER A 59 -30.30 -34.71 52.78
N GLN A 60 -30.10 -34.47 51.48
CA GLN A 60 -30.15 -33.14 50.89
C GLN A 60 -29.12 -32.21 51.53
N VAL A 61 -27.85 -32.57 51.35
CA VAL A 61 -26.73 -31.77 51.87
C VAL A 61 -26.52 -30.55 50.99
N TYR A 62 -25.70 -29.61 51.46
CA TYR A 62 -25.34 -28.43 50.69
C TYR A 62 -23.89 -28.40 50.26
N ALA A 63 -23.01 -29.13 50.95
CA ALA A 63 -21.60 -29.20 50.60
C ALA A 63 -21.01 -30.43 51.25
N ILE A 64 -20.06 -31.06 50.55
CA ILE A 64 -19.47 -32.33 50.98
C ILE A 64 -17.98 -32.12 51.17
N LEU A 65 -17.48 -32.57 52.32
CA LEU A 65 -16.05 -32.51 52.64
C LEU A 65 -15.44 -33.89 52.45
N VAL A 66 -14.30 -33.94 51.76
CA VAL A 66 -13.60 -35.19 51.49
C VAL A 66 -12.15 -35.05 51.96
N SER A 67 -11.64 -36.10 52.58
CA SER A 67 -10.30 -36.10 53.14
C SER A 67 -9.55 -37.36 52.71
N HIS A 68 -8.22 -37.26 52.73
CA HIS A 68 -7.37 -38.34 52.26
C HIS A 68 -7.04 -39.30 53.40
N PRO A 69 -7.43 -40.56 53.31
CA PRO A 69 -6.99 -41.55 54.31
C PRO A 69 -5.54 -41.94 54.06
N PRO A 70 -4.89 -42.57 55.03
CA PRO A 70 -3.45 -42.87 54.88
C PRO A 70 -3.14 -44.04 53.97
N THR A 71 -4.12 -44.65 53.33
CA THR A 71 -3.85 -45.75 52.42
C THR A 71 -3.17 -45.22 51.16
N PRO A 72 -2.03 -45.80 50.75
CA PRO A 72 -1.29 -45.29 49.58
C PRO A 72 -1.93 -45.64 48.23
N ASN A 73 -2.93 -44.85 47.85
CA ASN A 73 -3.58 -44.99 46.55
C ASN A 73 -3.58 -43.72 45.72
N ASP A 74 -3.43 -42.55 46.35
CA ASP A 74 -3.22 -41.26 45.69
C ASP A 74 -4.45 -40.73 44.97
N HIS A 75 -5.47 -41.57 44.79
CA HIS A 75 -6.72 -41.12 44.18
C HIS A 75 -7.94 -41.72 44.86
N PHE A 76 -7.75 -42.49 45.94
CA PHE A 76 -8.83 -43.32 46.46
C PHE A 76 -9.98 -42.48 46.99
N THR A 77 -9.68 -41.38 47.66
CA THR A 77 -10.71 -40.56 48.30
C THR A 77 -11.50 -39.69 47.33
N PRO A 78 -10.87 -38.80 46.56
CA PRO A 78 -11.62 -37.67 46.00
C PRO A 78 -12.44 -37.97 44.76
N THR A 79 -12.01 -38.93 43.94
CA THR A 79 -12.64 -39.13 42.64
C THR A 79 -14.11 -39.51 42.73
N PRO A 80 -14.53 -40.52 43.52
CA PRO A 80 -15.96 -40.89 43.51
C PRO A 80 -16.86 -39.78 44.02
N VAL A 81 -16.50 -39.16 45.14
CA VAL A 81 -17.31 -38.07 45.68
C VAL A 81 -17.36 -36.92 44.68
N SER A 82 -16.23 -36.58 44.08
CA SER A 82 -16.19 -35.47 43.13
C SER A 82 -17.11 -35.73 41.95
N TYR A 83 -17.05 -36.94 41.38
CA TYR A 83 -17.90 -37.25 40.23
C TYR A 83 -19.37 -37.24 40.60
N THR A 84 -19.72 -37.93 41.69
CA THR A 84 -21.13 -38.03 42.08
C THR A 84 -21.72 -36.67 42.40
N ALA A 85 -20.99 -35.83 43.13
CA ALA A 85 -21.47 -34.50 43.45
C ALA A 85 -21.39 -33.56 42.26
N GLY A 86 -20.55 -33.84 41.27
CA GLY A 86 -20.52 -33.04 40.07
C GLY A 86 -21.64 -33.34 39.10
N PHE A 87 -22.24 -34.52 39.20
CA PHE A 87 -23.46 -34.78 38.42
C PHE A 87 -24.52 -33.74 38.75
N TYR A 88 -24.75 -33.48 40.03
CA TYR A 88 -25.78 -32.54 40.46
C TYR A 88 -25.28 -31.12 40.63
N ARG A 89 -24.01 -30.87 40.28
CA ARG A 89 -23.39 -29.55 40.35
C ARG A 89 -23.33 -28.99 41.77
N ILE A 90 -23.49 -29.86 42.77
CA ILE A 90 -23.32 -29.44 44.17
C ILE A 90 -21.82 -29.35 44.43
N PRO A 91 -21.35 -28.33 45.14
CA PRO A 91 -19.91 -28.17 45.33
C PRO A 91 -19.37 -28.94 46.52
N VAL A 92 -18.14 -29.45 46.35
CA VAL A 92 -17.44 -30.15 47.41
C VAL A 92 -16.21 -29.32 47.80
N LEU A 93 -15.62 -29.70 48.93
CA LEU A 93 -14.47 -28.98 49.50
C LEU A 93 -13.43 -30.02 49.93
N GLY A 94 -12.43 -30.24 49.10
CA GLY A 94 -11.39 -31.19 49.44
C GLY A 94 -10.46 -30.63 50.50
N LEU A 95 -10.03 -31.50 51.41
CA LEU A 95 -9.24 -31.07 52.55
C LEU A 95 -7.75 -31.17 52.31
N THR A 96 -7.24 -32.38 52.10
CA THR A 96 -5.81 -32.60 51.85
C THR A 96 -5.67 -33.49 50.62
N THR A 97 -5.69 -32.88 49.44
CA THR A 97 -5.50 -33.59 48.18
C THR A 97 -4.71 -32.66 47.26
N ARG A 98 -3.41 -32.90 47.17
CA ARG A 98 -2.52 -32.04 46.41
C ARG A 98 -2.33 -32.49 44.96
N MET A 99 -2.99 -33.56 44.54
CA MET A 99 -2.87 -34.02 43.17
C MET A 99 -3.36 -32.93 42.22
N SER A 100 -2.70 -32.78 41.09
CA SER A 100 -2.97 -31.64 40.21
C SER A 100 -3.94 -31.94 39.09
N ILE A 101 -4.53 -33.14 39.05
CA ILE A 101 -5.56 -33.42 38.06
C ILE A 101 -6.85 -32.69 38.38
N TYR A 102 -7.07 -32.31 39.63
CA TYR A 102 -8.31 -31.66 40.04
C TYR A 102 -8.34 -30.16 39.76
N SER A 103 -7.18 -29.54 39.54
CA SER A 103 -7.17 -28.13 39.15
C SER A 103 -7.33 -28.02 37.64
N ASP A 104 -8.34 -28.69 37.11
CA ASP A 104 -8.60 -28.81 35.68
C ASP A 104 -10.08 -28.63 35.42
N LYS A 105 -10.65 -27.51 35.89
CA LYS A 105 -12.08 -27.46 36.17
C LYS A 105 -12.88 -27.53 34.88
N SER A 106 -12.75 -28.65 34.18
CA SER A 106 -13.62 -29.04 33.07
C SER A 106 -14.07 -30.48 33.18
N ILE A 107 -13.43 -31.29 34.01
CA ILE A 107 -13.83 -32.67 34.25
C ILE A 107 -14.54 -32.81 35.60
N HIS A 108 -14.13 -32.02 36.59
CA HIS A 108 -14.67 -32.11 37.94
C HIS A 108 -15.72 -31.06 38.24
N LEU A 109 -15.88 -30.06 37.37
CA LEU A 109 -16.97 -29.09 37.44
C LEU A 109 -16.95 -28.28 38.74
N SER A 110 -17.17 -28.94 39.88
CA SER A 110 -17.21 -28.27 41.17
C SER A 110 -16.29 -29.01 42.14
N PHE A 111 -15.16 -28.38 42.48
CA PHE A 111 -14.20 -28.97 43.41
C PHE A 111 -13.31 -27.86 43.94
N LEU A 112 -13.35 -27.63 45.24
CA LEU A 112 -12.51 -26.63 45.89
C LEU A 112 -11.62 -27.30 46.92
N ARG A 113 -10.36 -26.88 46.97
CA ARG A 113 -9.38 -27.47 47.87
C ARG A 113 -8.70 -26.37 48.67
N THR A 114 -8.16 -26.75 49.83
CA THR A 114 -7.54 -25.79 50.74
C THR A 114 -6.03 -26.01 50.87
N VAL A 115 -5.41 -26.68 49.90
CA VAL A 115 -3.97 -26.86 49.89
C VAL A 115 -3.47 -26.74 48.45
N PRO A 116 -2.48 -25.90 48.17
CA PRO A 116 -2.05 -25.69 46.79
C PRO A 116 -1.45 -26.94 46.20
N PRO A 117 -1.78 -27.25 44.93
CA PRO A 117 -1.24 -28.46 44.31
C PRO A 117 0.10 -28.25 43.60
N TYR A 118 1.12 -28.94 44.12
CA TYR A 118 2.45 -29.09 43.53
C TYR A 118 2.95 -27.92 42.68
N SER A 119 2.32 -27.63 41.54
CA SER A 119 2.90 -26.71 40.56
C SER A 119 3.23 -25.35 41.17
N HIS A 120 2.48 -24.92 42.18
CA HIS A 120 2.87 -23.70 42.87
C HIS A 120 4.23 -23.82 43.52
N GLN A 121 4.69 -25.05 43.80
CA GLN A 121 6.10 -25.19 44.17
C GLN A 121 7.02 -24.96 42.99
N SER A 122 6.54 -25.11 41.75
CA SER A 122 7.33 -24.65 40.61
C SER A 122 7.38 -23.13 40.57
N SER A 123 6.28 -22.48 40.94
CA SER A 123 6.33 -21.02 41.11
C SER A 123 7.37 -20.64 42.16
N VAL A 124 7.41 -21.38 43.26
CA VAL A 124 8.41 -21.12 44.29
C VAL A 124 9.82 -21.39 43.77
N TRP A 125 9.96 -22.40 42.91
CA TRP A 125 11.26 -22.64 42.28
C TRP A 125 11.71 -21.42 41.51
N PHE A 126 10.81 -20.82 40.73
CA PHE A 126 11.18 -19.60 40.00
C PHE A 126 11.55 -18.47 40.95
N GLU A 127 10.77 -18.28 42.01
CA GLU A 127 11.06 -17.20 42.95
C GLU A 127 12.42 -17.39 43.61
N MET A 128 12.74 -18.62 44.02
CA MET A 128 14.06 -18.90 44.58
C MET A 128 15.14 -18.75 43.54
N MET A 129 14.83 -19.04 42.28
CA MET A 129 15.77 -18.85 41.19
C MET A 129 16.18 -17.39 41.08
N ARG A 130 15.20 -16.48 41.21
CA ARG A 130 15.50 -15.06 41.03
C ARG A 130 16.48 -14.54 42.07
N VAL A 131 16.33 -14.98 43.33
CA VAL A 131 17.08 -14.36 44.42
C VAL A 131 18.53 -14.80 44.46
N TYR A 132 18.90 -15.89 43.78
CA TYR A 132 20.27 -16.38 43.80
C TYR A 132 21.00 -16.15 42.49
N SER A 133 20.37 -15.49 41.52
CA SER A 133 20.98 -15.17 40.23
C SER A 133 21.42 -16.44 39.49
N TRP A 134 20.43 -17.27 39.17
CA TRP A 134 20.62 -18.47 38.36
C TRP A 134 19.87 -18.30 37.04
N ASN A 135 20.49 -18.73 35.94
CA ASN A 135 19.90 -18.47 34.63
C ASN A 135 19.99 -19.63 33.65
N HIS A 136 20.33 -20.84 34.09
CA HIS A 136 20.46 -21.96 33.17
C HIS A 136 20.08 -23.25 33.87
N ILE A 137 19.08 -23.96 33.35
CA ILE A 137 18.56 -25.17 33.96
C ILE A 137 18.37 -26.24 32.91
N ILE A 138 18.43 -27.50 33.36
CA ILE A 138 18.25 -28.65 32.47
C ILE A 138 17.13 -29.54 33.02
N LEU A 139 16.10 -28.93 33.60
CA LEU A 139 15.10 -29.62 34.40
C LEU A 139 14.65 -30.93 33.76
N LEU A 140 14.55 -31.96 34.59
CA LEU A 140 13.93 -33.22 34.23
C LEU A 140 12.44 -33.16 34.59
N VAL A 141 11.69 -34.16 34.12
CA VAL A 141 10.26 -34.20 34.38
C VAL A 141 9.75 -35.60 34.08
N SER A 142 8.61 -35.96 34.67
CA SER A 142 7.95 -37.22 34.38
C SER A 142 7.13 -37.07 33.11
N ASP A 143 6.28 -38.05 32.82
CA ASP A 143 5.48 -38.04 31.59
C ASP A 143 3.98 -38.12 31.83
N ASP A 144 3.53 -38.19 33.08
CA ASP A 144 2.11 -38.24 33.38
C ASP A 144 1.55 -36.81 33.36
N HIS A 145 0.32 -36.65 33.84
CA HIS A 145 -0.29 -35.31 33.88
C HIS A 145 0.47 -34.39 34.83
N GLU A 146 0.96 -34.93 35.94
CA GLU A 146 1.63 -34.11 36.95
C GLU A 146 2.86 -33.41 36.38
N GLY A 147 3.75 -34.18 35.75
CA GLY A 147 4.97 -33.59 35.24
C GLY A 147 4.71 -32.60 34.11
N ARG A 148 3.79 -32.95 33.21
CA ARG A 148 3.48 -32.04 32.11
C ARG A 148 2.89 -30.74 32.64
N ALA A 149 2.01 -30.81 33.63
CA ALA A 149 1.44 -29.59 34.20
C ALA A 149 2.51 -28.75 34.86
N ALA A 150 3.42 -29.37 35.61
CA ALA A 150 4.49 -28.61 36.27
C ALA A 150 5.39 -27.93 35.24
N GLN A 151 5.77 -28.67 34.19
CA GLN A 151 6.63 -28.10 33.17
C GLN A 151 5.95 -26.95 32.44
N LYS A 152 4.66 -27.12 32.11
CA LYS A 152 3.93 -26.05 31.44
C LYS A 152 3.84 -24.81 32.32
N ARG A 153 3.57 -25.00 33.62
CA ARG A 153 3.50 -23.86 34.52
C ARG A 153 4.84 -23.14 34.63
N LEU A 154 5.93 -23.89 34.74
CA LEU A 154 7.24 -23.26 34.83
C LEU A 154 7.59 -22.52 33.55
N GLU A 155 7.27 -23.10 32.39
CA GLU A 155 7.53 -22.41 31.13
C GLU A 155 6.72 -21.12 31.02
N THR A 156 5.45 -21.18 31.43
CA THR A 156 4.63 -19.97 31.38
C THR A 156 5.19 -18.88 32.30
N LEU A 157 5.62 -19.26 33.50
CA LEU A 157 6.20 -18.28 34.42
C LEU A 157 7.50 -17.72 33.87
N LEU A 158 8.34 -18.56 33.25
CA LEU A 158 9.63 -18.10 32.75
C LEU A 158 9.49 -17.28 31.48
N GLU A 159 8.39 -17.41 30.76
CA GLU A 159 8.23 -16.66 29.50
C GLU A 159 8.20 -15.15 29.75
N GLU A 160 7.77 -14.72 30.92
CA GLU A 160 7.69 -13.29 31.21
C GLU A 160 9.06 -12.65 31.39
N ARG A 161 10.11 -13.46 31.59
CA ARG A 161 11.46 -12.95 31.76
C ARG A 161 12.25 -12.92 30.46
N GLU A 162 11.60 -13.22 29.33
CA GLU A 162 12.26 -13.22 28.02
C GLU A 162 13.46 -14.15 27.99
N SER A 163 13.32 -15.32 28.62
CA SER A 163 14.37 -16.34 28.64
C SER A 163 13.71 -17.69 28.41
N LYS A 164 14.51 -18.75 28.52
CA LYS A 164 14.02 -20.10 28.31
C LYS A 164 14.97 -21.08 28.99
N ALA A 165 14.43 -22.23 29.39
CA ALA A 165 15.25 -23.30 29.92
C ALA A 165 16.10 -23.91 28.83
N GLU A 166 17.12 -24.68 29.24
CA GLU A 166 18.02 -25.28 28.27
C GLU A 166 17.44 -26.56 27.68
N LYS A 167 17.18 -27.56 28.52
CA LYS A 167 16.69 -28.85 28.05
C LYS A 167 15.55 -29.31 28.94
N VAL A 168 14.60 -30.03 28.33
CA VAL A 168 13.37 -30.44 29.00
C VAL A 168 13.24 -31.96 28.95
N LEU A 169 14.37 -32.66 29.05
CA LEU A 169 14.38 -34.12 28.98
C LEU A 169 13.29 -34.72 29.86
N GLN A 170 12.75 -35.86 29.41
CA GLN A 170 11.69 -36.53 30.15
C GLN A 170 11.79 -38.04 29.92
N PHE A 171 11.25 -38.80 30.87
CA PHE A 171 11.30 -40.25 30.83
C PHE A 171 9.92 -40.82 31.15
N ASP A 172 9.69 -42.03 30.68
CA ASP A 172 8.44 -42.71 30.98
C ASP A 172 8.36 -43.04 32.47
N PRO A 173 7.16 -42.99 33.04
CA PRO A 173 7.03 -43.28 34.48
C PRO A 173 7.39 -44.73 34.79
N GLY A 174 7.98 -44.93 35.97
CA GLY A 174 8.29 -46.28 36.44
C GLY A 174 9.26 -47.03 35.56
N THR A 175 10.35 -46.39 35.13
CA THR A 175 11.35 -47.05 34.31
C THR A 175 12.26 -47.89 35.20
N LYS A 176 13.29 -48.48 34.60
CA LYS A 176 14.26 -49.27 35.35
C LYS A 176 15.68 -48.81 35.04
N ASN A 177 15.90 -48.31 33.83
CA ASN A 177 17.20 -47.80 33.42
C ASN A 177 17.00 -46.39 32.87
N VAL A 178 17.75 -45.43 33.41
CA VAL A 178 17.64 -44.03 33.03
C VAL A 178 18.94 -43.45 32.51
N THR A 179 20.06 -44.14 32.74
CA THR A 179 21.39 -43.55 32.53
C THR A 179 21.60 -42.99 31.13
N ALA A 180 20.79 -43.38 30.15
CA ALA A 180 20.93 -42.83 28.81
C ALA A 180 20.68 -41.33 28.81
N LEU A 181 19.54 -40.89 29.36
CA LEU A 181 19.22 -39.47 29.39
C LEU A 181 20.22 -38.70 30.23
N LEU A 182 20.58 -39.25 31.40
CA LEU A 182 21.52 -38.57 32.28
C LEU A 182 22.88 -38.40 31.61
N MET A 183 23.33 -39.43 30.89
CA MET A 183 24.56 -39.29 30.10
C MET A 183 24.40 -38.22 29.03
N GLU A 184 23.22 -38.16 28.40
CA GLU A 184 22.98 -37.12 27.41
C GLU A 184 22.98 -35.72 28.05
N ALA A 185 22.58 -35.62 29.31
CA ALA A 185 22.49 -34.33 29.99
C ALA A 185 23.79 -33.90 30.63
N LYS A 186 24.88 -34.63 30.40
CA LYS A 186 26.16 -34.27 31.01
C LYS A 186 26.88 -33.19 30.19
N GLU A 187 27.04 -33.41 28.90
CA GLU A 187 27.84 -32.53 28.04
C GLU A 187 27.02 -31.29 27.64
N LEU A 188 26.64 -30.51 28.66
CA LEU A 188 25.98 -29.25 28.43
C LEU A 188 26.70 -28.14 29.20
N GLU A 189 26.11 -26.94 29.24
CA GLU A 189 26.74 -25.80 29.90
C GLU A 189 25.83 -25.23 30.99
N ALA A 190 24.96 -26.05 31.57
CA ALA A 190 24.11 -25.66 32.68
C ALA A 190 24.35 -26.58 33.86
N ARG A 191 24.23 -26.03 35.06
CA ARG A 191 24.57 -26.75 36.28
C ARG A 191 23.47 -26.60 37.33
N VAL A 192 22.22 -26.55 36.89
CA VAL A 192 21.07 -26.51 37.79
C VAL A 192 20.06 -27.54 37.31
N ILE A 193 19.61 -28.40 38.22
CA ILE A 193 18.68 -29.48 37.89
C ILE A 193 17.45 -29.32 38.76
N ILE A 194 16.27 -29.43 38.14
CA ILE A 194 15.01 -29.15 38.81
C ILE A 194 14.14 -30.40 38.79
N LEU A 195 14.77 -31.57 38.93
CA LEU A 195 14.10 -32.86 38.96
C LEU A 195 12.78 -32.81 39.71
N SER A 196 11.73 -33.34 39.09
CA SER A 196 10.39 -33.34 39.69
C SER A 196 9.64 -34.55 39.15
N ALA A 197 9.58 -35.61 39.94
CA ALA A 197 8.88 -36.82 39.54
C ALA A 197 8.37 -37.52 40.81
N SER A 198 7.97 -38.78 40.66
CA SER A 198 7.47 -39.55 41.78
C SER A 198 8.63 -40.07 42.63
N GLU A 199 8.28 -40.66 43.78
CA GLU A 199 9.30 -41.08 44.74
C GLU A 199 10.22 -42.16 44.16
N ASP A 200 9.63 -43.23 43.63
CA ASP A 200 10.44 -44.34 43.14
C ASP A 200 11.30 -43.93 41.96
N ASP A 201 10.74 -43.15 41.04
CA ASP A 201 11.54 -42.63 39.93
C ASP A 201 12.66 -41.72 40.44
N ALA A 202 12.38 -40.97 41.52
CA ALA A 202 13.43 -40.14 42.12
C ALA A 202 14.55 -40.99 42.68
N ALA A 203 14.22 -42.08 43.37
CA ALA A 203 15.26 -42.96 43.88
C ALA A 203 16.08 -43.56 42.74
N THR A 204 15.39 -43.99 41.68
CA THR A 204 16.10 -44.55 40.53
C THR A 204 17.04 -43.54 39.91
N VAL A 205 16.59 -42.29 39.72
CA VAL A 205 17.44 -41.29 39.09
C VAL A 205 18.59 -40.89 40.01
N TYR A 206 18.36 -40.87 41.33
CA TYR A 206 19.45 -40.59 42.26
C TYR A 206 20.52 -41.67 42.17
N ARG A 207 20.11 -42.94 42.18
CA ARG A 207 21.07 -44.03 42.10
C ARG A 207 21.82 -44.01 40.78
N ALA A 208 21.12 -43.69 39.69
CA ALA A 208 21.78 -43.65 38.38
C ALA A 208 22.74 -42.47 38.29
N ALA A 209 22.40 -41.33 38.89
CA ALA A 209 23.26 -40.16 38.82
C ALA A 209 24.42 -40.22 39.81
N ALA A 210 24.36 -41.11 40.80
CA ALA A 210 25.48 -41.25 41.72
C ALA A 210 26.70 -41.85 41.06
N MET A 211 26.53 -42.62 39.99
CA MET A 211 27.64 -43.25 39.31
C MET A 211 28.28 -42.36 38.24
N LEU A 212 27.65 -41.25 37.88
CA LEU A 212 28.15 -40.37 36.84
C LEU A 212 28.89 -39.16 37.40
N ASN A 213 29.17 -39.14 38.70
CA ASN A 213 29.85 -38.02 39.35
C ASN A 213 29.12 -36.70 39.11
N MET A 214 27.79 -36.75 39.17
CA MET A 214 26.98 -35.55 39.06
C MET A 214 26.61 -34.95 40.41
N THR A 215 26.93 -35.63 41.50
CA THR A 215 26.64 -35.13 42.84
C THR A 215 27.84 -34.40 43.45
N GLY A 216 28.91 -34.22 42.70
CA GLY A 216 30.11 -33.61 43.21
C GLY A 216 30.02 -32.09 43.32
N SER A 217 31.12 -31.41 43.05
CA SER A 217 31.16 -29.97 43.20
C SER A 217 30.42 -29.27 42.07
N GLY A 218 29.76 -28.18 42.41
CA GLY A 218 29.13 -27.32 41.41
C GLY A 218 27.98 -27.93 40.63
N TYR A 219 27.08 -28.63 41.30
CA TYR A 219 25.87 -29.16 40.68
C TYR A 219 24.69 -28.88 41.61
N VAL A 220 24.10 -27.70 41.49
CA VAL A 220 23.00 -27.32 42.37
C VAL A 220 21.74 -28.08 41.98
N TRP A 221 21.28 -28.95 42.87
CA TRP A 221 20.02 -29.66 42.65
C TRP A 221 18.86 -28.86 43.21
N LEU A 222 17.65 -29.27 42.82
CA LEU A 222 16.43 -28.61 43.28
C LEU A 222 15.31 -29.62 43.18
N VAL A 223 14.79 -30.05 44.33
CA VAL A 223 13.82 -31.13 44.42
C VAL A 223 12.63 -30.62 45.22
N GLY A 224 11.44 -30.72 44.66
CA GLY A 224 10.35 -29.95 45.24
C GLY A 224 9.79 -30.38 46.59
N GLU A 225 8.92 -31.39 46.62
CA GLU A 225 8.42 -31.86 47.90
C GLU A 225 8.22 -33.36 48.00
N ARG A 226 7.94 -34.06 46.90
CA ARG A 226 7.58 -35.46 46.97
C ARG A 226 8.77 -36.39 46.81
N GLU A 227 9.86 -35.89 46.23
CA GLU A 227 11.07 -36.69 46.02
C GLU A 227 12.08 -36.53 47.14
N ILE A 228 11.65 -36.08 48.32
CA ILE A 228 12.45 -36.16 49.53
C ILE A 228 11.60 -36.82 50.61
N SER A 229 10.61 -37.58 50.18
CA SER A 229 9.72 -38.29 51.10
C SER A 229 10.41 -39.56 51.59
N GLY A 230 9.63 -40.49 52.14
CA GLY A 230 10.13 -41.70 52.77
C GLY A 230 11.23 -42.46 52.04
N ASN A 231 10.92 -42.98 50.84
CA ASN A 231 11.90 -43.81 50.15
C ASN A 231 13.03 -42.99 49.54
N ALA A 232 12.70 -41.82 48.98
CA ALA A 232 13.69 -41.03 48.28
C ALA A 232 14.75 -40.43 49.21
N LEU A 233 14.53 -40.46 50.52
CA LEU A 233 15.50 -39.95 51.47
C LEU A 233 16.60 -40.95 51.77
N ARG A 234 16.61 -42.11 51.10
CA ARG A 234 17.62 -43.12 51.29
C ARG A 234 18.85 -42.90 50.44
N TYR A 235 18.69 -42.49 49.19
CA TYR A 235 19.80 -42.32 48.26
C TYR A 235 20.05 -40.86 47.89
N ALA A 236 19.48 -39.92 48.63
CA ALA A 236 19.59 -38.52 48.26
C ALA A 236 21.04 -38.05 48.42
N PRO A 237 21.52 -37.18 47.53
CA PRO A 237 22.87 -36.63 47.67
C PRO A 237 22.84 -35.39 48.56
N ASP A 238 23.74 -35.36 49.55
CA ASP A 238 23.76 -34.27 50.52
C ASP A 238 24.01 -32.93 49.85
N GLY A 239 23.00 -32.06 49.83
CA GLY A 239 23.13 -30.78 49.20
C GLY A 239 21.90 -30.34 48.43
N ILE A 240 20.87 -31.17 48.42
CA ILE A 240 19.63 -30.85 47.73
C ILE A 240 18.90 -29.75 48.50
N LEU A 241 17.88 -29.16 47.89
CA LEU A 241 17.08 -28.11 48.51
C LEU A 241 15.61 -28.47 48.36
N GLY A 242 15.07 -29.20 49.33
CA GLY A 242 13.68 -29.61 49.28
C GLY A 242 12.75 -28.65 49.98
N LEU A 243 11.55 -28.52 49.45
CA LEU A 243 10.53 -27.67 50.02
C LEU A 243 9.58 -28.49 50.89
N GLN A 244 8.55 -27.83 51.39
CA GLN A 244 7.47 -28.48 52.13
C GLN A 244 6.38 -27.45 52.38
N LEU A 245 5.23 -27.94 52.84
CA LEU A 245 4.12 -27.10 53.26
C LEU A 245 4.02 -27.15 54.77
N ILE A 246 3.97 -25.99 55.42
CA ILE A 246 4.05 -25.94 56.88
C ILE A 246 2.89 -26.70 57.50
N ASN A 247 1.67 -26.40 57.06
CA ASN A 247 0.49 -27.13 57.53
C ASN A 247 0.09 -28.09 56.42
N GLY A 248 0.75 -29.25 56.39
CA GLY A 248 0.55 -30.23 55.35
C GLY A 248 -0.35 -31.36 55.78
N LYS A 249 0.23 -32.49 56.16
CA LYS A 249 -0.57 -33.64 56.58
C LYS A 249 -1.21 -33.39 57.94
N ASN A 250 -2.11 -32.41 57.99
CA ASN A 250 -2.87 -32.09 59.19
C ASN A 250 -4.34 -31.96 58.82
N GLU A 251 -5.20 -32.28 59.78
CA GLU A 251 -6.64 -32.30 59.53
C GLU A 251 -7.44 -31.37 60.42
N SER A 252 -7.04 -31.17 61.68
CA SER A 252 -7.84 -30.37 62.59
C SER A 252 -7.96 -28.93 62.11
N ALA A 253 -6.82 -28.30 61.81
CA ALA A 253 -6.85 -26.91 61.35
C ALA A 253 -7.58 -26.78 60.03
N HIS A 254 -7.36 -27.72 59.12
CA HIS A 254 -8.04 -27.67 57.83
C HIS A 254 -9.54 -27.87 57.99
N ILE A 255 -9.95 -28.78 58.88
CA ILE A 255 -11.38 -28.98 59.14
C ILE A 255 -12.00 -27.71 59.68
N SER A 256 -11.32 -27.07 60.65
CA SER A 256 -11.85 -25.84 61.22
C SER A 256 -11.96 -24.74 60.15
N ASP A 257 -10.94 -24.60 59.32
CA ASP A 257 -10.96 -23.57 58.29
C ASP A 257 -12.07 -23.82 57.28
N ALA A 258 -12.23 -25.08 56.84
CA ALA A 258 -13.27 -25.40 55.89
C ALA A 258 -14.65 -25.14 56.47
N VAL A 259 -14.87 -25.52 57.73
CA VAL A 259 -16.15 -25.29 58.38
C VAL A 259 -16.43 -23.80 58.47
N GLY A 260 -15.42 -23.01 58.86
CA GLY A 260 -15.60 -21.58 58.94
C GLY A 260 -15.97 -20.95 57.62
N VAL A 261 -15.25 -21.33 56.55
CA VAL A 261 -15.51 -20.76 55.24
C VAL A 261 -16.90 -21.14 54.76
N VAL A 262 -17.27 -22.41 54.92
CA VAL A 262 -18.58 -22.86 54.44
C VAL A 262 -19.70 -22.18 55.22
N ALA A 263 -19.55 -22.06 56.55
CA ALA A 263 -20.58 -21.39 57.34
C ALA A 263 -20.70 -19.93 56.96
N GLN A 264 -19.58 -19.24 56.76
CA GLN A 264 -19.63 -17.85 56.36
C GLN A 264 -20.31 -17.68 55.00
N ALA A 265 -20.03 -18.60 54.06
CA ALA A 265 -20.68 -18.53 52.76
C ALA A 265 -22.18 -18.78 52.87
N VAL A 266 -22.58 -19.77 53.68
CA VAL A 266 -23.99 -20.08 53.83
C VAL A 266 -24.73 -18.92 54.48
N HIS A 267 -24.09 -18.23 55.42
CA HIS A 267 -24.67 -17.02 56.00
C HIS A 267 -24.80 -15.87 55.02
N GLU A 268 -24.36 -16.06 53.76
CA GLU A 268 -24.47 -15.05 52.73
C GLU A 268 -25.40 -15.44 51.59
N LEU A 269 -25.60 -16.73 51.35
CA LEU A 269 -26.44 -17.15 50.23
C LEU A 269 -27.93 -16.99 50.56
N LEU A 270 -28.32 -17.25 51.80
CA LEU A 270 -29.74 -17.21 52.15
C LEU A 270 -30.31 -15.80 52.01
N GLU A 271 -29.48 -14.77 52.17
CA GLU A 271 -29.92 -13.39 51.99
C GLU A 271 -29.70 -12.98 50.54
N LYS A 272 -30.50 -13.57 49.66
CA LYS A 272 -30.43 -13.32 48.23
C LYS A 272 -31.84 -13.25 47.67
N GLU A 273 -31.96 -13.29 46.35
CA GLU A 273 -33.25 -13.14 45.68
C GLU A 273 -33.95 -14.48 45.48
N ASN A 274 -33.32 -15.40 44.76
CA ASN A 274 -33.89 -16.70 44.43
C ASN A 274 -33.14 -17.79 45.19
N ILE A 275 -33.88 -18.59 45.96
CA ILE A 275 -33.32 -19.63 46.80
C ILE A 275 -34.02 -20.94 46.47
N THR A 276 -33.25 -22.00 46.27
CA THR A 276 -33.78 -23.32 45.97
C THR A 276 -33.29 -24.31 47.04
N ASP A 277 -33.80 -25.53 46.98
CA ASP A 277 -33.49 -26.57 47.95
C ASP A 277 -32.65 -27.66 47.30
N PRO A 278 -31.88 -28.41 48.10
CA PRO A 278 -31.05 -29.46 47.52
C PRO A 278 -31.91 -30.57 46.93
N PRO A 279 -31.45 -31.21 45.85
CA PRO A 279 -32.19 -32.32 45.24
C PRO A 279 -32.08 -33.62 46.05
N ARG A 280 -32.93 -33.73 47.06
CA ARG A 280 -32.91 -34.90 47.93
C ARG A 280 -33.25 -36.17 47.14
N GLY A 281 -32.54 -37.25 47.44
CA GLY A 281 -32.75 -38.51 46.77
C GLY A 281 -31.86 -38.69 45.56
N CYS A 282 -31.06 -39.77 45.56
CA CYS A 282 -30.15 -40.00 44.44
C CYS A 282 -30.91 -40.36 43.17
N VAL A 283 -31.85 -41.29 43.27
CA VAL A 283 -32.66 -41.67 42.12
C VAL A 283 -33.81 -40.67 41.95
N GLY A 284 -34.42 -40.68 40.77
CA GLY A 284 -35.49 -39.76 40.48
C GLY A 284 -35.04 -38.50 39.79
N ASN A 285 -34.85 -37.43 40.56
CA ASN A 285 -34.44 -36.15 39.99
C ASN A 285 -33.12 -36.28 39.24
N THR A 286 -33.07 -35.73 38.03
CA THR A 286 -31.90 -35.79 37.18
C THR A 286 -31.64 -34.43 36.54
N ASN A 287 -31.81 -33.37 37.32
CA ASN A 287 -31.59 -32.01 36.86
C ASN A 287 -30.59 -31.31 37.76
N ILE A 288 -29.81 -30.40 37.17
CA ILE A 288 -28.82 -29.66 37.95
C ILE A 288 -29.52 -28.73 38.93
N TRP A 289 -28.76 -28.27 39.91
CA TRP A 289 -29.27 -27.34 40.90
C TRP A 289 -29.49 -25.97 40.28
N LYS A 290 -30.57 -25.30 40.68
CA LYS A 290 -30.83 -23.95 40.21
C LYS A 290 -29.90 -22.93 40.85
N THR A 291 -29.30 -23.26 41.98
CA THR A 291 -28.37 -22.37 42.67
C THR A 291 -26.94 -22.92 42.72
N GLY A 292 -26.70 -24.08 42.12
CA GLY A 292 -25.39 -24.71 42.15
C GLY A 292 -24.27 -23.80 41.66
N PRO A 293 -24.31 -23.41 40.39
CA PRO A 293 -23.25 -22.52 39.86
C PRO A 293 -23.14 -21.23 40.63
N LEU A 294 -24.27 -20.65 41.06
CA LEU A 294 -24.19 -19.43 41.87
C LEU A 294 -23.57 -19.70 43.23
N PHE A 295 -23.88 -20.85 43.83
CA PHE A 295 -23.25 -21.23 45.08
C PHE A 295 -21.74 -21.35 44.93
N LYS A 296 -21.29 -21.99 43.85
CA LYS A 296 -19.85 -22.11 43.63
C LYS A 296 -19.22 -20.73 43.39
N ARG A 297 -19.91 -19.87 42.64
CA ARG A 297 -19.36 -18.54 42.38
C ARG A 297 -19.22 -17.73 43.65
N VAL A 298 -20.22 -17.77 44.52
CA VAL A 298 -20.14 -16.99 45.76
C VAL A 298 -19.11 -17.60 46.71
N LEU A 299 -19.03 -18.94 46.76
CA LEU A 299 -18.06 -19.59 47.64
C LEU A 299 -16.63 -19.29 47.20
N MET A 300 -16.37 -19.31 45.90
CA MET A 300 -15.02 -19.07 45.40
C MET A 300 -14.55 -17.66 45.73
N SER A 301 -15.43 -16.67 45.58
CA SER A 301 -15.10 -15.28 45.90
C SER A 301 -15.42 -15.06 47.37
N SER A 302 -14.44 -15.33 48.23
CA SER A 302 -14.64 -15.20 49.67
C SER A 302 -13.28 -14.99 50.32
N LYS A 303 -13.07 -13.79 50.87
CA LYS A 303 -11.85 -13.49 51.63
C LYS A 303 -12.19 -13.50 53.11
N TYR A 304 -11.45 -14.30 53.87
CA TYR A 304 -11.72 -14.47 55.29
C TYR A 304 -10.47 -15.03 55.97
N ALA A 305 -9.95 -14.28 56.94
CA ALA A 305 -8.72 -14.67 57.66
C ALA A 305 -9.00 -14.56 59.16
N ASP A 306 -9.52 -15.63 59.75
CA ASP A 306 -9.76 -15.65 61.18
C ASP A 306 -9.47 -17.02 61.80
N GLY A 307 -8.85 -17.93 61.05
CA GLY A 307 -8.57 -19.25 61.57
C GLY A 307 -7.09 -19.59 61.50
N VAL A 308 -6.67 -20.68 62.14
CA VAL A 308 -5.24 -21.03 62.17
C VAL A 308 -5.00 -21.90 60.95
N THR A 309 -4.89 -21.23 59.80
CA THR A 309 -4.30 -21.82 58.60
C THR A 309 -3.47 -20.81 57.82
N GLY A 310 -3.60 -19.52 58.11
CA GLY A 310 -3.14 -18.46 57.23
C GLY A 310 -4.32 -17.79 56.54
N ARG A 311 -4.00 -16.79 55.72
CA ARG A 311 -5.03 -16.12 54.94
C ARG A 311 -5.61 -17.07 53.91
N VAL A 312 -6.93 -17.06 53.77
CA VAL A 312 -7.64 -17.96 52.86
C VAL A 312 -8.17 -17.12 51.70
N GLU A 313 -7.79 -17.48 50.48
CA GLU A 313 -8.21 -16.73 49.31
C GLU A 313 -8.14 -17.67 48.10
N PHE A 314 -9.30 -18.13 47.64
CA PHE A 314 -9.34 -18.98 46.47
C PHE A 314 -9.07 -18.15 45.22
N ASN A 315 -8.42 -18.78 44.23
CA ASN A 315 -8.01 -18.08 43.02
C ASN A 315 -8.54 -18.78 41.78
N GLU A 316 -8.88 -17.97 40.77
CA GLU A 316 -9.30 -18.40 39.44
C GLU A 316 -10.10 -19.69 39.45
N ASP A 317 -9.45 -20.82 39.25
CA ASP A 317 -10.12 -22.12 39.25
C ASP A 317 -10.18 -22.72 40.64
N GLY A 318 -10.61 -21.91 41.61
CA GLY A 318 -10.82 -22.32 42.99
C GLY A 318 -9.74 -23.22 43.58
N ASP A 319 -8.48 -23.00 43.21
CA ASP A 319 -7.43 -23.94 43.61
C ASP A 319 -6.92 -23.64 45.01
N ARG A 320 -6.15 -22.55 45.15
CA ARG A 320 -5.64 -21.98 46.39
C ARG A 320 -4.74 -20.82 46.01
N LYS A 321 -4.47 -19.93 46.95
CA LYS A 321 -3.45 -18.92 46.73
C LYS A 321 -2.94 -18.42 48.07
N PHE A 322 -1.74 -17.84 48.03
CA PHE A 322 -1.09 -17.24 49.20
C PHE A 322 -0.90 -18.26 50.32
N ALA A 323 -0.06 -19.26 50.02
CA ALA A 323 0.32 -20.27 50.99
C ALA A 323 1.76 -20.04 51.45
N ASN A 324 2.19 -20.85 52.42
CA ASN A 324 3.53 -20.74 53.00
C ASN A 324 4.29 -22.03 52.77
N TYR A 325 5.53 -21.89 52.28
CA TYR A 325 6.44 -23.02 52.09
C TYR A 325 7.68 -22.82 52.95
N SER A 326 8.14 -23.91 53.56
CA SER A 326 9.29 -23.88 54.47
C SER A 326 10.44 -24.63 53.82
N ILE A 327 11.36 -23.89 53.20
CA ILE A 327 12.50 -24.49 52.54
C ILE A 327 13.34 -25.27 53.54
N MET A 328 13.88 -26.41 53.10
CA MET A 328 14.85 -27.15 53.91
C MET A 328 16.01 -27.59 53.04
N ASN A 329 17.05 -28.09 53.71
CA ASN A 329 18.26 -28.56 53.06
C ASN A 329 18.75 -29.78 53.81
N LEU A 330 19.56 -30.60 53.13
CA LEU A 330 20.01 -31.88 53.65
C LEU A 330 21.50 -31.81 53.96
N GLN A 331 21.84 -31.88 55.25
CA GLN A 331 23.23 -31.95 55.69
C GLN A 331 23.40 -33.20 56.53
N ASN A 332 24.32 -34.08 56.10
CA ASN A 332 24.60 -35.33 56.79
C ASN A 332 23.32 -36.13 57.02
N ARG A 333 22.48 -36.19 55.99
CA ARG A 333 21.21 -36.92 56.03
C ARG A 333 20.33 -36.46 57.19
N LYS A 334 20.29 -35.15 57.42
CA LYS A 334 19.44 -34.56 58.46
C LYS A 334 18.81 -33.29 57.89
N LEU A 335 17.49 -33.32 57.72
CA LEU A 335 16.79 -32.16 57.20
C LEU A 335 16.91 -30.98 58.17
N VAL A 336 17.22 -29.80 57.64
CA VAL A 336 17.30 -28.59 58.44
C VAL A 336 16.66 -27.44 57.67
N GLN A 337 15.84 -26.65 58.36
CA GLN A 337 15.21 -25.49 57.74
C GLN A 337 16.21 -24.36 57.58
N VAL A 338 16.16 -23.68 56.44
CA VAL A 338 17.08 -22.58 56.18
C VAL A 338 16.36 -21.36 55.63
N GLY A 339 15.04 -21.37 55.65
CA GLY A 339 14.31 -20.20 55.18
C GLY A 339 12.82 -20.42 55.29
N ILE A 340 12.09 -19.41 54.83
CA ILE A 340 10.63 -19.41 54.80
C ILE A 340 10.19 -18.69 53.54
N TYR A 341 9.13 -19.19 52.92
CA TYR A 341 8.50 -18.52 51.78
C TYR A 341 7.14 -17.99 52.23
N ASN A 342 6.96 -16.68 52.14
CA ASN A 342 5.78 -16.02 52.67
C ASN A 342 4.74 -15.67 51.61
N GLY A 343 5.00 -15.97 50.35
CA GLY A 343 4.09 -15.58 49.30
C GLY A 343 4.67 -14.52 48.39
N THR A 344 5.06 -14.94 47.18
CA THR A 344 5.66 -14.08 46.15
C THR A 344 7.02 -13.50 46.56
N HIS A 345 7.57 -13.93 47.70
CA HIS A 345 8.88 -13.48 48.13
C HIS A 345 9.51 -14.56 49.00
N VAL A 346 10.84 -14.60 49.01
CA VAL A 346 11.60 -15.57 49.78
C VAL A 346 12.29 -14.82 50.92
N ILE A 347 12.54 -15.55 52.01
CA ILE A 347 13.16 -14.96 53.20
C ILE A 347 14.23 -15.91 53.73
N PRO A 348 15.51 -15.66 53.47
CA PRO A 348 16.56 -16.52 54.01
C PRO A 348 16.64 -16.42 55.52
N ASN A 349 17.10 -17.51 56.15
CA ASN A 349 17.30 -17.58 57.58
C ASN A 349 18.75 -17.27 57.92
N ASP A 350 19.06 -17.30 59.21
CA ASP A 350 20.44 -17.12 59.69
C ASP A 350 21.15 -18.46 59.82
N ARG A 351 21.12 -19.26 58.76
CA ARG A 351 21.72 -20.58 58.75
C ARG A 351 22.49 -20.77 57.47
N LYS A 352 23.64 -21.43 57.56
CA LYS A 352 24.50 -21.67 56.41
C LYS A 352 24.15 -23.01 55.78
N ILE A 353 23.93 -23.01 54.46
CA ILE A 353 23.67 -24.21 53.71
C ILE A 353 24.99 -24.79 53.22
N ILE A 354 24.94 -26.06 52.82
CA ILE A 354 26.08 -26.75 52.22
C ILE A 354 25.63 -27.33 50.89
N TRP A 355 26.24 -26.86 49.80
CA TRP A 355 25.95 -27.39 48.48
C TRP A 355 26.52 -28.80 48.34
N PRO A 356 26.04 -29.57 47.36
CA PRO A 356 26.63 -30.89 47.11
C PRO A 356 28.13 -30.76 46.84
N GLY A 357 28.88 -31.76 47.26
CA GLY A 357 30.29 -31.53 47.47
C GLY A 357 30.55 -31.22 48.93
N GLY A 358 30.54 -29.95 49.29
CA GLY A 358 30.78 -29.56 50.66
C GLY A 358 31.47 -28.22 50.78
N GLU A 359 31.78 -27.60 49.65
CA GLU A 359 32.26 -26.23 49.69
C GLU A 359 31.15 -25.28 50.14
N THR A 360 31.56 -24.19 50.77
CA THR A 360 30.62 -23.16 51.24
C THR A 360 30.82 -21.93 50.35
N GLU A 361 30.14 -21.93 49.21
CA GLU A 361 30.24 -20.86 48.22
C GLU A 361 28.87 -20.72 47.55
N LYS A 362 28.85 -20.08 46.40
CA LYS A 362 27.67 -20.05 45.52
C LYS A 362 28.11 -20.52 44.15
N PRO A 363 28.13 -21.82 43.91
CA PRO A 363 28.61 -22.35 42.63
C PRO A 363 27.87 -21.71 41.47
N ARG A 364 28.65 -21.16 40.53
CA ARG A 364 28.06 -20.57 39.33
C ARG A 364 27.40 -21.67 38.50
N GLY A 365 26.21 -21.37 37.99
CA GLY A 365 25.48 -22.34 37.20
C GLY A 365 25.92 -22.49 35.77
N TYR A 366 26.96 -21.75 35.36
CA TYR A 366 27.39 -21.71 33.98
C TYR A 366 28.75 -22.37 33.79
N GLN A 367 29.06 -22.69 32.55
CA GLN A 367 30.36 -23.20 32.13
C GLN A 367 30.71 -22.55 30.79
N MET A 368 31.85 -22.94 30.22
CA MET A 368 32.32 -22.32 28.99
C MET A 368 32.68 -23.30 27.89
N SER A 369 32.86 -24.59 28.21
CA SER A 369 33.08 -25.63 27.21
C SER A 369 34.39 -25.45 26.45
N THR A 370 34.44 -24.45 25.57
CA THR A 370 35.61 -24.20 24.71
C THR A 370 36.00 -25.43 23.91
N ARG A 371 34.99 -26.16 23.43
CA ARG A 371 35.19 -27.33 22.58
C ARG A 371 34.18 -27.28 21.42
N LEU A 372 34.13 -26.13 20.75
CA LEU A 372 33.14 -25.94 19.70
C LEU A 372 33.34 -26.93 18.56
N LYS A 373 32.23 -27.50 18.08
CA LYS A 373 32.24 -28.41 16.95
C LYS A 373 31.85 -27.63 15.70
N ILE A 374 32.69 -27.67 14.68
CA ILE A 374 32.56 -26.84 13.50
C ILE A 374 32.22 -27.71 12.30
N VAL A 375 31.26 -27.25 11.49
CA VAL A 375 30.79 -27.98 10.31
C VAL A 375 31.07 -27.14 9.08
N THR A 376 31.67 -27.76 8.06
CA THR A 376 31.99 -27.10 6.80
C THR A 376 31.41 -27.91 5.65
N ILE A 377 31.74 -27.51 4.42
CA ILE A 377 31.23 -28.16 3.21
C ILE A 377 32.29 -28.08 2.13
N HIS A 378 32.44 -29.16 1.36
CA HIS A 378 33.42 -29.21 0.28
C HIS A 378 32.94 -28.33 -0.88
N GLN A 379 33.68 -27.26 -1.15
CA GLN A 379 33.30 -26.34 -2.21
C GLN A 379 34.43 -25.39 -2.58
N GLU A 380 34.78 -25.32 -3.86
CA GLU A 380 35.56 -24.22 -4.42
C GLU A 380 36.95 -24.16 -3.79
N PRO A 381 37.73 -23.10 -4.03
CA PRO A 381 38.96 -22.91 -3.23
C PRO A 381 38.69 -22.55 -1.78
N PHE A 382 37.44 -22.52 -1.34
CA PHE A 382 37.16 -22.16 0.05
C PHE A 382 37.51 -23.31 0.98
N VAL A 383 36.94 -24.50 0.75
CA VAL A 383 37.24 -25.67 1.57
C VAL A 383 37.51 -26.87 0.68
N TYR A 384 38.78 -27.16 0.43
CA TYR A 384 39.15 -28.33 -0.33
C TYR A 384 38.88 -29.60 0.48
N VAL A 385 38.80 -30.72 -0.23
CA VAL A 385 38.72 -32.04 0.39
C VAL A 385 39.55 -33.00 -0.43
N LYS A 386 40.52 -33.65 0.21
CA LYS A 386 41.37 -34.61 -0.46
C LYS A 386 41.43 -35.90 0.33
N PRO A 387 41.50 -37.05 -0.34
CA PRO A 387 41.53 -38.33 0.40
C PRO A 387 42.77 -38.42 1.29
N THR A 388 42.58 -39.03 2.46
CA THR A 388 43.64 -39.08 3.46
C THR A 388 44.72 -40.08 3.04
N LEU A 389 45.84 -40.03 3.77
CA LEU A 389 46.94 -40.96 3.60
C LEU A 389 46.87 -41.99 4.72
N SER A 390 47.02 -43.27 4.36
CA SER A 390 46.87 -44.36 5.32
C SER A 390 47.94 -44.34 6.40
N ASP A 391 49.02 -43.59 6.22
CA ASP A 391 50.07 -43.53 7.24
C ASP A 391 49.55 -42.92 8.53
N GLY A 392 48.72 -41.88 8.44
CA GLY A 392 48.19 -41.22 9.61
C GLY A 392 48.14 -39.71 9.49
N THR A 393 49.05 -39.16 8.69
CA THR A 393 49.10 -37.73 8.42
C THR A 393 48.82 -37.50 6.94
N CYS A 394 48.23 -36.33 6.64
CA CYS A 394 47.78 -36.06 5.28
C CYS A 394 48.90 -36.06 4.25
N LYS A 395 49.78 -35.06 4.32
CA LYS A 395 50.86 -34.89 3.37
C LYS A 395 51.70 -33.70 3.84
N GLU A 396 52.66 -33.29 3.02
CA GLU A 396 53.46 -32.10 3.31
C GLU A 396 53.67 -31.36 1.99
N GLU A 397 52.81 -30.39 1.71
CA GLU A 397 52.85 -29.63 0.47
C GLU A 397 53.36 -28.22 0.72
N PHE A 398 53.71 -27.54 -0.38
CA PHE A 398 54.32 -26.21 -0.33
C PHE A 398 53.54 -25.18 -1.13
N THR A 399 54.14 -24.01 -1.32
CA THR A 399 53.52 -22.89 -2.01
C THR A 399 54.57 -22.25 -2.91
N VAL A 400 54.29 -21.02 -3.35
CA VAL A 400 55.21 -20.33 -4.26
C VAL A 400 56.60 -20.19 -3.63
N ASN A 401 56.66 -19.86 -2.34
CA ASN A 401 57.92 -19.76 -1.62
C ASN A 401 58.16 -20.94 -0.69
N GLY A 402 57.42 -22.03 -0.86
CA GLY A 402 57.60 -23.20 -0.03
C GLY A 402 56.98 -23.11 1.35
N ASP A 403 56.18 -22.09 1.62
CA ASP A 403 55.56 -21.94 2.93
C ASP A 403 54.60 -23.11 3.16
N PRO A 404 54.63 -23.74 4.33
CA PRO A 404 53.74 -24.87 4.58
C PRO A 404 52.28 -24.46 4.57
N VAL A 405 51.42 -25.39 4.16
CA VAL A 405 49.98 -25.17 4.08
C VAL A 405 49.33 -25.95 5.21
N LYS A 406 48.54 -25.26 6.04
CA LYS A 406 47.90 -25.89 7.18
C LYS A 406 46.84 -26.88 6.71
N LYS A 407 46.81 -28.04 7.37
CA LYS A 407 45.83 -29.07 7.10
C LYS A 407 45.28 -29.61 8.42
N VAL A 408 43.98 -29.88 8.45
CA VAL A 408 43.34 -30.46 9.62
C VAL A 408 42.70 -31.78 9.22
N ILE A 409 42.05 -32.44 10.17
CA ILE A 409 41.51 -33.78 9.94
C ILE A 409 39.98 -33.66 9.92
N CYS A 410 39.42 -33.52 8.73
CA CYS A 410 37.98 -33.56 8.56
C CYS A 410 37.47 -34.98 8.80
N THR A 411 36.19 -35.09 9.16
CA THR A 411 35.57 -36.36 9.52
C THR A 411 34.29 -36.57 8.73
N GLY A 412 34.30 -36.25 7.44
CA GLY A 412 33.12 -36.34 6.62
C GLY A 412 32.90 -37.72 6.05
N PRO A 413 31.79 -37.88 5.33
CA PRO A 413 31.49 -39.16 4.69
C PRO A 413 32.02 -39.21 3.26
N ASN A 414 31.89 -40.40 2.66
CA ASN A 414 32.27 -40.62 1.27
C ASN A 414 31.18 -41.38 0.52
N ASP A 415 29.94 -41.27 0.98
CA ASP A 415 28.79 -41.95 0.39
C ASP A 415 27.84 -40.96 -0.27
N THR A 416 28.40 -39.96 -0.96
CA THR A 416 27.57 -38.94 -1.59
C THR A 416 26.56 -39.54 -2.56
N SER A 417 26.93 -40.62 -3.23
CA SER A 417 25.97 -41.37 -4.02
C SER A 417 25.00 -42.09 -3.09
N PRO A 418 23.68 -41.94 -3.28
CA PRO A 418 22.74 -42.54 -2.33
C PRO A 418 22.82 -44.06 -2.33
N GLY A 419 22.55 -44.64 -1.16
CA GLY A 419 22.56 -46.08 -0.98
C GLY A 419 23.90 -46.66 -0.62
N SER A 420 24.97 -45.86 -0.60
CA SER A 420 26.30 -46.35 -0.30
C SER A 420 26.48 -46.55 1.20
N PRO A 421 27.38 -47.46 1.61
CA PRO A 421 27.58 -47.72 3.04
C PRO A 421 28.36 -46.62 3.75
N ARG A 422 27.65 -45.59 4.23
CA ARG A 422 28.28 -44.51 4.96
C ARG A 422 29.06 -45.04 6.16
N HIS A 423 30.31 -44.58 6.29
CA HIS A 423 31.17 -45.04 7.38
C HIS A 423 31.92 -43.91 8.08
N THR A 424 31.81 -42.67 7.61
CA THR A 424 32.50 -41.52 8.21
C THR A 424 34.01 -41.75 8.29
N VAL A 425 34.59 -42.05 7.14
CA VAL A 425 36.04 -42.23 7.05
C VAL A 425 36.72 -40.87 7.18
N PRO A 426 37.71 -40.71 8.06
CA PRO A 426 38.40 -39.42 8.18
C PRO A 426 39.07 -39.03 6.87
N GLN A 427 39.04 -37.73 6.57
CA GLN A 427 39.60 -37.20 5.33
C GLN A 427 40.39 -35.94 5.66
N CYS A 428 40.74 -35.19 4.62
CA CYS A 428 41.61 -34.04 4.72
C CYS A 428 40.95 -32.82 4.10
N CYS A 429 41.30 -31.63 4.61
CA CYS A 429 40.66 -30.40 4.18
C CYS A 429 41.59 -29.23 4.50
N TYR A 430 42.02 -28.50 3.47
CA TYR A 430 43.08 -27.50 3.61
C TYR A 430 42.75 -26.23 2.81
N GLY A 431 41.53 -25.73 2.95
CA GLY A 431 41.11 -24.58 2.19
C GLY A 431 41.46 -23.24 2.83
N PHE A 432 41.13 -22.16 2.11
CA PHE A 432 41.33 -20.80 2.62
C PHE A 432 40.47 -20.54 3.83
N CYS A 433 39.20 -20.96 3.79
CA CYS A 433 38.34 -20.86 4.95
C CYS A 433 38.94 -21.57 6.15
N ILE A 434 39.67 -22.67 5.91
CA ILE A 434 40.36 -23.35 7.00
C ILE A 434 41.46 -22.47 7.58
N ASP A 435 42.16 -21.72 6.73
CA ASP A 435 43.18 -20.79 7.22
C ASP A 435 42.55 -19.72 8.11
N LEU A 436 41.41 -19.18 7.68
CA LEU A 436 40.71 -18.21 8.53
C LEU A 436 40.29 -18.83 9.85
N LEU A 437 39.81 -20.08 9.80
CA LEU A 437 39.43 -20.76 11.03
C LEU A 437 40.62 -20.94 11.97
N ILE A 438 41.77 -21.29 11.40
CA ILE A 438 42.97 -21.47 12.23
C ILE A 438 43.35 -20.15 12.89
N LYS A 439 43.32 -19.05 12.14
CA LYS A 439 43.65 -17.76 12.72
C LYS A 439 42.67 -17.40 13.84
N LEU A 440 41.37 -17.61 13.61
CA LEU A 440 40.37 -17.30 14.62
C LEU A 440 40.58 -18.14 15.88
N ALA A 441 40.86 -19.43 15.71
CA ALA A 441 41.09 -20.30 16.86
C ALA A 441 42.32 -19.88 17.63
N ARG A 442 43.40 -19.51 16.92
CA ARG A 442 44.61 -19.09 17.61
C ARG A 442 44.37 -17.82 18.41
N THR A 443 43.63 -16.87 17.84
CA THR A 443 43.42 -15.60 18.54
C THR A 443 42.63 -15.78 19.83
N MET A 444 41.61 -16.63 19.81
CA MET A 444 40.62 -16.67 20.88
C MET A 444 40.87 -17.73 21.94
N ASN A 445 41.87 -18.59 21.75
CA ASN A 445 42.22 -19.63 22.71
C ASN A 445 41.06 -20.60 22.95
N PHE A 446 40.65 -21.28 21.88
CA PHE A 446 39.75 -22.43 21.99
C PHE A 446 40.28 -23.53 21.09
N THR A 447 39.50 -24.61 20.95
CA THR A 447 39.91 -25.74 20.14
C THR A 447 38.71 -26.24 19.33
N TYR A 448 39.00 -26.94 18.25
CA TYR A 448 38.00 -27.26 17.24
C TYR A 448 38.06 -28.74 16.86
N GLU A 449 36.94 -29.25 16.37
CA GLU A 449 36.80 -30.65 15.96
C GLU A 449 36.06 -30.75 14.63
N VAL A 450 36.53 -29.98 13.64
CA VAL A 450 35.80 -29.79 12.39
C VAL A 450 35.41 -31.13 11.76
N HIS A 451 34.17 -31.20 11.27
CA HIS A 451 33.67 -32.37 10.56
C HIS A 451 32.68 -31.91 9.49
N LEU A 452 32.69 -32.61 8.36
CA LEU A 452 31.86 -32.21 7.23
C LEU A 452 30.37 -32.41 7.54
N VAL A 453 29.54 -32.03 6.57
CA VAL A 453 28.08 -32.13 6.70
C VAL A 453 27.64 -33.48 6.16
N ALA A 454 26.48 -33.96 6.62
CA ALA A 454 25.99 -35.29 6.25
C ALA A 454 25.44 -35.31 4.83
N ASP A 455 24.42 -34.51 4.55
CA ASP A 455 23.78 -34.54 3.23
C ASP A 455 24.56 -33.72 2.22
N GLY A 456 24.70 -32.43 2.48
CA GLY A 456 25.35 -31.50 1.57
C GLY A 456 24.35 -30.57 0.92
N LYS A 457 24.21 -29.38 1.50
CA LYS A 457 23.28 -28.37 1.03
C LYS A 457 23.47 -27.10 1.85
N PHE A 458 23.24 -25.94 1.24
CA PHE A 458 23.44 -24.69 1.95
C PHE A 458 22.28 -24.36 2.89
N GLY A 459 21.35 -25.28 3.10
CA GLY A 459 20.33 -25.09 4.10
C GLY A 459 19.07 -24.38 3.64
N THR A 460 18.68 -24.52 2.37
CA THR A 460 17.42 -23.96 1.93
C THR A 460 16.27 -24.73 2.56
N GLN A 461 15.40 -24.01 3.27
CA GLN A 461 14.37 -24.66 4.07
C GLN A 461 13.28 -25.26 3.17
N GLU A 462 12.56 -26.22 3.74
CA GLU A 462 11.49 -26.92 3.03
C GLU A 462 10.50 -27.46 4.06
N ARG A 463 9.43 -28.07 3.58
CA ARG A 463 8.39 -28.62 4.42
C ARG A 463 8.56 -30.13 4.56
N VAL A 464 8.19 -30.65 5.73
CA VAL A 464 8.27 -32.09 6.01
C VAL A 464 7.21 -32.82 5.21
N ASN A 465 7.30 -34.15 5.19
CA ASN A 465 6.44 -34.98 4.35
C ASN A 465 4.99 -34.86 4.81
N ASN A 466 4.15 -34.25 3.97
CA ASN A 466 2.70 -34.20 4.17
C ASN A 466 2.33 -33.56 5.51
N SER A 467 3.10 -32.56 5.92
CA SER A 467 2.81 -31.83 7.15
C SER A 467 3.18 -30.37 6.97
N ASN A 468 2.23 -29.48 7.26
CA ASN A 468 2.45 -28.05 7.10
C ASN A 468 3.15 -27.49 8.34
N LYS A 469 4.42 -27.84 8.46
CA LYS A 469 5.28 -27.30 9.51
C LYS A 469 6.70 -27.25 8.97
N LYS A 470 7.24 -26.04 8.85
CA LYS A 470 8.53 -25.86 8.21
C LYS A 470 9.66 -26.41 9.08
N GLU A 471 10.69 -26.95 8.42
CA GLU A 471 11.88 -27.44 9.08
C GLU A 471 13.07 -27.26 8.15
N TRP A 472 14.25 -27.20 8.73
CA TRP A 472 15.47 -26.89 7.99
C TRP A 472 16.14 -28.18 7.52
N ASN A 473 17.35 -28.05 6.96
CA ASN A 473 18.11 -29.17 6.46
C ASN A 473 19.53 -28.70 6.19
N GLY A 474 20.41 -29.65 5.91
CA GLY A 474 21.78 -29.29 5.56
C GLY A 474 22.49 -28.63 6.71
N MET A 475 23.35 -27.67 6.38
CA MET A 475 24.20 -27.02 7.37
C MET A 475 23.37 -26.24 8.39
N MET A 476 22.39 -25.48 7.92
CA MET A 476 21.57 -24.70 8.83
C MET A 476 20.78 -25.59 9.77
N GLY A 477 20.22 -26.69 9.25
CA GLY A 477 19.52 -27.62 10.11
C GLY A 477 20.44 -28.28 11.13
N GLU A 478 21.65 -28.65 10.70
CA GLU A 478 22.59 -29.27 11.62
C GLU A 478 22.98 -28.32 12.74
N LEU A 479 23.18 -27.04 12.41
CA LEU A 479 23.51 -26.07 13.46
C LEU A 479 22.32 -25.84 14.38
N LEU A 480 21.11 -25.74 13.83
CA LEU A 480 19.95 -25.38 14.64
C LEU A 480 19.51 -26.53 15.53
N SER A 481 19.74 -27.77 15.12
CA SER A 481 19.27 -28.92 15.89
C SER A 481 20.33 -29.40 16.88
N GLY A 482 20.90 -28.46 17.63
CA GLY A 482 21.86 -28.74 18.69
C GLY A 482 22.93 -29.76 18.38
N GLN A 483 23.33 -29.87 17.12
CA GLN A 483 24.34 -30.83 16.70
C GLN A 483 25.72 -30.20 16.52
N ALA A 484 25.80 -29.09 15.83
CA ALA A 484 27.05 -28.35 15.67
C ALA A 484 27.00 -27.09 16.51
N ASP A 485 28.08 -26.30 16.45
CA ASP A 485 28.16 -25.05 17.18
C ASP A 485 28.62 -23.87 16.34
N MET A 486 29.33 -24.10 15.23
CA MET A 486 29.75 -23.02 14.36
C MET A 486 29.73 -23.55 12.93
N ILE A 487 29.50 -22.66 11.97
CA ILE A 487 29.17 -23.07 10.62
C ILE A 487 30.17 -22.49 9.64
N VAL A 488 31.44 -22.41 10.04
CA VAL A 488 32.43 -21.67 9.27
C VAL A 488 32.60 -22.33 7.90
N ALA A 489 32.06 -21.68 6.88
CA ALA A 489 31.95 -22.15 5.51
C ALA A 489 31.29 -21.04 4.68
N PRO A 490 31.29 -21.13 3.35
CA PRO A 490 30.53 -20.13 2.56
C PRO A 490 29.05 -20.21 2.82
N LEU A 491 28.49 -19.19 3.48
CA LEU A 491 27.10 -19.22 3.96
C LEU A 491 26.41 -17.89 3.67
N THR A 492 26.40 -17.49 2.39
CA THR A 492 25.90 -16.19 1.94
C THR A 492 24.69 -15.70 2.73
N ILE A 493 24.77 -14.45 3.19
CA ILE A 493 23.77 -13.88 4.07
C ILE A 493 22.46 -13.66 3.33
N ASN A 494 21.36 -14.05 3.96
CA ASN A 494 20.02 -13.87 3.41
C ASN A 494 19.12 -13.28 4.48
N ASN A 495 17.82 -13.19 4.16
CA ASN A 495 16.82 -12.69 5.10
C ASN A 495 16.07 -13.81 5.80
N GLU A 496 15.70 -14.87 5.07
CA GLU A 496 15.04 -16.00 5.70
C GLU A 496 15.95 -16.67 6.71
N ARG A 497 17.24 -16.80 6.39
CA ARG A 497 18.19 -17.36 7.34
C ARG A 497 18.32 -16.46 8.57
N ALA A 498 18.57 -15.17 8.35
CA ALA A 498 18.95 -14.26 9.42
C ALA A 498 17.82 -14.02 10.41
N GLN A 499 16.63 -14.58 10.15
CA GLN A 499 15.55 -14.43 11.11
C GLN A 499 15.88 -15.10 12.43
N TYR A 500 16.46 -16.30 12.39
CA TYR A 500 16.99 -16.90 13.61
C TYR A 500 18.27 -17.68 13.30
N ILE A 501 19.35 -16.93 13.08
CA ILE A 501 20.73 -17.34 13.27
C ILE A 501 21.53 -16.04 13.30
N GLU A 502 22.34 -15.82 14.34
CA GLU A 502 23.02 -14.54 14.39
C GLU A 502 24.28 -14.56 13.54
N PHE A 503 24.23 -13.91 12.38
CA PHE A 503 25.36 -13.87 11.46
C PHE A 503 26.42 -12.92 12.02
N SER A 504 27.51 -12.76 11.28
CA SER A 504 28.59 -11.87 11.67
C SER A 504 28.84 -10.87 10.53
N LYS A 505 29.80 -9.99 10.74
CA LYS A 505 30.19 -9.08 9.68
C LYS A 505 30.84 -9.87 8.55
N PRO A 506 30.53 -9.56 7.29
CA PRO A 506 31.00 -10.39 6.19
C PRO A 506 32.51 -10.35 6.03
N PHE A 507 33.07 -11.49 5.62
CA PHE A 507 34.49 -11.60 5.32
C PHE A 507 34.75 -11.71 3.83
N LYS A 508 33.74 -11.49 2.99
CA LYS A 508 33.88 -11.48 1.55
C LYS A 508 32.72 -10.71 0.97
N TYR A 509 32.84 -10.33 -0.31
CA TYR A 509 31.80 -9.57 -0.98
C TYR A 509 31.61 -10.15 -2.38
N GLN A 510 30.48 -10.81 -2.61
CA GLN A 510 30.24 -11.50 -3.87
C GLN A 510 28.76 -11.41 -4.23
N GLY A 511 28.48 -11.56 -5.53
CA GLY A 511 27.12 -11.57 -6.01
C GLY A 511 26.94 -12.60 -7.10
N LEU A 512 25.69 -12.94 -7.36
CA LEU A 512 25.38 -13.98 -8.33
C LEU A 512 25.84 -13.58 -9.73
N THR A 513 26.19 -14.58 -10.53
CA THR A 513 26.78 -14.33 -11.84
C THR A 513 26.56 -15.54 -12.74
N ILE A 514 26.36 -15.27 -14.03
CA ILE A 514 26.18 -16.33 -15.02
C ILE A 514 27.51 -16.99 -15.36
N LEU A 515 27.43 -18.18 -15.93
CA LEU A 515 28.61 -18.91 -16.41
C LEU A 515 28.22 -19.67 -17.66
N VAL A 516 28.99 -19.50 -18.73
CA VAL A 516 28.67 -20.11 -20.02
C VAL A 516 29.98 -20.47 -20.72
N LYS A 517 29.98 -21.59 -21.43
CA LYS A 517 31.14 -22.02 -22.18
C LYS A 517 31.47 -21.00 -23.27
N LYS A 518 32.76 -20.68 -23.40
CA LYS A 518 33.23 -19.72 -24.39
C LYS A 518 33.49 -20.42 -25.72
N GLU A 519 33.02 -19.79 -26.80
CA GLU A 519 33.21 -20.34 -28.15
C GLU A 519 34.68 -20.19 -28.54
N ILE A 520 35.41 -21.31 -28.50
CA ILE A 520 36.84 -21.27 -28.83
C ILE A 520 37.09 -20.85 -30.27
N PRO A 521 36.44 -21.44 -31.29
CA PRO A 521 36.74 -21.02 -32.67
C PRO A 521 35.89 -19.85 -33.12
N ARG A 522 36.55 -18.90 -33.81
CA ARG A 522 35.87 -17.73 -34.34
C ARG A 522 36.13 -17.49 -35.82
N SER A 523 37.09 -18.18 -36.43
CA SER A 523 37.39 -18.00 -37.85
C SER A 523 38.07 -19.24 -38.37
N THR A 524 38.08 -19.37 -39.70
CA THR A 524 38.71 -20.49 -40.38
C THR A 524 39.89 -20.09 -41.25
N LEU A 525 39.78 -18.98 -41.98
CA LEU A 525 40.81 -18.39 -42.83
C LEU A 525 41.14 -19.22 -44.05
N ASP A 526 40.56 -20.41 -44.20
CA ASP A 526 40.82 -21.28 -45.34
C ASP A 526 39.62 -21.35 -46.29
N SER A 527 38.61 -20.52 -46.08
CA SER A 527 37.40 -20.57 -46.89
C SER A 527 37.66 -19.95 -48.27
N PHE A 528 37.13 -20.60 -49.30
CA PHE A 528 37.15 -20.07 -50.66
C PHE A 528 36.05 -19.03 -50.82
N MET A 529 35.72 -18.67 -52.06
CA MET A 529 34.64 -17.71 -52.26
C MET A 529 33.29 -18.40 -52.15
N GLN A 530 33.11 -19.17 -51.07
CA GLN A 530 31.86 -19.82 -50.69
C GLN A 530 30.91 -18.90 -49.93
N PRO A 531 31.38 -18.07 -48.98
CA PRO A 531 30.43 -17.25 -48.21
C PRO A 531 29.52 -16.37 -49.06
N PHE A 532 30.02 -15.84 -50.18
CA PHE A 532 29.13 -15.07 -51.05
C PHE A 532 28.31 -16.02 -51.93
N GLN A 533 28.98 -16.74 -52.83
CA GLN A 533 28.39 -17.84 -53.58
C GLN A 533 29.48 -18.51 -54.39
N SER A 534 29.49 -19.85 -54.39
CA SER A 534 30.34 -20.58 -55.33
C SER A 534 29.76 -20.49 -56.74
N THR A 535 28.43 -20.53 -56.85
CA THR A 535 27.79 -20.33 -58.14
C THR A 535 28.08 -18.94 -58.70
N LEU A 536 28.29 -17.96 -57.82
CA LEU A 536 28.71 -16.63 -58.29
C LEU A 536 30.07 -16.70 -58.96
N TRP A 537 31.01 -17.44 -58.37
CA TRP A 537 32.31 -17.63 -59.00
C TRP A 537 32.16 -18.37 -60.33
N LEU A 538 31.30 -19.38 -60.37
CA LEU A 538 31.09 -20.13 -61.61
C LEU A 538 30.56 -19.23 -62.72
N LEU A 539 29.54 -18.42 -62.41
CA LEU A 539 28.96 -17.54 -63.43
C LEU A 539 29.92 -16.42 -63.80
N VAL A 540 30.73 -15.93 -62.86
CA VAL A 540 31.73 -14.92 -63.19
C VAL A 540 32.76 -15.48 -64.15
N GLY A 541 33.23 -16.71 -63.89
CA GLY A 541 34.16 -17.35 -64.81
C GLY A 541 33.54 -17.59 -66.18
N LEU A 542 32.27 -18.01 -66.21
CA LEU A 542 31.58 -18.21 -67.48
C LEU A 542 31.47 -16.90 -68.25
N SER A 543 31.13 -15.81 -67.56
CA SER A 543 31.02 -14.51 -68.22
C SER A 543 32.38 -14.03 -68.73
N VAL A 544 33.44 -14.26 -67.95
CA VAL A 544 34.78 -13.87 -68.40
C VAL A 544 35.15 -14.65 -69.65
N HIS A 545 34.89 -15.96 -69.67
CA HIS A 545 35.20 -16.77 -70.84
C HIS A 545 34.38 -16.30 -72.05
N VAL A 546 33.10 -15.98 -71.83
CA VAL A 546 32.24 -15.53 -72.92
C VAL A 546 32.73 -14.21 -73.50
N VAL A 547 33.08 -13.25 -72.63
CA VAL A 547 33.54 -11.96 -73.11
C VAL A 547 34.88 -12.10 -73.83
N ALA A 548 35.75 -12.99 -73.34
CA ALA A 548 37.00 -13.26 -74.05
C ALA A 548 36.73 -13.85 -75.43
N VAL A 549 35.81 -14.81 -75.51
CA VAL A 549 35.51 -15.44 -76.79
C VAL A 549 34.94 -14.42 -77.77
N MET A 550 34.03 -13.56 -77.29
CA MET A 550 33.48 -12.53 -78.17
C MET A 550 34.56 -11.55 -78.62
N LEU A 551 35.50 -11.21 -77.72
CA LEU A 551 36.58 -10.30 -78.08
C LEU A 551 37.46 -10.89 -79.16
N TYR A 552 37.76 -12.18 -79.06
CA TYR A 552 38.60 -12.83 -80.08
C TYR A 552 37.83 -13.08 -81.37
N LEU A 553 36.51 -13.21 -81.29
CA LEU A 553 35.70 -13.39 -82.49
C LEU A 553 35.57 -12.08 -83.28
N LEU A 554 35.41 -10.96 -82.57
CA LEU A 554 35.27 -9.68 -83.25
C LEU A 554 36.57 -9.17 -83.85
N ASP A 555 37.70 -9.83 -83.55
CA ASP A 555 38.99 -9.39 -84.09
C ASP A 555 39.04 -9.48 -85.60
N ARG A 556 38.24 -10.35 -86.22
CA ARG A 556 38.22 -10.50 -87.66
C ARG A 556 37.60 -9.27 -88.34
N THR A 576 45.90 -14.90 -82.63
CA THR A 576 46.53 -14.76 -81.32
C THR A 576 45.49 -14.93 -80.20
N LEU A 577 44.56 -15.87 -80.41
CA LEU A 577 43.52 -16.10 -79.41
C LEU A 577 44.11 -16.65 -78.11
N SER A 578 45.09 -17.53 -78.20
CA SER A 578 45.70 -18.09 -77.00
C SER A 578 46.49 -17.04 -76.23
N SER A 579 47.27 -16.23 -76.94
CA SER A 579 48.02 -15.16 -76.27
C SER A 579 47.08 -14.15 -75.63
N ALA A 580 46.00 -13.79 -76.32
CA ALA A 580 45.03 -12.87 -75.75
C ALA A 580 44.34 -13.47 -74.53
N MET A 581 44.05 -14.78 -74.57
CA MET A 581 43.44 -15.44 -73.42
C MET A 581 44.38 -15.43 -72.22
N TRP A 582 45.66 -15.72 -72.46
CA TRP A 582 46.63 -15.68 -71.36
C TRP A 582 46.77 -14.28 -70.80
N PHE A 583 46.79 -13.26 -71.67
CA PHE A 583 46.88 -11.89 -71.22
C PHE A 583 45.67 -11.49 -70.39
N SER A 584 44.46 -11.88 -70.84
CA SER A 584 43.26 -11.57 -70.08
C SER A 584 43.25 -12.27 -68.73
N TRP A 585 43.68 -13.53 -68.69
CA TRP A 585 43.78 -14.24 -67.42
C TRP A 585 44.76 -13.56 -66.48
N GLY A 586 45.91 -13.13 -67.01
CA GLY A 586 46.87 -12.42 -66.18
C GLY A 586 46.33 -11.10 -65.65
N VAL A 587 45.62 -10.37 -66.50
CA VAL A 587 45.06 -9.09 -66.07
C VAL A 587 44.01 -9.30 -64.98
N LEU A 588 43.10 -10.25 -65.19
CA LEU A 588 42.06 -10.50 -64.20
C LEU A 588 42.63 -11.10 -62.92
N LEU A 589 43.79 -11.76 -62.99
CA LEU A 589 44.49 -12.23 -61.81
C LEU A 589 45.67 -11.35 -61.42
N ASN A 590 45.76 -10.15 -62.01
CA ASN A 590 46.80 -9.17 -61.70
C ASN A 590 48.21 -9.73 -61.91
N SER A 591 48.37 -10.57 -62.92
CA SER A 591 49.70 -11.10 -63.24
C SER A 591 50.50 -10.16 -64.12
N GLY A 592 49.82 -9.35 -64.94
CA GLY A 592 50.50 -8.42 -65.82
C GLY A 592 51.36 -9.08 -66.88
N ILE A 593 50.81 -10.09 -67.56
CA ILE A 593 51.57 -10.79 -68.60
C ILE A 593 51.93 -9.84 -69.73
N GLY A 594 50.99 -9.01 -70.16
CA GLY A 594 51.27 -8.04 -71.20
C GLY A 594 51.42 -8.62 -72.59
N GLU A 595 50.87 -9.81 -72.83
CA GLU A 595 50.98 -10.46 -74.14
C GLU A 595 49.78 -10.16 -75.04
N GLY A 596 48.86 -9.30 -74.61
CA GLY A 596 47.69 -9.00 -75.40
C GLY A 596 47.93 -7.85 -76.36
N ALA A 597 47.60 -8.08 -77.63
CA ALA A 597 47.76 -7.08 -78.68
C ALA A 597 46.45 -6.95 -79.45
N PRO A 598 45.49 -6.18 -78.91
CA PRO A 598 44.23 -5.97 -79.63
C PRO A 598 44.47 -5.30 -80.98
N ARG A 599 43.69 -5.70 -81.98
CA ARG A 599 43.81 -5.16 -83.32
C ARG A 599 42.84 -4.02 -83.58
N SER A 600 41.73 -3.96 -82.85
CA SER A 600 40.70 -2.95 -83.05
C SER A 600 40.52 -2.14 -81.77
N PHE A 601 40.19 -0.86 -81.94
CA PHE A 601 39.95 0.00 -80.78
C PHE A 601 38.69 -0.42 -80.03
N SER A 602 37.74 -1.05 -80.71
CA SER A 602 36.56 -1.56 -80.03
C SER A 602 36.93 -2.64 -79.02
N ALA A 603 37.86 -3.52 -79.40
CA ALA A 603 38.35 -4.52 -78.45
C ALA A 603 39.06 -3.86 -77.28
N ARG A 604 39.79 -2.77 -77.53
CA ARG A 604 40.46 -2.05 -76.45
C ARG A 604 39.45 -1.45 -75.48
N ILE A 605 38.37 -0.85 -76.01
CA ILE A 605 37.34 -0.28 -75.15
C ILE A 605 36.64 -1.37 -74.36
N LEU A 606 36.36 -2.51 -75.01
CA LEU A 606 35.74 -3.63 -74.30
C LEU A 606 36.66 -4.14 -73.19
N GLY A 607 37.96 -4.20 -73.45
CA GLY A 607 38.89 -4.62 -72.43
C GLY A 607 38.97 -3.66 -71.27
N MET A 608 38.91 -2.36 -71.55
CA MET A 608 38.88 -1.37 -70.48
C MET A 608 37.62 -1.50 -69.64
N VAL A 609 36.47 -1.71 -70.30
CA VAL A 609 35.22 -1.90 -69.57
C VAL A 609 35.27 -3.17 -68.73
N TRP A 610 35.85 -4.24 -69.27
CA TRP A 610 35.99 -5.48 -68.52
C TRP A 610 36.94 -5.32 -67.34
N ALA A 611 38.00 -4.54 -67.50
CA ALA A 611 38.89 -4.26 -66.39
C ALA A 611 38.17 -3.48 -65.30
N GLY A 612 37.35 -2.50 -65.69
CA GLY A 612 36.55 -1.79 -64.71
C GLY A 612 35.57 -2.71 -63.99
N PHE A 613 34.94 -3.61 -64.73
CA PHE A 613 34.03 -4.58 -64.12
C PHE A 613 34.77 -5.50 -63.15
N ALA A 614 35.97 -5.93 -63.52
CA ALA A 614 36.78 -6.77 -62.64
C ALA A 614 37.16 -6.00 -61.37
N MET A 615 37.51 -4.72 -61.51
CA MET A 615 37.80 -3.90 -60.34
C MET A 615 36.58 -3.77 -59.44
N ILE A 616 35.40 -3.60 -60.04
CA ILE A 616 34.17 -3.52 -59.26
C ILE A 616 33.90 -4.84 -58.54
N ILE A 617 34.16 -5.97 -59.21
CA ILE A 617 33.96 -7.28 -58.60
C ILE A 617 34.93 -7.48 -57.44
N VAL A 618 36.18 -7.05 -57.61
CA VAL A 618 37.15 -7.12 -56.52
C VAL A 618 36.71 -6.27 -55.35
N ALA A 619 36.19 -5.07 -55.64
CA ALA A 619 35.68 -4.21 -54.58
C ALA A 619 34.52 -4.84 -53.84
N SER A 620 33.61 -5.49 -54.58
CA SER A 620 32.48 -6.18 -53.95
C SER A 620 32.96 -7.34 -53.08
N TYR A 621 33.94 -8.11 -53.58
CA TYR A 621 34.47 -9.22 -52.80
C TYR A 621 35.13 -8.74 -51.52
N THR A 622 35.92 -7.66 -51.61
CA THR A 622 36.53 -7.10 -50.41
C THR A 622 35.48 -6.53 -49.46
N ALA A 623 34.40 -5.96 -50.01
CA ALA A 623 33.32 -5.47 -49.18
C ALA A 623 32.65 -6.61 -48.41
N ASN A 624 32.42 -7.73 -49.09
CA ASN A 624 31.87 -8.90 -48.41
C ASN A 624 32.81 -9.42 -47.34
N LEU A 625 34.12 -9.45 -47.64
CA LEU A 625 35.10 -9.88 -46.66
C LEU A 625 35.10 -8.98 -45.44
N ALA A 626 35.04 -7.66 -45.65
CA ALA A 626 34.99 -6.73 -44.53
C ALA A 626 33.69 -6.86 -43.75
N ALA A 627 32.58 -7.11 -44.44
CA ALA A 627 31.30 -7.30 -43.76
C ALA A 627 31.35 -8.51 -42.85
N PHE A 628 31.96 -9.60 -43.33
CA PHE A 628 32.10 -10.79 -42.48
C PHE A 628 33.08 -10.55 -41.35
N LEU A 629 34.15 -9.79 -41.60
CA LEU A 629 35.16 -9.56 -40.57
C LEU A 629 34.63 -8.68 -39.44
N VAL A 630 33.93 -7.59 -39.79
CA VAL A 630 33.38 -6.70 -38.77
C VAL A 630 32.32 -7.41 -37.94
N LEU A 631 31.66 -8.42 -38.52
CA LEU A 631 30.67 -9.21 -37.82
C LEU A 631 31.28 -10.30 -36.96
N ASP A 632 32.55 -10.15 -36.57
CA ASP A 632 33.23 -11.15 -35.76
C ASP A 632 32.47 -11.40 -34.46
N ARG A 633 32.41 -12.68 -34.07
CA ARG A 633 31.66 -13.14 -32.90
C ARG A 633 30.19 -12.76 -33.01
N PRO A 634 29.45 -13.31 -33.96
CA PRO A 634 28.01 -13.00 -34.04
C PRO A 634 27.24 -13.43 -32.80
N GLU A 635 27.68 -14.49 -32.12
CA GLU A 635 27.02 -14.94 -30.91
C GLU A 635 27.22 -13.91 -29.81
N GLU A 636 26.16 -13.18 -29.49
CA GLU A 636 26.22 -12.15 -28.46
C GLU A 636 26.29 -12.79 -27.08
N ARG A 637 26.61 -11.97 -26.09
CA ARG A 637 26.76 -12.43 -24.72
C ARG A 637 25.55 -11.99 -23.89
N ILE A 638 24.93 -12.96 -23.21
CA ILE A 638 23.83 -12.64 -22.32
C ILE A 638 24.33 -11.85 -21.13
N THR A 639 23.68 -10.73 -20.84
CA THR A 639 24.11 -9.82 -19.78
C THR A 639 23.09 -9.86 -18.66
N GLY A 640 23.47 -10.46 -17.52
CA GLY A 640 22.64 -10.48 -16.34
C GLY A 640 21.33 -11.21 -16.55
N ILE A 641 20.32 -10.75 -15.83
CA ILE A 641 18.99 -11.35 -15.89
C ILE A 641 17.97 -10.45 -16.57
N ASN A 642 18.29 -9.17 -16.79
CA ASN A 642 17.34 -8.26 -17.41
C ASN A 642 17.14 -8.53 -18.89
N ASP A 643 18.00 -9.32 -19.53
CA ASP A 643 17.90 -9.56 -20.96
C ASP A 643 16.67 -10.39 -21.28
N PRO A 644 15.76 -9.91 -22.15
CA PRO A 644 14.55 -10.69 -22.46
C PRO A 644 14.84 -12.01 -23.15
N ARG A 645 15.94 -12.10 -23.90
CA ARG A 645 16.25 -13.35 -24.60
C ARG A 645 16.50 -14.50 -23.64
N LEU A 646 16.80 -14.21 -22.37
CA LEU A 646 16.92 -15.24 -21.35
C LEU A 646 15.70 -15.32 -20.45
N ARG A 647 15.01 -14.20 -20.22
CA ARG A 647 13.83 -14.22 -19.37
C ARG A 647 12.74 -15.08 -19.97
N ASN A 648 12.53 -14.99 -21.28
CA ASN A 648 11.58 -15.86 -21.95
C ASN A 648 12.19 -17.25 -22.11
N PRO A 649 11.57 -18.28 -21.54
CA PRO A 649 12.14 -19.62 -21.64
C PRO A 649 11.96 -20.23 -23.02
N SER A 650 12.75 -21.26 -23.28
CA SER A 650 12.64 -22.02 -24.52
C SER A 650 13.23 -23.40 -24.29
N ASP A 651 12.83 -24.34 -25.14
CA ASP A 651 13.36 -25.70 -25.05
C ASP A 651 14.77 -25.83 -25.59
N LYS A 652 15.27 -24.82 -26.31
CA LYS A 652 16.64 -24.84 -26.80
C LYS A 652 17.64 -24.53 -25.70
N PHE A 653 17.32 -23.60 -24.81
CA PHE A 653 18.19 -23.22 -23.71
C PHE A 653 17.81 -23.97 -22.44
N ILE A 654 18.82 -24.42 -21.71
CA ILE A 654 18.62 -25.11 -20.44
C ILE A 654 19.65 -24.59 -19.44
N TYR A 655 19.17 -24.23 -18.25
CA TYR A 655 20.07 -23.79 -17.18
C TYR A 655 19.39 -24.02 -15.84
N ALA A 656 20.21 -24.25 -14.82
CA ALA A 656 19.75 -24.43 -13.45
C ALA A 656 20.94 -24.31 -12.53
N THR A 657 20.71 -23.86 -11.30
CA THR A 657 21.84 -23.62 -10.41
C THR A 657 22.13 -24.79 -9.46
N VAL A 658 21.22 -25.12 -8.55
CA VAL A 658 21.35 -26.26 -7.65
C VAL A 658 20.02 -26.40 -6.91
N LYS A 659 19.61 -27.64 -6.61
CA LYS A 659 18.29 -27.85 -6.04
C LYS A 659 18.16 -27.40 -4.59
N GLN A 660 19.27 -27.07 -3.91
CA GLN A 660 19.20 -26.71 -2.50
C GLN A 660 20.30 -25.69 -2.21
N SER A 661 19.93 -24.41 -2.22
CA SER A 661 20.88 -23.34 -1.95
C SER A 661 20.12 -22.04 -1.74
N SER A 662 20.88 -20.96 -1.54
CA SER A 662 20.28 -19.64 -1.35
C SER A 662 19.82 -19.00 -2.65
N VAL A 663 20.26 -19.50 -3.80
CA VAL A 663 19.76 -18.97 -5.06
C VAL A 663 18.28 -19.30 -5.22
N ASP A 664 17.88 -20.52 -4.86
CA ASP A 664 16.47 -20.88 -4.92
C ASP A 664 15.66 -20.05 -3.95
N ILE A 665 16.20 -19.78 -2.76
CA ILE A 665 15.50 -18.94 -1.79
C ILE A 665 15.35 -17.52 -2.32
N TYR A 666 16.39 -16.99 -2.97
CA TYR A 666 16.31 -15.66 -3.55
C TYR A 666 15.25 -15.61 -4.64
N PHE A 667 15.22 -16.62 -5.51
CA PHE A 667 14.26 -16.60 -6.61
C PHE A 667 12.84 -16.75 -6.11
N ARG A 668 12.58 -17.77 -5.29
CA ARG A 668 11.22 -18.03 -4.81
C ARG A 668 10.65 -16.84 -4.04
N ARG A 669 11.50 -16.09 -3.33
CA ARG A 669 10.99 -15.02 -2.48
C ARG A 669 10.32 -13.91 -3.29
N GLN A 670 10.93 -13.50 -4.39
CA GLN A 670 10.40 -12.42 -5.21
C GLN A 670 9.69 -13.01 -6.43
N VAL A 671 8.51 -12.46 -6.74
CA VAL A 671 7.65 -13.05 -7.76
C VAL A 671 7.56 -12.10 -8.96
N GLU A 672 8.45 -12.30 -9.93
CA GLU A 672 8.34 -11.63 -11.22
C GLU A 672 8.63 -12.55 -12.41
N LEU A 673 9.36 -13.64 -12.22
CA LEU A 673 9.73 -14.54 -13.31
C LEU A 673 9.50 -15.99 -12.89
N SER A 674 8.31 -16.28 -12.38
CA SER A 674 7.99 -17.64 -11.94
C SER A 674 8.15 -18.67 -13.03
N THR A 675 8.03 -18.27 -14.31
CA THR A 675 8.26 -19.20 -15.40
C THR A 675 9.67 -19.76 -15.35
N MET A 676 10.66 -18.87 -15.14
CA MET A 676 12.03 -19.34 -14.97
C MET A 676 12.17 -20.20 -13.72
N TYR A 677 11.37 -19.91 -12.69
CA TYR A 677 11.41 -20.71 -11.48
C TYR A 677 11.04 -22.15 -11.77
N ARG A 678 9.91 -22.36 -12.45
CA ARG A 678 9.49 -23.71 -12.82
C ARG A 678 10.48 -24.36 -13.78
N HIS A 679 10.97 -23.59 -14.76
CA HIS A 679 11.89 -24.14 -15.73
C HIS A 679 13.17 -24.65 -15.07
N MET A 680 13.70 -23.91 -14.11
CA MET A 680 14.90 -24.34 -13.41
C MET A 680 14.61 -25.43 -12.38
N GLU A 681 13.43 -25.40 -11.75
CA GLU A 681 13.08 -26.46 -10.81
C GLU A 681 12.95 -27.80 -11.51
N LYS A 682 12.55 -27.79 -12.78
CA LYS A 682 12.49 -29.05 -13.52
C LYS A 682 13.87 -29.65 -13.79
N HIS A 683 14.95 -28.88 -13.64
CA HIS A 683 16.27 -29.38 -14.00
C HIS A 683 17.37 -28.99 -13.00
N ASN A 684 17.03 -28.75 -11.75
CA ASN A 684 18.02 -28.32 -10.77
C ASN A 684 19.02 -29.44 -10.47
N TYR A 685 20.24 -29.04 -10.13
CA TYR A 685 21.32 -29.97 -9.87
C TYR A 685 21.54 -30.13 -8.36
N GLU A 686 22.60 -30.86 -8.00
CA GLU A 686 22.88 -31.18 -6.60
C GLU A 686 24.13 -30.50 -6.05
N SER A 687 25.18 -30.36 -6.84
CA SER A 687 26.42 -29.76 -6.35
C SER A 687 27.10 -29.02 -7.49
N ALA A 688 28.02 -28.12 -7.12
CA ALA A 688 28.69 -27.30 -8.11
C ALA A 688 29.56 -28.13 -9.04
N ALA A 689 30.27 -29.12 -8.50
CA ALA A 689 31.17 -29.92 -9.33
C ALA A 689 30.42 -30.66 -10.43
N GLU A 690 29.26 -31.24 -10.09
CA GLU A 690 28.47 -31.95 -11.09
C GLU A 690 27.99 -31.01 -12.18
N ALA A 691 27.56 -29.80 -11.80
CA ALA A 691 27.10 -28.83 -12.79
C ALA A 691 28.24 -28.40 -13.71
N ILE A 692 29.41 -28.16 -13.15
CA ILE A 692 30.56 -27.78 -13.97
C ILE A 692 30.93 -28.90 -14.93
N GLN A 693 30.94 -30.14 -14.44
CA GLN A 693 31.25 -31.28 -15.31
C GLN A 693 30.21 -31.42 -16.41
N ALA A 694 28.93 -31.18 -16.09
CA ALA A 694 27.91 -31.21 -17.12
C ALA A 694 28.13 -30.13 -18.17
N VAL A 695 28.54 -28.94 -17.72
CA VAL A 695 28.88 -27.87 -18.65
C VAL A 695 30.05 -28.28 -19.53
N ARG A 696 30.97 -29.11 -19.00
CA ARG A 696 32.14 -29.51 -19.77
C ARG A 696 31.75 -30.23 -21.06
N ASP A 697 30.78 -31.13 -21.00
CA ASP A 697 30.32 -31.85 -22.17
C ASP A 697 29.08 -31.22 -22.79
N ASN A 698 28.82 -29.95 -22.50
CA ASN A 698 27.72 -29.18 -23.10
C ASN A 698 26.36 -29.81 -22.83
N LYS A 699 26.22 -30.48 -21.68
CA LYS A 699 24.88 -30.90 -21.26
C LYS A 699 24.07 -29.70 -20.79
N LEU A 700 24.72 -28.68 -20.27
CA LEU A 700 24.12 -27.42 -19.89
C LEU A 700 24.51 -26.34 -20.89
N HIS A 701 23.95 -25.14 -20.69
CA HIS A 701 24.35 -23.97 -21.47
C HIS A 701 24.59 -22.72 -20.65
N ALA A 702 24.14 -22.67 -19.39
CA ALA A 702 24.35 -21.51 -18.54
C ALA A 702 24.36 -21.96 -17.09
N PHE A 703 24.92 -21.11 -16.23
CA PHE A 703 25.08 -21.45 -14.83
C PHE A 703 25.10 -20.18 -14.00
N ILE A 704 24.14 -20.04 -13.08
CA ILE A 704 24.09 -18.92 -12.14
C ILE A 704 24.63 -19.40 -10.81
N TRP A 705 25.65 -18.73 -10.30
CA TRP A 705 26.27 -19.14 -9.04
C TRP A 705 27.05 -17.97 -8.46
N ASP A 706 27.69 -18.22 -7.32
CA ASP A 706 28.40 -17.16 -6.60
C ASP A 706 29.58 -16.66 -7.43
N SER A 707 29.91 -15.38 -7.25
CA SER A 707 30.93 -14.75 -8.09
C SER A 707 32.31 -15.36 -7.86
N ALA A 708 32.68 -15.60 -6.60
CA ALA A 708 34.05 -16.04 -6.31
C ALA A 708 34.34 -17.41 -6.91
N VAL A 709 33.41 -18.36 -6.75
CA VAL A 709 33.64 -19.71 -7.25
C VAL A 709 33.79 -19.71 -8.76
N LEU A 710 32.87 -19.04 -9.45
CA LEU A 710 32.92 -19.01 -10.91
C LEU A 710 34.15 -18.25 -11.41
N GLU A 711 34.52 -17.16 -10.73
CA GLU A 711 35.71 -16.43 -11.12
C GLU A 711 36.95 -17.29 -11.00
N PHE A 712 37.08 -18.04 -9.90
CA PHE A 712 38.21 -18.95 -9.77
C PHE A 712 38.19 -20.03 -10.85
N GLU A 713 37.01 -20.61 -11.09
CA GLU A 713 36.92 -21.69 -12.07
C GLU A 713 37.29 -21.21 -13.47
N ALA A 714 36.92 -19.97 -13.79
CA ALA A 714 37.37 -19.39 -15.06
C ALA A 714 38.86 -19.09 -15.04
N SER A 715 39.40 -18.71 -13.88
CA SER A 715 40.82 -18.34 -13.80
C SER A 715 41.72 -19.54 -14.05
N GLN A 716 41.38 -20.70 -13.48
CA GLN A 716 42.28 -21.84 -13.58
C GLN A 716 42.14 -22.55 -14.92
N LYS A 717 40.94 -23.11 -15.20
CA LYS A 717 40.68 -23.78 -16.47
C LYS A 717 39.93 -22.82 -17.36
N CYS A 718 40.67 -21.89 -17.97
CA CYS A 718 40.05 -20.85 -18.78
C CYS A 718 39.57 -21.40 -20.12
N ASP A 719 38.58 -22.28 -20.07
CA ASP A 719 37.80 -22.69 -21.22
C ASP A 719 36.41 -22.08 -21.24
N LEU A 720 35.87 -21.75 -20.06
CA LEU A 720 34.59 -21.07 -19.95
C LEU A 720 34.82 -19.58 -19.74
N VAL A 721 33.74 -18.81 -19.58
CA VAL A 721 33.81 -17.37 -19.44
C VAL A 721 32.91 -16.93 -18.30
N THR A 722 33.13 -15.68 -17.84
CA THR A 722 32.38 -15.12 -16.73
C THR A 722 31.61 -13.88 -17.16
N THR A 723 30.91 -13.96 -18.28
CA THR A 723 30.20 -12.82 -18.82
C THR A 723 29.04 -12.41 -17.90
N GLY A 724 28.34 -11.36 -18.30
CA GLY A 724 27.18 -10.90 -17.56
C GLY A 724 27.56 -10.03 -16.37
N GLU A 725 26.57 -9.28 -15.89
CA GLU A 725 26.73 -8.44 -14.72
C GLU A 725 26.53 -9.28 -13.46
N LEU A 726 26.44 -8.62 -12.32
CA LEU A 726 26.26 -9.29 -11.04
C LEU A 726 25.10 -8.64 -10.29
N PHE A 727 24.30 -9.45 -9.63
CA PHE A 727 23.10 -9.00 -8.95
C PHE A 727 22.99 -9.70 -7.60
N PHE A 728 22.13 -9.14 -6.74
CA PHE A 728 21.91 -9.65 -5.39
C PHE A 728 23.24 -9.71 -4.62
N ARG A 729 23.82 -8.53 -4.43
CA ARG A 729 25.12 -8.44 -3.77
C ARG A 729 24.96 -8.64 -2.27
N SER A 730 25.55 -9.73 -1.75
CA SER A 730 25.52 -10.00 -0.32
C SER A 730 26.69 -10.93 -0.01
N GLY A 731 27.55 -10.52 0.91
CA GLY A 731 28.74 -11.28 1.23
C GLY A 731 28.44 -12.52 2.04
N PHE A 732 29.50 -13.27 2.32
CA PHE A 732 29.40 -14.48 3.12
C PHE A 732 29.44 -14.09 4.59
N GLY A 733 29.57 -15.08 5.47
CA GLY A 733 29.63 -14.79 6.90
C GLY A 733 29.80 -16.06 7.69
N ILE A 734 29.95 -15.89 9.00
CA ILE A 734 30.11 -16.99 9.94
C ILE A 734 28.89 -16.99 10.85
N GLY A 735 28.15 -18.09 10.85
CA GLY A 735 26.89 -18.16 11.54
C GLY A 735 26.95 -18.96 12.83
N MET A 736 26.03 -18.65 13.73
CA MET A 736 25.98 -19.23 15.07
C MET A 736 24.64 -18.84 15.69
N ARG A 737 24.30 -19.52 16.79
CA ARG A 737 22.97 -19.39 17.36
C ARG A 737 22.78 -17.99 17.95
N LYS A 738 21.52 -17.67 18.25
CA LYS A 738 21.16 -16.33 18.69
C LYS A 738 21.88 -15.96 19.99
N ASP A 739 21.93 -16.89 20.93
CA ASP A 739 22.61 -16.67 22.21
C ASP A 739 23.89 -17.48 22.21
N SER A 740 25.02 -16.80 22.00
CA SER A 740 26.33 -17.44 22.04
C SER A 740 27.32 -16.41 22.54
N PRO A 741 28.20 -16.78 23.46
CA PRO A 741 29.15 -15.82 24.04
C PRO A 741 30.32 -15.44 23.15
N TRP A 742 30.33 -15.84 21.89
CA TRP A 742 31.43 -15.54 20.99
C TRP A 742 31.10 -14.45 19.97
N LYS A 743 29.88 -13.89 19.99
CA LYS A 743 29.40 -13.09 18.86
C LYS A 743 30.24 -11.82 18.66
N GLN A 744 30.18 -10.92 19.64
CA GLN A 744 30.83 -9.62 19.48
C GLN A 744 32.33 -9.78 19.26
N ASN A 745 32.95 -10.73 19.96
CA ASN A 745 34.38 -10.94 19.80
C ASN A 745 34.71 -11.44 18.39
N VAL A 746 33.91 -12.36 17.85
CA VAL A 746 34.17 -12.87 16.50
C VAL A 746 34.03 -11.75 15.48
N SER A 747 32.98 -10.94 15.60
CA SER A 747 32.80 -9.83 14.66
C SER A 747 33.96 -8.85 14.76
N LEU A 748 34.39 -8.54 15.99
CA LEU A 748 35.49 -7.61 16.16
C LEU A 748 36.78 -8.15 15.56
N SER A 749 37.07 -9.43 15.76
CA SER A 749 38.28 -10.01 15.20
C SER A 749 38.25 -10.01 13.68
N ILE A 750 37.10 -10.36 13.08
CA ILE A 750 37.01 -10.34 11.62
C ILE A 750 37.24 -8.94 11.09
N LEU A 751 36.61 -7.94 11.71
CA LEU A 751 36.78 -6.57 11.25
C LEU A 751 38.23 -6.11 11.41
N LYS A 752 38.86 -6.45 12.54
CA LYS A 752 40.24 -6.03 12.76
C LYS A 752 41.19 -6.63 11.73
N SER A 753 41.03 -7.94 11.45
CA SER A 753 41.87 -8.56 10.44
C SER A 753 41.61 -7.94 9.07
N HIS A 754 40.34 -7.69 8.74
CA HIS A 754 40.00 -7.10 7.45
C HIS A 754 40.65 -5.73 7.29
N GLU A 755 40.67 -4.93 8.36
CA GLU A 755 41.24 -3.60 8.27
C GLU A 755 42.76 -3.65 8.19
N ASN A 756 43.41 -4.48 9.03
CA ASN A 756 44.87 -4.43 9.03
C ASN A 756 45.49 -5.26 7.92
N GLY A 757 44.68 -5.95 7.11
CA GLY A 757 45.17 -6.49 5.86
C GLY A 757 45.58 -7.94 5.86
N PHE A 758 45.30 -8.69 6.92
CA PHE A 758 45.59 -10.13 6.89
C PHE A 758 44.73 -10.85 5.86
N MET A 759 43.51 -10.35 5.63
CA MET A 759 42.62 -11.01 4.67
C MET A 759 43.13 -10.86 3.25
N GLU A 760 43.74 -9.73 2.92
CA GLU A 760 44.25 -9.50 1.57
C GLU A 760 45.34 -10.51 1.22
N ASP A 761 46.20 -10.84 2.19
CA ASP A 761 47.23 -11.84 1.95
C ASP A 761 46.60 -13.19 1.61
N LEU A 762 45.55 -13.58 2.36
CA LEU A 762 44.87 -14.84 2.08
C LEU A 762 44.24 -14.82 0.69
N ASP A 763 43.64 -13.68 0.32
CA ASP A 763 43.05 -13.56 -1.01
C ASP A 763 44.10 -13.72 -2.09
N LYS A 764 45.27 -13.10 -1.91
CA LYS A 764 46.33 -13.24 -2.90
C LYS A 764 46.84 -14.67 -2.97
N THR A 765 46.92 -15.34 -1.82
CA THR A 765 47.51 -16.68 -1.78
C THR A 765 46.58 -17.73 -2.40
N TRP A 766 45.30 -17.70 -2.05
CA TRP A 766 44.44 -18.85 -2.31
C TRP A 766 43.53 -18.69 -3.53
N VAL A 767 42.74 -17.61 -3.60
CA VAL A 767 41.67 -17.54 -4.60
C VAL A 767 42.18 -17.02 -5.93
N ARG A 768 42.96 -15.93 -5.93
CA ARG A 768 43.46 -15.33 -7.15
C ARG A 768 44.97 -15.53 -7.21
N TYR A 769 45.40 -16.61 -7.87
CA TYR A 769 46.81 -16.92 -7.94
C TYR A 769 47.32 -17.32 -9.32
N GLN A 770 46.45 -17.62 -10.29
CA GLN A 770 46.88 -18.19 -11.55
C GLN A 770 46.32 -17.40 -12.72
N GLU A 771 47.03 -17.48 -13.84
CA GLU A 771 46.59 -16.92 -15.10
C GLU A 771 46.99 -17.87 -16.23
N CYS A 772 46.25 -17.81 -17.33
CA CYS A 772 46.48 -18.70 -18.45
C CYS A 772 47.83 -18.44 -19.12
N LEU A 782 44.75 -14.22 -38.24
CA LEU A 782 45.44 -14.87 -39.36
C LEU A 782 46.48 -15.87 -38.85
N THR A 783 46.47 -17.07 -39.44
CA THR A 783 47.39 -18.13 -39.03
C THR A 783 47.81 -18.89 -40.28
N PHE A 784 48.46 -20.04 -40.08
CA PHE A 784 48.95 -20.84 -41.20
C PHE A 784 47.81 -21.51 -41.96
N GLU A 785 46.63 -21.64 -41.36
CA GLU A 785 45.50 -22.25 -42.06
C GLU A 785 45.10 -21.43 -43.28
N ASN A 786 45.35 -20.13 -43.27
CA ASN A 786 45.09 -19.30 -44.44
C ASN A 786 46.06 -19.56 -45.57
N MET A 787 47.24 -20.10 -45.28
CA MET A 787 48.25 -20.37 -46.28
C MET A 787 48.34 -21.84 -46.66
N ALA A 788 48.50 -22.73 -45.69
CA ALA A 788 48.64 -24.16 -45.99
C ALA A 788 47.44 -24.67 -46.75
N GLY A 789 46.24 -24.23 -46.38
CA GLY A 789 45.02 -24.65 -47.07
C GLY A 789 45.04 -24.39 -48.56
N VAL A 790 45.86 -23.43 -49.00
CA VAL A 790 46.11 -23.26 -50.43
C VAL A 790 47.49 -23.74 -50.83
N PHE A 791 48.46 -23.74 -49.91
CA PHE A 791 49.84 -24.10 -50.26
C PHE A 791 49.91 -25.52 -50.79
N MET A 792 49.27 -26.47 -50.11
CA MET A 792 49.21 -27.84 -50.62
C MET A 792 48.54 -27.88 -51.97
N LEU A 793 47.51 -27.05 -52.17
CA LEU A 793 46.89 -26.95 -53.49
C LEU A 793 47.91 -26.51 -54.54
N VAL A 794 48.79 -25.58 -54.17
CA VAL A 794 49.88 -25.19 -55.07
C VAL A 794 50.73 -26.41 -55.39
N ALA A 795 51.03 -27.24 -54.38
CA ALA A 795 51.75 -28.47 -54.62
C ALA A 795 51.03 -29.34 -55.64
N GLY A 796 49.69 -29.35 -55.60
CA GLY A 796 48.93 -30.09 -56.59
C GLY A 796 49.25 -29.64 -58.00
N GLY A 797 49.42 -28.32 -58.20
CA GLY A 797 49.85 -27.84 -59.50
C GLY A 797 51.20 -28.42 -59.90
N ILE A 798 52.13 -28.49 -58.95
CA ILE A 798 53.43 -29.10 -59.22
C ILE A 798 53.28 -30.58 -59.56
N VAL A 799 52.18 -31.20 -59.13
CA VAL A 799 51.92 -32.59 -59.47
C VAL A 799 51.02 -32.73 -60.69
N ALA A 800 50.58 -31.62 -61.29
CA ALA A 800 49.69 -31.67 -62.43
C ALA A 800 50.28 -31.05 -63.69
N GLY A 801 51.00 -29.93 -63.56
CA GLY A 801 51.52 -29.26 -64.74
C GLY A 801 52.57 -30.05 -65.48
N ILE A 802 53.48 -30.69 -64.74
CA ILE A 802 54.64 -31.34 -65.37
C ILE A 802 54.17 -32.40 -66.36
N PHE A 803 53.23 -33.25 -65.94
CA PHE A 803 52.69 -34.25 -66.85
C PHE A 803 52.07 -33.59 -68.07
N LEU A 804 51.32 -32.50 -67.87
CA LEU A 804 50.78 -31.76 -69.00
C LEU A 804 51.90 -31.26 -69.92
N ILE A 805 53.03 -30.84 -69.32
CA ILE A 805 54.19 -30.45 -70.12
C ILE A 805 54.64 -31.62 -71.00
N PHE A 806 54.64 -32.83 -70.44
CA PHE A 806 54.94 -34.00 -71.25
C PHE A 806 53.93 -34.14 -72.38
N ILE A 807 52.65 -33.90 -72.09
CA ILE A 807 51.65 -33.86 -73.16
C ILE A 807 52.01 -32.78 -74.17
N GLU A 808 52.44 -31.62 -73.68
CA GLU A 808 52.94 -30.58 -74.58
C GLU A 808 54.14 -31.08 -75.37
N ILE A 809 55.01 -31.87 -74.73
CA ILE A 809 56.12 -32.50 -75.44
C ILE A 809 55.59 -33.39 -76.55
N ALA A 810 54.49 -34.09 -76.29
CA ALA A 810 53.84 -34.86 -77.35
C ALA A 810 53.19 -33.94 -78.37
N TYR A 811 52.66 -32.80 -77.93
CA TYR A 811 51.96 -31.90 -78.85
C TYR A 811 52.89 -31.42 -79.95
N LYS A 812 54.14 -31.08 -79.61
CA LYS A 812 55.12 -30.74 -80.63
C LYS A 812 55.41 -31.92 -81.53
N ARG A 813 55.49 -33.13 -80.96
CA ARG A 813 55.76 -34.32 -81.75
C ARG A 813 54.58 -34.65 -82.66
N HIS A 814 53.35 -34.47 -82.17
CA HIS A 814 52.18 -34.76 -82.98
C HIS A 814 52.10 -33.84 -84.19
N LYS A 815 52.39 -32.56 -84.00
CA LYS A 815 52.34 -31.59 -85.10
C LYS A 815 53.73 -31.36 -85.69
N LEU B 1 -19.35 -64.10 21.11
CA LEU B 1 -19.28 -63.23 22.28
C LEU B 1 -20.67 -62.72 22.65
N ASN B 2 -20.70 -61.62 23.39
CA ASN B 2 -21.95 -60.95 23.74
C ASN B 2 -21.63 -59.50 24.09
N ILE B 3 -22.44 -58.59 23.57
CA ILE B 3 -22.23 -57.16 23.75
C ILE B 3 -23.58 -56.49 23.93
N ALA B 4 -23.89 -56.08 25.17
CA ALA B 4 -25.16 -55.43 25.44
C ALA B 4 -25.23 -54.08 24.75
N VAL B 5 -26.46 -53.64 24.49
CA VAL B 5 -26.71 -52.34 23.87
C VAL B 5 -27.79 -51.64 24.66
N MET B 6 -27.54 -50.38 25.03
CA MET B 6 -28.53 -49.55 25.71
C MET B 6 -28.78 -48.29 24.90
N LEU B 7 -30.04 -47.85 24.91
CA LEU B 7 -30.45 -46.69 24.14
C LEU B 7 -31.14 -45.67 25.02
N GLY B 8 -31.19 -44.44 24.52
CA GLY B 8 -31.80 -43.32 25.23
C GLY B 8 -33.30 -43.20 25.10
N HIS B 9 -33.95 -44.12 24.38
CA HIS B 9 -35.40 -44.16 24.27
C HIS B 9 -35.99 -42.88 23.68
N SER B 10 -35.25 -42.25 22.75
CA SER B 10 -35.71 -41.00 22.14
C SER B 10 -35.98 -41.15 20.65
N HIS B 11 -34.98 -41.52 19.85
CA HIS B 11 -35.18 -41.59 18.41
C HIS B 11 -35.80 -42.91 17.99
N ASP B 12 -35.10 -44.01 18.24
CA ASP B 12 -35.57 -45.34 17.87
C ASP B 12 -36.17 -46.06 19.08
N VAL B 13 -37.16 -45.43 19.69
CA VAL B 13 -37.89 -46.07 20.80
C VAL B 13 -39.03 -46.85 20.16
N THR B 14 -38.67 -48.00 19.60
CA THR B 14 -39.57 -48.95 18.95
C THR B 14 -38.72 -50.09 18.42
N GLU B 15 -39.36 -51.22 18.18
CA GLU B 15 -38.77 -52.36 17.48
C GLU B 15 -37.39 -52.71 18.02
N ARG B 16 -37.34 -53.05 19.30
CA ARG B 16 -36.08 -53.49 19.89
C ARG B 16 -35.55 -54.74 19.22
N GLU B 17 -36.44 -55.54 18.62
CA GLU B 17 -35.99 -56.70 17.86
C GLU B 17 -35.20 -56.28 16.63
N LEU B 18 -35.53 -55.12 16.05
CA LEU B 18 -34.77 -54.65 14.90
C LEU B 18 -33.31 -54.40 15.26
N ARG B 19 -33.07 -53.75 16.40
CA ARG B 19 -31.70 -53.63 16.91
C ARG B 19 -31.14 -55.01 17.24
N THR B 20 -31.98 -55.90 17.77
CA THR B 20 -31.58 -57.28 18.00
C THR B 20 -31.40 -58.06 16.71
N LEU B 21 -31.84 -57.51 15.57
CA LEU B 21 -31.73 -58.18 14.28
C LEU B 21 -30.47 -57.77 13.52
N TRP B 22 -29.40 -57.43 14.23
CA TRP B 22 -28.15 -57.08 13.56
C TRP B 22 -27.57 -58.30 12.86
N GLY B 23 -27.14 -58.10 11.62
CA GLY B 23 -26.51 -59.15 10.84
C GLY B 23 -27.36 -60.41 10.75
N PRO B 24 -28.47 -60.32 10.01
CA PRO B 24 -29.38 -61.48 9.94
C PRO B 24 -28.67 -62.75 9.47
N GLU B 25 -27.97 -62.68 8.33
CA GLU B 25 -27.12 -63.79 7.88
C GLU B 25 -25.69 -63.61 8.33
N GLN B 26 -25.05 -62.52 7.90
CA GLN B 26 -23.68 -62.19 8.29
C GLN B 26 -23.39 -60.77 7.77
N ALA B 27 -22.17 -60.32 7.99
CA ALA B 27 -21.70 -59.06 7.42
C ALA B 27 -20.59 -59.28 6.40
N ALA B 28 -19.50 -59.94 6.79
CA ALA B 28 -18.43 -60.29 5.88
C ALA B 28 -17.89 -61.70 6.18
N GLY B 29 -18.73 -62.57 6.74
CA GLY B 29 -18.29 -63.89 7.11
C GLY B 29 -18.54 -64.21 8.57
N LEU B 30 -18.33 -63.22 9.43
CA LEU B 30 -18.59 -63.32 10.87
C LEU B 30 -17.81 -64.48 11.48
N PRO B 31 -16.49 -64.36 11.61
CA PRO B 31 -15.71 -65.47 12.19
C PRO B 31 -16.14 -65.85 13.60
N LEU B 32 -16.59 -64.88 14.40
CA LEU B 32 -17.09 -65.14 15.73
C LEU B 32 -18.61 -65.11 15.72
N ASP B 33 -19.21 -65.47 16.86
CA ASP B 33 -20.65 -65.49 17.03
C ASP B 33 -21.01 -64.63 18.24
N VAL B 34 -21.76 -63.55 18.01
CA VAL B 34 -22.11 -62.62 19.07
C VAL B 34 -23.62 -62.44 19.08
N ASN B 35 -24.14 -62.04 20.23
CA ASN B 35 -25.57 -61.79 20.42
C ASN B 35 -25.75 -60.57 21.28
N VAL B 36 -26.72 -59.74 20.93
CA VAL B 36 -26.98 -58.50 21.66
C VAL B 36 -27.97 -58.77 22.78
N VAL B 37 -27.90 -57.96 23.82
CA VAL B 37 -28.74 -58.10 25.01
C VAL B 37 -29.52 -56.79 25.17
N ALA B 38 -29.85 -56.17 24.03
CA ALA B 38 -30.40 -54.82 23.97
C ALA B 38 -31.45 -54.56 25.05
N LEU B 39 -31.18 -53.56 25.89
CA LEU B 39 -32.06 -53.20 26.99
C LEU B 39 -32.38 -51.72 26.90
N LEU B 40 -33.68 -51.40 26.88
CA LEU B 40 -34.10 -50.01 26.85
C LEU B 40 -33.90 -49.37 28.21
N MET B 41 -33.46 -48.11 28.20
CA MET B 41 -33.12 -47.40 29.42
C MET B 41 -34.21 -46.42 29.80
N ASN B 42 -33.93 -45.59 30.79
CA ASN B 42 -34.85 -44.59 31.32
C ASN B 42 -34.02 -43.41 31.80
N ARG B 43 -34.59 -42.58 32.66
CA ARG B 43 -33.84 -41.48 33.26
C ARG B 43 -32.59 -42.02 33.94
N THR B 44 -31.45 -41.37 33.66
CA THR B 44 -30.15 -41.87 34.07
C THR B 44 -29.71 -41.15 35.34
N ASP B 45 -29.65 -41.88 36.45
CA ASP B 45 -29.15 -41.49 37.76
C ASP B 45 -27.86 -42.22 38.06
N PRO B 46 -26.92 -41.60 38.79
CA PRO B 46 -25.62 -42.25 39.01
C PRO B 46 -25.75 -43.57 39.74
N LYS B 47 -26.50 -43.62 40.84
CA LYS B 47 -26.74 -44.88 41.52
C LYS B 47 -27.47 -45.85 40.61
N SER B 48 -28.48 -45.36 39.88
CA SER B 48 -29.21 -46.21 38.95
C SER B 48 -28.29 -46.73 37.86
N LEU B 49 -27.43 -45.86 37.31
CA LEU B 49 -26.51 -46.28 36.26
C LEU B 49 -25.56 -47.37 36.76
N ILE B 50 -24.97 -47.16 37.93
CA ILE B 50 -24.02 -48.13 38.47
C ILE B 50 -24.73 -49.45 38.75
N THR B 51 -25.89 -49.41 39.38
CA THR B 51 -26.61 -50.64 39.69
C THR B 51 -27.00 -51.38 38.41
N HIS B 52 -27.50 -50.65 37.41
CA HIS B 52 -27.87 -51.28 36.16
C HIS B 52 -26.67 -51.96 35.50
N VAL B 53 -25.56 -51.24 35.39
CA VAL B 53 -24.40 -51.79 34.70
C VAL B 53 -23.85 -53.00 35.47
N CYS B 54 -23.77 -52.90 36.80
CA CYS B 54 -23.19 -54.01 37.57
C CYS B 54 -24.09 -55.24 37.54
N ASP B 55 -25.40 -55.07 37.79
CA ASP B 55 -26.31 -56.21 37.75
C ASP B 55 -26.37 -56.81 36.35
N LEU B 56 -26.40 -55.97 35.31
CA LEU B 56 -26.43 -56.46 33.95
C LEU B 56 -25.12 -57.17 33.60
N MET B 57 -24.01 -56.76 34.23
CA MET B 57 -22.77 -57.50 34.13
C MET B 57 -22.86 -58.87 34.79
N SER B 58 -23.49 -58.93 35.95
CA SER B 58 -23.54 -60.17 36.74
C SER B 58 -24.38 -61.23 36.05
N GLY B 59 -24.88 -60.91 34.86
CA GLY B 59 -25.67 -61.84 34.08
C GLY B 59 -24.88 -62.55 33.00
N ALA B 60 -25.02 -62.09 31.76
CA ALA B 60 -24.55 -62.84 30.59
C ALA B 60 -23.14 -62.45 30.17
N ARG B 61 -22.19 -62.49 31.10
CA ARG B 61 -20.75 -62.37 30.80
C ARG B 61 -20.48 -61.20 29.84
N ILE B 62 -20.78 -60.00 30.33
CA ILE B 62 -20.97 -58.88 29.42
C ILE B 62 -19.64 -58.26 29.00
N HIS B 63 -19.67 -57.54 27.89
CA HIS B 63 -18.54 -56.96 27.18
C HIS B 63 -18.92 -55.55 26.77
N GLY B 64 -18.33 -55.04 25.69
CA GLY B 64 -18.32 -53.61 25.46
C GLY B 64 -19.67 -52.96 25.20
N LEU B 65 -20.46 -52.87 26.27
CA LEU B 65 -21.75 -52.18 26.25
C LEU B 65 -21.67 -50.88 25.46
N VAL B 66 -22.53 -50.75 24.46
CA VAL B 66 -22.56 -49.58 23.59
C VAL B 66 -23.65 -48.66 24.14
N PHE B 67 -23.25 -47.73 25.00
CA PHE B 67 -24.20 -46.83 25.64
C PHE B 67 -24.60 -45.71 24.69
N GLY B 68 -25.81 -45.19 24.91
CA GLY B 68 -26.28 -44.03 24.19
C GLY B 68 -27.37 -43.30 24.95
N ASP B 69 -27.22 -41.99 25.14
CA ASP B 69 -28.15 -41.19 25.91
C ASP B 69 -28.92 -40.24 25.00
N ASP B 70 -29.95 -39.63 25.55
CA ASP B 70 -30.79 -38.69 24.82
C ASP B 70 -30.70 -37.26 25.34
N THR B 71 -30.33 -37.07 26.60
CA THR B 71 -30.32 -35.75 27.20
C THR B 71 -28.93 -35.11 27.06
N ASP B 72 -28.70 -34.02 27.76
CA ASP B 72 -27.43 -33.29 27.74
C ASP B 72 -27.13 -32.85 29.18
N GLN B 73 -26.38 -33.68 29.90
CA GLN B 73 -26.00 -33.38 31.27
C GLN B 73 -24.51 -33.12 31.44
N GLU B 74 -23.70 -33.46 30.43
CA GLU B 74 -22.26 -33.19 30.39
C GLU B 74 -21.50 -33.95 31.47
N ALA B 75 -22.21 -34.68 32.33
CA ALA B 75 -21.54 -35.38 33.42
C ALA B 75 -21.58 -36.88 33.23
N VAL B 76 -22.59 -37.41 32.54
CA VAL B 76 -22.76 -38.85 32.45
C VAL B 76 -21.51 -39.51 31.87
N ALA B 77 -20.92 -38.87 30.85
CA ALA B 77 -19.68 -39.39 30.27
C ALA B 77 -18.64 -39.66 31.34
N GLN B 78 -18.38 -38.65 32.18
CA GLN B 78 -17.44 -38.84 33.29
C GLN B 78 -17.84 -40.04 34.12
N MET B 79 -19.11 -40.08 34.55
CA MET B 79 -19.58 -41.22 35.33
C MET B 79 -19.33 -42.52 34.59
N LEU B 80 -19.67 -42.54 33.29
CA LEU B 80 -19.42 -43.72 32.49
C LEU B 80 -17.96 -44.14 32.58
N ASP B 81 -17.06 -43.18 32.35
CA ASP B 81 -15.64 -43.49 32.41
C ASP B 81 -15.28 -44.10 33.74
N PHE B 82 -15.85 -43.55 34.82
CA PHE B 82 -15.56 -44.08 36.16
C PHE B 82 -15.81 -45.58 36.21
N ILE B 83 -16.97 -46.01 35.72
CA ILE B 83 -17.29 -47.43 35.75
C ILE B 83 -16.24 -48.21 34.95
N SER B 84 -15.90 -47.71 33.76
CA SER B 84 -14.96 -48.42 32.92
C SER B 84 -13.57 -48.45 33.52
N SER B 85 -13.30 -47.66 34.56
CA SER B 85 -12.00 -47.69 35.20
C SER B 85 -11.95 -48.67 36.38
N HIS B 86 -13.08 -49.24 36.78
CA HIS B 86 -13.10 -50.20 37.87
C HIS B 86 -13.70 -51.53 37.47
N THR B 87 -14.19 -51.66 36.24
CA THR B 87 -14.66 -52.94 35.71
C THR B 87 -14.10 -53.06 34.30
N PHE B 88 -13.25 -54.06 34.08
CA PHE B 88 -12.50 -54.16 32.83
C PHE B 88 -13.43 -54.63 31.71
N VAL B 89 -14.32 -53.73 31.32
CA VAL B 89 -15.18 -53.93 30.15
C VAL B 89 -15.07 -52.69 29.28
N PRO B 90 -14.85 -52.83 27.98
CA PRO B 90 -14.87 -51.64 27.10
C PRO B 90 -16.23 -50.97 27.14
N ILE B 91 -16.24 -49.67 26.92
CA ILE B 91 -17.47 -48.88 26.86
C ILE B 91 -17.26 -47.76 25.85
N LEU B 92 -18.15 -47.68 24.86
CA LEU B 92 -18.08 -46.61 23.89
C LEU B 92 -19.47 -46.05 23.62
N GLY B 93 -19.62 -44.74 23.80
CA GLY B 93 -20.90 -44.09 23.62
C GLY B 93 -21.12 -43.61 22.20
N ILE B 94 -22.38 -43.31 21.88
CA ILE B 94 -22.73 -42.94 20.52
C ILE B 94 -23.41 -41.57 20.47
N HIS B 95 -24.55 -41.43 21.14
CA HIS B 95 -25.42 -40.27 20.95
C HIS B 95 -25.50 -39.44 22.22
N GLY B 96 -25.34 -38.14 22.07
CA GLY B 96 -25.60 -37.20 23.14
C GLY B 96 -24.65 -37.27 24.31
N GLY B 97 -25.18 -37.70 25.46
CA GLY B 97 -24.46 -37.72 26.72
C GLY B 97 -23.04 -38.26 26.63
N ALA B 98 -22.91 -39.53 26.24
CA ALA B 98 -21.59 -40.11 26.08
C ALA B 98 -20.99 -39.79 24.71
N SER B 99 -21.01 -38.50 24.36
CA SER B 99 -20.42 -38.04 23.11
C SER B 99 -19.59 -36.78 23.22
N MET B 100 -19.68 -36.03 24.31
CA MET B 100 -18.84 -34.85 24.49
C MET B 100 -17.50 -35.29 25.08
N ILE B 101 -16.43 -35.09 24.33
CA ILE B 101 -15.12 -35.65 24.67
C ILE B 101 -14.53 -34.91 25.85
N MET B 102 -14.04 -35.66 26.83
CA MET B 102 -13.28 -35.13 27.95
C MET B 102 -11.81 -35.04 27.56
N ALA B 103 -11.11 -34.11 28.22
CA ALA B 103 -9.73 -33.79 27.83
C ALA B 103 -8.82 -35.00 27.97
N ASP B 104 -8.63 -35.48 29.20
CA ASP B 104 -7.65 -36.53 29.48
C ASP B 104 -8.30 -37.60 30.35
N LYS B 105 -8.55 -38.76 29.76
CA LYS B 105 -9.07 -39.90 30.51
C LYS B 105 -7.96 -40.53 31.35
N ASP B 106 -8.37 -41.40 32.27
CA ASP B 106 -7.41 -42.16 33.05
C ASP B 106 -6.62 -43.10 32.13
N PRO B 107 -5.37 -43.37 32.45
CA PRO B 107 -4.53 -44.19 31.56
C PRO B 107 -4.69 -45.70 31.73
N THR B 108 -5.60 -46.14 32.58
CA THR B 108 -5.87 -47.57 32.76
C THR B 108 -7.35 -47.88 32.50
N SER B 109 -7.99 -47.07 31.67
CA SER B 109 -9.42 -47.19 31.40
C SER B 109 -9.64 -47.37 29.91
N THR B 110 -10.56 -48.26 29.55
CA THR B 110 -10.94 -48.52 28.17
C THR B 110 -12.29 -47.86 27.93
N PHE B 111 -12.28 -46.66 27.38
CA PHE B 111 -13.49 -45.91 27.10
C PHE B 111 -13.23 -45.05 25.87
N PHE B 112 -14.12 -45.11 24.89
CA PHE B 112 -13.92 -44.43 23.63
C PHE B 112 -15.19 -43.70 23.22
N GLN B 113 -15.01 -42.61 22.47
CA GLN B 113 -16.11 -41.74 22.09
C GLN B 113 -16.29 -41.76 20.58
N PHE B 114 -17.24 -40.94 20.11
CA PHE B 114 -17.53 -40.84 18.69
C PHE B 114 -17.53 -39.41 18.16
N GLY B 115 -17.23 -38.42 19.00
CA GLY B 115 -17.21 -37.03 18.59
C GLY B 115 -15.86 -36.59 18.08
N ALA B 116 -15.66 -35.28 18.09
CA ALA B 116 -14.40 -34.68 17.67
C ALA B 116 -13.92 -33.70 18.73
N SER B 117 -12.62 -33.73 19.00
CA SER B 117 -12.06 -32.92 20.07
C SER B 117 -11.98 -31.45 19.64
N ILE B 118 -11.43 -30.61 20.53
CA ILE B 118 -11.32 -29.19 20.24
C ILE B 118 -10.28 -28.94 19.15
N GLN B 119 -9.20 -29.72 19.14
CA GLN B 119 -8.14 -29.50 18.16
C GLN B 119 -8.65 -29.70 16.73
N GLN B 120 -9.45 -30.74 16.51
CA GLN B 120 -9.98 -30.98 15.17
C GLN B 120 -10.92 -29.85 14.76
N GLN B 121 -11.71 -29.33 15.69
CA GLN B 121 -12.57 -28.20 15.37
C GLN B 121 -11.77 -26.98 14.97
N ALA B 122 -10.68 -26.70 15.70
CA ALA B 122 -9.83 -25.57 15.33
C ALA B 122 -9.18 -25.79 13.97
N THR B 123 -8.79 -27.03 13.67
CA THR B 123 -8.19 -27.32 12.37
C THR B 123 -9.19 -27.10 11.24
N VAL B 124 -10.43 -27.54 11.42
CA VAL B 124 -11.44 -27.31 10.39
C VAL B 124 -11.72 -25.81 10.25
N MET B 125 -11.73 -25.08 11.36
CA MET B 125 -11.89 -23.64 11.32
C MET B 125 -10.81 -22.99 10.45
N LEU B 126 -9.55 -23.28 10.76
CA LEU B 126 -8.45 -22.66 10.03
C LEU B 126 -8.39 -23.15 8.58
N LYS B 127 -8.96 -24.33 8.28
CA LYS B 127 -9.04 -24.75 6.89
C LYS B 127 -10.13 -23.99 6.15
N ILE B 128 -11.21 -23.63 6.84
CA ILE B 128 -12.22 -22.77 6.22
C ILE B 128 -11.64 -21.38 5.96
N MET B 129 -10.98 -20.81 6.95
CA MET B 129 -10.46 -19.45 6.81
C MET B 129 -9.45 -19.36 5.67
N GLN B 130 -8.56 -20.35 5.57
CA GLN B 130 -7.54 -20.32 4.53
C GLN B 130 -8.13 -20.44 3.13
N ASP B 131 -9.33 -20.99 2.99
CA ASP B 131 -9.91 -21.27 1.68
C ASP B 131 -10.72 -20.11 1.12
N TYR B 132 -10.94 -19.05 1.90
CA TYR B 132 -11.68 -17.88 1.42
C TYR B 132 -10.86 -16.60 1.49
N ASP B 133 -9.55 -16.71 1.69
CA ASP B 133 -8.65 -15.55 1.76
C ASP B 133 -9.10 -14.59 2.85
N TRP B 134 -9.11 -15.08 4.08
CA TRP B 134 -9.41 -14.27 5.24
C TRP B 134 -8.23 -14.26 6.20
N HIS B 135 -7.02 -14.06 5.67
CA HIS B 135 -5.83 -14.22 6.49
C HIS B 135 -5.59 -12.99 7.36
N VAL B 136 -6.60 -12.55 8.09
CA VAL B 136 -6.46 -11.55 9.14
C VAL B 136 -7.63 -11.70 10.11
N PHE B 137 -7.34 -11.77 11.39
CA PHE B 137 -8.40 -11.99 12.38
C PHE B 137 -7.84 -11.72 13.77
N SER B 138 -8.75 -11.80 14.75
CA SER B 138 -8.39 -11.54 16.14
C SER B 138 -9.38 -12.29 17.03
N LEU B 139 -8.95 -13.42 17.56
CA LEU B 139 -9.84 -14.26 18.35
C LEU B 139 -10.09 -13.65 19.72
N VAL B 140 -11.32 -13.80 20.21
CA VAL B 140 -11.70 -13.36 21.54
C VAL B 140 -12.21 -14.57 22.32
N THR B 141 -11.85 -14.64 23.60
CA THR B 141 -12.25 -15.76 24.45
C THR B 141 -12.69 -15.24 25.80
N THR B 142 -13.49 -16.04 26.49
CA THR B 142 -13.91 -15.76 27.85
C THR B 142 -13.18 -16.70 28.81
N ILE B 143 -13.49 -16.56 30.09
CA ILE B 143 -12.97 -17.49 31.11
C ILE B 143 -13.94 -18.67 31.16
N PHE B 144 -13.70 -19.63 30.27
CA PHE B 144 -14.46 -20.87 30.26
C PHE B 144 -13.48 -22.03 30.22
N PRO B 145 -13.77 -23.12 30.94
CA PRO B 145 -12.83 -24.24 31.02
C PRO B 145 -12.28 -24.69 29.69
N GLY B 146 -10.96 -24.64 29.54
CA GLY B 146 -10.30 -25.09 28.33
C GLY B 146 -9.86 -24.02 27.37
N TYR B 147 -10.00 -22.73 27.73
CA TYR B 147 -9.61 -21.67 26.81
C TYR B 147 -8.10 -21.62 26.62
N ARG B 148 -7.34 -21.98 27.65
CA ARG B 148 -5.88 -21.96 27.53
C ARG B 148 -5.40 -22.92 26.45
N GLU B 149 -5.97 -24.13 26.42
CA GLU B 149 -5.58 -25.09 25.40
C GLU B 149 -5.94 -24.61 24.00
N PHE B 150 -7.12 -24.02 23.85
CA PHE B 150 -7.53 -23.51 22.53
C PHE B 150 -6.61 -22.40 22.06
N ILE B 151 -6.30 -21.45 22.94
CA ILE B 151 -5.41 -20.35 22.56
C ILE B 151 -4.02 -20.87 22.24
N SER B 152 -3.52 -21.82 23.04
CA SER B 152 -2.20 -22.38 22.79
C SER B 152 -2.14 -23.10 21.45
N PHE B 153 -3.17 -23.89 21.14
CA PHE B 153 -3.18 -24.60 19.86
C PHE B 153 -3.25 -23.62 18.69
N VAL B 154 -4.08 -22.59 18.80
CA VAL B 154 -4.17 -21.63 17.69
C VAL B 154 -2.85 -20.89 17.52
N LYS B 155 -2.21 -20.52 18.61
CA LYS B 155 -0.93 -19.82 18.53
C LYS B 155 0.16 -20.71 17.96
N THR B 156 0.19 -21.97 18.35
CA THR B 156 1.22 -22.90 17.89
C THR B 156 1.04 -23.32 16.44
N THR B 157 -0.19 -23.53 15.99
CA THR B 157 -0.43 -23.94 14.61
C THR B 157 -0.46 -22.78 13.64
N VAL B 158 -0.29 -21.54 14.12
CA VAL B 158 -0.21 -20.39 13.23
C VAL B 158 1.23 -19.97 12.95
N ASP B 159 2.19 -20.47 13.73
CA ASP B 159 3.59 -20.13 13.52
C ASP B 159 4.29 -21.04 12.53
N ASN B 160 3.66 -22.16 12.15
CA ASN B 160 4.24 -23.13 11.24
C ASN B 160 3.53 -23.17 9.89
N SER B 161 2.90 -22.07 9.50
CA SER B 161 2.11 -22.03 8.27
C SER B 161 2.78 -21.14 7.24
N PHE B 162 2.85 -21.64 6.01
CA PHE B 162 3.44 -20.88 4.90
C PHE B 162 2.51 -19.83 4.32
N VAL B 163 1.21 -19.87 4.64
CA VAL B 163 0.25 -18.97 4.04
C VAL B 163 0.35 -17.54 4.55
N GLY B 164 1.13 -17.31 5.60
CA GLY B 164 1.34 -15.97 6.09
C GLY B 164 0.13 -15.35 6.76
N TRP B 165 -0.23 -15.87 7.93
CA TRP B 165 -1.36 -15.33 8.68
C TRP B 165 -1.02 -13.93 9.20
N ASP B 166 -2.01 -13.30 9.83
CA ASP B 166 -1.91 -11.94 10.33
C ASP B 166 -2.43 -11.86 11.76
N MET B 167 -1.94 -12.75 12.62
CA MET B 167 -2.26 -12.77 14.05
C MET B 167 -2.35 -11.36 14.61
N GLN B 168 -3.47 -11.09 15.29
CA GLN B 168 -3.68 -9.77 15.88
C GLN B 168 -4.08 -9.91 17.34
N ASN B 169 -4.56 -8.82 17.94
CA ASN B 169 -4.81 -8.77 19.37
C ASN B 169 -5.75 -9.88 19.80
N VAL B 170 -5.38 -10.56 20.90
CA VAL B 170 -6.22 -11.57 21.53
C VAL B 170 -6.79 -11.00 22.82
N ILE B 171 -8.08 -11.22 23.05
CA ILE B 171 -8.77 -10.63 24.18
C ILE B 171 -9.18 -11.74 25.13
N THR B 172 -9.44 -11.37 26.38
CA THR B 172 -9.91 -12.31 27.39
C THR B 172 -10.82 -11.53 28.34
N LEU B 173 -12.14 -11.63 28.10
CA LEU B 173 -13.12 -10.93 28.92
C LEU B 173 -13.30 -11.68 30.25
N ASP B 174 -12.30 -11.51 31.11
CA ASP B 174 -12.32 -12.20 32.40
C ASP B 174 -13.49 -11.75 33.26
N THR B 175 -13.80 -10.47 33.26
CA THR B 175 -14.96 -9.98 34.01
C THR B 175 -16.25 -10.43 33.35
N SER B 176 -17.31 -10.50 34.17
CA SER B 176 -18.63 -10.92 33.68
C SER B 176 -19.39 -9.74 33.10
N PHE B 177 -18.80 -9.15 32.06
CA PHE B 177 -19.34 -7.98 31.38
C PHE B 177 -19.59 -6.84 32.36
N GLU B 178 -18.50 -6.35 32.95
CA GLU B 178 -18.55 -5.27 33.93
C GLU B 178 -18.71 -3.90 33.29
N ASP B 179 -18.67 -3.81 31.96
CA ASP B 179 -18.87 -2.58 31.20
C ASP B 179 -17.78 -1.54 31.46
N ALA B 180 -16.65 -1.95 32.02
CA ALA B 180 -15.51 -1.06 32.22
C ALA B 180 -14.29 -1.48 31.42
N LYS B 181 -13.86 -2.74 31.55
CA LYS B 181 -12.77 -3.26 30.75
C LYS B 181 -13.24 -4.02 29.53
N THR B 182 -14.41 -4.66 29.59
CA THR B 182 -14.91 -5.39 28.43
C THR B 182 -15.22 -4.46 27.27
N GLN B 183 -15.83 -3.31 27.55
CA GLN B 183 -16.18 -2.38 26.47
C GLN B 183 -14.93 -1.82 25.80
N VAL B 184 -13.96 -1.37 26.59
CA VAL B 184 -12.75 -0.80 26.01
C VAL B 184 -11.94 -1.87 25.30
N GLN B 185 -11.95 -3.11 25.80
CA GLN B 185 -11.24 -4.19 25.13
C GLN B 185 -11.89 -4.53 23.79
N LEU B 186 -13.24 -4.59 23.77
CA LEU B 186 -13.95 -4.96 22.54
C LEU B 186 -13.95 -3.83 21.52
N LYS B 187 -13.80 -2.58 21.96
CA LYS B 187 -13.95 -1.45 21.03
C LYS B 187 -12.85 -1.45 19.98
N LYS B 188 -11.63 -1.85 20.34
CA LYS B 188 -10.50 -1.78 19.42
C LYS B 188 -10.28 -3.12 18.75
N ILE B 189 -11.25 -3.49 17.91
CA ILE B 189 -11.14 -4.67 17.04
C ILE B 189 -11.31 -4.16 15.61
N HIS B 190 -10.19 -3.99 14.91
CA HIS B 190 -10.20 -3.46 13.56
C HIS B 190 -10.19 -4.54 12.49
N SER B 191 -10.21 -5.81 12.87
CA SER B 191 -10.14 -6.90 11.91
C SER B 191 -11.49 -7.09 11.22
N SER B 192 -11.58 -8.14 10.41
CA SER B 192 -12.82 -8.48 9.74
C SER B 192 -13.28 -9.90 10.02
N VAL B 193 -12.47 -10.73 10.68
CA VAL B 193 -12.84 -12.08 11.06
C VAL B 193 -12.62 -12.23 12.55
N ILE B 194 -13.61 -12.77 13.24
CA ILE B 194 -13.53 -12.98 14.69
C ILE B 194 -13.76 -14.46 14.97
N LEU B 195 -13.00 -15.00 15.92
CA LEU B 195 -13.01 -16.44 16.17
C LEU B 195 -13.49 -16.70 17.59
N LEU B 196 -14.61 -16.09 17.95
CA LEU B 196 -15.13 -16.13 19.31
C LEU B 196 -15.19 -17.57 19.85
N TYR B 197 -15.02 -17.69 21.16
CA TYR B 197 -15.08 -18.99 21.84
C TYR B 197 -15.53 -18.75 23.27
N CYS B 198 -16.73 -19.20 23.60
CA CYS B 198 -17.31 -18.98 24.93
C CYS B 198 -18.42 -20.01 25.14
N SER B 199 -19.21 -19.82 26.18
CA SER B 199 -20.39 -20.63 26.40
C SER B 199 -21.60 -20.00 25.72
N LYS B 200 -22.70 -20.76 25.67
CA LYS B 200 -23.87 -20.32 24.91
C LYS B 200 -24.43 -19.01 25.46
N ASP B 201 -24.66 -18.94 26.76
CA ASP B 201 -25.19 -17.70 27.35
C ASP B 201 -24.18 -16.57 27.23
N GLU B 202 -22.91 -16.85 27.47
CA GLU B 202 -21.87 -15.83 27.33
C GLU B 202 -21.76 -15.37 25.88
N ALA B 203 -21.89 -16.31 24.93
CA ALA B 203 -21.87 -15.92 23.52
C ALA B 203 -23.05 -15.02 23.18
N VAL B 204 -24.23 -15.34 23.72
CA VAL B 204 -25.40 -14.51 23.46
C VAL B 204 -25.18 -13.10 24.00
N LEU B 205 -24.66 -13.00 25.23
CA LEU B 205 -24.40 -11.69 25.82
C LEU B 205 -23.37 -10.92 25.01
N ILE B 206 -22.29 -11.57 24.59
CA ILE B 206 -21.24 -10.89 23.85
C ILE B 206 -21.75 -10.42 22.50
N LEU B 207 -22.51 -11.25 21.79
CA LEU B 207 -23.03 -10.84 20.49
C LEU B 207 -24.05 -9.72 20.63
N SER B 208 -24.88 -9.76 21.68
CA SER B 208 -25.82 -8.67 21.91
C SER B 208 -25.09 -7.36 22.18
N GLU B 209 -24.02 -7.41 22.97
CA GLU B 209 -23.22 -6.21 23.20
C GLU B 209 -22.56 -5.72 21.92
N ALA B 210 -22.05 -6.66 21.11
CA ALA B 210 -21.31 -6.28 19.91
C ALA B 210 -22.22 -5.70 18.84
N ARG B 211 -23.48 -6.13 18.78
CA ARG B 211 -24.39 -5.60 17.78
C ARG B 211 -24.60 -4.11 17.95
N SER B 212 -24.55 -3.61 19.18
CA SER B 212 -24.74 -2.20 19.45
C SER B 212 -23.46 -1.39 19.37
N LEU B 213 -22.32 -2.03 19.10
CA LEU B 213 -21.04 -1.34 18.97
C LEU B 213 -20.62 -1.17 17.52
N GLY B 214 -21.51 -1.40 16.57
CA GLY B 214 -21.16 -1.26 15.17
C GLY B 214 -20.07 -2.21 14.74
N LEU B 215 -20.05 -3.42 15.28
CA LEU B 215 -19.02 -4.39 14.98
C LEU B 215 -19.52 -5.54 14.10
N THR B 216 -20.83 -5.69 13.95
CA THR B 216 -21.41 -6.68 13.04
C THR B 216 -22.16 -5.96 11.95
N GLY B 217 -21.83 -6.25 10.71
CA GLY B 217 -22.44 -5.60 9.57
C GLY B 217 -22.44 -6.53 8.37
N TYR B 218 -22.42 -5.94 7.17
CA TYR B 218 -22.47 -6.74 5.96
C TYR B 218 -21.17 -7.50 5.73
N ASP B 219 -20.04 -6.94 6.17
CA ASP B 219 -18.74 -7.60 6.04
C ASP B 219 -18.12 -7.72 7.44
N PHE B 220 -18.56 -8.76 8.16
CA PHE B 220 -17.96 -9.10 9.45
C PHE B 220 -18.30 -10.57 9.70
N PHE B 221 -17.33 -11.45 9.46
CA PHE B 221 -17.56 -12.89 9.47
C PHE B 221 -17.16 -13.47 10.82
N TRP B 222 -18.14 -13.92 11.59
CA TRP B 222 -17.89 -14.63 12.83
C TRP B 222 -17.70 -16.12 12.54
N ILE B 223 -16.86 -16.76 13.35
CA ILE B 223 -16.68 -18.20 13.33
C ILE B 223 -16.71 -18.70 14.77
N VAL B 224 -17.50 -19.74 15.01
CA VAL B 224 -17.81 -20.17 16.38
C VAL B 224 -17.63 -21.68 16.49
N PRO B 225 -17.12 -22.21 17.62
CA PRO B 225 -16.98 -23.66 17.74
C PRO B 225 -18.31 -24.38 17.96
N SER B 226 -18.25 -25.70 18.15
CA SER B 226 -19.48 -26.49 18.21
C SER B 226 -20.24 -26.27 19.52
N LEU B 227 -19.52 -26.07 20.63
CA LEU B 227 -20.17 -26.04 21.93
C LEU B 227 -21.06 -24.82 22.12
N VAL B 228 -20.94 -23.80 21.28
CA VAL B 228 -21.88 -22.68 21.32
C VAL B 228 -23.13 -23.02 20.52
N SER B 229 -22.97 -23.33 19.25
CA SER B 229 -24.08 -23.80 18.42
C SER B 229 -24.36 -25.25 18.82
N GLY B 230 -25.08 -25.39 19.93
CA GLY B 230 -25.32 -26.69 20.53
C GLY B 230 -26.55 -27.35 19.97
N ASN B 231 -27.57 -27.56 20.79
CA ASN B 231 -28.84 -28.09 20.30
C ASN B 231 -29.37 -27.16 19.22
N THR B 232 -29.40 -27.64 17.97
CA THR B 232 -29.70 -26.77 16.85
C THR B 232 -31.20 -26.56 16.70
N GLU B 233 -31.87 -26.23 17.80
CA GLU B 233 -33.28 -25.89 17.76
C GLU B 233 -33.66 -24.76 18.71
N LEU B 234 -32.70 -24.14 19.38
CA LEU B 234 -32.95 -23.07 20.35
C LEU B 234 -32.14 -21.84 20.00
N ILE B 235 -32.17 -21.45 18.73
CA ILE B 235 -31.43 -20.29 18.24
C ILE B 235 -32.05 -19.02 18.79
N PRO B 236 -31.30 -18.21 19.52
CA PRO B 236 -31.83 -16.97 20.08
C PRO B 236 -31.91 -15.88 19.02
N LYS B 237 -32.33 -14.69 19.45
CA LYS B 237 -32.47 -13.56 18.53
C LYS B 237 -31.13 -12.93 18.18
N GLU B 238 -30.17 -12.96 19.09
CA GLU B 238 -28.94 -12.20 18.92
C GLU B 238 -28.00 -12.78 17.89
N PHE B 239 -28.20 -14.01 17.46
CA PHE B 239 -27.29 -14.62 16.50
C PHE B 239 -27.46 -13.96 15.14
N PRO B 240 -26.42 -13.36 14.56
CA PRO B 240 -26.56 -12.74 13.25
C PRO B 240 -26.84 -13.78 12.18
N SER B 241 -27.56 -13.35 11.14
CA SER B 241 -27.93 -14.24 10.05
C SER B 241 -26.70 -14.51 9.20
N GLY B 242 -26.05 -15.64 9.46
CA GLY B 242 -24.86 -16.02 8.74
C GLY B 242 -23.62 -16.02 9.62
N LEU B 243 -23.25 -17.22 10.09
CA LEU B 243 -22.06 -17.39 10.91
C LEU B 243 -21.67 -18.86 10.85
N ILE B 244 -20.41 -19.13 10.57
CA ILE B 244 -19.94 -20.50 10.35
C ILE B 244 -19.60 -21.11 11.70
N SER B 245 -20.14 -22.31 11.96
CA SER B 245 -19.88 -22.98 13.24
C SER B 245 -19.85 -24.48 12.97
N VAL B 246 -18.65 -25.05 12.93
CA VAL B 246 -18.50 -26.48 12.68
C VAL B 246 -19.06 -27.26 13.85
N SER B 247 -19.89 -28.26 13.55
CA SER B 247 -20.51 -29.10 14.58
C SER B 247 -20.45 -30.54 14.11
N TYR B 248 -21.16 -31.42 14.81
CA TYR B 248 -21.22 -32.82 14.47
C TYR B 248 -22.44 -33.11 13.60
N ASP B 249 -22.43 -34.28 12.97
CA ASP B 249 -23.43 -34.64 11.96
C ASP B 249 -24.55 -35.41 12.63
N ASP B 250 -25.65 -34.71 12.94
CA ASP B 250 -26.82 -35.33 13.51
C ASP B 250 -27.99 -35.40 12.52
N TRP B 251 -27.85 -34.82 11.34
CA TRP B 251 -28.91 -34.92 10.33
C TRP B 251 -28.83 -36.23 9.57
N ASP B 252 -27.71 -36.48 8.91
CA ASP B 252 -27.45 -37.78 8.32
C ASP B 252 -26.82 -38.68 9.38
N TYR B 253 -26.32 -39.85 8.98
CA TYR B 253 -25.66 -40.77 9.89
C TYR B 253 -26.59 -41.16 11.04
N SER B 254 -27.66 -41.86 10.69
CA SER B 254 -28.71 -42.17 11.66
C SER B 254 -28.19 -43.10 12.75
N LEU B 255 -29.00 -43.25 13.80
CA LEU B 255 -28.59 -43.97 14.99
C LEU B 255 -28.33 -45.45 14.71
N GLU B 256 -29.14 -46.04 13.84
CA GLU B 256 -28.97 -47.46 13.52
C GLU B 256 -27.59 -47.72 12.93
N ALA B 257 -27.11 -46.83 12.06
CA ALA B 257 -25.77 -46.95 11.52
C ALA B 257 -24.72 -46.87 12.63
N ARG B 258 -24.94 -45.99 13.60
CA ARG B 258 -24.00 -45.88 14.71
C ARG B 258 -23.92 -47.16 15.52
N VAL B 259 -25.09 -47.75 15.83
CA VAL B 259 -25.10 -48.99 16.59
C VAL B 259 -24.44 -50.11 15.80
N ARG B 260 -24.73 -50.18 14.49
CA ARG B 260 -24.09 -51.18 13.64
C ARG B 260 -22.57 -51.02 13.66
N ASP B 261 -22.10 -49.78 13.54
CA ASP B 261 -20.66 -49.52 13.52
C ASP B 261 -20.01 -49.93 14.84
N GLY B 262 -20.65 -49.61 15.96
CA GLY B 262 -20.09 -49.99 17.24
C GLY B 262 -20.01 -51.49 17.41
N ILE B 263 -21.10 -52.20 17.08
CA ILE B 263 -21.09 -53.65 17.21
C ILE B 263 -20.03 -54.26 16.30
N GLY B 264 -19.91 -53.75 15.08
CA GLY B 264 -18.91 -54.26 14.16
C GLY B 264 -17.50 -54.02 14.63
N ILE B 265 -17.24 -52.84 15.19
CA ILE B 265 -15.88 -52.56 15.66
C ILE B 265 -15.54 -53.48 16.82
N LEU B 266 -16.50 -53.77 17.68
CA LEU B 266 -16.23 -54.67 18.80
C LEU B 266 -15.97 -56.09 18.35
N THR B 267 -16.81 -56.60 17.44
CA THR B 267 -16.57 -57.98 16.99
C THR B 267 -15.28 -58.09 16.20
N THR B 268 -14.91 -57.04 15.46
CA THR B 268 -13.62 -57.06 14.75
C THR B 268 -12.45 -57.09 15.73
N ALA B 269 -12.53 -56.30 16.81
CA ALA B 269 -11.48 -56.34 17.81
C ALA B 269 -11.39 -57.72 18.47
N ALA B 270 -12.55 -58.32 18.77
CA ALA B 270 -12.55 -59.66 19.35
C ALA B 270 -11.95 -60.68 18.39
N SER B 271 -12.27 -60.56 17.10
CA SER B 271 -11.70 -61.47 16.12
C SER B 271 -10.19 -61.31 16.02
N SER B 272 -9.71 -60.06 16.09
CA SER B 272 -8.27 -59.83 16.06
C SER B 272 -7.58 -60.47 17.26
N MET B 273 -8.17 -60.32 18.46
CA MET B 273 -7.59 -60.95 19.64
C MET B 273 -7.58 -62.47 19.51
N LEU B 274 -8.70 -63.03 19.01
CA LEU B 274 -8.79 -64.47 18.82
C LEU B 274 -7.71 -64.97 17.85
N GLU B 275 -7.60 -64.32 16.69
CA GLU B 275 -6.58 -64.70 15.72
C GLU B 275 -5.18 -64.51 16.25
N LYS B 276 -4.98 -63.60 17.22
CA LYS B 276 -3.65 -63.40 17.77
C LYS B 276 -3.28 -64.50 18.76
N PHE B 277 -3.97 -64.56 19.91
CA PHE B 277 -3.58 -65.51 20.94
C PHE B 277 -4.79 -66.09 21.67
N SER B 278 -5.80 -66.55 20.92
CA SER B 278 -7.15 -66.72 21.46
C SER B 278 -7.19 -67.42 22.83
N TYR B 279 -7.55 -66.63 23.84
CA TYR B 279 -7.81 -67.11 25.20
C TYR B 279 -8.93 -66.31 25.83
N ILE B 280 -9.88 -65.85 25.02
CA ILE B 280 -10.85 -64.79 25.35
C ILE B 280 -11.37 -64.93 26.77
N PRO B 281 -11.21 -63.92 27.62
CA PRO B 281 -11.61 -64.01 29.02
C PRO B 281 -13.12 -63.86 29.17
N GLU B 282 -13.57 -63.92 30.41
CA GLU B 282 -14.98 -63.79 30.75
C GLU B 282 -15.18 -62.55 31.62
N ALA B 283 -16.41 -62.39 32.11
CA ALA B 283 -16.73 -61.24 32.95
C ALA B 283 -15.98 -61.32 34.27
N LYS B 284 -15.57 -60.14 34.77
CA LYS B 284 -14.86 -60.04 36.04
C LYS B 284 -15.82 -60.20 37.21
N ALA B 285 -16.39 -61.40 37.32
CA ALA B 285 -17.30 -61.77 38.40
C ALA B 285 -18.40 -60.72 38.57
N SER B 286 -18.24 -59.84 39.55
CA SER B 286 -19.17 -58.73 39.76
C SER B 286 -18.41 -57.57 40.38
N CYS B 287 -18.92 -56.37 40.14
CA CYS B 287 -18.32 -55.17 40.70
C CYS B 287 -18.84 -54.85 42.10
N TYR B 288 -19.81 -55.61 42.59
CA TYR B 288 -20.42 -55.40 43.90
C TYR B 288 -19.72 -56.17 45.00
N GLY B 289 -18.61 -56.84 44.69
CA GLY B 289 -17.95 -57.71 45.65
C GLY B 289 -17.24 -57.00 46.78
N GLN B 290 -16.29 -57.70 47.40
CA GLN B 290 -15.59 -57.17 48.57
C GLN B 290 -14.30 -56.45 48.19
N MET B 291 -13.38 -57.16 47.53
CA MET B 291 -12.10 -56.59 47.14
C MET B 291 -11.76 -57.03 45.72
N GLU B 292 -10.99 -56.19 45.03
CA GLU B 292 -10.55 -56.46 43.67
C GLU B 292 -9.02 -56.48 43.64
N ARG B 293 -8.45 -57.59 43.18
CA ARG B 293 -7.00 -57.73 43.08
C ARG B 293 -6.59 -57.64 41.62
N PRO B 294 -5.89 -56.58 41.20
CA PRO B 294 -5.51 -56.46 39.78
C PRO B 294 -4.42 -57.44 39.39
N GLU B 295 -4.80 -58.47 38.64
CA GLU B 295 -3.87 -59.49 38.15
C GLU B 295 -4.21 -59.83 36.70
N VAL B 296 -4.43 -58.81 35.89
CA VAL B 296 -4.80 -59.04 34.48
C VAL B 296 -3.65 -59.76 33.77
N PRO B 297 -3.90 -60.89 33.12
CA PRO B 297 -2.79 -61.63 32.47
C PRO B 297 -2.08 -60.82 31.39
N MET B 298 -2.81 -60.00 30.64
CA MET B 298 -2.22 -59.08 29.68
C MET B 298 -3.25 -57.99 29.38
N HIS B 299 -2.84 -57.03 28.55
CA HIS B 299 -3.78 -56.05 28.03
C HIS B 299 -4.88 -56.77 27.27
N THR B 300 -6.10 -56.74 27.79
CA THR B 300 -7.18 -57.60 27.31
C THR B 300 -7.52 -57.34 25.84
N LEU B 301 -8.10 -56.17 25.55
CA LEU B 301 -8.39 -55.81 24.17
C LEU B 301 -8.19 -54.33 23.88
N HIS B 302 -7.72 -53.54 24.85
CA HIS B 302 -7.53 -52.11 24.61
C HIS B 302 -6.52 -51.82 23.50
N PRO B 303 -5.35 -52.46 23.45
CA PRO B 303 -4.40 -52.12 22.37
C PRO B 303 -4.83 -52.62 21.00
N PHE B 304 -5.91 -53.39 20.90
CA PHE B 304 -6.34 -53.96 19.63
C PHE B 304 -7.43 -53.17 18.94
N MET B 305 -7.84 -52.02 19.49
CA MET B 305 -8.81 -51.16 18.84
C MET B 305 -8.18 -50.12 17.91
N VAL B 306 -6.86 -50.12 17.79
CA VAL B 306 -6.16 -49.25 16.86
C VAL B 306 -5.91 -50.01 15.57
N ASN B 307 -6.05 -49.33 14.44
CA ASN B 307 -5.88 -49.93 13.12
C ASN B 307 -6.86 -51.10 12.92
N VAL B 308 -8.14 -50.76 12.93
CA VAL B 308 -9.22 -51.70 12.71
C VAL B 308 -10.13 -51.15 11.62
N THR B 309 -10.42 -51.99 10.62
CA THR B 309 -11.16 -51.57 9.44
C THR B 309 -12.41 -52.42 9.28
N TRP B 310 -13.54 -51.78 8.99
CA TRP B 310 -14.82 -52.45 8.83
C TRP B 310 -15.40 -52.11 7.47
N ASP B 311 -15.52 -53.12 6.60
CA ASP B 311 -16.11 -53.04 5.26
C ASP B 311 -15.84 -51.72 4.55
N GLY B 312 -14.57 -51.39 4.36
CA GLY B 312 -14.17 -50.17 3.68
C GLY B 312 -13.98 -48.98 4.58
N LYS B 313 -14.88 -48.80 5.55
CA LYS B 313 -14.72 -47.75 6.54
C LYS B 313 -13.44 -47.98 7.34
N ASP B 314 -12.75 -46.89 7.66
CA ASP B 314 -11.47 -46.94 8.37
C ASP B 314 -11.58 -46.29 9.74
N LEU B 315 -12.66 -46.57 10.47
CA LEU B 315 -12.84 -45.98 11.79
C LEU B 315 -11.81 -46.57 12.75
N SER B 316 -10.88 -45.74 13.20
CA SER B 316 -9.85 -46.18 14.13
C SER B 316 -9.63 -45.07 15.15
N PHE B 317 -8.94 -45.42 16.23
CA PHE B 317 -8.79 -44.52 17.37
C PHE B 317 -7.31 -44.24 17.64
N THR B 318 -7.04 -43.05 18.13
CA THR B 318 -5.71 -42.70 18.63
C THR B 318 -5.59 -43.10 20.10
N GLU B 319 -4.34 -43.28 20.53
CA GLU B 319 -4.10 -43.66 21.92
C GLU B 319 -4.62 -42.64 22.90
N GLU B 320 -4.75 -41.38 22.49
CA GLU B 320 -5.36 -40.37 23.36
C GLU B 320 -6.82 -40.72 23.65
N GLY B 321 -7.54 -41.21 22.65
CA GLY B 321 -8.89 -41.69 22.86
C GLY B 321 -9.96 -41.02 22.02
N TYR B 322 -9.56 -40.24 21.02
CA TYR B 322 -10.52 -39.63 20.11
C TYR B 322 -10.75 -40.56 18.92
N GLN B 323 -11.43 -40.06 17.89
CA GLN B 323 -11.63 -40.78 16.65
C GLN B 323 -10.68 -40.22 15.60
N VAL B 324 -10.02 -41.11 14.85
CA VAL B 324 -9.00 -40.68 13.89
C VAL B 324 -9.63 -39.89 12.76
N HIS B 325 -10.78 -40.34 12.24
CA HIS B 325 -11.45 -39.71 11.11
C HIS B 325 -12.84 -39.27 11.56
N PRO B 326 -12.95 -38.12 12.23
CA PRO B 326 -14.27 -37.65 12.68
C PRO B 326 -15.16 -37.30 11.50
N ARG B 327 -16.47 -37.47 11.70
CA ARG B 327 -17.45 -37.15 10.66
C ARG B 327 -18.05 -35.77 10.92
N LEU B 328 -17.20 -34.76 10.75
CA LEU B 328 -17.60 -33.39 11.02
C LEU B 328 -18.47 -32.84 9.90
N VAL B 329 -18.95 -31.62 10.07
CA VAL B 329 -19.81 -30.96 9.10
C VAL B 329 -19.81 -29.48 9.40
N VAL B 330 -19.87 -28.65 8.36
CA VAL B 330 -19.85 -27.21 8.49
C VAL B 330 -21.25 -26.69 8.20
N ILE B 331 -21.79 -25.90 9.13
CA ILE B 331 -23.15 -25.38 9.01
C ILE B 331 -23.13 -23.87 9.13
N VAL B 332 -24.12 -23.23 8.51
CA VAL B 332 -24.24 -21.78 8.49
C VAL B 332 -25.71 -21.41 8.67
N LEU B 333 -25.95 -20.37 9.46
CA LEU B 333 -27.31 -19.93 9.77
C LEU B 333 -27.79 -18.98 8.67
N ASN B 334 -28.68 -19.47 7.80
CA ASN B 334 -29.10 -18.71 6.65
C ASN B 334 -30.12 -17.65 7.05
N LYS B 335 -30.75 -17.02 6.06
CA LYS B 335 -31.64 -15.89 6.33
C LYS B 335 -33.02 -16.31 6.83
N ASP B 336 -33.33 -17.60 6.83
CA ASP B 336 -34.62 -18.09 7.30
C ASP B 336 -34.57 -18.54 8.75
N ARG B 337 -33.45 -18.33 9.44
CA ARG B 337 -33.29 -18.66 10.86
C ARG B 337 -33.45 -20.16 11.11
N GLU B 338 -32.60 -20.94 10.42
CA GLU B 338 -32.40 -22.35 10.74
C GLU B 338 -31.09 -22.78 10.11
N TRP B 339 -30.43 -23.75 10.74
CA TRP B 339 -29.09 -24.14 10.30
C TRP B 339 -29.15 -24.92 8.99
N GLU B 340 -28.38 -24.46 8.01
CA GLU B 340 -28.22 -25.16 6.75
C GLU B 340 -27.03 -26.11 6.87
N LYS B 341 -26.56 -26.64 5.75
CA LYS B 341 -25.41 -27.54 5.76
C LYS B 341 -24.62 -27.35 4.49
N VAL B 342 -23.34 -26.99 4.62
CA VAL B 342 -22.45 -26.79 3.48
C VAL B 342 -21.10 -27.41 3.78
N GLY B 343 -20.77 -28.47 3.06
CA GLY B 343 -19.43 -29.04 3.12
C GLY B 343 -19.19 -29.97 4.30
N LYS B 344 -18.64 -31.15 4.00
CA LYS B 344 -18.25 -32.12 5.02
C LYS B 344 -16.73 -32.09 5.21
N TRP B 345 -16.21 -33.07 5.94
CA TRP B 345 -14.76 -33.20 6.15
C TRP B 345 -14.50 -34.70 6.26
N GLU B 346 -14.15 -35.31 5.13
CA GLU B 346 -14.18 -36.77 5.02
C GLU B 346 -12.83 -37.43 5.31
N ASN B 347 -11.82 -37.20 4.46
CA ASN B 347 -10.55 -37.86 4.69
C ASN B 347 -9.57 -36.95 5.41
N HIS B 348 -9.13 -35.90 4.74
CA HIS B 348 -8.44 -34.80 5.40
C HIS B 348 -8.72 -33.46 4.76
N THR B 349 -9.59 -33.39 3.76
CA THR B 349 -9.84 -32.17 3.00
C THR B 349 -11.21 -31.60 3.35
N LEU B 350 -11.48 -30.41 2.83
CA LEU B 350 -12.70 -29.70 3.14
C LEU B 350 -13.80 -29.98 2.12
N SER B 351 -13.55 -29.67 0.85
CA SER B 351 -14.53 -29.87 -0.22
C SER B 351 -15.82 -29.11 0.06
N LEU B 352 -15.70 -27.79 0.13
CA LEU B 352 -16.84 -26.94 0.43
C LEU B 352 -17.81 -26.89 -0.73
N ARG B 353 -19.05 -26.50 -0.43
CA ARG B 353 -20.15 -26.54 -1.39
C ARG B 353 -20.42 -25.18 -2.02
N HIS B 354 -19.70 -24.14 -1.63
CA HIS B 354 -19.88 -22.81 -2.20
C HIS B 354 -18.52 -22.29 -2.66
N ALA B 355 -18.40 -22.02 -3.96
CA ALA B 355 -17.12 -21.56 -4.51
C ALA B 355 -16.74 -20.20 -3.96
N VAL B 356 -17.70 -19.29 -3.85
CA VAL B 356 -17.48 -17.97 -3.30
C VAL B 356 -18.57 -17.69 -2.28
N TRP B 357 -18.18 -17.23 -1.09
CA TRP B 357 -19.09 -17.00 0.02
C TRP B 357 -20.21 -16.05 -0.38
N PRO B 358 -21.45 -16.53 -0.46
CA PRO B 358 -22.56 -15.62 -0.77
C PRO B 358 -22.69 -14.56 0.30
N ARG B 359 -23.01 -13.34 -0.13
CA ARG B 359 -23.18 -12.25 0.82
C ARG B 359 -24.46 -12.45 1.61
N TYR B 360 -24.37 -12.34 2.93
CA TYR B 360 -25.49 -12.60 3.83
C TYR B 360 -25.89 -11.31 4.53
N LYS B 361 -27.19 -11.04 4.58
CA LYS B 361 -27.69 -9.88 5.32
C LYS B 361 -27.57 -10.14 6.81
N SER B 362 -26.78 -9.32 7.50
CA SER B 362 -26.45 -9.59 8.89
C SER B 362 -27.68 -9.55 9.78
N PHE B 363 -28.56 -8.57 9.57
CA PHE B 363 -29.68 -8.36 10.46
C PHE B 363 -30.86 -7.80 9.67
N SER B 364 -31.96 -7.54 10.39
CA SER B 364 -33.17 -7.04 9.75
C SER B 364 -32.98 -5.62 9.22
N ASP B 365 -32.30 -4.77 9.99
CA ASP B 365 -32.10 -3.37 9.64
C ASP B 365 -30.61 -3.05 9.73
N CYS B 366 -29.91 -3.25 8.62
CA CYS B 366 -28.49 -2.95 8.51
C CYS B 366 -28.23 -2.10 7.28
N GLU B 367 -27.02 -1.59 7.18
CA GLU B 367 -26.65 -0.74 6.05
C GLU B 367 -26.47 -1.58 4.80
N PRO B 368 -27.18 -1.29 3.71
CA PRO B 368 -26.96 -2.03 2.46
C PRO B 368 -25.56 -1.79 1.91
N ASP B 369 -25.02 -2.80 1.24
CA ASP B 369 -23.68 -2.72 0.69
C ASP B 369 -23.67 -1.94 -0.61
N ASP B 370 -22.62 -1.14 -0.80
CA ASP B 370 -22.42 -0.39 -2.03
C ASP B 370 -20.99 -0.48 -2.52
N ASN B 371 -20.21 -1.42 -1.99
CA ASN B 371 -18.80 -1.58 -2.35
C ASN B 371 -18.50 -2.98 -2.87
N HIS B 372 -19.50 -3.68 -3.39
CA HIS B 372 -19.33 -5.03 -3.93
C HIS B 372 -19.83 -5.06 -5.36
N LEU B 373 -18.96 -5.47 -6.28
CA LEU B 373 -19.28 -5.49 -7.70
C LEU B 373 -19.09 -6.90 -8.25
N SER B 374 -19.37 -7.06 -9.54
CA SER B 374 -19.40 -8.36 -10.20
C SER B 374 -18.67 -8.29 -11.54
N ILE B 375 -17.45 -7.75 -11.52
CA ILE B 375 -16.64 -7.64 -12.72
C ILE B 375 -16.57 -8.98 -13.45
N VAL B 376 -16.64 -8.94 -14.78
CA VAL B 376 -16.61 -10.12 -15.63
C VAL B 376 -15.54 -9.93 -16.69
N THR B 377 -14.76 -10.99 -16.94
CA THR B 377 -13.67 -10.93 -17.92
C THR B 377 -13.61 -12.24 -18.69
N LEU B 378 -12.72 -12.27 -19.69
CA LEU B 378 -12.50 -13.44 -20.53
C LEU B 378 -11.01 -13.52 -20.87
N GLU B 379 -10.49 -14.74 -20.96
CA GLU B 379 -9.06 -14.96 -21.11
C GLU B 379 -8.60 -14.54 -22.50
N GLU B 380 -7.84 -13.45 -22.56
CA GLU B 380 -7.08 -13.08 -23.75
C GLU B 380 -5.60 -13.18 -23.40
N ALA B 381 -4.86 -13.97 -24.18
CA ALA B 381 -3.53 -14.40 -23.75
C ALA B 381 -2.59 -13.26 -23.37
N PRO B 382 -2.45 -12.18 -24.15
CA PRO B 382 -1.48 -11.14 -23.76
C PRO B 382 -1.92 -10.32 -22.55
N PHE B 383 -3.21 -10.34 -22.19
CA PHE B 383 -3.74 -9.39 -21.23
C PHE B 383 -4.21 -10.02 -19.93
N VAL B 384 -4.98 -11.11 -20.00
CA VAL B 384 -5.42 -11.83 -18.81
C VAL B 384 -5.10 -13.31 -19.00
N ILE B 385 -4.23 -13.84 -18.15
CA ILE B 385 -3.81 -15.24 -18.22
C ILE B 385 -4.31 -15.95 -16.97
N VAL B 386 -4.91 -17.12 -17.17
CA VAL B 386 -5.49 -17.90 -16.08
C VAL B 386 -4.68 -19.18 -15.92
N GLU B 387 -4.25 -19.45 -14.69
CA GLU B 387 -3.50 -20.67 -14.40
C GLU B 387 -3.88 -21.17 -13.01
N ASP B 388 -3.72 -22.47 -12.82
CA ASP B 388 -4.06 -23.08 -11.55
C ASP B 388 -3.11 -22.64 -10.45
N ILE B 389 -3.59 -22.68 -9.21
CA ILE B 389 -2.78 -22.22 -8.08
C ILE B 389 -1.67 -23.23 -7.79
N ASP B 390 -0.62 -22.73 -7.14
CA ASP B 390 0.54 -23.56 -6.86
C ASP B 390 0.19 -24.65 -5.84
N PRO B 391 0.78 -25.84 -5.99
CA PRO B 391 0.53 -26.90 -5.00
C PRO B 391 0.93 -26.53 -3.59
N LEU B 392 2.01 -25.76 -3.43
CA LEU B 392 2.41 -25.28 -2.12
C LEU B 392 1.51 -24.11 -1.70
N THR B 393 1.33 -23.99 -0.37
CA THR B 393 0.53 -22.93 0.27
C THR B 393 -0.74 -22.62 -0.51
N GLU B 394 -1.64 -23.59 -0.61
CA GLU B 394 -2.76 -23.48 -1.54
C GLU B 394 -3.77 -22.42 -1.12
N THR B 395 -3.36 -21.15 -1.13
CA THR B 395 -4.33 -20.06 -1.13
C THR B 395 -4.33 -19.34 -2.46
N CYS B 396 -3.22 -18.70 -2.84
CA CYS B 396 -2.64 -18.69 -4.18
C CYS B 396 -1.49 -17.67 -4.19
N VAL B 397 -0.87 -17.50 -5.35
CA VAL B 397 0.33 -16.68 -5.50
C VAL B 397 0.04 -15.26 -5.05
N ARG B 398 1.09 -14.53 -4.68
CA ARG B 398 0.97 -13.27 -3.97
C ARG B 398 0.88 -12.04 -4.87
N ASN B 399 0.82 -12.22 -6.19
CA ASN B 399 0.73 -11.10 -7.13
C ASN B 399 -0.38 -11.32 -8.15
N THR B 400 -1.45 -11.99 -7.75
CA THR B 400 -2.52 -12.31 -8.66
C THR B 400 -3.85 -12.18 -7.92
N VAL B 401 -4.94 -12.40 -8.66
CA VAL B 401 -6.28 -12.23 -8.12
C VAL B 401 -7.09 -13.47 -8.45
N PRO B 402 -7.91 -13.99 -7.53
CA PRO B 402 -8.66 -15.23 -7.82
C PRO B 402 -9.78 -15.02 -8.82
N CYS B 403 -9.55 -15.46 -10.06
CA CYS B 403 -10.55 -15.44 -11.12
C CYS B 403 -11.29 -16.77 -11.10
N ARG B 404 -12.38 -16.84 -10.34
CA ARG B 404 -13.22 -18.02 -10.36
C ARG B 404 -13.86 -18.16 -11.74
N LYS B 405 -14.11 -19.41 -12.14
CA LYS B 405 -14.56 -19.69 -13.50
C LYS B 405 -15.60 -20.79 -13.46
N PHE B 406 -16.05 -21.17 -14.66
CA PHE B 406 -17.03 -22.24 -14.84
C PHE B 406 -16.40 -23.35 -15.67
N VAL B 407 -16.46 -24.57 -15.16
CA VAL B 407 -15.94 -25.74 -15.85
C VAL B 407 -17.00 -26.83 -15.83
N LYS B 408 -16.88 -27.76 -16.77
CA LYS B 408 -17.81 -28.89 -16.87
C LYS B 408 -17.01 -30.16 -17.12
N ILE B 409 -17.30 -31.20 -16.35
CA ILE B 409 -16.61 -32.47 -16.51
C ILE B 409 -17.05 -33.12 -17.81
N ASN B 410 -16.09 -33.59 -18.59
CA ASN B 410 -16.34 -34.21 -19.90
C ASN B 410 -17.07 -33.19 -20.79
N ASN B 411 -17.96 -33.68 -21.66
CA ASN B 411 -18.74 -32.81 -22.54
C ASN B 411 -20.23 -32.83 -22.21
N SER B 412 -20.84 -34.01 -22.19
CA SER B 412 -22.27 -34.09 -21.91
C SER B 412 -22.58 -33.69 -20.47
N THR B 413 -21.75 -34.11 -19.52
CA THR B 413 -22.03 -33.85 -18.11
C THR B 413 -21.88 -32.36 -17.80
N ASN B 414 -22.91 -31.80 -17.18
CA ASN B 414 -22.91 -30.39 -16.76
C ASN B 414 -22.42 -30.23 -15.33
N GLU B 415 -21.24 -30.76 -15.03
CA GLU B 415 -20.67 -30.68 -13.69
C GLU B 415 -20.08 -29.28 -13.51
N GLY B 416 -20.96 -28.34 -13.18
CA GLY B 416 -20.57 -26.95 -13.00
C GLY B 416 -19.79 -26.70 -11.74
N MET B 417 -18.66 -27.39 -11.58
CA MET B 417 -17.80 -27.23 -10.41
C MET B 417 -16.99 -25.96 -10.59
N ASN B 418 -17.44 -24.88 -9.95
CA ASN B 418 -16.75 -23.60 -10.07
C ASN B 418 -15.44 -23.64 -9.30
N VAL B 419 -14.35 -23.99 -9.98
CA VAL B 419 -13.04 -24.07 -9.35
C VAL B 419 -12.55 -22.66 -9.03
N LYS B 420 -11.51 -22.56 -8.21
CA LYS B 420 -10.92 -21.27 -7.87
C LYS B 420 -9.46 -21.28 -8.33
N LYS B 421 -9.20 -20.57 -9.42
CA LYS B 421 -7.86 -20.37 -9.95
C LYS B 421 -7.61 -18.88 -10.02
N CYS B 422 -6.39 -18.44 -9.73
CA CYS B 422 -6.11 -17.01 -9.80
C CYS B 422 -5.50 -16.61 -11.13
N CYS B 423 -5.98 -15.49 -11.65
CA CYS B 423 -5.65 -14.97 -12.97
C CYS B 423 -4.80 -13.72 -12.82
N LYS B 424 -4.02 -13.41 -13.86
CA LYS B 424 -3.12 -12.27 -13.81
C LYS B 424 -2.83 -11.78 -15.22
N GLY B 425 -2.30 -10.57 -15.32
CA GLY B 425 -1.89 -10.01 -16.58
C GLY B 425 -1.86 -8.50 -16.62
N PHE B 426 -2.44 -7.91 -17.67
CA PHE B 426 -2.46 -6.45 -17.84
C PHE B 426 -3.74 -5.86 -17.25
N CYS B 427 -4.90 -6.31 -17.73
CA CYS B 427 -6.17 -5.76 -17.26
C CYS B 427 -6.37 -6.01 -15.78
N ILE B 428 -5.84 -7.11 -15.26
CA ILE B 428 -5.95 -7.38 -13.83
C ILE B 428 -5.13 -6.38 -13.03
N ASP B 429 -3.96 -5.99 -13.54
CA ASP B 429 -3.18 -4.96 -12.89
C ASP B 429 -3.91 -3.62 -12.87
N ILE B 430 -4.56 -3.29 -13.99
CA ILE B 430 -5.35 -2.07 -14.05
C ILE B 430 -6.48 -2.11 -13.03
N LEU B 431 -7.16 -3.27 -12.92
CA LEU B 431 -8.23 -3.40 -11.94
C LEU B 431 -7.71 -3.26 -10.51
N LYS B 432 -6.56 -3.86 -10.23
CA LYS B 432 -5.97 -3.76 -8.90
C LYS B 432 -5.64 -2.32 -8.55
N LYS B 433 -5.03 -1.60 -9.49
CA LYS B 433 -4.70 -0.19 -9.24
C LYS B 433 -5.95 0.66 -9.14
N LEU B 434 -7.00 0.31 -9.88
CA LEU B 434 -8.22 1.09 -9.89
C LEU B 434 -9.00 0.93 -8.60
N SER B 435 -9.04 -0.29 -8.04
CA SER B 435 -9.79 -0.51 -6.81
C SER B 435 -9.18 0.21 -5.63
N ARG B 436 -7.95 0.69 -5.75
CA ARG B 436 -7.30 1.37 -4.62
C ARG B 436 -7.87 2.77 -4.43
N THR B 437 -8.06 3.52 -5.52
CA THR B 437 -8.45 4.91 -5.43
C THR B 437 -9.95 5.13 -5.52
N VAL B 438 -10.75 4.07 -5.70
CA VAL B 438 -12.20 4.19 -5.68
C VAL B 438 -12.80 3.46 -4.48
N LYS B 439 -12.05 2.59 -3.81
CA LYS B 439 -12.47 1.95 -2.57
C LYS B 439 -13.76 1.13 -2.75
N PHE B 440 -13.65 0.08 -3.56
CA PHE B 440 -14.69 -0.93 -3.65
C PHE B 440 -14.05 -2.30 -3.49
N THR B 441 -14.90 -3.33 -3.50
CA THR B 441 -14.46 -4.72 -3.40
C THR B 441 -15.04 -5.50 -4.57
N TYR B 442 -14.24 -6.36 -5.16
CA TYR B 442 -14.59 -7.04 -6.40
C TYR B 442 -14.50 -8.55 -6.25
N ASP B 443 -15.43 -9.24 -6.91
CA ASP B 443 -15.43 -10.70 -6.97
C ASP B 443 -15.67 -11.07 -8.43
N LEU B 444 -14.58 -11.16 -9.20
CA LEU B 444 -14.69 -11.30 -10.64
C LEU B 444 -14.71 -12.77 -11.06
N TYR B 445 -15.23 -13.01 -12.27
CA TYR B 445 -15.43 -14.37 -12.75
C TYR B 445 -15.37 -14.39 -14.27
N LEU B 446 -14.81 -15.46 -14.81
CA LEU B 446 -14.72 -15.63 -16.26
C LEU B 446 -16.09 -15.92 -16.86
N VAL B 447 -16.22 -15.63 -18.15
CA VAL B 447 -17.48 -15.87 -18.84
C VAL B 447 -17.59 -17.34 -19.22
N THR B 448 -18.83 -17.79 -19.43
CA THR B 448 -19.10 -19.20 -19.68
C THR B 448 -19.31 -19.52 -21.15
N ASN B 449 -20.27 -18.86 -21.79
CA ASN B 449 -20.63 -19.14 -23.17
C ASN B 449 -20.37 -17.92 -24.04
N GLY B 450 -19.80 -18.16 -25.23
CA GLY B 450 -19.50 -17.10 -26.16
C GLY B 450 -18.20 -16.40 -25.83
N LYS B 451 -17.76 -15.56 -26.76
CA LYS B 451 -16.54 -14.79 -26.60
C LYS B 451 -16.74 -13.41 -27.21
N HIS B 452 -16.31 -12.38 -26.47
CA HIS B 452 -16.41 -10.98 -26.90
C HIS B 452 -17.90 -10.67 -27.13
N GLY B 453 -18.26 -10.00 -28.22
CA GLY B 453 -19.65 -9.68 -28.46
C GLY B 453 -20.10 -9.85 -29.88
N LYS B 454 -21.24 -10.52 -30.07
CA LYS B 454 -21.82 -10.70 -31.40
C LYS B 454 -23.33 -10.88 -31.22
N LYS B 455 -24.09 -9.83 -31.49
CA LYS B 455 -25.53 -9.87 -31.29
C LYS B 455 -26.17 -10.80 -32.31
N VAL B 456 -26.90 -11.80 -31.82
CA VAL B 456 -27.61 -12.76 -32.65
C VAL B 456 -29.07 -12.79 -32.21
N ASN B 457 -29.98 -12.66 -33.17
CA ASN B 457 -31.42 -12.63 -32.90
C ASN B 457 -31.76 -11.55 -31.87
N ASN B 458 -31.13 -10.39 -32.02
CA ASN B 458 -31.33 -9.25 -31.12
C ASN B 458 -31.00 -9.59 -29.67
N VAL B 459 -30.09 -10.53 -29.47
CA VAL B 459 -29.63 -10.93 -28.14
C VAL B 459 -28.11 -11.03 -28.17
N TRP B 460 -27.46 -10.34 -27.23
CA TRP B 460 -26.01 -10.35 -27.15
C TRP B 460 -25.52 -11.58 -26.40
N ASN B 461 -24.21 -11.81 -26.48
CA ASN B 461 -23.57 -12.91 -25.75
C ASN B 461 -22.11 -12.57 -25.55
N GLY B 462 -21.55 -13.09 -24.45
CA GLY B 462 -20.16 -12.82 -24.13
C GLY B 462 -20.00 -11.71 -23.11
N MET B 463 -18.93 -10.92 -23.24
CA MET B 463 -18.70 -9.81 -22.32
C MET B 463 -19.86 -8.83 -22.35
N ILE B 464 -20.30 -8.45 -23.55
CA ILE B 464 -21.39 -7.49 -23.68
C ILE B 464 -22.69 -8.08 -23.16
N GLY B 465 -22.89 -9.39 -23.38
CA GLY B 465 -24.15 -10.01 -22.98
C GLY B 465 -24.43 -9.90 -21.50
N GLU B 466 -23.41 -10.13 -20.67
CA GLU B 466 -23.61 -10.07 -19.23
C GLU B 466 -23.90 -8.65 -18.76
N VAL B 467 -23.24 -7.65 -19.34
CA VAL B 467 -23.34 -6.29 -18.82
C VAL B 467 -24.72 -5.71 -19.09
N VAL B 468 -25.26 -5.89 -20.31
CA VAL B 468 -26.49 -5.22 -20.67
C VAL B 468 -27.71 -5.85 -20.00
N TYR B 469 -27.61 -7.10 -19.55
CA TYR B 469 -28.74 -7.78 -18.94
C TYR B 469 -28.77 -7.63 -17.42
N GLN B 470 -28.14 -6.58 -16.88
CA GLN B 470 -28.14 -6.30 -15.45
C GLN B 470 -27.64 -7.49 -14.64
N ARG B 471 -26.63 -8.18 -15.19
CA ARG B 471 -26.05 -9.34 -14.52
C ARG B 471 -24.67 -9.10 -13.94
N ALA B 472 -23.94 -8.10 -14.43
CA ALA B 472 -22.57 -7.87 -13.98
C ALA B 472 -22.16 -6.46 -14.36
N VAL B 473 -21.78 -5.67 -13.37
CA VAL B 473 -21.22 -4.34 -13.62
C VAL B 473 -19.76 -4.51 -14.03
N MET B 474 -19.30 -3.63 -14.93
CA MET B 474 -17.93 -3.62 -15.45
C MET B 474 -17.65 -4.83 -16.34
N ALA B 475 -16.83 -4.65 -17.36
CA ALA B 475 -16.50 -5.72 -18.31
C ALA B 475 -15.01 -5.66 -18.66
N VAL B 476 -14.17 -5.53 -17.64
CA VAL B 476 -12.73 -5.39 -17.87
C VAL B 476 -12.21 -6.56 -18.71
N GLY B 477 -11.20 -6.28 -19.52
CA GLY B 477 -10.63 -7.25 -20.42
C GLY B 477 -10.18 -6.56 -21.70
N SER B 478 -10.10 -7.36 -22.77
CA SER B 478 -9.71 -6.84 -24.09
C SER B 478 -10.96 -6.57 -24.90
N LEU B 479 -11.61 -5.45 -24.60
CA LEU B 479 -12.83 -5.03 -25.27
C LEU B 479 -12.54 -3.81 -26.12
N THR B 480 -12.97 -3.83 -27.39
CA THR B 480 -12.69 -2.77 -28.34
C THR B 480 -13.89 -1.86 -28.50
N ILE B 481 -13.66 -0.55 -28.40
CA ILE B 481 -14.72 0.42 -28.61
C ILE B 481 -15.18 0.37 -30.06
N ASN B 482 -16.49 0.34 -30.27
CA ASN B 482 -17.06 0.25 -31.60
C ASN B 482 -18.30 1.15 -31.65
N GLU B 483 -19.11 0.98 -32.69
CA GLU B 483 -20.32 1.77 -32.86
C GLU B 483 -21.53 1.14 -32.19
N GLU B 484 -21.82 -0.11 -32.53
CA GLU B 484 -22.98 -0.78 -31.94
C GLU B 484 -22.84 -0.94 -30.43
N ARG B 485 -21.64 -1.32 -29.98
CA ARG B 485 -21.41 -1.50 -28.56
C ARG B 485 -21.65 -0.20 -27.80
N SER B 486 -21.09 0.90 -28.29
CA SER B 486 -21.30 2.19 -27.62
C SER B 486 -22.75 2.62 -27.67
N GLU B 487 -23.50 2.15 -28.65
CA GLU B 487 -24.94 2.44 -28.68
C GLU B 487 -25.68 1.63 -27.63
N VAL B 488 -25.25 0.40 -27.38
CA VAL B 488 -25.91 -0.47 -26.42
C VAL B 488 -25.38 -0.25 -25.01
N VAL B 489 -24.07 -0.32 -24.83
CA VAL B 489 -23.43 -0.21 -23.53
C VAL B 489 -22.35 0.86 -23.58
N ASP B 490 -22.40 1.81 -22.66
CA ASP B 490 -21.49 2.96 -22.69
C ASP B 490 -20.14 2.58 -22.11
N PHE B 491 -19.08 3.14 -22.71
CA PHE B 491 -17.70 2.83 -22.34
C PHE B 491 -17.10 3.96 -21.51
N SER B 492 -15.79 3.85 -21.27
CA SER B 492 -15.02 4.86 -20.56
C SER B 492 -13.84 5.28 -21.44
N VAL B 493 -12.92 6.05 -20.86
CA VAL B 493 -11.80 6.58 -21.63
C VAL B 493 -10.86 5.44 -22.02
N PRO B 494 -10.46 5.35 -23.29
CA PRO B 494 -9.53 4.28 -23.68
C PRO B 494 -8.15 4.46 -23.06
N PHE B 495 -7.48 3.33 -22.83
CA PHE B 495 -6.16 3.35 -22.21
C PHE B 495 -5.09 2.62 -23.01
N VAL B 496 -5.43 1.92 -24.08
CA VAL B 496 -4.44 1.27 -24.94
C VAL B 496 -4.83 1.52 -26.40
N GLU B 497 -3.88 2.00 -27.19
CA GLU B 497 -4.12 2.26 -28.60
C GLU B 497 -4.11 0.96 -29.38
N THR B 498 -5.10 0.80 -30.27
CA THR B 498 -5.18 -0.39 -31.10
C THR B 498 -6.11 -0.12 -32.27
N GLY B 499 -6.12 -1.05 -33.22
CA GLY B 499 -6.97 -0.96 -34.39
C GLY B 499 -6.94 -2.24 -35.20
N ILE B 500 -6.96 -2.12 -36.53
CA ILE B 500 -6.85 -3.26 -37.42
C ILE B 500 -5.52 -3.17 -38.15
N SER B 501 -4.73 -4.24 -38.09
CA SER B 501 -3.42 -4.27 -38.72
C SER B 501 -3.18 -5.63 -39.34
N VAL B 502 -2.77 -5.65 -40.60
CA VAL B 502 -2.39 -6.90 -41.24
C VAL B 502 -0.97 -7.29 -40.81
N MET B 503 -0.66 -8.59 -40.89
CA MET B 503 0.66 -9.08 -40.55
C MET B 503 1.07 -10.12 -41.56
N VAL B 504 1.97 -9.75 -42.47
CA VAL B 504 2.58 -10.67 -43.44
C VAL B 504 4.08 -10.49 -43.35
N SER B 505 4.80 -11.59 -43.19
CA SER B 505 6.25 -11.55 -43.07
C SER B 505 6.91 -12.21 -44.27
N ARG B 506 8.19 -11.91 -44.45
CA ARG B 506 8.96 -12.49 -45.53
C ARG B 506 9.09 -13.99 -45.34
N SER B 507 9.05 -14.72 -46.45
CA SER B 507 9.23 -16.17 -46.38
C SER B 507 10.63 -16.52 -45.92
N ASN B 508 11.64 -15.81 -46.41
CA ASN B 508 13.03 -16.01 -46.01
C ASN B 508 13.69 -14.64 -45.93
N GLY B 509 15.00 -14.64 -45.64
CA GLY B 509 15.75 -13.41 -45.51
C GLY B 509 15.71 -12.56 -46.77
N THR B 510 15.34 -11.30 -46.63
CA THR B 510 15.22 -10.37 -47.74
C THR B 510 16.30 -9.29 -47.62
N VAL B 511 17.10 -9.15 -48.68
CA VAL B 511 18.14 -8.13 -48.74
C VAL B 511 18.14 -7.54 -50.14
N SER B 512 18.31 -6.22 -50.22
CA SER B 512 18.32 -5.52 -51.50
C SER B 512 19.75 -5.16 -51.87
N PRO B 513 20.34 -5.81 -52.88
CA PRO B 513 21.71 -5.41 -53.30
C PRO B 513 21.80 -3.98 -53.76
N SER B 514 20.76 -3.46 -54.42
CA SER B 514 20.70 -2.07 -54.88
C SER B 514 21.88 -1.74 -55.79
N ALA B 515 21.99 -2.53 -56.87
CA ALA B 515 23.06 -2.32 -57.84
C ALA B 515 22.90 -0.98 -58.55
N PHE B 516 21.67 -0.60 -58.88
CA PHE B 516 21.39 0.64 -59.60
C PHE B 516 21.24 1.83 -58.67
N LEU B 517 21.37 1.64 -57.35
CA LEU B 517 21.26 2.72 -56.38
C LEU B 517 22.56 3.47 -56.18
N GLU B 518 23.63 3.08 -56.87
CA GLU B 518 24.90 3.78 -56.75
C GLU B 518 24.78 5.19 -57.31
N PRO B 519 25.56 6.14 -56.78
CA PRO B 519 25.46 7.52 -57.26
C PRO B 519 25.91 7.73 -58.69
N PHE B 520 26.32 6.68 -59.40
CA PHE B 520 26.73 6.80 -60.80
C PHE B 520 25.49 6.93 -61.68
N SER B 521 25.71 6.91 -63.00
CA SER B 521 24.64 7.07 -63.98
C SER B 521 23.86 8.37 -63.76
N ALA B 522 24.59 9.44 -63.44
CA ALA B 522 23.99 10.74 -63.19
C ALA B 522 24.99 11.80 -63.65
N SER B 523 24.78 13.05 -63.21
CA SER B 523 25.68 14.14 -63.58
C SER B 523 27.09 13.89 -63.07
N VAL B 524 27.24 13.17 -61.96
CA VAL B 524 28.56 12.85 -61.45
C VAL B 524 29.35 11.96 -62.42
N TRP B 525 28.69 10.95 -63.00
CA TRP B 525 29.38 10.08 -63.94
C TRP B 525 29.83 10.84 -65.18
N VAL B 526 28.98 11.72 -65.70
CA VAL B 526 29.38 12.57 -66.80
C VAL B 526 30.52 13.49 -66.38
N MET B 527 30.49 14.00 -65.16
CA MET B 527 31.56 14.86 -64.68
C MET B 527 32.89 14.13 -64.67
N MET B 528 32.92 12.92 -64.12
CA MET B 528 34.18 12.19 -64.09
C MET B 528 34.60 11.77 -65.50
N PHE B 529 33.65 11.45 -66.37
CA PHE B 529 33.99 11.09 -67.74
C PHE B 529 34.65 12.25 -68.48
N VAL B 530 34.08 13.44 -68.35
CA VAL B 530 34.66 14.59 -69.06
C VAL B 530 35.98 14.99 -68.42
N MET B 531 36.11 14.83 -67.10
CA MET B 531 37.39 15.11 -66.45
C MET B 531 38.48 14.17 -66.94
N LEU B 532 38.15 12.87 -67.06
CA LEU B 532 39.11 11.90 -67.58
C LEU B 532 39.46 12.21 -69.02
N LEU B 533 38.48 12.61 -69.82
CA LEU B 533 38.76 12.98 -71.22
C LEU B 533 39.70 14.18 -71.30
N ILE B 534 39.47 15.19 -70.46
CA ILE B 534 40.34 16.36 -70.45
C ILE B 534 41.75 15.98 -70.01
N VAL B 535 41.85 15.11 -69.00
CA VAL B 535 43.16 14.65 -68.55
C VAL B 535 43.88 13.89 -69.66
N SER B 536 43.15 13.04 -70.39
CA SER B 536 43.74 12.31 -71.50
C SER B 536 44.23 13.24 -72.59
N ALA B 537 43.43 14.28 -72.90
CA ALA B 537 43.85 15.25 -73.90
C ALA B 537 45.11 15.99 -73.47
N ILE B 538 45.17 16.38 -72.19
CA ILE B 538 46.36 17.05 -71.67
C ILE B 538 47.56 16.13 -71.74
N ALA B 539 47.37 14.85 -71.41
CA ALA B 539 48.46 13.88 -71.48
C ALA B 539 48.98 13.73 -72.91
N VAL B 540 48.07 13.63 -73.87
CA VAL B 540 48.47 13.48 -75.27
C VAL B 540 49.22 14.72 -75.73
N PHE B 541 48.73 15.91 -75.37
CA PHE B 541 49.40 17.14 -75.75
C PHE B 541 50.80 17.23 -75.13
N VAL B 542 50.93 16.86 -73.86
CA VAL B 542 52.23 16.92 -73.20
C VAL B 542 53.20 15.92 -73.81
N PHE B 543 52.74 14.70 -74.08
CA PHE B 543 53.61 13.69 -74.67
C PHE B 543 54.04 14.09 -76.08
N GLU B 544 53.13 14.67 -76.86
CA GLU B 544 53.46 15.12 -78.21
C GLU B 544 54.37 16.35 -78.21
N TYR B 545 54.56 17.00 -77.08
CA TYR B 545 55.41 18.19 -77.01
C TYR B 545 56.88 17.80 -77.12
N PHE B 566 47.77 7.77 -82.91
CA PHE B 566 48.12 6.43 -82.44
C PHE B 566 48.36 6.42 -80.93
N THR B 567 49.11 7.41 -80.46
CA THR B 567 49.39 7.51 -79.03
C THR B 567 48.16 7.90 -78.21
N ILE B 568 47.16 8.52 -78.84
CA ILE B 568 45.97 8.94 -78.11
C ILE B 568 45.21 7.73 -77.59
N GLY B 569 45.00 6.73 -78.45
CA GLY B 569 44.29 5.54 -78.02
C GLY B 569 45.04 4.75 -76.95
N LYS B 570 46.37 4.63 -77.12
CA LYS B 570 47.17 3.93 -76.12
C LYS B 570 47.13 4.65 -74.78
N ALA B 571 47.21 5.99 -74.80
CA ALA B 571 47.13 6.76 -73.57
C ALA B 571 45.75 6.61 -72.92
N ILE B 572 44.69 6.60 -73.73
CA ILE B 572 43.35 6.42 -73.20
C ILE B 572 43.23 5.05 -72.54
N TRP B 573 43.77 4.02 -73.17
CA TRP B 573 43.77 2.68 -72.58
C TRP B 573 44.57 2.66 -71.29
N LEU B 574 45.72 3.34 -71.26
CA LEU B 574 46.53 3.39 -70.05
C LEU B 574 45.77 4.04 -68.90
N LEU B 575 45.09 5.17 -69.17
CA LEU B 575 44.33 5.83 -68.12
C LEU B 575 43.14 5.00 -67.68
N TRP B 576 42.46 4.33 -68.62
CA TRP B 576 41.36 3.45 -68.26
C TRP B 576 41.83 2.33 -67.36
N GLY B 577 42.98 1.74 -67.67
CA GLY B 577 43.54 0.72 -66.78
C GLY B 577 43.92 1.27 -65.43
N LEU B 578 44.61 2.42 -65.42
CA LEU B 578 45.00 3.03 -64.16
C LEU B 578 43.81 3.31 -63.27
N VAL B 579 42.67 3.65 -63.88
CA VAL B 579 41.43 3.78 -63.12
C VAL B 579 40.94 2.40 -62.66
N PHE B 580 41.08 1.39 -63.52
CA PHE B 580 40.55 0.05 -63.22
C PHE B 580 41.61 -0.85 -62.59
N ASN B 581 42.69 -1.13 -63.33
CA ASN B 581 43.74 -2.02 -62.86
C ASN B 581 44.99 -1.79 -63.69
N ASN B 582 46.15 -1.77 -63.03
CA ASN B 582 47.40 -1.42 -63.66
C ASN B 582 47.95 -2.53 -64.57
N SER B 583 47.16 -3.56 -64.86
CA SER B 583 47.59 -4.68 -65.68
C SER B 583 47.48 -4.41 -67.18
N VAL B 584 47.36 -3.15 -67.58
CA VAL B 584 47.24 -2.81 -69.00
C VAL B 584 48.50 -2.03 -69.40
N PRO B 585 49.49 -2.67 -70.03
CA PRO B 585 50.72 -1.97 -70.40
C PRO B 585 50.52 -1.12 -71.65
N VAL B 586 50.84 0.17 -71.53
CA VAL B 586 50.80 1.10 -72.66
C VAL B 586 52.03 1.98 -72.59
N GLN B 587 52.63 2.25 -73.75
CA GLN B 587 53.87 3.02 -73.83
C GLN B 587 53.67 4.36 -74.54
N ASN B 588 52.44 4.86 -74.58
CA ASN B 588 52.19 6.14 -75.24
C ASN B 588 52.90 7.32 -74.58
N PRO B 589 52.80 7.51 -73.25
CA PRO B 589 53.49 8.66 -72.66
C PRO B 589 54.89 8.32 -72.16
N LYS B 590 55.77 9.32 -72.22
CA LYS B 590 57.15 9.15 -71.74
C LYS B 590 57.74 10.53 -71.48
N GLY B 591 57.99 10.84 -70.22
CA GLY B 591 58.60 12.12 -69.87
C GLY B 591 58.56 12.34 -68.38
N THR B 592 59.33 13.34 -67.95
CA THR B 592 59.36 13.70 -66.53
C THR B 592 58.01 14.28 -66.10
N THR B 593 57.49 15.25 -66.86
CA THR B 593 56.13 15.74 -66.60
C THR B 593 55.11 14.63 -66.81
N SER B 594 55.35 13.75 -67.78
CA SER B 594 54.49 12.59 -67.96
C SER B 594 54.52 11.70 -66.72
N LYS B 595 55.71 11.50 -66.14
CA LYS B 595 55.79 10.70 -64.92
C LYS B 595 55.06 11.38 -63.77
N ILE B 596 55.18 12.70 -63.66
CA ILE B 596 54.51 13.43 -62.59
C ILE B 596 53.00 13.29 -62.72
N MET B 597 52.48 13.47 -63.94
CA MET B 597 51.03 13.38 -64.11
C MET B 597 50.55 11.95 -63.95
N VAL B 598 51.36 10.96 -64.34
CA VAL B 598 50.99 9.56 -64.12
C VAL B 598 50.91 9.27 -62.63
N SER B 599 51.87 9.79 -61.85
CA SER B 599 51.81 9.62 -60.40
C SER B 599 50.57 10.29 -59.81
N VAL B 600 50.24 11.49 -60.28
CA VAL B 600 49.06 12.19 -59.78
C VAL B 600 47.80 11.40 -60.12
N TRP B 601 47.70 10.90 -61.35
CA TRP B 601 46.55 10.11 -61.77
C TRP B 601 46.44 8.83 -60.95
N ALA B 602 47.56 8.17 -60.69
CA ALA B 602 47.54 6.95 -59.90
C ALA B 602 47.10 7.23 -58.47
N PHE B 603 47.57 8.33 -57.89
CA PHE B 603 47.14 8.69 -56.53
C PHE B 603 45.65 9.01 -56.50
N PHE B 604 45.15 9.73 -57.51
CA PHE B 604 43.72 10.02 -57.57
C PHE B 604 42.91 8.74 -57.69
N ALA B 605 43.35 7.80 -58.53
CA ALA B 605 42.65 6.54 -58.69
C ALA B 605 42.67 5.73 -57.40
N VAL B 606 43.81 5.73 -56.70
CA VAL B 606 43.91 4.99 -55.44
C VAL B 606 42.97 5.57 -54.41
N ILE B 607 42.93 6.90 -54.29
CA ILE B 607 42.02 7.53 -53.35
C ILE B 607 40.58 7.24 -53.71
N PHE B 608 40.24 7.29 -55.00
CA PHE B 608 38.88 7.03 -55.43
C PHE B 608 38.46 5.60 -55.12
N LEU B 609 39.34 4.62 -55.38
CA LEU B 609 38.97 3.23 -55.13
C LEU B 609 38.88 2.96 -53.64
N ALA B 610 39.76 3.56 -52.83
CA ALA B 610 39.65 3.40 -51.38
C ALA B 610 38.35 3.99 -50.86
N SER B 611 37.98 5.17 -51.36
CA SER B 611 36.72 5.78 -50.94
C SER B 611 35.52 4.93 -51.38
N TYR B 612 35.58 4.37 -52.59
CA TYR B 612 34.48 3.53 -53.07
C TYR B 612 34.36 2.26 -52.24
N THR B 613 35.49 1.65 -51.87
CA THR B 613 35.44 0.46 -51.02
C THR B 613 34.87 0.80 -49.66
N ALA B 614 35.29 1.92 -49.08
CA ALA B 614 34.75 2.33 -47.78
C ALA B 614 33.25 2.60 -47.87
N ASN B 615 32.81 3.26 -48.94
CA ASN B 615 31.39 3.55 -49.10
C ASN B 615 30.58 2.27 -49.29
N LEU B 616 31.10 1.31 -50.05
CA LEU B 616 30.41 0.04 -50.22
C LEU B 616 30.34 -0.73 -48.91
N ALA B 617 31.41 -0.69 -48.11
CA ALA B 617 31.38 -1.32 -46.80
C ALA B 617 30.35 -0.67 -45.90
N ALA B 618 30.27 0.67 -45.91
CA ALA B 618 29.27 1.37 -45.11
C ALA B 618 27.86 1.01 -45.55
N PHE B 619 27.64 0.92 -46.87
CA PHE B 619 26.33 0.51 -47.38
C PHE B 619 25.99 -0.92 -46.95
N MET B 620 26.98 -1.81 -46.99
CA MET B 620 26.75 -3.18 -46.54
C MET B 620 26.39 -3.21 -45.06
N ILE B 621 27.01 -2.35 -44.26
CA ILE B 621 26.61 -2.21 -42.86
C ILE B 621 25.16 -1.77 -42.76
N GLN B 622 24.75 -0.82 -43.61
CA GLN B 622 23.37 -0.36 -43.63
C GLN B 622 22.47 -1.43 -44.25
N GLU B 623 21.16 -1.25 -44.07
CA GLU B 623 20.16 -2.17 -44.59
C GLU B 623 19.03 -1.39 -45.24
N GLU B 624 18.36 -2.04 -46.20
CA GLU B 624 17.25 -1.43 -46.93
C GLU B 624 16.15 -2.48 -47.06
N PHE B 625 15.19 -2.43 -46.14
CA PHE B 625 14.05 -3.34 -46.14
C PHE B 625 12.78 -2.58 -46.50
N VAL B 626 12.03 -3.12 -47.44
CA VAL B 626 10.82 -2.46 -47.95
C VAL B 626 9.60 -3.24 -47.47
N ASP B 627 8.46 -2.55 -47.46
CA ASP B 627 7.21 -3.16 -47.03
C ASP B 627 6.62 -4.05 -48.12
N GLN B 628 5.73 -4.94 -47.71
CA GLN B 628 5.10 -5.87 -48.64
C GLN B 628 3.93 -5.21 -49.37
N VAL B 629 2.91 -4.77 -48.62
CA VAL B 629 1.73 -4.14 -49.18
C VAL B 629 1.51 -2.75 -48.60
N THR B 630 1.63 -2.61 -47.28
CA THR B 630 1.49 -1.33 -46.59
C THR B 630 0.16 -0.66 -46.90
N GLY B 631 -0.91 -1.46 -46.92
CA GLY B 631 -2.24 -0.92 -47.12
C GLY B 631 -3.33 -1.98 -47.11
N LEU B 632 -4.40 -1.73 -46.35
CA LEU B 632 -5.51 -2.68 -46.30
C LEU B 632 -6.27 -2.71 -47.61
N SER B 633 -6.63 -1.53 -48.14
CA SER B 633 -7.36 -1.46 -49.39
C SER B 633 -6.41 -1.52 -50.58
N ASP B 634 -5.53 -2.52 -50.59
CA ASP B 634 -4.58 -2.69 -51.68
C ASP B 634 -5.27 -3.33 -52.88
N LYS B 635 -4.54 -3.34 -54.01
CA LYS B 635 -5.06 -4.01 -55.20
C LYS B 635 -5.23 -5.50 -54.94
N LYS B 636 -4.27 -6.11 -54.23
CA LYS B 636 -4.37 -7.53 -53.92
C LYS B 636 -5.59 -7.83 -53.06
N PHE B 637 -5.75 -7.11 -51.95
CA PHE B 637 -6.89 -7.35 -51.06
C PHE B 637 -8.08 -6.48 -51.41
N GLN B 638 -8.42 -6.44 -52.70
CA GLN B 638 -9.69 -5.87 -53.15
C GLN B 638 -10.38 -6.70 -54.21
N ARG B 639 -9.64 -7.52 -54.97
CA ARG B 639 -10.16 -8.45 -55.96
C ARG B 639 -9.07 -9.48 -56.27
N PRO B 640 -8.74 -10.36 -55.31
CA PRO B 640 -7.59 -11.24 -55.49
C PRO B 640 -7.85 -12.45 -56.38
N HIS B 641 -9.07 -12.60 -56.89
CA HIS B 641 -9.36 -13.76 -57.74
C HIS B 641 -8.55 -13.72 -59.02
N ASP B 642 -8.60 -12.60 -59.74
CA ASP B 642 -7.87 -12.46 -61.00
C ASP B 642 -6.51 -11.79 -60.80
N TYR B 643 -5.74 -12.29 -59.84
CA TYR B 643 -4.38 -11.79 -59.61
C TYR B 643 -3.61 -12.87 -58.87
N SER B 644 -2.76 -13.62 -59.61
CA SER B 644 -1.93 -14.66 -59.04
C SER B 644 -2.80 -15.75 -58.41
N PRO B 645 -2.23 -16.78 -57.80
CA PRO B 645 -3.03 -17.67 -56.94
C PRO B 645 -3.73 -16.85 -55.87
N PRO B 646 -4.98 -17.19 -55.56
CA PRO B 646 -5.75 -16.35 -54.62
C PRO B 646 -5.07 -16.27 -53.26
N PHE B 647 -5.10 -15.07 -52.69
CA PHE B 647 -4.42 -14.80 -51.43
C PHE B 647 -5.28 -15.30 -50.26
N ARG B 648 -4.90 -14.92 -49.05
CA ARG B 648 -5.59 -15.37 -47.85
C ARG B 648 -5.98 -14.17 -46.99
N PHE B 649 -7.14 -14.28 -46.34
CA PHE B 649 -7.65 -13.24 -45.44
C PHE B 649 -7.80 -13.87 -44.06
N GLY B 650 -6.70 -13.86 -43.29
CA GLY B 650 -6.73 -14.48 -41.96
C GLY B 650 -7.54 -13.65 -40.99
N THR B 651 -8.47 -14.30 -40.31
CA THR B 651 -9.32 -13.65 -39.30
C THR B 651 -10.07 -14.74 -38.55
N VAL B 652 -10.92 -14.31 -37.62
CA VAL B 652 -11.79 -15.23 -36.88
C VAL B 652 -13.17 -14.59 -36.77
N PRO B 653 -14.25 -15.34 -36.98
CA PRO B 653 -15.58 -14.74 -36.91
C PRO B 653 -15.96 -14.38 -35.49
N ASN B 654 -17.11 -13.71 -35.37
CA ASN B 654 -17.65 -13.28 -34.08
C ASN B 654 -16.64 -12.45 -33.30
N GLY B 655 -15.99 -11.53 -34.00
CA GLY B 655 -15.06 -10.61 -33.38
C GLY B 655 -15.46 -9.17 -33.61
N SER B 656 -14.48 -8.27 -33.61
CA SER B 656 -14.72 -6.86 -33.90
C SER B 656 -14.09 -6.38 -35.19
N THR B 657 -12.97 -6.98 -35.60
CA THR B 657 -12.36 -6.63 -36.88
C THR B 657 -13.15 -7.23 -38.04
N GLU B 658 -13.62 -8.47 -37.89
CA GLU B 658 -14.39 -9.11 -38.94
C GLU B 658 -15.69 -8.35 -39.21
N ARG B 659 -16.32 -7.84 -38.15
CA ARG B 659 -17.54 -7.05 -38.33
C ARG B 659 -17.26 -5.80 -39.16
N ASN B 660 -16.14 -5.12 -38.88
CA ASN B 660 -15.79 -3.93 -39.64
C ASN B 660 -15.49 -4.28 -41.10
N ILE B 661 -14.79 -5.39 -41.32
CA ILE B 661 -14.52 -5.82 -42.70
C ILE B 661 -15.81 -6.11 -43.44
N ARG B 662 -16.76 -6.77 -42.78
CA ARG B 662 -18.04 -7.05 -43.41
C ARG B 662 -18.80 -5.76 -43.70
N ASN B 663 -18.76 -4.81 -42.77
CA ASN B 663 -19.56 -3.60 -42.92
C ASN B 663 -19.00 -2.68 -43.99
N ASN B 664 -17.67 -2.59 -44.11
CA ASN B 664 -17.08 -1.63 -45.05
C ASN B 664 -17.31 -2.07 -46.50
N TYR B 665 -16.79 -3.24 -46.87
CA TYR B 665 -16.95 -3.77 -48.21
C TYR B 665 -17.28 -5.26 -48.16
N PRO B 666 -18.29 -5.72 -48.88
CA PRO B 666 -18.79 -7.09 -48.69
C PRO B 666 -17.98 -8.17 -49.39
N TYR B 667 -17.43 -7.87 -50.58
CA TYR B 667 -16.77 -8.89 -51.37
C TYR B 667 -15.55 -9.46 -50.66
N MET B 668 -14.74 -8.58 -50.06
CA MET B 668 -13.57 -9.04 -49.33
C MET B 668 -13.96 -9.93 -48.16
N HIS B 669 -15.03 -9.56 -47.44
CA HIS B 669 -15.51 -10.40 -46.35
C HIS B 669 -15.98 -11.76 -46.86
N GLN B 670 -16.71 -11.77 -47.98
CA GLN B 670 -17.22 -13.03 -48.51
C GLN B 670 -16.07 -13.94 -48.92
N TYR B 671 -15.02 -13.37 -49.50
CA TYR B 671 -13.83 -14.19 -49.79
C TYR B 671 -13.13 -14.62 -48.51
N MET B 672 -13.11 -13.77 -47.49
CA MET B 672 -12.48 -14.10 -46.22
C MET B 672 -13.22 -15.21 -45.49
N THR B 673 -14.49 -15.43 -45.80
CA THR B 673 -15.24 -16.51 -45.16
C THR B 673 -14.62 -17.88 -45.45
N LYS B 674 -13.86 -18.00 -46.53
CA LYS B 674 -13.23 -19.29 -46.86
C LYS B 674 -12.13 -19.64 -45.86
N PHE B 675 -11.26 -18.68 -45.55
CA PHE B 675 -10.12 -18.91 -44.68
C PHE B 675 -10.43 -18.38 -43.28
N ASN B 676 -10.43 -19.28 -42.29
CA ASN B 676 -10.77 -18.91 -40.93
C ASN B 676 -10.26 -19.99 -40.00
N GLN B 677 -9.41 -19.61 -39.05
CA GLN B 677 -8.91 -20.55 -38.06
C GLN B 677 -9.81 -20.53 -36.82
N LYS B 678 -9.37 -21.18 -35.75
CA LYS B 678 -10.13 -21.22 -34.51
C LYS B 678 -9.77 -20.06 -33.58
N GLY B 679 -8.48 -19.85 -33.33
CA GLY B 679 -8.05 -18.78 -32.46
C GLY B 679 -6.97 -17.90 -33.06
N VAL B 680 -5.86 -17.74 -32.34
CA VAL B 680 -4.74 -16.92 -32.79
C VAL B 680 -3.46 -17.74 -32.87
N GLU B 681 -3.15 -18.50 -31.83
CA GLU B 681 -1.94 -19.31 -31.83
C GLU B 681 -1.96 -20.34 -32.96
N ASP B 682 -3.11 -20.97 -33.19
CA ASP B 682 -3.23 -21.90 -34.31
C ASP B 682 -3.01 -21.19 -35.63
N ALA B 683 -3.56 -19.98 -35.79
CA ALA B 683 -3.36 -19.22 -37.01
C ALA B 683 -1.89 -18.86 -37.21
N LEU B 684 -1.21 -18.48 -36.13
CA LEU B 684 0.21 -18.17 -36.24
C LEU B 684 1.03 -19.40 -36.61
N VAL B 685 0.69 -20.56 -36.04
CA VAL B 685 1.38 -21.79 -36.40
C VAL B 685 1.15 -22.13 -37.86
N SER B 686 -0.08 -21.96 -38.34
CA SER B 686 -0.37 -22.21 -39.76
C SER B 686 0.40 -21.24 -40.65
N LEU B 687 0.49 -19.98 -40.24
CA LEU B 687 1.27 -19.01 -41.00
C LEU B 687 2.73 -19.39 -41.08
N LYS B 688 3.30 -19.82 -39.94
CA LYS B 688 4.70 -20.21 -39.92
C LYS B 688 4.93 -21.45 -40.78
N THR B 689 3.99 -22.40 -40.76
CA THR B 689 4.09 -23.58 -41.60
C THR B 689 3.83 -23.26 -43.07
N GLY B 690 3.34 -22.06 -43.37
CA GLY B 690 3.07 -21.68 -44.74
C GLY B 690 1.70 -22.06 -45.26
N LYS B 691 0.81 -22.57 -44.40
CA LYS B 691 -0.52 -22.98 -44.86
C LYS B 691 -1.30 -21.79 -45.40
N LEU B 692 -1.24 -20.66 -44.71
CA LEU B 692 -1.98 -19.47 -45.11
C LEU B 692 -0.99 -18.37 -45.53
N ASP B 693 -1.54 -17.25 -46.00
CA ASP B 693 -0.73 -16.18 -46.57
C ASP B 693 -0.77 -14.89 -45.76
N ALA B 694 -1.96 -14.39 -45.43
CA ALA B 694 -2.09 -13.12 -44.74
C ALA B 694 -2.98 -13.25 -43.53
N PHE B 695 -2.70 -12.44 -42.51
CA PHE B 695 -3.44 -12.44 -41.26
C PHE B 695 -3.91 -11.03 -40.92
N ILE B 696 -5.18 -10.91 -40.56
CA ILE B 696 -5.78 -9.63 -40.16
C ILE B 696 -6.44 -9.83 -38.81
N TYR B 697 -6.05 -9.02 -37.82
CA TYR B 697 -6.58 -9.14 -36.48
C TYR B 697 -6.23 -7.88 -35.70
N ASP B 698 -6.45 -7.92 -34.38
CA ASP B 698 -6.25 -6.77 -33.52
C ASP B 698 -4.79 -6.31 -33.57
N ALA B 699 -4.59 -5.00 -33.47
CA ALA B 699 -3.25 -4.44 -33.60
C ALA B 699 -2.38 -4.73 -32.39
N ALA B 700 -2.93 -4.56 -31.18
CA ALA B 700 -2.12 -4.71 -29.98
C ALA B 700 -1.68 -6.16 -29.77
N VAL B 701 -2.61 -7.10 -29.93
CA VAL B 701 -2.27 -8.51 -29.77
C VAL B 701 -1.26 -8.95 -30.82
N LEU B 702 -1.45 -8.53 -32.06
CA LEU B 702 -0.52 -8.90 -33.12
C LEU B 702 0.85 -8.29 -32.88
N ASN B 703 0.90 -7.05 -32.39
CA ASN B 703 2.17 -6.43 -32.05
C ASN B 703 2.88 -7.19 -30.93
N TYR B 704 2.13 -7.60 -29.92
CA TYR B 704 2.73 -8.38 -28.83
C TYR B 704 3.27 -9.71 -29.35
N LYS B 705 2.50 -10.38 -30.21
CA LYS B 705 2.93 -11.66 -30.76
C LYS B 705 4.18 -11.51 -31.61
N ALA B 706 4.24 -10.46 -32.43
CA ALA B 706 5.42 -10.24 -33.25
C ALA B 706 6.64 -9.85 -32.41
N GLY B 707 6.42 -9.10 -31.33
CA GLY B 707 7.55 -8.70 -30.49
C GLY B 707 8.22 -9.86 -29.80
N ARG B 708 7.44 -10.85 -29.37
CA ARG B 708 7.95 -12.00 -28.63
C ARG B 708 7.79 -13.30 -29.43
N ASP B 709 8.08 -13.23 -30.73
CA ASP B 709 7.98 -14.41 -31.58
C ASP B 709 9.21 -15.29 -31.42
N GLU B 710 9.13 -16.51 -31.96
CA GLU B 710 10.22 -17.46 -31.90
C GLU B 710 11.21 -17.17 -33.01
N GLY B 711 12.35 -16.59 -32.65
CA GLY B 711 13.37 -16.25 -33.62
C GLY B 711 13.17 -14.94 -34.36
N CYS B 712 12.11 -14.20 -34.04
CA CYS B 712 11.80 -12.93 -34.69
C CYS B 712 11.70 -13.10 -36.20
N LYS B 713 11.09 -14.21 -36.63
CA LYS B 713 10.96 -14.52 -38.04
C LYS B 713 9.68 -13.95 -38.66
N LEU B 714 8.77 -13.41 -37.86
CA LEU B 714 7.51 -12.88 -38.35
C LEU B 714 7.38 -11.42 -37.96
N VAL B 715 7.05 -10.57 -38.92
CA VAL B 715 6.89 -9.13 -38.72
C VAL B 715 5.71 -8.64 -39.54
N THR B 716 4.95 -7.71 -38.99
CA THR B 716 3.77 -7.19 -39.67
C THR B 716 4.15 -6.46 -40.96
N ILE B 717 3.24 -6.49 -41.92
CA ILE B 717 3.50 -5.88 -43.22
C ILE B 717 3.70 -4.37 -43.07
N GLY B 718 2.83 -3.73 -42.29
CA GLY B 718 2.98 -2.30 -42.06
C GLY B 718 3.82 -1.99 -40.85
N SER B 719 4.94 -1.30 -41.05
CA SER B 719 5.82 -0.96 -39.94
C SER B 719 5.17 0.09 -39.06
N GLY B 720 4.48 -0.35 -38.01
CA GLY B 720 3.71 0.57 -37.19
C GLY B 720 2.56 1.21 -37.93
N TYR B 721 1.81 0.43 -38.71
CA TYR B 721 0.70 0.93 -39.50
C TYR B 721 -0.61 0.39 -38.94
N ILE B 722 -1.55 1.28 -38.66
CA ILE B 722 -2.87 0.91 -38.16
C ILE B 722 -3.91 1.63 -39.01
N PHE B 723 -5.08 1.01 -39.16
CA PHE B 723 -6.09 1.46 -40.12
C PHE B 723 -7.33 2.08 -39.49
N ALA B 724 -7.79 1.55 -38.36
CA ALA B 724 -9.05 1.96 -37.75
C ALA B 724 -8.86 2.23 -36.26
N THR B 725 -7.89 3.07 -35.93
CA THR B 725 -7.45 3.28 -34.55
C THR B 725 -8.60 3.63 -33.62
N THR B 726 -8.90 2.70 -32.69
CA THR B 726 -9.84 2.94 -31.60
C THR B 726 -9.32 2.20 -30.39
N GLY B 727 -9.27 2.87 -29.24
CA GLY B 727 -8.70 2.27 -28.06
C GLY B 727 -9.60 1.23 -27.41
N TYR B 728 -9.06 0.58 -26.39
CA TYR B 728 -9.82 -0.38 -25.61
C TYR B 728 -10.76 0.37 -24.67
N GLY B 729 -11.39 -0.35 -23.74
CA GLY B 729 -12.29 0.30 -22.81
C GLY B 729 -12.74 -0.64 -21.72
N ILE B 730 -13.31 -0.04 -20.68
CA ILE B 730 -13.86 -0.76 -19.54
C ILE B 730 -15.36 -0.52 -19.55
N ALA B 731 -16.10 -1.46 -20.13
CA ALA B 731 -17.53 -1.27 -20.36
C ALA B 731 -18.28 -1.27 -19.03
N LEU B 732 -18.76 -0.10 -18.63
CA LEU B 732 -19.61 0.01 -17.45
C LEU B 732 -21.03 -0.41 -17.82
N GLN B 733 -21.99 -0.14 -16.93
CA GLN B 733 -23.39 -0.35 -17.25
C GLN B 733 -24.03 0.97 -17.68
N LYS B 734 -25.23 0.87 -18.25
CA LYS B 734 -25.91 2.02 -18.84
C LYS B 734 -26.36 2.96 -17.73
N GLY B 735 -25.54 3.97 -17.44
CA GLY B 735 -25.88 4.94 -16.43
C GLY B 735 -25.37 4.63 -15.04
N SER B 736 -24.34 3.80 -14.91
CA SER B 736 -23.83 3.43 -13.60
C SER B 736 -23.19 4.63 -12.91
N PRO B 737 -23.30 4.72 -11.58
CA PRO B 737 -22.67 5.81 -10.82
C PRO B 737 -21.20 5.58 -10.53
N TRP B 738 -20.46 5.14 -11.55
CA TRP B 738 -19.02 4.97 -11.45
C TRP B 738 -18.26 5.64 -12.58
N LYS B 739 -18.94 6.12 -13.62
CA LYS B 739 -18.26 6.54 -14.85
C LYS B 739 -17.33 7.71 -14.59
N ARG B 740 -17.79 8.71 -13.84
CA ARG B 740 -16.97 9.89 -13.59
C ARG B 740 -15.70 9.54 -12.81
N GLN B 741 -15.86 8.78 -11.72
CA GLN B 741 -14.72 8.42 -10.90
C GLN B 741 -13.74 7.54 -11.67
N ILE B 742 -14.25 6.57 -12.43
CA ILE B 742 -13.38 5.69 -13.19
C ILE B 742 -12.61 6.47 -14.25
N ASP B 743 -13.31 7.35 -14.98
CA ASP B 743 -12.63 8.13 -16.00
C ASP B 743 -11.56 9.03 -15.41
N LEU B 744 -11.89 9.71 -14.30
CA LEU B 744 -10.90 10.57 -13.66
C LEU B 744 -9.69 9.79 -13.17
N ALA B 745 -9.94 8.62 -12.56
CA ALA B 745 -8.83 7.81 -12.05
C ALA B 745 -7.97 7.29 -13.20
N LEU B 746 -8.58 6.87 -14.30
CA LEU B 746 -7.80 6.39 -15.43
C LEU B 746 -6.96 7.50 -16.04
N LEU B 747 -7.53 8.70 -16.17
CA LEU B 747 -6.75 9.82 -16.70
C LEU B 747 -5.61 10.18 -15.76
N GLN B 748 -5.86 10.14 -14.44
CA GLN B 748 -4.79 10.39 -13.48
C GLN B 748 -3.69 9.35 -13.58
N PHE B 749 -4.06 8.08 -13.75
CA PHE B 749 -3.06 7.03 -13.90
C PHE B 749 -2.22 7.24 -15.15
N VAL B 750 -2.86 7.61 -16.26
CA VAL B 750 -2.12 7.86 -17.50
C VAL B 750 -1.19 9.04 -17.34
N GLY B 751 -1.66 10.12 -16.70
CA GLY B 751 -0.83 11.30 -16.55
C GLY B 751 0.36 11.09 -15.63
N ASP B 752 0.15 10.40 -14.51
CA ASP B 752 1.20 10.29 -13.50
C ASP B 752 2.35 9.37 -13.91
N GLY B 753 2.21 8.62 -15.00
CA GLY B 753 3.31 7.85 -15.54
C GLY B 753 3.34 6.37 -15.21
N GLU B 754 2.45 5.90 -14.33
CA GLU B 754 2.44 4.48 -14.00
C GLU B 754 2.20 3.62 -15.24
N MET B 755 1.43 4.13 -16.20
CA MET B 755 1.11 3.36 -17.40
C MET B 755 2.36 3.03 -18.20
N GLU B 756 3.34 3.95 -18.22
CA GLU B 756 4.57 3.69 -18.95
C GLU B 756 5.32 2.49 -18.37
N GLU B 757 5.51 2.48 -17.05
CA GLU B 757 6.21 1.37 -16.42
C GLU B 757 5.42 0.08 -16.55
N LEU B 758 4.10 0.15 -16.42
CA LEU B 758 3.28 -1.05 -16.55
C LEU B 758 3.37 -1.64 -17.95
N GLU B 759 3.32 -0.77 -18.97
CA GLU B 759 3.44 -1.25 -20.35
C GLU B 759 4.84 -1.82 -20.61
N THR B 760 5.87 -1.20 -20.03
CA THR B 760 7.22 -1.75 -20.17
C THR B 760 7.32 -3.13 -19.54
N LEU B 761 6.66 -3.32 -18.39
CA LEU B 761 6.73 -4.61 -17.71
C LEU B 761 5.96 -5.69 -18.44
N TRP B 762 4.74 -5.39 -18.88
CA TRP B 762 3.85 -6.41 -19.41
C TRP B 762 3.86 -6.52 -20.93
N LEU B 763 4.11 -5.42 -21.65
CA LEU B 763 4.03 -5.40 -23.11
C LEU B 763 5.36 -4.93 -23.68
N THR B 764 6.28 -5.88 -23.89
CA THR B 764 7.58 -5.55 -24.46
C THR B 764 8.10 -6.78 -25.20
N GLY B 765 8.57 -6.58 -26.43
CA GLY B 765 9.04 -7.69 -27.23
C GLY B 765 10.39 -8.21 -26.77
N ILE B 766 10.65 -9.48 -27.10
CA ILE B 766 11.94 -10.08 -26.77
C ILE B 766 13.06 -9.41 -27.57
N CYS B 767 12.87 -9.26 -28.87
CA CYS B 767 13.82 -8.56 -29.71
C CYS B 767 13.26 -7.23 -30.20
N HIS B 768 12.12 -7.26 -30.90
CA HIS B 768 11.37 -6.08 -31.34
C HIS B 768 12.27 -4.93 -31.78
N ASN B 769 12.60 -4.04 -30.83
CA ASN B 769 13.45 -2.89 -31.15
C ASN B 769 14.87 -3.32 -31.48
N GLU B 770 15.38 -4.35 -30.79
CA GLU B 770 16.75 -4.81 -31.00
C GLU B 770 16.89 -5.37 -32.40
N LYS B 771 17.59 -4.64 -33.27
CA LYS B 771 17.80 -5.07 -34.65
C LYS B 771 19.00 -4.36 -35.26
N LEU B 779 29.95 -10.87 -52.93
CA LEU B 779 29.80 -11.31 -54.31
C LEU B 779 28.56 -12.19 -54.46
N ASP B 780 27.40 -11.63 -54.14
CA ASP B 780 26.15 -12.38 -54.27
C ASP B 780 25.83 -12.63 -55.73
N ILE B 781 25.34 -13.84 -56.02
CA ILE B 781 25.00 -14.21 -57.39
C ILE B 781 23.88 -13.32 -57.92
N ASP B 782 22.85 -13.09 -57.11
CA ASP B 782 21.74 -12.23 -57.54
C ASP B 782 22.17 -10.78 -57.67
N ASN B 783 23.14 -10.34 -56.86
CA ASN B 783 23.57 -8.94 -56.89
C ASN B 783 24.23 -8.59 -58.22
N MET B 784 24.84 -9.57 -58.89
CA MET B 784 25.58 -9.33 -60.11
C MET B 784 24.73 -9.43 -61.37
N ALA B 785 23.41 -9.64 -61.23
CA ALA B 785 22.54 -9.75 -62.40
C ALA B 785 22.49 -8.45 -63.18
N GLY B 786 22.26 -7.32 -62.49
CA GLY B 786 22.15 -6.05 -63.18
C GLY B 786 23.44 -5.62 -63.85
N VAL B 787 24.57 -5.80 -63.15
CA VAL B 787 25.85 -5.44 -63.74
C VAL B 787 26.17 -6.34 -64.93
N PHE B 788 25.78 -7.61 -64.86
CA PHE B 788 26.00 -8.51 -66.00
C PHE B 788 25.12 -8.12 -67.19
N TYR B 789 23.89 -7.68 -66.94
CA TYR B 789 23.04 -7.19 -68.03
C TYR B 789 23.63 -5.93 -68.65
N MET B 790 24.16 -5.04 -67.81
CA MET B 790 24.82 -3.83 -68.33
C MET B 790 26.05 -4.20 -69.16
N LEU B 791 26.81 -5.19 -68.70
CA LEU B 791 27.97 -5.65 -69.46
C LEU B 791 27.54 -6.25 -70.81
N ALA B 792 26.43 -6.99 -70.82
CA ALA B 792 25.92 -7.53 -72.08
C ALA B 792 25.49 -6.42 -73.03
N ALA B 793 24.83 -5.38 -72.49
CA ALA B 793 24.45 -4.24 -73.33
C ALA B 793 25.66 -3.53 -73.90
N ALA B 794 26.70 -3.34 -73.07
CA ALA B 794 27.94 -2.73 -73.56
C ALA B 794 28.60 -3.61 -74.60
N MET B 795 28.52 -4.93 -74.43
CA MET B 795 29.06 -5.86 -75.42
C MET B 795 28.33 -5.72 -76.76
N ALA B 796 27.00 -5.62 -76.72
CA ALA B 796 26.23 -5.42 -77.94
C ALA B 796 26.60 -4.10 -78.60
N LEU B 797 26.77 -3.04 -77.81
CA LEU B 797 27.17 -1.76 -78.37
C LEU B 797 28.55 -1.84 -79.01
N SER B 798 29.48 -2.54 -78.36
CA SER B 798 30.82 -2.69 -78.91
C SER B 798 30.79 -3.49 -80.21
N LEU B 799 29.97 -4.55 -80.26
CA LEU B 799 29.84 -5.32 -81.49
C LEU B 799 29.26 -4.48 -82.62
N ILE B 800 28.25 -3.66 -82.31
CA ILE B 800 27.68 -2.77 -83.31
C ILE B 800 28.71 -1.78 -83.82
N THR B 801 29.50 -1.21 -82.90
CA THR B 801 30.54 -0.27 -83.29
C THR B 801 31.59 -0.94 -84.17
N PHE B 802 31.99 -2.16 -83.83
CA PHE B 802 32.95 -2.89 -84.64
C PHE B 802 32.41 -3.19 -86.03
N ILE B 803 31.13 -3.56 -86.12
CA ILE B 803 30.52 -3.82 -87.41
C ILE B 803 30.48 -2.54 -88.24
N TRP B 804 30.13 -1.42 -87.61
CA TRP B 804 30.10 -0.14 -88.32
C TRP B 804 31.48 0.25 -88.81
N GLU B 805 32.50 0.04 -87.97
CA GLU B 805 33.87 0.36 -88.38
C GLU B 805 34.32 -0.53 -89.54
N HIS B 806 33.97 -1.82 -89.50
CA HIS B 806 34.30 -2.70 -90.60
C HIS B 806 33.58 -2.29 -91.89
N LEU B 807 32.35 -1.80 -91.77
CA LEU B 807 31.62 -1.34 -92.96
C LEU B 807 32.33 -0.16 -93.62
N PHE B 808 32.84 0.78 -92.81
CA PHE B 808 33.54 1.94 -93.34
C PHE B 808 35.03 1.64 -93.53
N VAL C 1 -49.42 26.88 36.78
CA VAL C 1 -48.60 27.29 35.65
C VAL C 1 -49.23 28.49 34.96
N ASN C 2 -48.40 29.29 34.31
CA ASN C 2 -48.85 30.46 33.58
C ASN C 2 -48.31 30.40 32.15
N ILE C 3 -49.20 30.47 31.17
CA ILE C 3 -48.83 30.34 29.77
C ILE C 3 -49.24 31.62 29.04
N GLY C 4 -49.15 32.75 29.74
CA GLY C 4 -49.55 34.03 29.19
C GLY C 4 -48.93 34.34 27.84
N ALA C 5 -49.74 34.87 26.93
CA ALA C 5 -49.32 35.08 25.55
C ALA C 5 -49.75 36.45 25.08
N VAL C 6 -49.05 36.96 24.06
CA VAL C 6 -49.35 38.24 23.44
C VAL C 6 -50.13 37.99 22.16
N LEU C 7 -51.29 38.63 22.03
CA LEU C 7 -52.19 38.42 20.91
C LEU C 7 -52.44 39.74 20.18
N SER C 8 -53.03 39.61 18.98
CA SER C 8 -53.26 40.78 18.14
C SER C 8 -54.43 41.61 18.66
N THR C 9 -55.53 40.97 19.06
CA THR C 9 -56.75 41.68 19.40
C THR C 9 -57.41 41.04 20.61
N ARG C 10 -58.37 41.77 21.19
CA ARG C 10 -59.06 41.30 22.39
C ARG C 10 -59.92 40.08 22.10
N LYS C 11 -60.52 40.00 20.91
CA LYS C 11 -61.28 38.81 20.54
C LYS C 11 -60.38 37.58 20.55
N HIS C 12 -59.15 37.73 20.07
CA HIS C 12 -58.19 36.64 20.16
C HIS C 12 -57.85 36.30 21.61
N GLU C 13 -57.84 37.31 22.49
CA GLU C 13 -57.62 37.04 23.91
C GLU C 13 -58.77 36.22 24.50
N GLN C 14 -60.01 36.54 24.14
CA GLN C 14 -61.14 35.74 24.59
C GLN C 14 -61.07 34.33 24.03
N MET C 15 -60.64 34.20 22.77
CA MET C 15 -60.46 32.88 22.17
C MET C 15 -59.38 32.09 22.92
N PHE C 16 -58.30 32.75 23.31
CA PHE C 16 -57.25 32.10 24.09
C PHE C 16 -57.78 31.66 25.45
N ARG C 17 -58.60 32.49 26.09
CA ARG C 17 -59.20 32.10 27.36
C ARG C 17 -60.11 30.89 27.20
N GLU C 18 -60.90 30.86 26.12
CA GLU C 18 -61.74 29.69 25.85
C GLU C 18 -60.90 28.46 25.60
N ALA C 19 -59.79 28.61 24.88
CA ALA C 19 -58.92 27.48 24.60
C ALA C 19 -58.28 26.94 25.88
N VAL C 20 -57.86 27.83 26.77
CA VAL C 20 -57.26 27.37 28.02
C VAL C 20 -58.31 26.74 28.91
N ASN C 21 -59.56 27.22 28.86
CA ASN C 21 -60.64 26.57 29.60
C ASN C 21 -60.89 25.16 29.06
N GLN C 22 -60.87 25.01 27.73
CA GLN C 22 -61.03 23.69 27.13
C GLN C 22 -59.88 22.77 27.52
N ALA C 23 -58.65 23.28 27.52
CA ALA C 23 -57.50 22.47 27.89
C ALA C 23 -57.59 22.03 29.34
N ASN C 24 -58.00 22.95 30.24
CA ASN C 24 -58.18 22.58 31.64
C ASN C 24 -59.34 21.64 31.84
N LYS C 25 -60.25 21.53 30.87
CA LYS C 25 -61.31 20.53 30.95
C LYS C 25 -60.79 19.14 30.61
N ARG C 26 -59.87 19.05 29.67
CA ARG C 26 -59.30 17.77 29.25
C ARG C 26 -58.08 17.35 30.06
N HIS C 27 -57.56 18.22 30.91
CA HIS C 27 -56.35 17.93 31.69
C HIS C 27 -56.44 18.68 33.01
N ALA C 28 -55.32 18.79 33.71
CA ALA C 28 -55.27 19.48 34.99
C ALA C 28 -53.85 19.96 35.23
N SER C 29 -53.71 20.87 36.20
CA SER C 29 -52.41 21.42 36.55
C SER C 29 -52.43 21.77 38.04
N TRP C 30 -51.69 21.00 38.84
CA TRP C 30 -51.66 21.21 40.29
C TRP C 30 -50.52 22.13 40.71
N LYS C 31 -50.43 23.30 40.06
CA LYS C 31 -49.44 24.30 40.43
C LYS C 31 -49.99 25.66 40.02
N ILE C 32 -50.58 26.38 40.97
CA ILE C 32 -51.15 27.71 40.74
C ILE C 32 -52.15 27.65 39.58
N GLN C 33 -52.86 26.53 39.46
CA GLN C 33 -53.84 26.30 38.40
C GLN C 33 -53.14 26.41 37.05
N LEU C 34 -53.85 26.87 36.02
CA LEU C 34 -53.27 27.03 34.69
C LEU C 34 -53.74 28.33 34.03
N ASN C 35 -53.99 29.37 34.83
CA ASN C 35 -54.49 30.62 34.29
C ASN C 35 -53.43 31.28 33.40
N ALA C 36 -53.91 32.01 32.40
CA ALA C 36 -53.07 32.64 31.39
C ALA C 36 -53.20 34.16 31.48
N THR C 37 -52.46 34.85 30.63
CA THR C 37 -52.46 36.30 30.57
C THR C 37 -52.36 36.74 29.11
N SER C 38 -52.85 37.94 28.83
CA SER C 38 -52.85 38.46 27.47
C SER C 38 -52.40 39.91 27.44
N VAL C 39 -51.85 40.32 26.31
CA VAL C 39 -51.42 41.70 26.09
C VAL C 39 -51.37 41.93 24.60
N THR C 40 -51.61 43.19 24.19
CA THR C 40 -51.65 43.56 22.78
C THR C 40 -50.31 44.11 22.34
N HIS C 41 -50.27 44.65 21.12
CA HIS C 41 -49.06 45.22 20.54
C HIS C 41 -49.08 46.74 20.65
N LYS C 42 -47.89 47.33 20.55
CA LYS C 42 -47.71 48.77 20.59
C LYS C 42 -46.83 49.20 19.42
N PRO C 43 -47.09 50.40 18.87
CA PRO C 43 -46.29 50.85 17.72
C PRO C 43 -44.81 50.99 18.02
N ASN C 44 -44.44 51.35 19.23
CA ASN C 44 -43.04 51.50 19.61
C ASN C 44 -42.50 50.15 20.09
N ALA C 45 -41.42 49.69 19.46
CA ALA C 45 -40.86 48.38 19.79
C ALA C 45 -40.27 48.36 21.20
N ILE C 46 -39.64 49.46 21.62
CA ILE C 46 -39.04 49.52 22.95
C ILE C 46 -40.11 49.38 24.03
N GLN C 47 -41.24 50.08 23.85
CA GLN C 47 -42.34 49.94 24.79
C GLN C 47 -42.85 48.51 24.82
N MET C 48 -42.96 47.88 23.66
CA MET C 48 -43.39 46.48 23.61
C MET C 48 -42.42 45.59 24.38
N ALA C 49 -41.11 45.80 24.21
CA ALA C 49 -40.13 44.95 24.89
C ALA C 49 -40.20 45.11 26.40
N LEU C 50 -40.24 46.35 26.87
CA LEU C 50 -40.32 46.56 28.33
C LEU C 50 -41.63 46.01 28.87
N SER C 51 -42.73 46.16 28.11
CA SER C 51 -44.02 45.66 28.56
C SER C 51 -44.02 44.14 28.67
N VAL C 52 -43.49 43.45 27.65
CA VAL C 52 -43.50 41.99 27.71
C VAL C 52 -42.59 41.51 28.83
N CYS C 53 -41.45 42.17 29.03
CA CYS C 53 -40.60 41.84 30.17
C CYS C 53 -41.40 41.95 31.47
N GLU C 54 -41.86 43.15 31.79
CA GLU C 54 -42.50 43.41 33.08
C GLU C 54 -43.80 42.63 33.25
N ASP C 55 -44.42 42.15 32.18
CA ASP C 55 -45.68 41.43 32.28
C ASP C 55 -45.45 39.92 32.37
N LEU C 56 -44.83 39.34 31.34
CA LEU C 56 -44.65 37.89 31.32
C LEU C 56 -43.68 37.44 32.40
N ILE C 57 -42.55 38.14 32.55
CA ILE C 57 -41.53 37.66 33.48
C ILE C 57 -42.02 37.76 34.92
N SER C 58 -42.68 38.88 35.26
CA SER C 58 -43.19 39.04 36.62
C SER C 58 -44.26 38.02 36.95
N SER C 59 -44.95 37.47 35.96
CA SER C 59 -45.94 36.44 36.17
C SER C 59 -45.35 35.04 36.21
N GLN C 60 -44.05 34.90 35.96
CA GLN C 60 -43.35 33.61 35.97
C GLN C 60 -44.00 32.64 34.99
N VAL C 61 -43.96 33.02 33.71
CA VAL C 61 -44.56 32.20 32.67
C VAL C 61 -43.64 31.04 32.32
N TYR C 62 -44.22 29.99 31.74
CA TYR C 62 -43.46 28.85 31.25
C TYR C 62 -43.28 28.87 29.74
N ALA C 63 -44.09 29.65 29.03
CA ALA C 63 -44.00 29.80 27.58
C ALA C 63 -44.76 31.07 27.20
N ILE C 64 -44.87 31.29 25.89
CA ILE C 64 -45.57 32.47 25.38
C ILE C 64 -45.87 32.23 23.90
N LEU C 65 -46.97 32.80 23.43
CA LEU C 65 -47.38 32.73 22.03
C LEU C 65 -47.41 34.14 21.47
N VAL C 66 -46.81 34.33 20.29
CA VAL C 66 -46.75 35.64 19.64
C VAL C 66 -47.36 35.51 18.25
N SER C 67 -48.19 36.50 17.89
CA SER C 67 -48.88 36.51 16.61
C SER C 67 -48.59 37.81 15.87
N HIS C 68 -48.66 37.74 14.55
CA HIS C 68 -48.47 38.92 13.73
C HIS C 68 -49.73 39.79 13.76
N PRO C 69 -49.62 41.08 14.08
CA PRO C 69 -50.79 41.94 14.11
C PRO C 69 -51.27 42.24 12.70
N PRO C 70 -52.43 42.89 12.55
CA PRO C 70 -52.89 43.29 11.20
C PRO C 70 -52.01 44.32 10.53
N THR C 71 -50.90 44.72 11.15
CA THR C 71 -49.97 45.64 10.52
C THR C 71 -49.37 44.99 9.27
N PRO C 72 -49.34 45.70 8.14
CA PRO C 72 -48.87 45.06 6.89
C PRO C 72 -47.37 44.81 6.86
N ASN C 73 -46.94 43.73 7.51
CA ASN C 73 -45.56 43.24 7.44
C ASN C 73 -44.56 44.30 7.90
N ASP C 74 -44.67 44.66 9.18
CA ASP C 74 -43.73 45.60 9.77
C ASP C 74 -42.33 45.01 9.95
N HIS C 75 -42.18 43.69 9.78
CA HIS C 75 -40.91 42.97 9.90
C HIS C 75 -40.38 42.96 11.33
N PHE C 76 -41.07 43.60 12.27
CA PHE C 76 -40.58 43.70 13.64
C PHE C 76 -41.65 43.37 14.66
N THR C 77 -42.55 42.45 14.34
CA THR C 77 -43.61 42.11 15.27
C THR C 77 -43.11 41.17 16.37
N PRO C 78 -42.46 40.02 16.05
CA PRO C 78 -42.09 39.08 17.12
C PRO C 78 -40.70 39.30 17.69
N THR C 79 -39.87 40.11 17.01
CA THR C 79 -38.47 40.21 17.42
C THR C 79 -38.26 40.72 18.85
N PRO C 80 -38.97 41.74 19.36
CA PRO C 80 -38.68 42.15 20.74
C PRO C 80 -38.97 41.06 21.75
N VAL C 81 -40.07 40.34 21.56
CA VAL C 81 -40.38 39.21 22.44
C VAL C 81 -39.28 38.15 22.32
N SER C 82 -38.84 37.88 21.09
CA SER C 82 -37.79 36.88 20.88
C SER C 82 -36.51 37.25 21.62
N TYR C 83 -36.09 38.52 21.52
CA TYR C 83 -34.87 38.93 22.20
C TYR C 83 -35.02 38.90 23.71
N THR C 84 -36.14 39.42 24.22
CA THR C 84 -36.35 39.46 25.67
C THR C 84 -36.39 38.06 26.26
N ALA C 85 -37.07 37.13 25.59
CA ALA C 85 -37.08 35.75 26.05
C ALA C 85 -35.82 35.00 25.71
N GLY C 86 -34.97 35.54 24.84
CA GLY C 86 -33.70 34.94 24.52
C GLY C 86 -32.60 35.33 25.49
N PHE C 87 -32.80 36.43 26.21
CA PHE C 87 -31.92 36.70 27.33
C PHE C 87 -31.98 35.57 28.35
N TYR C 88 -33.15 34.99 28.53
CA TYR C 88 -33.33 33.74 29.24
C TYR C 88 -33.51 32.62 28.22
N ARG C 89 -33.88 31.43 28.68
CA ARG C 89 -34.09 30.30 27.78
C ARG C 89 -35.56 29.93 27.64
N ILE C 90 -36.46 30.82 28.04
CA ILE C 90 -37.90 30.53 27.90
C ILE C 90 -38.27 30.54 26.42
N PRO C 91 -38.87 29.48 25.89
CA PRO C 91 -39.22 29.45 24.47
C PRO C 91 -40.41 30.35 24.15
N VAL C 92 -40.51 30.69 22.87
CA VAL C 92 -41.64 31.46 22.35
C VAL C 92 -42.25 30.67 21.20
N LEU C 93 -43.53 30.92 20.95
CA LEU C 93 -44.28 30.23 19.90
C LEU C 93 -44.82 31.25 18.92
N GLY C 94 -44.45 31.11 17.65
CA GLY C 94 -44.93 32.00 16.62
C GLY C 94 -46.18 31.45 15.97
N LEU C 95 -47.20 32.29 15.86
CA LEU C 95 -48.48 31.85 15.32
C LEU C 95 -48.53 31.94 13.79
N THR C 96 -48.33 33.14 13.23
CA THR C 96 -48.18 33.26 11.77
C THR C 96 -47.25 34.44 11.50
N THR C 97 -45.96 34.16 11.42
CA THR C 97 -44.93 35.15 11.13
C THR C 97 -43.89 34.56 10.18
N ARG C 98 -44.36 33.90 9.11
CA ARG C 98 -43.47 33.15 8.23
C ARG C 98 -42.37 34.04 7.65
N MET C 99 -41.14 33.80 8.08
CA MET C 99 -39.98 34.57 7.64
C MET C 99 -38.75 33.69 7.84
N SER C 100 -37.86 33.68 6.84
CA SER C 100 -36.69 32.80 6.92
C SER C 100 -35.64 33.32 7.89
N ILE C 101 -35.66 34.60 8.23
CA ILE C 101 -34.67 35.15 9.15
C ILE C 101 -34.82 34.53 10.54
N TYR C 102 -36.03 34.09 10.89
CA TYR C 102 -36.30 33.53 12.20
C TYR C 102 -35.97 32.05 12.29
N SER C 103 -35.13 31.54 11.39
CA SER C 103 -34.76 30.13 11.38
C SER C 103 -33.37 29.85 11.90
N ASP C 104 -32.44 30.80 11.77
CA ASP C 104 -31.08 30.59 12.24
C ASP C 104 -31.05 30.56 13.77
N LYS C 105 -30.71 29.40 14.32
CA LYS C 105 -30.67 29.25 15.77
C LYS C 105 -29.57 30.07 16.42
N SER C 106 -28.54 30.46 15.65
CA SER C 106 -27.44 31.22 16.23
C SER C 106 -27.89 32.60 16.71
N ILE C 107 -28.77 33.25 15.97
CA ILE C 107 -29.21 34.61 16.31
C ILE C 107 -30.55 34.63 17.03
N HIS C 108 -31.33 33.55 16.98
CA HIS C 108 -32.66 33.48 17.57
C HIS C 108 -32.80 32.19 18.37
N LEU C 109 -31.86 31.95 19.27
CA LEU C 109 -31.81 30.73 20.07
C LEU C 109 -33.07 30.47 20.88
N SER C 110 -33.99 31.43 20.96
CA SER C 110 -35.25 31.27 21.67
C SER C 110 -36.39 31.53 20.70
N PHE C 111 -36.79 30.51 19.95
CA PHE C 111 -37.91 30.67 19.03
C PHE C 111 -38.50 29.30 18.69
N LEU C 112 -39.74 29.33 18.21
CA LEU C 112 -40.49 28.19 17.72
C LEU C 112 -41.77 28.71 17.06
N ARG C 113 -42.27 27.96 16.09
CA ARG C 113 -43.46 28.38 15.36
C ARG C 113 -44.11 27.18 14.71
N THR C 114 -45.37 27.36 14.30
CA THR C 114 -46.17 26.32 13.68
C THR C 114 -46.58 26.73 12.26
N VAL C 115 -45.68 27.40 11.55
CA VAL C 115 -45.91 27.79 10.17
C VAL C 115 -44.66 27.48 9.37
N PRO C 116 -44.77 26.83 8.21
CA PRO C 116 -43.58 26.53 7.42
C PRO C 116 -42.94 27.81 6.92
N PRO C 117 -41.62 27.84 6.79
CA PRO C 117 -40.95 28.99 6.17
C PRO C 117 -41.00 28.85 4.66
N TYR C 118 -40.35 29.79 3.98
CA TYR C 118 -40.32 29.76 2.52
C TYR C 118 -39.26 28.81 1.97
N SER C 119 -38.41 28.27 2.84
CA SER C 119 -37.63 27.10 2.45
C SER C 119 -38.54 25.93 2.10
N HIS C 120 -39.62 25.76 2.87
CA HIS C 120 -40.63 24.78 2.50
C HIS C 120 -41.29 25.15 1.17
N GLN C 121 -41.44 26.44 0.89
CA GLN C 121 -41.93 26.85 -0.41
C GLN C 121 -40.99 26.39 -1.52
N SER C 122 -39.68 26.54 -1.31
CA SER C 122 -38.71 26.06 -2.30
C SER C 122 -38.76 24.55 -2.44
N SER C 123 -38.93 23.84 -1.32
CA SER C 123 -39.06 22.39 -1.37
C SER C 123 -40.27 21.98 -2.20
N VAL C 124 -41.38 22.69 -2.03
CA VAL C 124 -42.58 22.38 -2.82
C VAL C 124 -42.35 22.76 -4.28
N TRP C 125 -41.61 23.84 -4.55
CA TRP C 125 -41.22 24.14 -5.92
C TRP C 125 -40.53 22.94 -6.55
N PHE C 126 -39.54 22.38 -5.84
CA PHE C 126 -38.80 21.23 -6.35
C PHE C 126 -39.72 20.03 -6.54
N GLU C 127 -40.61 19.78 -5.57
CA GLU C 127 -41.49 18.61 -5.66
C GLU C 127 -42.43 18.73 -6.86
N MET C 128 -42.98 19.93 -7.08
CA MET C 128 -43.93 20.13 -8.18
C MET C 128 -43.22 20.12 -9.53
N MET C 129 -41.99 20.63 -9.59
CA MET C 129 -41.24 20.60 -10.84
C MET C 129 -40.77 19.19 -11.16
N ARG C 130 -40.51 18.38 -10.14
CA ARG C 130 -39.81 17.10 -10.29
C ARG C 130 -40.44 16.21 -11.33
N VAL C 131 -41.68 15.75 -11.11
CA VAL C 131 -42.36 15.01 -12.16
C VAL C 131 -43.19 15.97 -13.02
N TYR C 132 -42.49 16.76 -13.85
CA TYR C 132 -43.12 17.52 -14.91
C TYR C 132 -42.27 17.64 -16.16
N SER C 133 -41.05 17.09 -16.16
CA SER C 133 -40.09 17.24 -17.26
C SER C 133 -39.80 18.71 -17.54
N TRP C 134 -39.19 19.36 -16.55
CA TRP C 134 -38.87 20.79 -16.61
C TRP C 134 -37.47 21.04 -16.06
N ASN C 135 -36.52 20.21 -16.48
CA ASN C 135 -35.18 20.21 -15.88
C ASN C 135 -34.27 21.25 -16.53
N HIS C 136 -34.75 22.49 -16.53
CA HIS C 136 -33.97 23.64 -17.00
C HIS C 136 -34.17 24.83 -16.06
N ILE C 137 -34.16 24.57 -14.75
CA ILE C 137 -34.59 25.56 -13.78
C ILE C 137 -33.63 26.75 -13.77
N ILE C 138 -34.21 27.95 -13.91
CA ILE C 138 -33.52 29.20 -13.61
C ILE C 138 -34.43 29.99 -12.67
N LEU C 139 -33.82 30.91 -11.92
CA LEU C 139 -34.59 31.60 -10.89
C LEU C 139 -34.06 33.02 -10.71
N LEU C 140 -34.94 33.89 -10.24
CA LEU C 140 -34.62 35.28 -9.93
C LEU C 140 -34.70 35.48 -8.42
N VAL C 141 -33.65 36.07 -7.85
CA VAL C 141 -33.51 36.18 -6.41
C VAL C 141 -33.24 37.63 -6.05
N SER C 142 -33.99 38.15 -5.08
CA SER C 142 -33.72 39.48 -4.55
C SER C 142 -32.53 39.42 -3.61
N ASP C 143 -31.67 40.44 -3.68
CA ASP C 143 -30.44 40.47 -2.90
C ASP C 143 -30.76 40.87 -1.47
N ASP C 144 -31.15 39.89 -0.66
CA ASP C 144 -31.40 40.09 0.77
C ASP C 144 -31.25 38.73 1.46
N HIS C 145 -31.71 38.66 2.70
CA HIS C 145 -31.58 37.43 3.46
C HIS C 145 -32.56 36.36 2.97
N GLU C 146 -33.80 36.76 2.68
CA GLU C 146 -34.82 35.79 2.27
C GLU C 146 -34.44 35.13 0.95
N GLY C 147 -34.04 35.93 -0.04
CA GLY C 147 -33.69 35.37 -1.34
C GLY C 147 -32.49 34.45 -1.26
N ARG C 148 -31.49 34.80 -0.44
CA ARG C 148 -30.32 33.95 -0.28
C ARG C 148 -30.71 32.61 0.31
N ALA C 149 -31.58 32.62 1.33
CA ALA C 149 -32.02 31.36 1.92
C ALA C 149 -32.79 30.51 0.92
N ALA C 150 -33.68 31.14 0.15
CA ALA C 150 -34.45 30.40 -0.84
C ALA C 150 -33.53 29.77 -1.89
N GLN C 151 -32.56 30.55 -2.39
CA GLN C 151 -31.63 30.02 -3.39
C GLN C 151 -30.80 28.88 -2.83
N LYS C 152 -30.31 29.03 -1.59
CA LYS C 152 -29.52 27.97 -0.99
C LYS C 152 -30.34 26.70 -0.82
N ARG C 153 -31.58 26.83 -0.35
CA ARG C 153 -32.43 25.65 -0.18
C ARG C 153 -32.70 24.97 -1.51
N LEU C 154 -33.03 25.74 -2.55
CA LEU C 154 -33.28 25.14 -3.84
C LEU C 154 -32.04 24.45 -4.40
N GLU C 155 -30.88 25.08 -4.24
CA GLU C 155 -29.65 24.49 -4.75
C GLU C 155 -29.29 23.21 -4.02
N THR C 156 -29.42 23.20 -2.69
CA THR C 156 -29.07 22.00 -1.93
C THR C 156 -30.09 20.89 -2.15
N LEU C 157 -31.34 21.23 -2.49
CA LEU C 157 -32.30 20.20 -2.85
C LEU C 157 -32.07 19.67 -4.25
N LEU C 158 -31.58 20.51 -5.17
CA LEU C 158 -31.33 20.06 -6.53
C LEU C 158 -30.13 19.14 -6.64
N GLU C 159 -29.20 19.19 -5.68
CA GLU C 159 -28.04 18.31 -5.72
C GLU C 159 -28.41 16.85 -5.52
N GLU C 160 -29.57 16.57 -4.93
CA GLU C 160 -30.04 15.20 -4.74
C GLU C 160 -30.50 14.54 -6.04
N ARG C 161 -30.37 15.24 -7.17
CA ARG C 161 -30.75 14.69 -8.47
C ARG C 161 -29.58 14.73 -9.46
N GLU C 162 -28.38 15.10 -9.00
CA GLU C 162 -27.19 15.21 -9.85
C GLU C 162 -27.45 16.17 -11.02
N SER C 163 -28.00 17.34 -10.69
CA SER C 163 -28.33 18.35 -11.68
C SER C 163 -27.87 19.71 -11.17
N LYS C 164 -28.15 20.75 -11.94
CA LYS C 164 -27.78 22.11 -11.57
C LYS C 164 -28.73 23.09 -12.26
N ALA C 165 -28.79 24.30 -11.72
CA ALA C 165 -29.60 25.34 -12.33
C ALA C 165 -28.92 25.87 -13.58
N GLU C 166 -29.72 26.13 -14.62
CA GLU C 166 -29.16 26.64 -15.87
C GLU C 166 -28.54 28.02 -15.68
N LYS C 167 -29.21 28.88 -14.92
CA LYS C 167 -28.69 30.21 -14.65
C LYS C 167 -29.29 30.72 -13.35
N VAL C 168 -28.58 31.63 -12.70
CA VAL C 168 -29.03 32.28 -11.48
C VAL C 168 -28.78 33.78 -11.61
N LEU C 169 -29.77 34.59 -11.28
CA LEU C 169 -29.69 36.03 -11.42
C LEU C 169 -30.15 36.70 -10.14
N GLN C 170 -29.67 37.93 -9.93
CA GLN C 170 -30.03 38.70 -8.75
C GLN C 170 -30.28 40.15 -9.14
N PHE C 171 -31.13 40.82 -8.37
CA PHE C 171 -31.40 42.23 -8.57
C PHE C 171 -31.42 42.93 -7.22
N ASP C 172 -31.07 44.21 -7.22
CA ASP C 172 -31.01 44.96 -5.98
C ASP C 172 -32.41 45.09 -5.38
N PRO C 173 -32.54 44.95 -4.06
CA PRO C 173 -33.86 45.06 -3.44
C PRO C 173 -34.41 46.47 -3.58
N GLY C 174 -35.70 46.56 -3.92
CA GLY C 174 -36.33 47.85 -4.11
C GLY C 174 -35.73 48.67 -5.23
N THR C 175 -35.39 48.03 -6.34
CA THR C 175 -34.82 48.72 -7.49
C THR C 175 -35.93 49.25 -8.39
N LYS C 176 -35.53 49.97 -9.44
CA LYS C 176 -36.48 50.53 -10.39
C LYS C 176 -36.13 50.28 -11.85
N ASN C 177 -34.91 49.85 -12.16
CA ASN C 177 -34.48 49.59 -13.53
C ASN C 177 -33.94 48.16 -13.59
N VAL C 178 -34.78 47.22 -14.02
CA VAL C 178 -34.42 45.82 -14.09
C VAL C 178 -34.36 45.31 -15.52
N THR C 179 -34.41 46.22 -16.50
CA THR C 179 -34.45 45.81 -17.90
C THR C 179 -33.18 45.06 -18.31
N ALA C 180 -32.02 45.50 -17.81
CA ALA C 180 -30.77 44.84 -18.18
C ALA C 180 -30.75 43.39 -17.70
N LEU C 181 -31.20 43.14 -16.46
CA LEU C 181 -31.20 41.79 -15.93
C LEU C 181 -32.10 40.88 -16.75
N LEU C 182 -33.30 41.37 -17.09
CA LEU C 182 -34.22 40.57 -17.90
C LEU C 182 -33.65 40.31 -19.30
N MET C 183 -33.03 41.32 -19.90
CA MET C 183 -32.41 41.13 -21.20
C MET C 183 -31.27 40.11 -21.13
N GLU C 184 -30.59 40.02 -19.98
CA GLU C 184 -29.56 39.01 -19.80
C GLU C 184 -30.13 37.61 -19.66
N ALA C 185 -31.42 37.49 -19.32
CA ALA C 185 -32.06 36.20 -19.12
C ALA C 185 -32.79 35.69 -20.36
N LYS C 186 -32.78 36.44 -21.46
CA LYS C 186 -33.55 36.04 -22.63
C LYS C 186 -32.77 35.04 -23.49
N GLU C 187 -31.47 35.27 -23.68
CA GLU C 187 -30.68 34.44 -24.58
C GLU C 187 -30.30 33.13 -23.89
N LEU C 188 -31.30 32.27 -23.75
CA LEU C 188 -31.12 30.94 -23.18
C LEU C 188 -32.31 30.09 -23.60
N GLU C 189 -32.21 28.79 -23.32
CA GLU C 189 -33.22 27.82 -23.71
C GLU C 189 -33.92 27.22 -22.49
N ALA C 190 -34.29 28.07 -21.53
CA ALA C 190 -34.95 27.64 -20.29
C ALA C 190 -36.14 28.54 -20.04
N ARG C 191 -37.33 28.11 -20.46
CA ARG C 191 -38.56 28.88 -20.30
C ARG C 191 -39.33 28.47 -19.05
N VAL C 192 -38.68 28.43 -17.89
CA VAL C 192 -39.29 27.88 -16.69
C VAL C 192 -39.14 28.83 -15.49
N ILE C 193 -39.13 30.13 -15.75
CA ILE C 193 -38.82 31.18 -14.77
C ILE C 193 -39.47 30.92 -13.42
N ILE C 194 -38.70 31.09 -12.33
CA ILE C 194 -39.14 30.79 -10.97
C ILE C 194 -39.05 32.05 -10.12
N LEU C 195 -39.37 33.19 -10.72
CA LEU C 195 -39.36 34.49 -10.04
C LEU C 195 -39.90 34.40 -8.63
N SER C 196 -39.11 34.90 -7.67
CA SER C 196 -39.45 34.83 -6.25
C SER C 196 -39.14 36.15 -5.55
N ALA C 197 -39.62 37.26 -6.12
CA ALA C 197 -39.37 38.58 -5.55
C ALA C 197 -40.32 38.83 -4.38
N SER C 198 -40.40 40.08 -3.93
CA SER C 198 -41.24 40.47 -2.81
C SER C 198 -42.04 41.72 -3.16
N GLU C 199 -43.36 41.56 -3.32
CA GLU C 199 -44.29 42.66 -3.47
C GLU C 199 -43.96 43.61 -4.61
N ASP C 200 -43.49 44.82 -4.27
CA ASP C 200 -43.30 45.85 -5.28
C ASP C 200 -42.20 45.47 -6.27
N ASP C 201 -41.16 44.79 -5.80
CA ASP C 201 -40.15 44.27 -6.73
C ASP C 201 -40.77 43.29 -7.71
N ALA C 202 -41.68 42.43 -7.22
CA ALA C 202 -42.38 41.51 -8.10
C ALA C 202 -43.23 42.27 -9.11
N ALA C 203 -43.90 43.33 -8.68
CA ALA C 203 -44.70 44.12 -9.61
C ALA C 203 -43.83 44.75 -10.70
N THR C 204 -42.68 45.31 -10.30
CA THR C 204 -41.79 45.94 -11.27
C THR C 204 -41.25 44.92 -12.27
N VAL C 205 -40.82 43.75 -11.78
CA VAL C 205 -40.30 42.75 -12.71
C VAL C 205 -41.41 42.19 -13.59
N TYR C 206 -42.64 42.12 -13.07
CA TYR C 206 -43.76 41.72 -13.90
C TYR C 206 -43.99 42.72 -15.04
N ARG C 207 -43.95 44.01 -14.71
CA ARG C 207 -44.11 45.03 -15.74
C ARG C 207 -43.01 44.93 -16.79
N ALA C 208 -41.76 44.73 -16.33
CA ALA C 208 -40.65 44.60 -17.27
C ALA C 208 -40.81 43.37 -18.16
N ALA C 209 -41.25 42.25 -17.58
CA ALA C 209 -41.44 41.04 -18.37
C ALA C 209 -42.55 41.19 -19.39
N ALA C 210 -43.65 41.85 -19.00
CA ALA C 210 -44.72 42.12 -19.94
C ALA C 210 -44.24 43.03 -21.06
N MET C 211 -43.38 43.99 -20.74
CA MET C 211 -42.83 44.87 -21.75
C MET C 211 -41.96 44.09 -22.75
N LEU C 212 -41.04 43.28 -22.22
CA LEU C 212 -40.05 42.59 -23.05
C LEU C 212 -40.58 41.34 -23.73
N ASN C 213 -41.89 41.16 -23.82
CA ASN C 213 -42.51 40.03 -24.50
C ASN C 213 -41.99 38.69 -23.96
N MET C 214 -41.97 38.58 -22.62
CA MET C 214 -41.54 37.36 -21.96
C MET C 214 -42.69 36.42 -21.62
N THR C 215 -43.93 36.84 -21.83
CA THR C 215 -45.10 36.02 -21.52
C THR C 215 -45.89 35.77 -22.81
N GLY C 216 -46.27 34.52 -23.02
CA GLY C 216 -47.06 34.15 -24.19
C GLY C 216 -46.43 33.07 -25.03
N SER C 217 -47.17 31.97 -25.22
CA SER C 217 -46.73 30.83 -26.03
C SER C 217 -45.40 30.28 -25.51
N GLY C 218 -45.41 29.80 -24.28
CA GLY C 218 -44.24 29.32 -23.59
C GLY C 218 -43.91 30.19 -22.40
N TYR C 219 -42.71 29.96 -21.86
CA TYR C 219 -42.21 30.70 -20.70
C TYR C 219 -43.18 30.58 -19.52
N VAL C 220 -43.34 29.34 -19.05
CA VAL C 220 -44.22 29.09 -17.91
C VAL C 220 -43.66 29.77 -16.68
N TRP C 221 -44.46 30.62 -16.06
CA TRP C 221 -44.03 31.38 -14.90
C TRP C 221 -44.34 30.60 -13.62
N LEU C 222 -43.59 30.93 -12.56
CA LEU C 222 -43.75 30.29 -11.26
C LEU C 222 -43.53 31.35 -10.20
N VAL C 223 -44.57 31.67 -9.44
CA VAL C 223 -44.57 32.81 -8.53
C VAL C 223 -44.81 32.31 -7.11
N GLY C 224 -44.04 32.85 -6.17
CA GLY C 224 -44.19 32.49 -4.77
C GLY C 224 -45.43 33.09 -4.16
N GLU C 225 -45.55 32.89 -2.84
CA GLU C 225 -46.73 33.37 -2.12
C GLU C 225 -46.84 34.89 -2.19
N ARG C 226 -45.72 35.60 -2.05
CA ARG C 226 -45.72 37.06 -2.09
C ARG C 226 -45.47 37.58 -3.51
N GLU C 227 -46.22 37.05 -4.47
CA GLU C 227 -46.16 37.55 -5.83
C GLU C 227 -47.52 37.61 -6.51
N ILE C 228 -48.59 37.18 -5.84
CA ILE C 228 -49.93 37.20 -6.41
C ILE C 228 -50.90 37.87 -5.44
N SER C 229 -50.36 38.71 -4.57
CA SER C 229 -51.16 39.36 -3.54
C SER C 229 -51.03 40.88 -3.65
N GLY C 230 -52.12 41.58 -3.39
CA GLY C 230 -52.11 43.03 -3.43
C GLY C 230 -51.80 43.56 -4.81
N ASN C 231 -50.94 44.58 -4.85
CA ASN C 231 -50.62 45.27 -6.10
C ASN C 231 -50.03 44.32 -7.14
N ALA C 232 -49.41 43.21 -6.71
CA ALA C 232 -48.86 42.25 -7.65
C ALA C 232 -49.94 41.70 -8.59
N LEU C 233 -51.19 41.62 -8.12
CA LEU C 233 -52.26 41.16 -8.99
C LEU C 233 -52.54 42.15 -10.10
N ARG C 234 -52.36 43.45 -9.85
CA ARG C 234 -52.64 44.45 -10.87
C ARG C 234 -51.72 44.28 -12.07
N TYR C 235 -50.44 44.03 -11.83
CA TYR C 235 -49.44 43.87 -12.90
C TYR C 235 -49.01 42.40 -12.88
N ALA C 236 -49.71 41.57 -13.64
CA ALA C 236 -49.37 40.15 -13.66
C ALA C 236 -49.91 39.47 -14.91
N PRO C 237 -49.06 38.79 -15.67
CA PRO C 237 -49.56 38.01 -16.81
C PRO C 237 -50.35 36.80 -16.34
N ASP C 238 -51.33 36.42 -17.15
CA ASP C 238 -52.14 35.25 -16.82
C ASP C 238 -51.35 33.97 -17.02
N GLY C 239 -51.82 32.90 -16.40
CA GLY C 239 -51.16 31.62 -16.45
C GLY C 239 -50.15 31.38 -15.37
N ILE C 240 -49.89 32.37 -14.52
CA ILE C 240 -48.96 32.17 -13.41
C ILE C 240 -49.50 31.13 -12.46
N LEU C 241 -48.60 30.36 -11.84
CA LEU C 241 -48.99 29.34 -10.87
C LEU C 241 -48.67 29.89 -9.48
N GLY C 242 -49.62 30.64 -8.93
CA GLY C 242 -49.43 31.36 -7.68
C GLY C 242 -49.60 30.50 -6.46
N LEU C 243 -48.57 29.71 -6.15
CA LEU C 243 -48.63 28.80 -5.00
C LEU C 243 -48.94 29.56 -3.72
N GLN C 244 -49.89 29.02 -2.95
CA GLN C 244 -50.30 29.61 -1.68
C GLN C 244 -50.52 28.48 -0.67
N LEU C 245 -50.96 28.86 0.53
CA LEU C 245 -51.08 27.93 1.65
C LEU C 245 -52.52 27.90 2.14
N ILE C 246 -53.02 26.70 2.43
CA ILE C 246 -54.40 26.53 2.86
C ILE C 246 -54.49 26.73 4.37
N ASN C 247 -55.43 27.58 4.78
CA ASN C 247 -55.70 27.89 6.19
C ASN C 247 -54.50 28.53 6.88
N GLY C 248 -53.58 29.13 6.10
CA GLY C 248 -52.43 29.78 6.70
C GLY C 248 -52.81 31.01 7.51
N LYS C 249 -53.71 31.83 6.97
CA LYS C 249 -54.09 33.08 7.63
C LYS C 249 -54.98 32.86 8.84
N ASN C 250 -55.62 31.71 8.97
CA ASN C 250 -56.45 31.42 10.14
C ASN C 250 -55.57 31.19 11.36
N GLU C 251 -56.05 31.62 12.53
CA GLU C 251 -55.29 31.51 13.75
C GLU C 251 -55.97 30.69 14.84
N SER C 252 -57.29 30.51 14.78
CA SER C 252 -57.99 29.74 15.80
C SER C 252 -57.48 28.31 15.85
N ALA C 253 -57.33 27.69 14.68
CA ALA C 253 -56.75 26.35 14.63
C ALA C 253 -55.33 26.35 15.15
N HIS C 254 -54.55 27.36 14.77
CA HIS C 254 -53.17 27.47 15.26
C HIS C 254 -53.15 27.66 16.77
N ILE C 255 -54.05 28.47 17.31
CA ILE C 255 -54.09 28.70 18.76
C ILE C 255 -54.43 27.41 19.48
N SER C 256 -55.43 26.68 18.98
CA SER C 256 -55.81 25.42 19.62
C SER C 256 -54.66 24.40 19.57
N ASP C 257 -54.01 24.28 18.42
CA ASP C 257 -52.89 23.35 18.32
C ASP C 257 -51.75 23.75 19.24
N ALA C 258 -51.47 25.05 19.33
CA ALA C 258 -50.38 25.52 20.18
C ALA C 258 -50.67 25.25 21.65
N VAL C 259 -51.89 25.53 22.10
CA VAL C 259 -52.21 25.30 23.51
C VAL C 259 -52.21 23.81 23.81
N GLY C 260 -52.68 22.99 22.88
CA GLY C 260 -52.63 21.55 23.09
C GLY C 260 -51.22 21.02 23.19
N VAL C 261 -50.33 21.47 22.30
CA VAL C 261 -48.96 20.99 22.34
C VAL C 261 -48.24 21.51 23.57
N VAL C 262 -48.57 22.74 24.02
CA VAL C 262 -47.97 23.26 25.24
C VAL C 262 -48.39 22.44 26.44
N ALA C 263 -49.68 22.08 26.52
CA ALA C 263 -50.15 21.25 27.62
C ALA C 263 -49.48 19.88 27.59
N GLN C 264 -49.34 19.29 26.40
CA GLN C 264 -48.68 18.00 26.29
C GLN C 264 -47.22 18.09 26.72
N ALA C 265 -46.54 19.16 26.32
CA ALA C 265 -45.14 19.33 26.72
C ALA C 265 -45.00 19.48 28.23
N VAL C 266 -45.90 20.25 28.85
CA VAL C 266 -45.86 20.41 30.30
C VAL C 266 -46.10 19.06 30.98
N HIS C 267 -47.08 18.31 30.48
CA HIS C 267 -47.41 17.02 31.08
C HIS C 267 -46.27 16.03 30.94
N GLU C 268 -45.52 16.10 29.84
CA GLU C 268 -44.30 15.30 29.74
C GLU C 268 -43.18 15.86 30.61
N LEU C 269 -43.24 17.14 30.93
CA LEU C 269 -42.11 17.81 31.58
C LEU C 269 -42.10 17.62 33.09
N LEU C 270 -43.27 17.62 33.75
CA LEU C 270 -43.23 17.62 35.21
C LEU C 270 -42.56 16.36 35.77
N GLU C 271 -42.49 15.28 34.98
CA GLU C 271 -41.83 14.05 35.42
C GLU C 271 -40.40 14.05 34.88
N LYS C 272 -39.53 14.77 35.59
CA LYS C 272 -38.12 14.86 35.24
C LYS C 272 -37.32 14.83 36.54
N GLU C 273 -36.04 15.19 36.45
CA GLU C 273 -35.18 15.21 37.63
C GLU C 273 -35.61 16.30 38.60
N ASN C 274 -35.57 17.56 38.16
CA ASN C 274 -35.95 18.68 39.00
C ASN C 274 -36.24 19.88 38.11
N ILE C 275 -37.31 20.59 38.43
CA ILE C 275 -37.72 21.79 37.71
C ILE C 275 -37.84 22.94 38.70
N THR C 276 -37.22 24.07 38.37
CA THR C 276 -37.25 25.26 39.20
C THR C 276 -38.14 26.32 38.57
N ASP C 277 -38.52 27.30 39.39
CA ASP C 277 -39.38 28.36 38.91
C ASP C 277 -38.62 29.24 37.91
N PRO C 278 -39.30 29.72 36.87
CA PRO C 278 -38.65 30.62 35.91
C PRO C 278 -38.30 31.94 36.57
N PRO C 279 -37.33 32.68 36.03
CA PRO C 279 -36.97 33.97 36.62
C PRO C 279 -38.14 34.95 36.57
N ARG C 280 -38.21 35.82 37.57
CA ARG C 280 -39.31 36.75 37.72
C ARG C 280 -38.79 38.18 37.80
N GLY C 281 -39.60 39.11 37.31
CA GLY C 281 -39.28 40.53 37.38
C GLY C 281 -38.43 41.04 36.24
N CYS C 282 -37.46 40.24 35.82
CA CYS C 282 -36.49 40.57 34.76
C CYS C 282 -35.74 41.87 35.06
N VAL C 283 -35.75 42.30 36.32
CA VAL C 283 -34.96 43.44 36.74
C VAL C 283 -34.01 43.10 37.89
N GLY C 284 -34.31 42.09 38.70
CA GLY C 284 -33.43 41.67 39.78
C GLY C 284 -32.73 40.35 39.56
N ASN C 285 -32.73 39.82 38.33
CA ASN C 285 -32.12 38.54 38.03
C ASN C 285 -31.22 38.68 36.82
N THR C 286 -30.17 37.85 36.77
CA THR C 286 -29.20 37.88 35.69
C THR C 286 -28.90 36.52 35.08
N ASN C 287 -29.11 35.42 35.80
CA ASN C 287 -28.75 34.09 35.32
C ASN C 287 -29.99 33.35 34.86
N ILE C 288 -29.86 32.63 33.74
CA ILE C 288 -30.97 31.85 33.22
C ILE C 288 -31.29 30.69 34.16
N TRP C 289 -32.54 30.26 34.15
CA TRP C 289 -32.93 29.12 34.96
C TRP C 289 -32.40 27.82 34.35
N LYS C 290 -32.08 26.88 35.22
CA LYS C 290 -31.37 25.66 34.79
C LYS C 290 -32.21 24.80 33.85
N THR C 291 -33.54 24.84 33.99
CA THR C 291 -34.42 23.99 33.20
C THR C 291 -34.92 24.68 31.93
N GLY C 292 -34.14 25.60 31.39
CA GLY C 292 -34.51 26.31 30.18
C GLY C 292 -34.49 25.43 28.94
N PRO C 293 -33.30 24.98 28.53
CA PRO C 293 -33.22 24.14 27.32
C PRO C 293 -33.94 22.82 27.45
N LEU C 294 -34.23 22.35 28.67
CA LEU C 294 -35.00 21.13 28.83
C LEU C 294 -36.41 21.29 28.28
N PHE C 295 -37.02 22.47 28.49
CA PHE C 295 -38.33 22.73 27.94
C PHE C 295 -38.31 22.67 26.42
N LYS C 296 -37.28 23.24 25.79
CA LYS C 296 -37.14 23.13 24.35
C LYS C 296 -36.96 21.68 23.92
N ARG C 297 -36.17 20.91 24.68
CA ARG C 297 -35.92 19.52 24.32
C ARG C 297 -37.20 18.71 24.34
N VAL C 298 -38.04 18.91 25.36
CA VAL C 298 -39.30 18.17 25.41
C VAL C 298 -40.28 18.71 24.37
N LEU C 299 -40.28 20.02 24.11
CA LEU C 299 -41.22 20.60 23.16
C LEU C 299 -40.93 20.20 21.72
N MET C 300 -39.64 20.05 21.37
CA MET C 300 -39.30 19.62 20.01
C MET C 300 -39.83 18.23 19.73
N SER C 301 -39.64 17.30 20.67
CA SER C 301 -40.12 15.93 20.53
C SER C 301 -41.56 15.84 21.02
N SER C 302 -42.45 16.45 20.25
CA SER C 302 -43.89 16.49 20.58
C SER C 302 -44.66 16.19 19.29
N LYS C 303 -44.94 14.91 19.06
CA LYS C 303 -45.78 14.49 17.94
C LYS C 303 -47.24 14.45 18.41
N TYR C 304 -47.77 15.64 18.67
CA TYR C 304 -49.11 15.79 19.25
C TYR C 304 -50.14 15.41 18.19
N ALA C 305 -50.64 14.18 18.26
CA ALA C 305 -51.69 13.76 17.34
C ALA C 305 -53.00 14.49 17.62
N ASP C 306 -53.22 14.92 18.85
CA ASP C 306 -54.42 15.68 19.21
C ASP C 306 -54.31 17.07 18.61
N GLY C 307 -54.96 17.28 17.47
CA GLY C 307 -54.90 18.56 16.80
C GLY C 307 -56.00 18.67 15.77
N VAL C 308 -56.27 19.91 15.37
CA VAL C 308 -57.31 20.21 14.39
C VAL C 308 -56.75 20.54 13.02
N THR C 309 -55.43 20.63 12.89
CA THR C 309 -54.80 20.87 11.60
C THR C 309 -54.04 19.67 11.06
N GLY C 310 -53.80 18.65 11.88
CA GLY C 310 -53.10 17.45 11.48
C GLY C 310 -52.09 17.05 12.52
N ARG C 311 -51.26 16.07 12.16
CA ARG C 311 -50.20 15.59 13.06
C ARG C 311 -49.13 16.67 13.17
N VAL C 312 -49.07 17.34 14.31
CA VAL C 312 -48.12 18.43 14.51
C VAL C 312 -46.75 17.83 14.79
N GLU C 313 -45.82 18.01 13.85
CA GLU C 313 -44.45 17.56 13.99
C GLU C 313 -43.52 18.74 13.79
N PHE C 314 -42.57 18.91 14.70
CA PHE C 314 -41.65 20.03 14.68
C PHE C 314 -40.28 19.55 14.21
N ASN C 315 -39.78 20.16 13.14
CA ASN C 315 -38.42 19.87 12.68
C ASN C 315 -37.40 20.45 13.66
N GLU C 316 -36.24 19.81 13.71
CA GLU C 316 -35.21 20.23 14.66
C GLU C 316 -34.75 21.66 14.40
N ASP C 317 -34.87 22.14 13.16
CA ASP C 317 -34.49 23.51 12.85
C ASP C 317 -35.43 24.54 13.46
N GLY C 318 -36.57 24.12 14.00
CA GLY C 318 -37.51 25.02 14.63
C GLY C 318 -38.74 25.35 13.81
N ASP C 319 -38.87 24.80 12.61
CA ASP C 319 -40.03 25.04 11.76
C ASP C 319 -40.98 23.85 11.84
N ARG C 320 -42.13 23.98 11.17
CA ARG C 320 -43.17 22.97 11.17
C ARG C 320 -43.05 22.11 9.92
N LYS C 321 -43.01 20.79 10.11
CA LYS C 321 -42.94 19.84 9.02
C LYS C 321 -44.35 19.33 8.68
N PHE C 322 -44.45 18.72 7.49
CA PHE C 322 -45.71 18.13 7.01
C PHE C 322 -46.82 19.17 6.96
N ALA C 323 -46.62 20.18 6.11
CA ALA C 323 -47.59 21.25 5.91
C ALA C 323 -48.34 21.01 4.62
N ASN C 324 -49.67 21.13 4.68
CA ASN C 324 -50.52 20.88 3.53
C ASN C 324 -50.66 22.17 2.71
N TYR C 325 -50.01 22.19 1.55
CA TYR C 325 -50.06 23.34 0.67
C TYR C 325 -51.27 23.24 -0.26
N SER C 326 -51.39 24.20 -1.18
CA SER C 326 -52.53 24.23 -2.10
C SER C 326 -52.11 25.00 -3.35
N ILE C 327 -51.97 24.29 -4.47
CA ILE C 327 -51.63 24.94 -5.73
C ILE C 327 -52.77 25.86 -6.15
N MET C 328 -52.41 27.01 -6.71
CA MET C 328 -53.37 27.96 -7.23
C MET C 328 -52.92 28.43 -8.61
N ASN C 329 -53.89 28.86 -9.41
CA ASN C 329 -53.61 29.31 -10.77
C ASN C 329 -54.64 30.37 -11.15
N LEU C 330 -54.19 31.37 -11.90
CA LEU C 330 -55.04 32.48 -12.32
C LEU C 330 -55.26 32.40 -13.83
N GLN C 331 -56.52 32.47 -14.24
CA GLN C 331 -56.91 32.39 -15.65
C GLN C 331 -57.91 33.51 -15.93
N ARG C 332 -57.43 34.60 -16.53
CA ARG C 332 -58.23 35.79 -16.77
C ARG C 332 -58.89 36.27 -15.48
N ARG C 333 -58.03 36.66 -14.54
CA ARG C 333 -58.41 37.04 -13.17
C ARG C 333 -59.01 35.84 -12.44
N LYS C 334 -59.23 36.00 -11.13
CA LYS C 334 -59.77 34.95 -10.27
C LYS C 334 -58.81 33.78 -10.12
N LEU C 335 -58.96 33.02 -9.05
CA LEU C 335 -58.10 31.89 -8.75
C LEU C 335 -58.92 30.61 -8.75
N VAL C 336 -58.27 29.50 -9.12
CA VAL C 336 -58.89 28.18 -9.13
C VAL C 336 -57.94 27.19 -8.48
N GLN C 337 -58.48 26.28 -7.69
CA GLN C 337 -57.66 25.26 -7.05
C GLN C 337 -57.29 24.19 -8.07
N VAL C 338 -56.07 23.65 -7.95
CA VAL C 338 -55.58 22.69 -8.93
C VAL C 338 -55.07 21.42 -8.25
N GLY C 339 -54.67 21.53 -6.99
CA GLY C 339 -54.13 20.35 -6.33
C GLY C 339 -53.96 20.52 -4.85
N ILE C 340 -53.59 19.42 -4.20
CA ILE C 340 -53.37 19.36 -2.76
C ILE C 340 -52.04 18.68 -2.50
N TYR C 341 -51.22 19.29 -1.66
CA TYR C 341 -49.93 18.73 -1.28
C TYR C 341 -50.05 18.07 0.09
N ASN C 342 -49.56 16.83 0.19
CA ASN C 342 -49.63 16.07 1.43
C ASN C 342 -48.27 15.67 1.98
N GLY C 343 -47.18 16.08 1.34
CA GLY C 343 -45.86 15.73 1.81
C GLY C 343 -45.11 14.81 0.86
N THR C 344 -44.12 15.38 0.16
CA THR C 344 -43.28 14.65 -0.79
C THR C 344 -44.12 14.00 -1.90
N HIS C 345 -45.28 14.57 -2.19
CA HIS C 345 -46.16 14.02 -3.23
C HIS C 345 -47.14 15.10 -3.64
N VAL C 346 -47.09 15.52 -4.90
CA VAL C 346 -48.02 16.50 -5.44
C VAL C 346 -49.03 15.77 -6.32
N ILE C 347 -50.29 16.17 -6.21
CA ILE C 347 -51.35 15.57 -7.01
C ILE C 347 -52.15 16.68 -7.69
N PRO C 348 -52.40 16.59 -8.99
CA PRO C 348 -53.24 17.57 -9.67
C PRO C 348 -54.71 17.17 -9.65
N ASN C 349 -55.55 18.14 -9.98
CA ASN C 349 -56.99 17.92 -10.11
C ASN C 349 -57.27 17.39 -11.53
N ASP C 350 -58.54 17.31 -11.89
CA ASP C 350 -58.92 16.95 -13.25
C ASP C 350 -58.93 18.16 -14.19
N ARG C 351 -58.64 19.34 -13.68
CA ARG C 351 -58.64 20.54 -14.49
C ARG C 351 -57.45 20.58 -15.43
N LYS C 352 -57.53 21.44 -16.43
CA LYS C 352 -56.46 21.66 -17.39
C LYS C 352 -55.80 23.00 -17.08
N ILE C 353 -54.47 22.98 -16.96
CA ILE C 353 -53.72 24.18 -16.64
C ILE C 353 -53.67 25.07 -17.88
N ILE C 354 -54.40 26.19 -17.84
CA ILE C 354 -54.37 27.14 -18.93
C ILE C 354 -53.04 27.88 -18.87
N TRP C 355 -52.12 27.51 -19.75
CA TRP C 355 -50.78 28.03 -19.71
C TRP C 355 -50.74 29.49 -20.20
N PRO C 356 -49.66 30.22 -19.89
CA PRO C 356 -49.63 31.65 -20.23
C PRO C 356 -49.49 31.89 -21.73
N GLY C 357 -50.62 31.93 -22.41
CA GLY C 357 -50.64 32.09 -23.86
C GLY C 357 -51.79 31.36 -24.51
N GLY C 358 -52.52 30.57 -23.72
CA GLY C 358 -53.69 29.87 -24.21
C GLY C 358 -53.43 28.49 -24.79
N GLU C 359 -52.18 28.10 -24.93
CA GLU C 359 -51.85 26.78 -25.45
C GLU C 359 -52.22 25.73 -24.41
N THR C 360 -53.22 24.90 -24.71
CA THR C 360 -53.64 23.87 -23.77
C THR C 360 -52.54 22.84 -23.53
N GLU C 361 -51.83 22.46 -24.59
CA GLU C 361 -50.72 21.53 -24.44
C GLU C 361 -49.61 22.17 -23.62
N LYS C 362 -48.94 21.35 -22.81
CA LYS C 362 -47.89 21.86 -21.93
C LYS C 362 -46.71 22.34 -22.75
N PRO C 363 -46.26 23.58 -22.60
CA PRO C 363 -45.12 24.07 -23.38
C PRO C 363 -43.81 23.54 -22.82
N ARG C 364 -42.99 22.98 -23.69
CA ARG C 364 -41.68 22.48 -23.29
C ARG C 364 -40.65 23.59 -23.29
N GLY C 365 -39.50 23.32 -22.67
CA GLY C 365 -38.46 24.31 -22.53
C GLY C 365 -37.15 23.95 -23.18
N TYR C 366 -37.18 23.38 -24.39
CA TYR C 366 -35.97 22.98 -25.10
C TYR C 366 -35.96 23.64 -26.47
N GLN C 367 -34.92 24.43 -26.75
CA GLN C 367 -34.69 24.98 -28.08
C GLN C 367 -33.27 24.74 -28.57
N MET C 368 -32.26 24.87 -27.70
CA MET C 368 -30.85 24.62 -27.97
C MET C 368 -30.23 25.69 -28.87
N SER C 369 -31.07 26.58 -29.42
CA SER C 369 -30.67 27.81 -30.10
C SER C 369 -29.97 27.56 -31.43
N THR C 370 -29.62 26.31 -31.72
CA THR C 370 -29.05 25.87 -32.99
C THR C 370 -28.11 26.90 -33.61
N ARG C 371 -27.22 27.45 -32.78
CA ARG C 371 -26.26 28.44 -33.26
C ARG C 371 -25.05 28.42 -32.32
N LEU C 372 -23.97 27.78 -32.75
CA LEU C 372 -22.80 27.57 -31.91
C LEU C 372 -21.70 28.56 -32.29
N LYS C 373 -21.11 29.19 -31.28
CA LYS C 373 -19.95 30.07 -31.47
C LYS C 373 -18.70 29.24 -31.17
N ILE C 374 -17.93 28.93 -32.21
CA ILE C 374 -16.83 27.98 -32.13
C ILE C 374 -15.52 28.73 -32.04
N VAL C 375 -14.67 28.32 -31.11
CA VAL C 375 -13.38 28.96 -30.86
C VAL C 375 -12.27 28.02 -31.30
N THR C 376 -11.29 28.56 -32.02
CA THR C 376 -10.14 27.78 -32.46
C THR C 376 -8.84 28.45 -32.03
N ILE C 377 -7.70 27.95 -32.53
CA ILE C 377 -6.40 28.52 -32.19
C ILE C 377 -5.45 28.25 -33.36
N HIS C 378 -4.60 29.23 -33.65
CA HIS C 378 -3.66 29.10 -34.75
C HIS C 378 -2.70 27.94 -34.49
N GLN C 379 -2.61 27.03 -35.45
CA GLN C 379 -1.71 25.89 -35.39
C GLN C 379 -1.11 25.68 -36.78
N GLU C 380 0.00 24.95 -36.83
CA GLU C 380 0.69 24.78 -38.10
C GLU C 380 -0.02 23.78 -39.02
N PRO C 381 -0.17 22.50 -38.63
CA PRO C 381 -0.67 21.52 -39.61
C PRO C 381 -2.18 21.34 -39.63
N PHE C 382 -2.86 21.74 -38.56
CA PHE C 382 -4.27 21.39 -38.42
C PHE C 382 -5.20 22.46 -38.98
N VAL C 383 -5.13 23.68 -38.44
CA VAL C 383 -5.95 24.78 -38.90
C VAL C 383 -5.03 25.96 -39.23
N TYR C 384 -5.14 26.46 -40.45
CA TYR C 384 -4.27 27.52 -40.93
C TYR C 384 -4.92 28.89 -40.74
N VAL C 385 -4.09 29.93 -40.80
CA VAL C 385 -4.56 31.31 -40.74
C VAL C 385 -3.79 32.12 -41.79
N LYS C 386 -4.50 32.64 -42.78
CA LYS C 386 -3.92 33.44 -43.84
C LYS C 386 -4.63 34.78 -43.93
N PRO C 387 -3.94 35.83 -44.36
CA PRO C 387 -4.60 37.13 -44.51
C PRO C 387 -5.73 37.07 -45.52
N THR C 388 -6.81 37.78 -45.22
CA THR C 388 -7.97 37.77 -46.11
C THR C 388 -7.65 38.51 -47.40
N LEU C 389 -8.42 38.18 -48.44
CA LEU C 389 -8.29 38.90 -49.70
C LEU C 389 -8.79 40.32 -49.54
N SER C 390 -8.18 41.24 -50.28
CA SER C 390 -8.57 42.64 -50.19
C SER C 390 -10.02 42.85 -50.61
N ASP C 391 -10.53 42.01 -51.52
CA ASP C 391 -11.93 42.12 -51.91
C ASP C 391 -12.86 41.83 -50.74
N GLY C 392 -12.53 40.83 -49.93
CA GLY C 392 -13.35 40.49 -48.79
C GLY C 392 -13.98 39.11 -48.87
N THR C 393 -13.29 38.18 -49.52
CA THR C 393 -13.80 36.83 -49.69
C THR C 393 -12.63 35.86 -49.85
N CYS C 394 -12.93 34.58 -49.76
CA CYS C 394 -11.95 33.51 -49.92
C CYS C 394 -12.26 32.71 -51.17
N LYS C 395 -11.24 32.51 -51.99
CA LYS C 395 -11.37 31.76 -53.24
C LYS C 395 -9.98 31.33 -53.69
N GLU C 396 -9.89 30.83 -54.93
CA GLU C 396 -8.62 30.43 -55.55
C GLU C 396 -7.94 29.33 -54.73
N GLU C 397 -8.61 28.19 -54.65
CA GLU C 397 -8.09 27.02 -53.96
C GLU C 397 -8.29 25.79 -54.82
N PHE C 398 -7.28 24.92 -54.85
CA PHE C 398 -7.35 23.67 -55.62
C PHE C 398 -6.40 22.67 -54.99
N THR C 399 -6.89 21.45 -54.78
CA THR C 399 -6.08 20.40 -54.17
C THR C 399 -5.04 19.86 -55.15
N VAL C 400 -4.11 19.07 -54.61
CA VAL C 400 -3.06 18.48 -55.43
C VAL C 400 -3.67 17.53 -56.47
N ASN C 401 -4.63 16.71 -56.06
CA ASN C 401 -5.31 15.81 -56.98
C ASN C 401 -6.41 16.51 -57.77
N GLY C 402 -6.81 17.71 -57.36
CA GLY C 402 -7.85 18.45 -58.05
C GLY C 402 -9.19 18.38 -57.35
N ASP C 403 -9.51 19.41 -56.57
CA ASP C 403 -10.76 19.51 -55.82
C ASP C 403 -10.83 20.85 -55.12
N PRO C 404 -12.03 21.37 -54.85
CA PRO C 404 -12.14 22.60 -54.08
C PRO C 404 -11.72 22.38 -52.63
N VAL C 405 -11.25 23.46 -52.00
CA VAL C 405 -10.87 23.44 -50.59
C VAL C 405 -11.89 24.28 -49.83
N LYS C 406 -12.60 23.63 -48.90
CA LYS C 406 -13.65 24.30 -48.15
C LYS C 406 -13.02 25.18 -47.08
N LYS C 407 -13.38 26.46 -47.08
CA LYS C 407 -12.84 27.43 -46.13
C LYS C 407 -13.97 28.27 -45.56
N VAL C 408 -13.80 28.68 -44.30
CA VAL C 408 -14.76 29.54 -43.62
C VAL C 408 -14.06 30.83 -43.25
N ILE C 409 -14.86 31.85 -42.94
CA ILE C 409 -14.35 33.20 -42.69
C ILE C 409 -14.10 33.32 -41.18
N CYS C 410 -12.83 33.25 -40.79
CA CYS C 410 -12.47 33.46 -39.40
C CYS C 410 -12.69 34.91 -39.00
N THR C 411 -13.03 35.12 -37.73
CA THR C 411 -13.22 36.44 -37.16
C THR C 411 -12.39 36.52 -35.88
N GLY C 412 -11.13 36.88 -36.01
CA GLY C 412 -10.23 36.89 -34.89
C GLY C 412 -9.25 38.04 -34.91
N PRO C 413 -8.65 38.34 -33.75
CA PRO C 413 -7.67 39.43 -33.68
C PRO C 413 -6.47 39.16 -34.58
N ASN C 414 -5.97 40.23 -35.20
CA ASN C 414 -4.78 40.16 -36.03
C ASN C 414 -3.53 40.68 -35.34
N ASP C 415 -3.68 41.56 -34.36
CA ASP C 415 -2.54 42.10 -33.62
C ASP C 415 -2.06 41.04 -32.65
N THR C 416 -1.13 40.21 -33.12
CA THR C 416 -0.65 39.09 -32.31
C THR C 416 0.21 39.53 -31.13
N SER C 417 0.75 40.76 -31.17
CA SER C 417 1.57 41.23 -30.06
C SER C 417 0.69 41.61 -28.87
N PRO C 418 1.14 41.32 -27.64
CA PRO C 418 0.34 41.68 -26.47
C PRO C 418 0.33 43.19 -26.22
N GLY C 419 -0.80 43.83 -26.51
CA GLY C 419 -0.92 45.27 -26.37
C GLY C 419 -0.81 45.96 -27.71
N SER C 420 -1.96 46.31 -28.28
CA SER C 420 -2.04 46.84 -29.64
C SER C 420 -3.46 47.27 -29.93
N PRO C 421 -3.73 47.95 -31.06
CA PRO C 421 -5.11 48.21 -31.44
C PRO C 421 -5.80 46.95 -31.94
N ARG C 422 -6.33 46.15 -31.00
CA ARG C 422 -6.96 44.87 -31.33
C ARG C 422 -8.03 45.06 -32.40
N HIS C 423 -7.79 44.46 -33.57
CA HIS C 423 -8.66 44.61 -34.72
C HIS C 423 -9.35 43.29 -35.00
N THR C 424 -10.68 43.34 -35.11
CA THR C 424 -11.47 42.15 -35.45
C THR C 424 -11.58 41.99 -36.96
N VAL C 425 -10.45 42.00 -37.63
CA VAL C 425 -10.44 41.88 -39.10
C VAL C 425 -10.77 40.45 -39.49
N PRO C 426 -11.75 40.23 -40.36
CA PRO C 426 -12.05 38.86 -40.81
C PRO C 426 -10.84 38.26 -41.53
N GLN C 427 -10.70 36.94 -41.37
CA GLN C 427 -9.55 36.22 -41.92
C GLN C 427 -10.04 34.97 -42.63
N CYS C 428 -9.09 34.23 -43.20
CA CYS C 428 -9.37 32.98 -43.92
C CYS C 428 -8.67 31.84 -43.21
N CYS C 429 -9.43 30.81 -42.85
CA CYS C 429 -8.91 29.66 -42.12
C CYS C 429 -9.49 28.37 -42.67
N TYR C 430 -8.67 27.33 -42.66
CA TYR C 430 -9.05 26.03 -43.20
C TYR C 430 -8.13 24.97 -42.62
N GLY C 431 -8.42 23.71 -42.94
CA GLY C 431 -7.52 22.63 -42.61
C GLY C 431 -8.26 21.44 -42.04
N PHE C 432 -7.52 20.63 -41.30
CA PHE C 432 -8.04 19.38 -40.74
C PHE C 432 -9.27 19.64 -39.87
N CYS C 433 -9.14 20.54 -38.89
CA CYS C 433 -10.23 20.79 -37.96
C CYS C 433 -11.44 21.37 -38.68
N ILE C 434 -11.21 22.24 -39.67
CA ILE C 434 -12.32 22.83 -40.41
C ILE C 434 -13.06 21.77 -41.21
N ASP C 435 -12.33 20.85 -41.85
CA ASP C 435 -12.97 19.77 -42.59
C ASP C 435 -13.78 18.87 -41.66
N LEU C 436 -13.22 18.55 -40.50
CA LEU C 436 -13.96 17.74 -39.53
C LEU C 436 -15.21 18.47 -39.07
N LEU C 437 -15.11 19.78 -38.85
CA LEU C 437 -16.28 20.56 -38.43
C LEU C 437 -17.35 20.57 -39.50
N ILE C 438 -16.95 20.71 -40.77
CA ILE C 438 -17.94 20.68 -41.86
C ILE C 438 -18.62 19.32 -41.91
N LYS C 439 -17.84 18.24 -41.77
CA LYS C 439 -18.44 16.91 -41.76
C LYS C 439 -19.42 16.75 -40.61
N LEU C 440 -19.05 17.25 -39.43
CA LEU C 440 -19.95 17.15 -38.28
C LEU C 440 -21.23 17.96 -38.51
N ALA C 441 -21.10 19.15 -39.09
CA ALA C 441 -22.27 19.98 -39.34
C ALA C 441 -23.18 19.38 -40.39
N ARG C 442 -22.61 18.62 -41.34
CA ARG C 442 -23.46 17.91 -42.29
C ARG C 442 -24.14 16.71 -41.64
N THR C 443 -23.41 15.96 -40.80
CA THR C 443 -24.01 14.81 -40.13
C THR C 443 -25.05 15.25 -39.11
N MET C 444 -24.71 16.22 -38.27
CA MET C 444 -25.65 16.82 -37.35
C MET C 444 -26.39 17.95 -38.07
N ASN C 445 -27.09 18.80 -37.30
CA ASN C 445 -27.81 19.93 -37.89
C ASN C 445 -27.56 21.16 -37.02
N PHE C 446 -26.70 22.05 -37.48
CA PHE C 446 -26.46 23.33 -36.83
C PHE C 446 -25.73 24.25 -37.79
N THR C 447 -25.40 25.44 -37.32
CA THR C 447 -24.62 26.41 -38.08
C THR C 447 -23.51 26.97 -37.20
N TYR C 448 -22.38 27.31 -37.82
CA TYR C 448 -21.19 27.69 -37.10
C TYR C 448 -20.82 29.14 -37.36
N GLU C 449 -20.12 29.74 -36.40
CA GLU C 449 -19.68 31.13 -36.43
C GLU C 449 -18.22 31.22 -36.01
N VAL C 450 -17.37 30.40 -36.65
CA VAL C 450 -15.98 30.22 -36.24
C VAL C 450 -15.30 31.56 -36.00
N HIS C 451 -14.68 31.69 -34.84
CA HIS C 451 -13.94 32.90 -34.49
C HIS C 451 -12.69 32.50 -33.70
N LEU C 452 -11.57 33.13 -34.02
CA LEU C 452 -10.29 32.76 -33.45
C LEU C 452 -10.21 33.23 -32.00
N VAL C 453 -9.29 32.60 -31.24
CA VAL C 453 -9.11 32.95 -29.84
C VAL C 453 -8.48 34.34 -29.73
N ALA C 454 -8.68 34.97 -28.57
CA ALA C 454 -8.18 36.32 -28.34
C ALA C 454 -6.74 36.32 -27.87
N ASP C 455 -6.41 35.50 -26.88
CA ASP C 455 -5.06 35.52 -26.31
C ASP C 455 -4.08 34.73 -27.16
N GLY C 456 -4.33 33.43 -27.33
CA GLY C 456 -3.42 32.54 -28.03
C GLY C 456 -2.96 31.35 -27.22
N LYS C 457 -2.98 31.46 -25.89
CA LYS C 457 -2.61 30.35 -25.03
C LYS C 457 -3.66 29.25 -25.12
N PHE C 458 -3.20 28.00 -25.00
CA PHE C 458 -4.14 26.87 -24.99
C PHE C 458 -5.07 26.94 -23.80
N GLY C 459 -4.53 27.24 -22.62
CA GLY C 459 -5.34 27.34 -21.41
C GLY C 459 -4.77 26.55 -20.26
N THR C 460 -4.54 27.22 -19.14
CA THR C 460 -3.94 26.57 -17.97
C THR C 460 -4.44 27.29 -16.72
N GLN C 461 -4.38 26.59 -15.59
CA GLN C 461 -4.71 27.19 -14.31
C GLN C 461 -3.64 28.17 -13.89
N GLU C 462 -4.05 29.32 -13.36
CA GLU C 462 -3.12 30.33 -12.91
C GLU C 462 -3.81 31.21 -11.87
N ARG C 463 -3.00 31.76 -10.97
CA ARG C 463 -3.51 32.62 -9.92
C ARG C 463 -3.76 34.03 -10.46
N VAL C 464 -4.89 34.61 -10.07
CA VAL C 464 -5.25 35.95 -10.53
C VAL C 464 -4.28 36.96 -9.93
N ASN C 465 -3.76 37.85 -10.77
CA ASN C 465 -2.81 38.85 -10.31
C ASN C 465 -3.44 39.77 -9.28
N ASN C 466 -2.63 40.20 -8.31
CA ASN C 466 -3.08 41.08 -7.23
C ASN C 466 -4.26 40.46 -6.46
N SER C 467 -4.22 39.14 -6.29
CA SER C 467 -5.26 38.42 -5.58
C SER C 467 -4.69 37.10 -5.10
N ASN C 468 -5.56 36.21 -4.65
CA ASN C 468 -5.14 34.88 -4.20
C ASN C 468 -5.92 33.74 -4.84
N LYS C 469 -6.97 34.02 -5.61
CA LYS C 469 -7.76 32.99 -6.25
C LYS C 469 -7.11 32.56 -7.56
N LYS C 470 -7.77 31.65 -8.27
CA LYS C 470 -7.27 31.14 -9.54
C LYS C 470 -8.40 31.08 -10.56
N GLU C 471 -8.05 31.24 -11.83
CA GLU C 471 -9.03 31.24 -12.90
C GLU C 471 -8.42 30.63 -14.15
N TRP C 472 -9.31 30.19 -15.05
CA TRP C 472 -8.89 29.56 -16.30
C TRP C 472 -8.55 30.63 -17.34
N ASN C 473 -7.30 30.68 -17.75
CA ASN C 473 -6.85 31.65 -18.74
C ASN C 473 -6.84 30.98 -20.13
N GLY C 474 -6.46 31.78 -21.14
CA GLY C 474 -6.28 31.23 -22.47
C GLY C 474 -7.60 30.85 -23.13
N MET C 475 -7.50 29.89 -24.05
CA MET C 475 -8.65 29.49 -24.85
C MET C 475 -9.74 28.83 -24.01
N MET C 476 -9.35 28.15 -22.93
CA MET C 476 -10.34 27.47 -22.10
C MET C 476 -11.25 28.46 -21.37
N GLY C 477 -10.72 29.63 -21.04
CA GLY C 477 -11.54 30.64 -20.38
C GLY C 477 -12.73 31.07 -21.23
N GLU C 478 -12.54 31.13 -22.55
CA GLU C 478 -13.65 31.41 -23.45
C GLU C 478 -14.70 30.31 -23.38
N LEU C 479 -14.25 29.05 -23.26
CA LEU C 479 -15.20 27.95 -23.14
C LEU C 479 -15.99 28.05 -21.84
N LEU C 480 -15.32 28.44 -20.75
CA LEU C 480 -16.01 28.65 -19.49
C LEU C 480 -16.77 29.97 -19.45
N SER C 481 -16.95 30.61 -20.60
CA SER C 481 -17.69 31.87 -20.69
C SER C 481 -18.79 31.74 -21.73
N GLY C 482 -19.36 32.89 -22.14
CA GLY C 482 -20.50 32.86 -23.03
C GLY C 482 -20.22 32.23 -24.38
N GLN C 483 -19.01 32.40 -24.91
CA GLN C 483 -18.68 31.91 -26.24
C GLN C 483 -18.81 30.40 -26.33
N ALA C 484 -17.94 29.68 -25.61
CA ALA C 484 -18.06 28.24 -25.37
C ALA C 484 -18.46 27.42 -26.58
N ASP C 485 -19.64 26.78 -26.48
CA ASP C 485 -20.21 25.95 -27.52
C ASP C 485 -19.38 24.71 -27.82
N MET C 486 -18.78 24.65 -29.00
CA MET C 486 -18.25 23.43 -29.58
C MET C 486 -16.80 23.60 -29.97
N ILE C 487 -15.98 24.04 -29.00
CA ILE C 487 -14.56 24.28 -29.22
C ILE C 487 -13.90 23.10 -29.94
N VAL C 488 -13.32 23.36 -31.10
CA VAL C 488 -12.62 22.35 -31.88
C VAL C 488 -11.24 22.92 -32.25
N ALA C 489 -10.20 22.22 -31.86
CA ALA C 489 -8.83 22.68 -31.99
C ALA C 489 -7.90 21.53 -31.60
N PRO C 490 -6.59 21.64 -31.85
CA PRO C 490 -5.68 20.57 -31.39
C PRO C 490 -5.57 20.54 -29.87
N LEU C 491 -6.69 20.24 -29.20
CA LEU C 491 -6.72 20.13 -27.75
C LEU C 491 -6.15 18.78 -27.31
N THR C 492 -5.84 18.68 -26.03
CA THR C 492 -5.29 17.46 -25.45
C THR C 492 -6.05 17.11 -24.17
N ILE C 493 -6.04 15.82 -23.85
CA ILE C 493 -6.81 15.30 -22.72
C ILE C 493 -5.93 15.26 -21.49
N ASN C 494 -6.43 15.82 -20.39
CA ASN C 494 -5.71 15.82 -19.13
C ASN C 494 -6.70 15.82 -17.99
N ASN C 495 -6.21 15.44 -16.80
CA ASN C 495 -7.09 15.33 -15.63
C ASN C 495 -7.68 16.69 -15.25
N GLU C 496 -6.85 17.73 -15.21
CA GLU C 496 -7.34 19.05 -14.84
C GLU C 496 -8.35 19.56 -15.84
N ARG C 497 -8.11 19.33 -17.14
CA ARG C 497 -9.06 19.75 -18.16
C ARG C 497 -10.37 18.98 -18.03
N ALA C 498 -10.29 17.67 -17.77
CA ALA C 498 -11.49 16.85 -17.70
C ALA C 498 -12.26 17.05 -16.41
N GLN C 499 -11.65 17.65 -15.38
CA GLN C 499 -12.36 17.84 -14.13
C GLN C 499 -13.53 18.81 -14.29
N TYR C 500 -13.33 19.90 -15.04
CA TYR C 500 -14.36 20.92 -15.19
C TYR C 500 -15.25 20.66 -16.40
N ILE C 501 -14.64 20.56 -17.58
CA ILE C 501 -15.38 20.28 -18.80
C ILE C 501 -15.26 18.80 -19.12
N GLU C 502 -16.08 18.33 -20.04
CA GLU C 502 -16.09 16.93 -20.44
C GLU C 502 -15.76 16.81 -21.93
N PHE C 503 -14.89 15.87 -22.26
CA PHE C 503 -14.39 15.70 -23.61
C PHE C 503 -15.25 14.69 -24.37
N SER C 504 -14.77 14.28 -25.53
CA SER C 504 -15.42 13.25 -26.35
C SER C 504 -14.41 12.14 -26.63
N LYS C 505 -14.81 11.19 -27.46
CA LYS C 505 -13.88 10.16 -27.87
C LYS C 505 -12.77 10.78 -28.71
N PRO C 506 -11.52 10.36 -28.52
CA PRO C 506 -10.41 10.99 -29.23
C PRO C 506 -10.53 10.79 -30.73
N PHE C 507 -10.12 11.82 -31.48
CA PHE C 507 -10.07 11.75 -32.93
C PHE C 507 -8.64 11.79 -33.47
N LYS C 508 -7.66 11.49 -32.63
CA LYS C 508 -6.26 11.38 -33.04
C LYS C 508 -5.48 10.80 -31.87
N TYR C 509 -4.24 10.42 -32.13
CA TYR C 509 -3.34 9.90 -31.11
C TYR C 509 -1.94 10.43 -31.36
N GLN C 510 -1.31 10.98 -30.32
CA GLN C 510 -0.02 11.64 -30.48
C GLN C 510 0.77 11.56 -29.18
N GLY C 511 2.08 11.79 -29.30
CA GLY C 511 2.97 11.78 -28.16
C GLY C 511 3.68 13.11 -27.93
N LEU C 512 4.98 13.07 -27.67
CA LEU C 512 5.76 14.28 -27.41
C LEU C 512 6.89 14.48 -28.41
N THR C 513 7.71 13.46 -28.67
CA THR C 513 8.63 13.43 -29.81
C THR C 513 9.59 14.62 -29.81
N ILE C 514 10.54 14.56 -28.87
CA ILE C 514 11.65 15.51 -28.78
C ILE C 514 12.17 15.87 -30.16
N LEU C 515 12.28 17.17 -30.44
CA LEU C 515 12.72 17.67 -31.74
C LEU C 515 14.07 18.35 -31.60
N VAL C 516 15.00 18.03 -32.49
CA VAL C 516 16.33 18.61 -32.50
C VAL C 516 16.75 18.85 -33.94
N LYS C 517 17.44 19.96 -34.18
CA LYS C 517 17.93 20.28 -35.51
C LYS C 517 18.94 19.22 -35.97
N LYS C 518 18.78 18.78 -37.21
CA LYS C 518 19.64 17.73 -37.75
C LYS C 518 21.08 18.21 -37.87
N GLU C 519 22.01 17.35 -37.48
CA GLU C 519 23.43 17.67 -37.62
C GLU C 519 23.84 17.69 -39.08
N ILE C 520 24.76 18.58 -39.43
CA ILE C 520 25.21 18.74 -40.80
C ILE C 520 26.15 17.58 -41.16
N PRO C 521 25.83 16.79 -42.17
CA PRO C 521 26.72 15.69 -42.58
C PRO C 521 27.88 16.21 -43.41
N ARG C 522 29.08 16.22 -42.81
CA ARG C 522 30.27 16.69 -43.48
C ARG C 522 31.29 15.59 -43.75
N SER C 523 31.10 14.40 -43.18
CA SER C 523 32.03 13.29 -43.38
C SER C 523 31.77 12.69 -44.77
N THR C 524 32.41 13.27 -45.78
CA THR C 524 32.25 12.81 -47.15
C THR C 524 33.59 12.78 -47.88
N LEU C 525 34.68 12.56 -47.15
CA LEU C 525 36.03 12.48 -47.73
C LEU C 525 36.39 13.77 -48.47
N ASP C 526 35.93 14.90 -47.93
CA ASP C 526 36.32 16.18 -48.52
C ASP C 526 37.81 16.43 -48.39
N SER C 527 38.38 16.12 -47.22
CA SER C 527 39.80 16.26 -46.97
C SER C 527 40.40 14.88 -46.69
N PHE C 528 41.49 14.55 -47.38
CA PHE C 528 42.12 13.25 -47.19
C PHE C 528 42.73 13.12 -45.80
N MET C 529 43.27 14.21 -45.25
CA MET C 529 43.92 14.18 -43.95
C MET C 529 42.95 14.30 -42.78
N GLN C 530 41.66 14.49 -43.06
CA GLN C 530 40.69 14.61 -41.96
C GLN C 530 40.58 13.35 -41.11
N PRO C 531 40.42 12.14 -41.68
CA PRO C 531 40.32 10.94 -40.81
C PRO C 531 41.62 10.61 -40.10
N PHE C 532 42.71 10.55 -40.85
CA PHE C 532 44.00 10.15 -40.30
C PHE C 532 44.75 11.37 -39.77
N GLN C 533 46.03 11.20 -39.47
CA GLN C 533 46.86 12.29 -38.98
C GLN C 533 47.47 13.04 -40.16
N SER C 534 47.28 14.36 -40.17
CA SER C 534 47.78 15.17 -41.29
C SER C 534 49.30 15.12 -41.37
N THR C 535 49.97 15.15 -40.23
CA THR C 535 51.44 15.12 -40.21
C THR C 535 51.97 13.84 -40.87
N LEU C 536 51.24 12.73 -40.76
CA LEU C 536 51.64 11.52 -41.44
C LEU C 536 51.78 11.74 -42.95
N TRP C 537 50.94 12.59 -43.52
CA TRP C 537 51.07 12.97 -44.93
C TRP C 537 52.48 13.44 -45.24
N LEU C 538 53.05 14.27 -44.36
CA LEU C 538 54.43 14.70 -44.54
C LEU C 538 55.42 13.62 -44.13
N LEU C 539 55.05 12.78 -43.16
CA LEU C 539 56.00 11.82 -42.61
C LEU C 539 56.39 10.75 -43.63
N VAL C 540 55.65 10.65 -44.74
CA VAL C 540 56.01 9.75 -45.82
C VAL C 540 56.45 10.49 -47.07
N GLY C 541 56.38 11.83 -47.09
CA GLY C 541 56.73 12.57 -48.29
C GLY C 541 58.21 12.48 -48.63
N LEU C 542 59.07 12.59 -47.63
CA LEU C 542 60.52 12.62 -47.86
C LEU C 542 61.17 11.26 -47.68
N SER C 543 60.60 10.39 -46.85
CA SER C 543 61.25 9.12 -46.52
C SER C 543 61.52 8.29 -47.78
N VAL C 544 60.56 8.29 -48.72
CA VAL C 544 60.76 7.55 -49.97
C VAL C 544 62.03 8.00 -50.66
N HIS C 545 62.25 9.31 -50.73
CA HIS C 545 63.47 9.83 -51.32
C HIS C 545 64.70 9.23 -50.64
N VAL C 546 64.68 9.16 -49.31
CA VAL C 546 65.79 8.56 -48.58
C VAL C 546 66.00 7.13 -49.04
N VAL C 547 64.91 6.37 -49.20
CA VAL C 547 65.03 5.01 -49.71
C VAL C 547 65.71 5.02 -51.08
N ALA C 548 65.29 5.93 -51.95
CA ALA C 548 65.95 6.07 -53.24
C ALA C 548 67.43 6.39 -53.05
N VAL C 549 67.74 7.29 -52.13
CA VAL C 549 69.14 7.59 -51.81
C VAL C 549 69.84 6.31 -51.37
N MET C 550 69.18 5.50 -50.56
CA MET C 550 69.76 4.23 -50.15
C MET C 550 70.09 3.38 -51.37
N LEU C 551 69.19 3.35 -52.35
CA LEU C 551 69.49 2.64 -53.60
C LEU C 551 70.71 3.24 -54.27
N TYR C 552 70.78 4.58 -54.33
CA TYR C 552 71.97 5.22 -54.87
C TYR C 552 73.18 4.95 -53.99
N LEU C 553 72.97 4.70 -52.70
CA LEU C 553 74.06 4.30 -51.84
C LEU C 553 74.69 2.98 -52.27
N LEU C 554 73.93 2.15 -52.99
CA LEU C 554 74.47 0.91 -53.55
C LEU C 554 75.13 1.12 -54.90
N ASP C 555 75.03 2.31 -55.48
CA ASP C 555 75.69 2.57 -56.75
C ASP C 555 77.20 2.50 -56.61
N ARG C 556 77.75 3.05 -55.52
CA ARG C 556 79.18 3.04 -55.28
C ARG C 556 79.56 1.86 -54.37
N THR C 576 71.02 9.29 -65.52
CA THR C 576 69.95 8.37 -65.17
C THR C 576 69.41 8.63 -63.77
N LEU C 577 70.00 9.62 -63.09
CA LEU C 577 69.56 9.97 -61.74
C LEU C 577 68.12 10.45 -61.74
N SER C 578 67.78 11.33 -62.68
CA SER C 578 66.40 11.80 -62.78
C SER C 578 65.45 10.67 -63.13
N SER C 579 65.85 9.82 -64.08
CA SER C 579 65.01 8.69 -64.46
C SER C 579 64.82 7.73 -63.29
N ALA C 580 65.90 7.45 -62.55
CA ALA C 580 65.79 6.56 -61.39
C ALA C 580 64.90 7.17 -60.30
N MET C 581 65.03 8.48 -60.07
CA MET C 581 64.18 9.14 -59.08
C MET C 581 62.71 9.09 -59.49
N TRP C 582 62.42 9.33 -60.77
CA TRP C 582 61.04 9.26 -61.24
C TRP C 582 60.50 7.83 -61.14
N PHE C 583 61.34 6.84 -61.45
CA PHE C 583 60.92 5.44 -61.33
C PHE C 583 60.60 5.09 -59.88
N SER C 584 61.45 5.52 -58.94
CA SER C 584 61.20 5.24 -57.54
C SER C 584 59.94 5.96 -57.06
N TRP C 585 59.72 7.19 -57.52
CA TRP C 585 58.52 7.93 -57.13
C TRP C 585 57.27 7.29 -57.70
N GLY C 586 57.36 6.67 -58.88
CA GLY C 586 56.19 6.06 -59.49
C GLY C 586 55.90 4.64 -59.05
N VAL C 587 56.91 3.92 -58.57
CA VAL C 587 56.69 2.53 -58.16
C VAL C 587 55.70 2.46 -57.00
N LEU C 588 55.85 3.35 -56.01
CA LEU C 588 54.90 3.39 -54.91
C LEU C 588 53.48 3.67 -55.37
N LEU C 589 53.33 4.28 -56.56
CA LEU C 589 52.02 4.53 -57.14
C LEU C 589 51.71 3.58 -58.30
N ASN C 590 52.41 2.44 -58.35
CA ASN C 590 52.13 1.39 -59.34
C ASN C 590 52.30 1.90 -60.78
N SER C 591 53.28 2.78 -60.98
CA SER C 591 53.55 3.26 -62.34
C SER C 591 54.21 2.18 -63.19
N GLY C 592 55.21 1.49 -62.64
CA GLY C 592 55.89 0.42 -63.36
C GLY C 592 56.66 0.87 -64.58
N ILE C 593 57.41 1.97 -64.44
CA ILE C 593 58.19 2.49 -65.56
C ILE C 593 59.28 1.50 -65.95
N GLY C 594 59.99 0.96 -64.97
CA GLY C 594 61.10 0.05 -65.24
C GLY C 594 62.36 0.71 -65.72
N GLU C 595 62.45 2.04 -65.66
CA GLU C 595 63.61 2.76 -66.14
C GLU C 595 64.71 2.90 -65.09
N GLY C 596 64.44 2.53 -63.84
CA GLY C 596 65.44 2.61 -62.79
C GLY C 596 65.88 1.25 -62.30
N ALA C 597 67.11 0.86 -62.60
CA ALA C 597 67.63 -0.45 -62.21
C ALA C 597 69.12 -0.33 -61.93
N PRO C 598 69.50 0.02 -60.70
CA PRO C 598 70.91 0.00 -60.33
C PRO C 598 71.49 -1.40 -60.45
N ARG C 599 72.77 -1.46 -60.80
CA ARG C 599 73.41 -2.74 -61.08
C ARG C 599 73.50 -3.62 -59.84
N SER C 600 73.65 -3.01 -58.67
CA SER C 600 73.83 -3.79 -57.45
C SER C 600 72.62 -4.65 -57.16
N PHE C 601 72.86 -5.93 -56.84
CA PHE C 601 71.78 -6.83 -56.47
C PHE C 601 71.18 -6.43 -55.12
N SER C 602 72.01 -5.96 -54.19
CA SER C 602 71.50 -5.47 -52.92
C SER C 602 70.59 -4.26 -53.12
N ALA C 603 70.87 -3.44 -54.13
CA ALA C 603 69.99 -2.33 -54.45
C ALA C 603 68.62 -2.83 -54.89
N ARG C 604 68.58 -3.88 -55.71
CA ARG C 604 67.30 -4.45 -56.12
C ARG C 604 66.57 -5.06 -54.93
N ILE C 605 67.30 -5.71 -54.03
CA ILE C 605 66.68 -6.28 -52.83
C ILE C 605 66.07 -5.17 -51.97
N LEU C 606 66.81 -4.07 -51.79
CA LEU C 606 66.28 -2.95 -51.01
C LEU C 606 65.07 -2.33 -51.68
N GLY C 607 65.10 -2.22 -53.01
CA GLY C 607 63.94 -1.70 -53.72
C GLY C 607 62.72 -2.58 -53.56
N MET C 608 62.90 -3.89 -53.64
CA MET C 608 61.78 -4.81 -53.43
C MET C 608 61.26 -4.72 -52.00
N VAL C 609 62.16 -4.60 -51.02
CA VAL C 609 61.73 -4.45 -49.63
C VAL C 609 60.94 -3.17 -49.45
N TRP C 610 61.40 -2.07 -50.06
CA TRP C 610 60.67 -0.82 -49.96
C TRP C 610 59.31 -0.91 -50.64
N ALA C 611 59.23 -1.61 -51.78
CA ALA C 611 57.95 -1.78 -52.45
C ALA C 611 56.98 -2.58 -51.58
N GLY C 612 57.46 -3.64 -50.94
CA GLY C 612 56.62 -4.39 -50.02
C GLY C 612 56.17 -3.56 -48.83
N PHE C 613 57.08 -2.74 -48.29
CA PHE C 613 56.72 -1.85 -47.20
C PHE C 613 55.65 -0.86 -47.63
N ALA C 614 55.78 -0.30 -48.83
CA ALA C 614 54.79 0.63 -49.34
C ALA C 614 53.45 -0.05 -49.55
N MET C 615 53.45 -1.29 -50.04
CA MET C 615 52.20 -2.03 -50.19
C MET C 615 51.53 -2.26 -48.85
N ILE C 616 52.31 -2.66 -47.84
CA ILE C 616 51.74 -2.86 -46.51
C ILE C 616 51.20 -1.54 -45.96
N ILE C 617 51.93 -0.45 -46.18
CA ILE C 617 51.51 0.85 -45.66
C ILE C 617 50.21 1.31 -46.31
N VAL C 618 50.10 1.15 -47.64
CA VAL C 618 48.88 1.59 -48.31
C VAL C 618 47.72 0.68 -47.94
N ALA C 619 47.97 -0.61 -47.73
CA ALA C 619 46.90 -1.49 -47.25
C ALA C 619 46.41 -1.06 -45.87
N SER C 620 47.34 -0.73 -44.97
CA SER C 620 46.96 -0.27 -43.64
C SER C 620 46.19 1.05 -43.71
N TYR C 621 46.62 1.96 -44.61
CA TYR C 621 45.92 3.23 -44.76
C TYR C 621 44.50 3.03 -45.27
N THR C 622 44.32 2.13 -46.26
CA THR C 622 42.99 1.85 -46.76
C THR C 622 42.12 1.21 -45.69
N ALA C 623 42.69 0.31 -44.89
CA ALA C 623 41.93 -0.29 -43.80
C ALA C 623 41.53 0.74 -42.76
N ASN C 624 42.43 1.67 -42.44
CA ASN C 624 42.10 2.74 -41.50
C ASN C 624 40.99 3.63 -42.03
N LEU C 625 41.05 3.97 -43.33
CA LEU C 625 40.00 4.77 -43.94
C LEU C 625 38.67 4.04 -43.90
N ALA C 626 38.67 2.74 -44.21
CA ALA C 626 37.44 1.96 -44.16
C ALA C 626 36.87 1.91 -42.74
N ALA C 627 37.75 1.73 -41.75
CA ALA C 627 37.30 1.70 -40.37
C ALA C 627 36.71 3.04 -39.94
N PHE C 628 37.35 4.14 -40.34
CA PHE C 628 36.83 5.46 -40.02
C PHE C 628 35.47 5.68 -40.68
N LEU C 629 35.31 5.23 -41.92
CA LEU C 629 34.02 5.35 -42.59
C LEU C 629 32.95 4.52 -41.89
N VAL C 630 33.30 3.30 -41.48
CA VAL C 630 32.35 2.42 -40.80
C VAL C 630 31.91 3.01 -39.47
N LEU C 631 32.88 3.52 -38.68
CA LEU C 631 32.60 4.09 -37.38
C LEU C 631 32.32 5.59 -37.44
N ASP C 632 31.88 6.10 -38.60
CA ASP C 632 31.60 7.51 -38.78
C ASP C 632 30.22 7.82 -38.20
N ARG C 633 30.17 8.02 -36.88
CA ARG C 633 28.93 8.35 -36.19
C ARG C 633 29.23 9.29 -35.03
N PRO C 634 29.55 10.55 -35.32
CA PRO C 634 29.82 11.52 -34.25
C PRO C 634 28.57 12.00 -33.53
N GLU C 635 27.39 11.75 -34.08
CA GLU C 635 26.15 12.25 -33.47
C GLU C 635 25.87 11.53 -32.16
N GLU C 636 25.42 12.30 -31.17
CA GLU C 636 25.07 11.77 -29.86
C GLU C 636 23.77 12.40 -29.38
N ARG C 637 22.79 12.48 -30.27
CA ARG C 637 21.52 13.13 -29.95
C ARG C 637 20.83 12.42 -28.78
N ILE C 638 20.34 13.21 -27.83
CA ILE C 638 19.70 12.66 -26.64
C ILE C 638 18.37 12.03 -27.04
N THR C 639 18.13 10.81 -26.58
CA THR C 639 16.91 10.08 -26.86
C THR C 639 16.11 9.93 -25.57
N GLY C 640 14.86 10.40 -25.60
CA GLY C 640 13.97 10.27 -24.46
C GLY C 640 14.27 11.26 -23.36
N ILE C 641 13.37 11.28 -22.37
CA ILE C 641 13.53 12.16 -21.23
C ILE C 641 14.35 11.54 -20.10
N ASN C 642 14.52 10.22 -20.11
CA ASN C 642 15.29 9.54 -19.07
C ASN C 642 16.76 9.39 -19.45
N ASP C 643 17.18 9.94 -20.58
CA ASP C 643 18.58 9.89 -20.95
C ASP C 643 19.40 10.71 -19.96
N PRO C 644 20.49 10.18 -19.41
CA PRO C 644 21.25 10.94 -18.41
C PRO C 644 21.78 12.27 -18.92
N ARG C 645 22.13 12.35 -20.21
CA ARG C 645 22.59 13.62 -20.77
C ARG C 645 21.47 14.66 -20.71
N LEU C 646 20.24 14.26 -21.05
CA LEU C 646 19.11 15.17 -20.95
C LEU C 646 18.65 15.32 -19.51
N ARG C 647 18.77 14.26 -18.69
CA ARG C 647 18.36 14.35 -17.29
C ARG C 647 19.21 15.35 -16.53
N ASN C 648 20.52 15.35 -16.76
CA ASN C 648 21.43 16.24 -16.04
C ASN C 648 21.32 17.64 -16.62
N PRO C 649 20.94 18.65 -15.82
CA PRO C 649 20.90 20.02 -16.33
C PRO C 649 22.28 20.57 -16.62
N SER C 650 22.35 21.46 -17.59
CA SER C 650 23.60 22.09 -17.99
C SER C 650 23.27 23.37 -18.75
N ASP C 651 24.30 23.96 -19.37
CA ASP C 651 24.14 25.18 -20.15
C ASP C 651 24.60 25.02 -21.58
N LYS C 652 24.75 23.78 -22.05
CA LYS C 652 25.15 23.55 -23.44
C LYS C 652 24.10 24.09 -24.40
N PHE C 653 22.89 23.53 -24.35
CA PHE C 653 21.75 24.04 -25.10
C PHE C 653 20.61 24.32 -24.12
N ILE C 654 19.48 24.76 -24.66
CA ILE C 654 18.35 25.20 -23.84
C ILE C 654 17.07 24.55 -24.37
N TYR C 655 16.23 24.09 -23.44
CA TYR C 655 14.98 23.45 -23.78
C TYR C 655 13.94 24.49 -24.20
N ALA C 656 12.75 24.00 -24.55
CA ALA C 656 11.63 24.88 -24.88
C ALA C 656 10.35 24.09 -24.75
N THR C 657 9.49 24.48 -23.80
CA THR C 657 8.24 23.78 -23.55
C THR C 657 7.06 24.39 -24.29
N VAL C 658 7.28 25.46 -25.05
CA VAL C 658 6.31 26.03 -25.98
C VAL C 658 5.09 26.56 -25.24
N LYS C 659 5.09 27.86 -24.95
CA LYS C 659 3.94 28.64 -24.49
C LYS C 659 3.45 28.28 -23.10
N GLN C 660 4.04 27.29 -22.45
CA GLN C 660 3.64 26.87 -21.10
C GLN C 660 2.14 26.55 -21.06
N SER C 661 1.75 25.58 -21.87
CA SER C 661 0.35 25.16 -21.95
C SER C 661 0.30 23.70 -22.37
N SER C 662 -0.42 22.90 -21.59
CA SER C 662 -0.69 21.48 -21.82
C SER C 662 0.56 20.62 -21.67
N VAL C 663 1.73 21.21 -21.47
CA VAL C 663 2.96 20.48 -21.14
C VAL C 663 3.49 20.86 -19.77
N ASP C 664 3.39 22.14 -19.41
CA ASP C 664 3.72 22.57 -18.06
C ASP C 664 2.91 21.81 -17.03
N ILE C 665 1.66 21.48 -17.34
CA ILE C 665 0.85 20.69 -16.41
C ILE C 665 1.50 19.34 -16.17
N TYR C 666 1.95 18.68 -17.24
CA TYR C 666 2.62 17.39 -17.09
C TYR C 666 3.91 17.53 -16.28
N PHE C 667 4.70 18.57 -16.55
CA PHE C 667 5.98 18.69 -15.86
C PHE C 667 5.79 19.00 -14.38
N ARG C 668 4.78 19.82 -14.04
CA ARG C 668 4.51 20.09 -12.64
C ARG C 668 3.88 18.89 -11.95
N ARG C 669 3.16 18.05 -12.68
CA ARG C 669 2.57 16.85 -12.09
C ARG C 669 3.66 15.87 -11.63
N GLN C 670 4.71 15.72 -12.43
CA GLN C 670 5.79 14.78 -12.12
C GLN C 670 6.85 15.52 -11.30
N VAL C 671 6.95 15.17 -10.02
CA VAL C 671 7.87 15.88 -9.13
C VAL C 671 9.32 15.59 -9.49
N GLU C 672 9.61 14.35 -9.89
CA GLU C 672 10.96 14.04 -10.38
C GLU C 672 11.29 14.89 -11.60
N LEU C 673 10.33 15.04 -12.51
CA LEU C 673 10.51 15.99 -13.61
C LEU C 673 10.51 17.43 -13.10
N SER C 674 9.76 17.70 -12.03
CA SER C 674 9.75 19.05 -11.46
C SER C 674 11.13 19.45 -10.97
N THR C 675 11.96 18.48 -10.59
CA THR C 675 13.36 18.77 -10.32
C THR C 675 14.06 19.32 -11.56
N MET C 676 13.78 18.72 -12.73
CA MET C 676 14.31 19.20 -14.01
C MET C 676 13.37 20.16 -14.70
N TYR C 677 12.53 20.88 -13.95
CA TYR C 677 11.57 21.81 -14.51
C TYR C 677 12.13 23.22 -14.65
N ARG C 678 13.01 23.62 -13.73
CA ARG C 678 13.42 25.03 -13.66
C ARG C 678 14.07 25.50 -14.96
N HIS C 679 14.94 24.68 -15.53
CA HIS C 679 15.65 25.08 -16.74
C HIS C 679 14.68 25.40 -17.87
N MET C 680 13.69 24.53 -18.06
CA MET C 680 12.64 24.82 -19.04
C MET C 680 11.66 25.87 -18.51
N GLU C 681 11.50 25.96 -17.19
CA GLU C 681 10.55 26.91 -16.62
C GLU C 681 10.93 28.35 -16.93
N LYS C 682 12.22 28.68 -16.82
CA LYS C 682 12.68 30.04 -17.03
C LYS C 682 13.15 30.28 -18.47
N HIS C 683 12.82 29.38 -19.40
CA HIS C 683 13.25 29.54 -20.77
C HIS C 683 12.16 29.19 -21.79
N ASN C 684 10.90 29.11 -21.38
CA ASN C 684 9.82 28.81 -22.31
C ASN C 684 9.56 30.00 -23.22
N TYR C 685 8.97 29.70 -24.37
CA TYR C 685 8.55 30.73 -25.32
C TYR C 685 7.07 31.05 -25.10
N GLU C 686 6.48 31.83 -26.01
CA GLU C 686 5.10 32.26 -25.84
C GLU C 686 4.23 31.92 -27.06
N SER C 687 4.68 31.01 -27.91
CA SER C 687 3.91 30.60 -29.07
C SER C 687 4.35 29.21 -29.50
N ALA C 688 3.96 28.80 -30.70
CA ALA C 688 4.30 27.49 -31.22
C ALA C 688 5.25 27.52 -32.40
N ALA C 689 5.19 28.56 -33.24
CA ALA C 689 6.04 28.64 -34.41
C ALA C 689 7.24 29.57 -34.23
N GLU C 690 7.16 30.55 -33.32
CA GLU C 690 8.29 31.44 -33.09
C GLU C 690 9.48 30.67 -32.52
N ALA C 691 9.23 29.74 -31.61
CA ALA C 691 10.30 28.91 -31.08
C ALA C 691 10.87 28.01 -32.16
N ILE C 692 10.04 27.57 -33.10
CA ILE C 692 10.53 26.79 -34.24
C ILE C 692 11.46 27.64 -35.10
N GLN C 693 11.07 28.89 -35.35
CA GLN C 693 11.92 29.78 -36.12
C GLN C 693 13.24 30.04 -35.40
N ALA C 694 13.20 30.19 -34.08
CA ALA C 694 14.43 30.34 -33.31
C ALA C 694 15.30 29.09 -33.40
N VAL C 695 14.66 27.91 -33.35
CA VAL C 695 15.42 26.66 -33.44
C VAL C 695 16.12 26.54 -34.79
N ARG C 696 15.39 26.84 -35.87
CA ARG C 696 16.02 26.80 -37.19
C ARG C 696 16.95 27.99 -37.42
N ASP C 697 16.94 28.98 -36.53
CA ASP C 697 17.88 30.09 -36.58
C ASP C 697 19.10 29.85 -35.71
N ASN C 698 19.33 28.61 -35.29
CA ASN C 698 20.49 28.24 -34.46
C ASN C 698 20.52 29.04 -33.16
N LYS C 699 19.35 29.26 -32.56
CA LYS C 699 19.25 29.86 -31.25
C LYS C 699 18.83 28.90 -30.16
N LEU C 700 18.00 27.90 -30.50
CA LEU C 700 17.58 26.86 -29.56
C LEU C 700 17.76 25.51 -30.24
N HIS C 701 18.15 24.49 -29.46
CA HIS C 701 18.16 23.12 -29.95
C HIS C 701 17.46 22.23 -28.93
N ALA C 702 16.13 22.23 -28.97
CA ALA C 702 15.25 21.36 -28.20
C ALA C 702 13.81 21.74 -28.52
N PHE C 703 12.89 20.82 -28.25
CA PHE C 703 11.47 21.12 -28.37
C PHE C 703 10.67 19.95 -27.80
N ILE C 704 9.51 20.27 -27.23
CA ILE C 704 8.55 19.29 -26.73
C ILE C 704 7.16 19.79 -27.09
N TRP C 705 6.51 19.15 -28.06
CA TRP C 705 5.18 19.55 -28.50
C TRP C 705 4.39 18.28 -28.84
N ASP C 706 3.22 18.47 -29.43
CA ASP C 706 2.43 17.33 -29.89
C ASP C 706 3.14 16.63 -31.05
N SER C 707 2.90 15.32 -31.15
CA SER C 707 3.60 14.53 -32.16
C SER C 707 3.24 14.98 -33.58
N ALA C 708 1.97 15.25 -33.83
CA ALA C 708 1.53 15.57 -35.19
C ALA C 708 2.20 16.82 -35.71
N VAL C 709 2.23 17.88 -34.90
CA VAL C 709 2.78 19.16 -35.35
C VAL C 709 4.26 19.01 -35.68
N LEU C 710 5.03 18.44 -34.76
CA LEU C 710 6.47 18.31 -34.97
C LEU C 710 6.79 17.38 -36.13
N GLU C 711 6.06 16.26 -36.24
CA GLU C 711 6.32 15.34 -37.33
C GLU C 711 6.02 15.96 -38.69
N PHE C 712 4.88 16.67 -38.81
CA PHE C 712 4.57 17.32 -40.06
C PHE C 712 5.59 18.42 -40.39
N GLU C 713 6.01 19.17 -39.38
CA GLU C 713 6.99 20.23 -39.60
C GLU C 713 8.32 19.65 -40.08
N ALA C 714 8.75 18.53 -39.48
CA ALA C 714 9.98 17.89 -39.91
C ALA C 714 9.86 17.32 -41.33
N SER C 715 8.71 16.72 -41.64
CA SER C 715 8.53 16.17 -42.98
C SER C 715 8.52 17.28 -44.04
N GLN C 716 7.83 18.39 -43.76
CA GLN C 716 7.75 19.47 -44.73
C GLN C 716 9.08 20.19 -44.87
N LYS C 717 9.56 20.79 -43.80
CA LYS C 717 10.86 21.47 -43.79
C LYS C 717 11.95 20.41 -43.72
N CYS C 718 12.56 20.10 -44.86
CA CYS C 718 13.55 19.02 -44.95
C CYS C 718 14.91 19.51 -44.43
N ASP C 719 14.89 20.00 -43.19
CA ASP C 719 16.10 20.49 -42.54
C ASP C 719 16.25 19.87 -41.16
N LEU C 720 15.13 19.63 -40.48
CA LEU C 720 15.13 19.12 -39.11
C LEU C 720 14.38 17.80 -39.05
N VAL C 721 14.74 16.97 -38.07
CA VAL C 721 14.15 15.66 -37.87
C VAL C 721 13.80 15.49 -36.40
N THR C 722 12.86 14.59 -36.13
CA THR C 722 12.43 14.28 -34.78
C THR C 722 13.11 13.01 -34.30
N THR C 723 13.85 13.11 -33.21
CA THR C 723 14.55 11.97 -32.63
C THR C 723 14.04 11.73 -31.23
N GLY C 724 13.66 10.48 -30.96
CA GLY C 724 13.17 10.12 -29.63
C GLY C 724 12.04 9.12 -29.68
N GLU C 725 11.56 8.72 -28.51
CA GLU C 725 10.46 7.77 -28.39
C GLU C 725 9.23 8.48 -27.82
N LEU C 726 8.06 8.14 -28.36
CA LEU C 726 6.82 8.76 -27.91
C LEU C 726 6.56 8.44 -26.44
N PHE C 727 6.21 9.46 -25.67
CA PHE C 727 5.84 9.28 -24.27
C PHE C 727 4.69 10.20 -23.95
N PHE C 728 3.96 9.87 -22.87
CA PHE C 728 2.73 10.56 -22.50
C PHE C 728 1.75 10.54 -23.66
N ARG C 729 1.45 9.32 -24.13
CA ARG C 729 0.61 9.15 -25.30
C ARG C 729 -0.85 9.41 -24.94
N SER C 730 -1.26 10.68 -25.01
CA SER C 730 -2.63 11.08 -24.75
C SER C 730 -3.23 11.63 -26.03
N GLY C 731 -4.37 11.08 -26.42
CA GLY C 731 -4.99 11.48 -27.67
C GLY C 731 -5.62 12.86 -27.59
N PHE C 732 -5.95 13.39 -28.77
CA PHE C 732 -6.60 14.68 -28.88
C PHE C 732 -8.07 14.51 -28.54
N GLY C 733 -8.88 15.55 -28.75
CA GLY C 733 -10.29 15.43 -28.52
C GLY C 733 -11.05 16.74 -28.63
N ILE C 734 -12.21 16.70 -29.27
CA ILE C 734 -13.05 17.88 -29.38
C ILE C 734 -13.61 18.23 -28.00
N GLY C 735 -13.85 19.51 -27.77
CA GLY C 735 -14.26 19.98 -26.47
C GLY C 735 -15.76 20.21 -26.34
N MET C 736 -16.23 20.24 -25.10
CA MET C 736 -17.62 20.54 -24.78
C MET C 736 -17.64 21.35 -23.49
N ARG C 737 -18.85 21.59 -22.98
CA ARG C 737 -19.02 22.34 -21.74
C ARG C 737 -19.98 21.59 -20.82
N LYS C 738 -19.61 21.54 -19.54
CA LYS C 738 -20.43 20.94 -18.49
C LYS C 738 -21.00 19.59 -18.90
N ASP C 739 -22.28 19.58 -19.26
CA ASP C 739 -22.93 18.39 -19.83
C ASP C 739 -24.00 18.90 -20.81
N SER C 740 -23.61 19.03 -22.06
CA SER C 740 -24.48 19.53 -23.10
C SER C 740 -25.13 18.39 -23.86
N PRO C 741 -26.33 18.61 -24.43
CA PRO C 741 -27.01 17.54 -25.17
C PRO C 741 -26.25 17.05 -26.40
N TRP C 742 -25.28 17.81 -26.89
CA TRP C 742 -24.56 17.45 -28.11
C TRP C 742 -23.53 16.35 -27.92
N LYS C 743 -23.24 15.96 -26.68
CA LYS C 743 -22.09 15.10 -26.41
C LYS C 743 -22.24 13.73 -27.06
N GLN C 744 -23.36 13.06 -26.80
CA GLN C 744 -23.51 11.67 -27.23
C GLN C 744 -23.50 11.54 -28.75
N ASN C 745 -24.28 12.38 -29.43
CA ASN C 745 -24.35 12.31 -30.88
C ASN C 745 -23.00 12.65 -31.52
N VAL C 746 -22.30 13.64 -30.99
CA VAL C 746 -21.00 14.01 -31.53
C VAL C 746 -20.00 12.88 -31.36
N SER C 747 -19.97 12.25 -30.18
CA SER C 747 -19.06 11.14 -29.96
C SER C 747 -19.38 9.97 -30.88
N LEU C 748 -20.67 9.66 -31.03
CA LEU C 748 -21.05 8.57 -31.93
C LEU C 748 -20.66 8.87 -33.37
N SER C 749 -20.84 10.12 -33.81
CA SER C 749 -20.44 10.49 -35.15
C SER C 749 -18.94 10.38 -35.35
N ILE C 750 -18.16 10.78 -34.34
CA ILE C 750 -16.71 10.67 -34.44
C ILE C 750 -16.29 9.20 -34.55
N LEU C 751 -16.91 8.33 -33.75
CA LEU C 751 -16.59 6.91 -33.83
C LEU C 751 -16.98 6.34 -35.19
N LYS C 752 -18.14 6.73 -35.71
CA LYS C 752 -18.56 6.27 -37.03
C LYS C 752 -17.58 6.73 -38.10
N SER C 753 -17.12 7.97 -38.02
CA SER C 753 -16.13 8.46 -38.97
C SER C 753 -14.83 7.66 -38.88
N HIS C 754 -14.41 7.32 -37.66
CA HIS C 754 -13.22 6.50 -37.50
C HIS C 754 -13.39 5.14 -38.15
N GLU C 755 -14.55 4.49 -37.94
CA GLU C 755 -14.76 3.16 -38.48
C GLU C 755 -15.11 3.15 -39.96
N ASN C 756 -15.46 4.30 -40.54
CA ASN C 756 -15.87 4.38 -41.93
C ASN C 756 -14.72 4.58 -42.90
N GLY C 757 -13.51 4.80 -42.40
CA GLY C 757 -12.39 5.13 -43.26
C GLY C 757 -12.33 6.58 -43.68
N PHE C 758 -13.28 7.41 -43.25
CA PHE C 758 -13.28 8.82 -43.61
C PHE C 758 -12.08 9.54 -43.01
N MET C 759 -11.76 9.27 -41.75
CA MET C 759 -10.69 10.00 -41.08
C MET C 759 -9.33 9.71 -41.72
N GLU C 760 -9.06 8.45 -42.06
CA GLU C 760 -7.80 8.14 -42.70
C GLU C 760 -7.69 8.81 -44.07
N ASP C 761 -8.78 8.81 -44.84
CA ASP C 761 -8.77 9.48 -46.12
C ASP C 761 -8.53 10.98 -45.96
N LEU C 762 -9.15 11.59 -44.96
CA LEU C 762 -8.95 13.02 -44.74
C LEU C 762 -7.52 13.31 -44.31
N ASP C 763 -6.94 12.43 -43.47
CA ASP C 763 -5.54 12.59 -43.10
C ASP C 763 -4.62 12.44 -44.30
N LYS C 764 -4.99 11.59 -45.26
CA LYS C 764 -4.18 11.43 -46.47
C LYS C 764 -4.11 12.72 -47.27
N THR C 765 -5.22 13.43 -47.39
CA THR C 765 -5.27 14.62 -48.23
C THR C 765 -4.76 15.87 -47.54
N TRP C 766 -4.59 15.86 -46.22
CA TRP C 766 -4.19 17.07 -45.50
C TRP C 766 -2.79 16.96 -44.91
N VAL C 767 -2.53 15.97 -44.07
CA VAL C 767 -1.19 15.73 -43.52
C VAL C 767 -0.85 14.26 -43.75
N ARG C 768 -0.32 13.95 -44.92
CA ARG C 768 0.39 12.70 -45.14
C ARG C 768 1.56 12.85 -46.11
N TYR C 769 1.79 14.05 -46.64
CA TYR C 769 2.81 14.23 -47.67
C TYR C 769 3.14 15.71 -47.77
N GLN C 770 4.38 16.06 -47.48
CA GLN C 770 4.86 17.44 -47.65
C GLN C 770 6.35 17.36 -48.01
N GLU C 771 6.64 17.38 -49.31
CA GLU C 771 8.01 17.27 -49.84
C GLU C 771 8.61 15.97 -49.33
N CYS C 772 9.64 15.99 -48.49
CA CYS C 772 10.25 14.77 -47.98
C CYS C 772 9.27 13.97 -47.13
N LEU C 782 29.94 6.63 -53.62
CA LEU C 782 30.83 7.72 -53.97
C LEU C 782 30.31 9.05 -53.43
N THR C 783 30.96 9.55 -52.38
CA THR C 783 30.55 10.82 -51.77
C THR C 783 30.84 11.97 -52.72
N PHE C 784 29.95 12.98 -52.69
CA PHE C 784 30.14 14.15 -53.54
C PHE C 784 31.42 14.90 -53.20
N GLU C 785 31.69 15.08 -51.91
CA GLU C 785 32.92 15.75 -51.51
C GLU C 785 34.14 14.91 -51.81
N ASN C 786 33.99 13.59 -51.84
CA ASN C 786 35.11 12.72 -52.20
C ASN C 786 35.55 12.96 -53.63
N MET C 787 34.60 13.11 -54.56
CA MET C 787 34.93 13.39 -55.95
C MET C 787 35.14 14.87 -56.23
N ALA C 788 34.78 15.75 -55.28
CA ALA C 788 34.96 17.18 -55.47
C ALA C 788 36.31 17.67 -54.95
N GLY C 789 36.77 17.14 -53.82
CA GLY C 789 38.03 17.57 -53.23
C GLY C 789 39.27 16.98 -53.86
N VAL C 790 39.11 16.06 -54.82
CA VAL C 790 40.24 15.45 -55.49
C VAL C 790 40.31 15.81 -56.96
N PHE C 791 39.17 16.10 -57.61
CA PHE C 791 39.20 16.50 -59.01
C PHE C 791 39.86 17.86 -59.19
N MET C 792 39.75 18.74 -58.19
CA MET C 792 40.43 20.03 -58.24
C MET C 792 41.95 19.84 -58.26
N LEU C 793 42.46 18.89 -57.48
CA LEU C 793 43.89 18.60 -57.51
C LEU C 793 44.32 18.10 -58.87
N VAL C 794 43.52 17.24 -59.50
CA VAL C 794 43.84 16.73 -60.83
C VAL C 794 43.85 17.86 -61.85
N ALA C 795 42.86 18.76 -61.77
CA ALA C 795 42.82 19.90 -62.68
C ALA C 795 44.03 20.80 -62.48
N GLY C 796 44.41 21.06 -61.23
CA GLY C 796 45.58 21.88 -60.97
C GLY C 796 46.86 21.24 -61.49
N GLY C 797 46.99 19.92 -61.31
CA GLY C 797 48.15 19.23 -61.86
C GLY C 797 48.20 19.28 -63.37
N ILE C 798 47.05 19.11 -64.02
CA ILE C 798 47.00 19.20 -65.47
C ILE C 798 47.39 20.60 -65.94
N VAL C 799 46.91 21.62 -65.23
CA VAL C 799 47.26 23.00 -65.58
C VAL C 799 48.75 23.24 -65.40
N ALA C 800 49.33 22.75 -64.30
CA ALA C 800 50.73 22.97 -64.01
C ALA C 800 51.67 22.09 -64.83
N GLY C 801 51.15 21.05 -65.49
CA GLY C 801 52.01 20.22 -66.32
C GLY C 801 52.65 20.99 -67.45
N ILE C 802 51.89 21.86 -68.11
CA ILE C 802 52.43 22.66 -69.20
C ILE C 802 53.50 23.61 -68.68
N PHE C 803 53.26 24.22 -67.52
CA PHE C 803 54.25 25.11 -66.93
C PHE C 803 55.53 24.36 -66.57
N LEU C 804 55.38 23.15 -66.02
CA LEU C 804 56.56 22.35 -65.70
C LEU C 804 57.33 21.95 -66.96
N ILE C 805 56.62 21.61 -68.03
CA ILE C 805 57.27 21.28 -69.29
C ILE C 805 58.03 22.48 -69.83
N PHE C 806 57.41 23.67 -69.77
CA PHE C 806 58.08 24.88 -70.21
C PHE C 806 59.33 25.17 -69.37
N ILE C 807 59.22 24.97 -68.05
CA ILE C 807 60.36 25.20 -67.17
C ILE C 807 61.50 24.25 -67.50
N GLU C 808 61.17 22.97 -67.74
CA GLU C 808 62.20 22.00 -68.10
C GLU C 808 62.84 22.35 -69.44
N ILE C 809 62.03 22.80 -70.40
CA ILE C 809 62.58 23.20 -71.70
C ILE C 809 63.52 24.38 -71.55
N ALA C 810 63.12 25.37 -70.75
CA ALA C 810 63.98 26.53 -70.52
C ALA C 810 65.28 26.13 -69.83
N TYR C 811 65.19 25.23 -68.84
CA TYR C 811 66.40 24.77 -68.15
C TYR C 811 67.33 24.04 -69.10
N LYS C 812 66.77 23.21 -69.99
CA LYS C 812 67.60 22.52 -70.98
C LYS C 812 68.23 23.51 -71.95
N ARG C 813 67.48 24.52 -72.37
CA ARG C 813 68.00 25.51 -73.31
C ARG C 813 69.09 26.36 -72.67
N HIS C 814 69.00 26.63 -71.36
CA HIS C 814 70.01 27.43 -70.70
C HIS C 814 71.38 26.76 -70.74
N LYS C 815 71.43 25.45 -70.53
CA LYS C 815 72.68 24.71 -70.57
C LYS C 815 73.00 24.24 -71.98
N ASN D 2 -20.29 64.91 23.53
CA ASN D 2 -20.34 63.70 22.71
C ASN D 2 -19.44 62.61 23.27
N ILE D 3 -19.67 61.38 22.81
CA ILE D 3 -18.95 60.17 23.22
C ILE D 3 -19.24 59.85 24.68
N ALA D 4 -19.66 58.62 24.95
CA ALA D 4 -19.94 58.16 26.31
C ALA D 4 -19.33 56.77 26.49
N VAL D 5 -19.03 56.44 27.74
CA VAL D 5 -18.38 55.18 28.09
C VAL D 5 -19.21 54.50 29.18
N MET D 6 -19.50 53.22 28.99
CA MET D 6 -20.25 52.44 29.96
C MET D 6 -19.42 51.26 30.44
N LEU D 7 -19.41 51.06 31.76
CA LEU D 7 -18.55 50.14 32.49
C LEU D 7 -19.35 49.62 33.68
N GLY D 8 -18.65 49.19 34.72
CA GLY D 8 -19.29 48.64 35.89
C GLY D 8 -18.45 47.63 36.64
N HIS D 9 -17.41 47.12 35.99
CA HIS D 9 -16.28 46.47 36.68
C HIS D 9 -16.75 45.31 37.57
N SER D 10 -17.33 44.30 36.93
CA SER D 10 -17.84 43.16 37.68
C SER D 10 -16.73 42.38 38.35
N HIS D 11 -15.63 42.12 37.64
CA HIS D 11 -14.53 41.33 38.17
C HIS D 11 -13.36 42.18 38.65
N ASP D 12 -12.79 43.00 37.76
CA ASP D 12 -11.66 43.86 38.08
C ASP D 12 -12.17 45.27 38.34
N VAL D 13 -11.61 45.93 39.35
CA VAL D 13 -12.12 47.21 39.82
C VAL D 13 -11.40 48.38 39.16
N THR D 14 -10.71 48.10 38.06
CA THR D 14 -10.02 49.15 37.31
C THR D 14 -11.05 49.96 36.54
N GLU D 15 -11.50 51.06 37.12
CA GLU D 15 -12.53 51.90 36.51
C GLU D 15 -12.45 53.29 37.12
N ARG D 16 -13.50 54.10 36.89
CA ARG D 16 -13.70 55.40 37.51
C ARG D 16 -12.70 56.45 37.02
N GLU D 17 -12.05 57.13 37.96
CA GLU D 17 -11.25 58.31 37.62
C GLU D 17 -10.07 57.96 36.71
N LEU D 18 -9.64 56.69 36.71
CA LEU D 18 -8.51 56.31 35.86
C LEU D 18 -8.84 56.52 34.38
N ARG D 19 -10.03 56.11 33.96
CA ARG D 19 -10.47 56.30 32.58
C ARG D 19 -11.35 57.52 32.40
N THR D 20 -11.73 58.19 33.49
CA THR D 20 -12.62 59.36 33.37
C THR D 20 -11.94 60.50 32.61
N LEU D 21 -10.68 60.76 32.89
CA LEU D 21 -10.00 61.91 32.29
C LEU D 21 -9.41 61.54 30.93
N TRP D 22 -8.71 62.50 30.32
CA TRP D 22 -8.05 62.34 29.03
C TRP D 22 -9.08 61.92 28.00
N GLY D 23 -8.98 60.73 27.40
CA GLY D 23 -9.89 60.33 26.36
C GLY D 23 -9.38 60.70 24.98
N PRO D 24 -10.18 61.44 24.22
CA PRO D 24 -9.78 61.84 22.86
C PRO D 24 -8.98 63.13 22.77
N GLU D 25 -8.43 63.64 23.88
CA GLU D 25 -7.66 64.88 23.83
C GLU D 25 -6.42 64.71 22.95
N GLN D 26 -5.49 63.84 23.37
CA GLN D 26 -4.29 63.54 22.61
C GLN D 26 -3.57 64.80 22.14
N ALA D 27 -3.10 64.78 20.89
CA ALA D 27 -2.46 65.93 20.26
C ALA D 27 -2.94 66.07 18.82
N ALA D 28 -4.23 65.85 18.60
CA ALA D 28 -4.78 65.88 17.25
C ALA D 28 -4.66 67.29 16.65
N GLY D 29 -4.40 67.33 15.34
CA GLY D 29 -4.26 68.63 14.68
C GLY D 29 -5.54 69.42 14.65
N LEU D 30 -6.66 68.77 14.32
CA LEU D 30 -7.96 69.43 14.22
C LEU D 30 -9.00 68.63 15.00
N PRO D 31 -8.95 68.70 16.34
CA PRO D 31 -9.98 68.01 17.13
C PRO D 31 -11.23 68.85 17.28
N LEU D 32 -12.20 68.37 18.07
CA LEU D 32 -13.43 69.09 18.33
C LEU D 32 -13.75 68.99 19.82
N ASP D 33 -14.78 69.72 20.24
CA ASP D 33 -15.25 69.64 21.61
C ASP D 33 -15.67 68.21 21.94
N VAL D 34 -15.08 67.65 22.99
CA VAL D 34 -15.28 66.26 23.35
C VAL D 34 -15.46 66.14 24.84
N ASN D 35 -16.03 65.01 25.26
CA ASN D 35 -16.20 64.70 26.68
C ASN D 35 -16.10 63.19 26.85
N VAL D 36 -15.76 62.79 28.08
CA VAL D 36 -15.52 61.39 28.39
C VAL D 36 -16.49 60.97 29.49
N VAL D 37 -17.70 61.53 29.46
CA VAL D 37 -18.72 61.22 30.45
C VAL D 37 -18.92 59.71 30.52
N ALA D 38 -18.68 59.15 31.71
CA ALA D 38 -18.77 57.71 31.91
C ALA D 38 -19.61 57.41 33.13
N LEU D 39 -20.31 56.29 33.09
CA LEU D 39 -21.18 55.84 34.17
C LEU D 39 -20.67 54.51 34.71
N LEU D 40 -21.44 53.92 35.63
CA LEU D 40 -21.14 52.62 36.18
C LEU D 40 -22.41 51.79 36.18
N MET D 41 -22.23 50.47 36.18
CA MET D 41 -23.38 49.56 36.10
C MET D 41 -23.03 48.29 36.87
N ASN D 42 -23.80 47.24 36.65
CA ASN D 42 -23.65 45.97 37.35
C ASN D 42 -24.09 44.87 36.40
N ARG D 43 -24.39 43.68 36.94
CA ARG D 43 -24.85 42.57 36.13
C ARG D 43 -26.07 42.98 35.30
N THR D 44 -26.02 42.65 34.01
CA THR D 44 -26.96 43.22 33.05
C THR D 44 -28.37 42.69 33.26
N ASP D 45 -29.35 43.57 33.10
CA ASP D 45 -30.76 43.24 33.07
C ASP D 45 -31.39 43.93 31.86
N PRO D 46 -32.38 43.29 31.21
CA PRO D 46 -32.92 43.85 29.96
C PRO D 46 -33.55 45.22 30.16
N LYS D 47 -34.52 45.30 31.08
CA LYS D 47 -35.16 46.59 31.36
C LYS D 47 -34.16 47.59 31.90
N SER D 48 -33.20 47.14 32.71
CA SER D 48 -32.14 48.02 33.18
C SER D 48 -31.32 48.55 32.02
N LEU D 49 -30.99 47.70 31.05
CA LEU D 49 -30.26 48.16 29.88
C LEU D 49 -31.07 49.19 29.11
N ILE D 50 -32.36 48.94 28.91
CA ILE D 50 -33.21 49.90 28.22
C ILE D 50 -33.18 51.24 28.92
N THR D 51 -33.40 51.24 30.23
CA THR D 51 -33.45 52.49 30.98
C THR D 51 -32.12 53.21 30.94
N HIS D 52 -31.01 52.50 31.11
CA HIS D 52 -29.70 53.14 31.13
C HIS D 52 -29.37 53.77 29.78
N VAL D 53 -29.62 53.03 28.70
CA VAL D 53 -29.28 53.57 27.38
C VAL D 53 -30.20 54.74 27.03
N CYS D 54 -31.48 54.66 27.41
CA CYS D 54 -32.39 55.78 27.12
C CYS D 54 -32.01 57.01 27.93
N ASP D 55 -31.61 56.83 29.19
CA ASP D 55 -31.16 57.97 29.98
C ASP D 55 -29.89 58.59 29.39
N LEU D 56 -28.96 57.75 28.93
CA LEU D 56 -27.76 58.25 28.29
C LEU D 56 -28.11 59.03 27.01
N MET D 57 -29.04 58.51 26.22
CA MET D 57 -29.47 59.22 25.02
C MET D 57 -30.11 60.55 25.36
N SER D 58 -30.90 60.59 26.43
CA SER D 58 -31.49 61.86 26.88
C SER D 58 -30.42 62.85 27.29
N GLY D 59 -29.38 62.38 27.98
CA GLY D 59 -28.30 63.23 28.42
C GLY D 59 -27.20 63.50 27.42
N ALA D 60 -27.28 62.92 26.22
CA ALA D 60 -26.24 63.06 25.20
C ALA D 60 -26.83 63.71 23.96
N ARG D 61 -26.02 64.49 23.25
CA ARG D 61 -26.48 65.16 22.05
C ARG D 61 -26.17 64.33 20.79
N ILE D 62 -24.88 64.10 20.53
CA ILE D 62 -24.47 63.35 19.35
C ILE D 62 -23.51 62.24 19.76
N HIS D 63 -23.61 61.83 21.02
CA HIS D 63 -22.66 60.86 21.57
C HIS D 63 -22.92 59.46 21.01
N GLY D 64 -21.87 58.66 20.99
CA GLY D 64 -21.92 57.25 20.68
C GLY D 64 -21.96 56.41 21.95
N LEU D 65 -21.22 55.31 21.93
CA LEU D 65 -21.13 54.45 23.11
C LEU D 65 -20.01 53.43 22.91
N VAL D 66 -19.28 53.15 23.98
CA VAL D 66 -18.21 52.16 23.97
C VAL D 66 -18.52 51.12 25.04
N PHE D 67 -19.81 50.81 25.20
CA PHE D 67 -20.27 49.93 26.27
C PHE D 67 -19.50 48.61 26.28
N GLY D 68 -19.28 48.09 27.49
CA GLY D 68 -18.74 46.76 27.68
C GLY D 68 -19.44 46.07 28.82
N ASP D 69 -19.09 44.81 29.05
CA ASP D 69 -19.71 44.03 30.09
C ASP D 69 -18.79 42.88 30.48
N ASP D 70 -19.17 42.17 31.54
CA ASP D 70 -18.42 41.02 32.01
C ASP D 70 -19.24 39.75 32.09
N THR D 71 -20.54 39.81 31.85
CA THR D 71 -21.37 38.62 31.88
C THR D 71 -21.05 37.71 30.71
N ASP D 72 -21.16 36.40 30.94
CA ASP D 72 -20.86 35.42 29.90
C ASP D 72 -22.03 35.15 28.96
N GLN D 73 -23.21 35.70 29.25
CA GLN D 73 -24.36 35.48 28.40
C GLN D 73 -24.19 36.24 27.08
N GLU D 74 -24.43 35.55 25.97
CA GLU D 74 -24.25 36.13 24.65
C GLU D 74 -25.45 36.93 24.16
N ALA D 75 -26.57 36.90 24.89
CA ALA D 75 -27.74 37.65 24.48
C ALA D 75 -27.54 39.15 24.55
N VAL D 76 -26.50 39.60 25.26
CA VAL D 76 -26.22 41.02 25.37
C VAL D 76 -25.96 41.62 24.00
N ALA D 77 -25.26 40.88 23.13
CA ALA D 77 -24.97 41.39 21.79
C ALA D 77 -26.25 41.61 21.00
N GLN D 78 -27.17 40.64 21.04
CA GLN D 78 -28.44 40.80 20.33
C GLN D 78 -29.26 41.94 20.91
N MET D 79 -29.32 42.05 22.24
CA MET D 79 -30.08 43.13 22.85
C MET D 79 -29.50 44.48 22.49
N LEU D 80 -28.18 44.59 22.45
CA LEU D 80 -27.54 45.85 22.10
C LEU D 80 -27.73 46.18 20.63
N ASP D 81 -27.73 45.18 19.76
CA ASP D 81 -28.06 45.43 18.36
C ASP D 81 -29.49 45.95 18.23
N PHE D 82 -30.42 45.38 19.00
CA PHE D 82 -31.79 45.88 19.01
C PHE D 82 -31.82 47.32 19.48
N ILE D 83 -31.06 47.64 20.53
CA ILE D 83 -30.98 49.01 21.02
C ILE D 83 -30.47 49.94 19.91
N SER D 84 -29.41 49.53 19.23
CA SER D 84 -28.85 50.35 18.16
C SER D 84 -29.81 50.48 16.99
N SER D 85 -30.76 49.56 16.83
CA SER D 85 -31.68 49.62 15.70
C SER D 85 -32.52 50.88 15.73
N HIS D 86 -33.42 51.01 16.70
CA HIS D 86 -34.26 52.20 16.81
C HIS D 86 -33.69 53.21 17.81
N THR D 87 -32.39 53.51 17.72
CA THR D 87 -31.83 54.66 18.43
C THR D 87 -30.82 55.44 17.63
N PHE D 88 -30.15 54.83 16.65
CA PHE D 88 -29.16 55.50 15.79
C PHE D 88 -28.06 56.16 16.61
N VAL D 89 -27.64 55.47 17.67
CA VAL D 89 -26.45 55.84 18.44
C VAL D 89 -25.43 54.72 18.28
N PRO D 90 -24.28 54.97 17.67
CA PRO D 90 -23.29 53.90 17.49
C PRO D 90 -22.79 53.36 18.83
N ILE D 91 -22.56 52.05 18.87
CA ILE D 91 -21.91 51.40 19.99
C ILE D 91 -20.83 50.47 19.47
N LEU D 92 -19.78 50.30 20.26
CA LEU D 92 -18.74 49.31 20.01
C LEU D 92 -18.62 48.41 21.23
N GLY D 93 -18.58 47.09 20.99
CA GLY D 93 -18.34 46.14 22.06
C GLY D 93 -16.85 45.93 22.26
N ILE D 94 -16.45 45.75 23.51
CA ILE D 94 -15.05 45.62 23.89
C ILE D 94 -14.78 44.33 24.65
N HIS D 95 -15.50 44.12 25.75
CA HIS D 95 -15.19 43.04 26.68
C HIS D 95 -16.43 42.25 27.03
N GLY D 96 -16.22 40.96 27.31
CA GLY D 96 -17.29 40.15 27.87
C GLY D 96 -18.45 39.95 26.92
N GLY D 97 -19.64 40.27 27.42
CA GLY D 97 -20.86 39.94 26.69
C GLY D 97 -20.89 40.53 25.28
N ALA D 98 -20.49 41.79 25.14
CA ALA D 98 -20.44 42.39 23.82
C ALA D 98 -19.14 42.01 23.13
N SER D 99 -18.80 40.72 23.15
CA SER D 99 -17.65 40.21 22.42
C SER D 99 -17.94 38.93 21.64
N MET D 100 -18.97 38.17 21.99
CA MET D 100 -19.36 37.00 21.22
C MET D 100 -19.98 37.48 19.92
N ILE D 101 -19.18 37.46 18.85
CA ILE D 101 -19.58 38.09 17.60
C ILE D 101 -20.72 37.31 16.95
N MET D 102 -21.68 38.03 16.40
CA MET D 102 -22.84 37.45 15.74
C MET D 102 -22.62 37.38 14.23
N ALA D 103 -23.44 36.57 13.58
CA ALA D 103 -23.27 36.33 12.15
C ALA D 103 -23.91 37.43 11.31
N ASP D 104 -25.23 37.59 11.42
CA ASP D 104 -25.97 38.54 10.61
C ASP D 104 -26.51 39.67 11.49
N LYS D 105 -26.66 40.85 10.88
CA LYS D 105 -27.14 42.02 11.59
C LYS D 105 -28.19 42.74 10.74
N ASP D 106 -29.04 43.48 11.43
CA ASP D 106 -30.04 44.30 10.75
C ASP D 106 -29.34 45.36 9.89
N PRO D 107 -29.85 45.64 8.68
CA PRO D 107 -29.13 46.59 7.80
C PRO D 107 -29.29 48.04 8.23
N THR D 108 -29.93 48.28 9.37
CA THR D 108 -29.98 49.60 10.00
C THR D 108 -29.48 49.42 11.44
N SER D 109 -28.16 49.43 11.60
CA SER D 109 -27.53 49.29 12.90
C SER D 109 -26.11 49.84 12.79
N THR D 110 -25.54 50.19 13.95
CA THR D 110 -24.16 50.66 14.02
C THR D 110 -23.45 50.01 15.19
N PHE D 111 -23.64 48.71 15.36
CA PHE D 111 -23.05 47.96 16.46
C PHE D 111 -21.90 47.12 15.92
N PHE D 112 -20.72 47.29 16.51
CA PHE D 112 -19.51 46.60 16.07
C PHE D 112 -18.78 46.02 17.27
N GLN D 113 -18.08 44.92 17.04
CA GLN D 113 -17.36 44.21 18.09
C GLN D 113 -15.87 44.22 17.79
N PHE D 114 -15.11 43.52 18.63
CA PHE D 114 -13.66 43.41 18.49
C PHE D 114 -13.19 41.96 18.42
N GLY D 115 -14.10 41.01 18.25
CA GLY D 115 -13.71 39.61 18.20
C GLY D 115 -13.15 39.21 16.84
N ALA D 116 -13.51 38.01 16.39
CA ALA D 116 -13.06 37.52 15.10
C ALA D 116 -14.07 36.52 14.57
N SER D 117 -14.35 36.59 13.26
CA SER D 117 -15.36 35.75 12.67
C SER D 117 -14.88 34.30 12.57
N ILE D 118 -15.81 33.41 12.24
CA ILE D 118 -15.50 32.00 12.08
C ILE D 118 -14.64 31.71 10.86
N GLN D 119 -14.43 32.73 10.00
CA GLN D 119 -13.59 32.53 8.83
C GLN D 119 -12.11 32.76 9.13
N GLN D 120 -11.81 33.69 10.03
CA GLN D 120 -10.41 34.00 10.33
C GLN D 120 -9.75 32.91 11.15
N GLN D 121 -10.47 32.36 12.12
CA GLN D 121 -9.92 31.27 12.91
C GLN D 121 -9.56 30.09 12.03
N ALA D 122 -10.31 29.87 10.95
CA ALA D 122 -10.02 28.78 10.03
C ALA D 122 -8.64 28.96 9.39
N THR D 123 -8.35 30.18 8.90
CA THR D 123 -7.05 30.40 8.29
C THR D 123 -5.95 30.39 9.35
N VAL D 124 -6.26 30.75 10.59
CA VAL D 124 -5.25 30.67 11.64
C VAL D 124 -4.86 29.21 11.89
N MET D 125 -5.84 28.31 12.01
CA MET D 125 -5.48 26.91 12.21
C MET D 125 -4.83 26.32 10.96
N LEU D 126 -5.23 26.77 9.77
CA LEU D 126 -4.57 26.30 8.56
C LEU D 126 -3.10 26.70 8.55
N LYS D 127 -2.79 27.93 8.98
CA LYS D 127 -1.40 28.36 9.07
C LYS D 127 -0.66 27.54 10.13
N ILE D 128 -1.31 27.25 11.26
CA ILE D 128 -0.69 26.43 12.29
C ILE D 128 -0.31 25.07 11.72
N MET D 129 -1.24 24.44 11.01
CA MET D 129 -0.97 23.13 10.43
C MET D 129 0.13 23.19 9.38
N GLN D 130 0.14 24.25 8.56
CA GLN D 130 1.13 24.35 7.51
C GLN D 130 2.54 24.56 8.07
N ASP D 131 2.67 25.38 9.11
CA ASP D 131 3.99 25.74 9.60
C ASP D 131 4.74 24.54 10.15
N TYR D 132 4.07 23.66 10.88
CA TYR D 132 4.72 22.51 11.49
C TYR D 132 4.76 21.29 10.57
N ASP D 133 4.30 21.43 9.33
CA ASP D 133 4.36 20.35 8.33
C ASP D 133 3.61 19.11 8.82
N TRP D 134 2.30 19.27 9.01
CA TRP D 134 1.43 18.16 9.35
C TRP D 134 0.55 17.73 8.18
N HIS D 135 0.05 18.67 7.40
CA HIS D 135 -0.60 18.41 6.12
C HIS D 135 -1.83 17.52 6.25
N VAL D 136 -1.64 16.20 6.24
CA VAL D 136 -2.77 15.28 6.29
C VAL D 136 -3.58 15.52 7.55
N PHE D 137 -4.90 15.59 7.41
CA PHE D 137 -5.77 15.88 8.55
C PHE D 137 -7.16 15.32 8.27
N SER D 138 -8.12 15.71 9.11
CA SER D 138 -9.50 15.29 8.97
C SER D 138 -10.39 16.35 9.62
N LEU D 139 -11.69 16.27 9.38
CA LEU D 139 -12.61 17.36 9.67
C LEU D 139 -13.88 16.86 10.35
N VAL D 140 -13.76 16.06 11.40
CA VAL D 140 -14.95 15.61 12.13
C VAL D 140 -15.66 16.82 12.72
N THR D 141 -16.95 16.96 12.42
CA THR D 141 -17.74 18.07 12.92
C THR D 141 -19.12 17.59 13.33
N THR D 142 -19.64 18.14 14.41
CA THR D 142 -21.00 17.84 14.84
C THR D 142 -21.97 18.73 14.06
N ILE D 143 -23.22 18.76 14.49
CA ILE D 143 -24.25 19.59 13.88
C ILE D 143 -24.52 20.77 14.80
N PHE D 144 -24.29 21.98 14.29
CA PHE D 144 -24.43 23.21 15.07
C PHE D 144 -24.54 24.37 14.11
N PRO D 145 -25.30 25.42 14.45
CA PRO D 145 -25.41 26.56 13.52
C PRO D 145 -24.06 27.15 13.16
N GLY D 146 -23.69 27.04 11.89
CA GLY D 146 -22.40 27.50 11.41
C GLY D 146 -21.45 26.41 10.94
N TYR D 147 -21.83 25.14 10.99
CA TYR D 147 -20.91 24.07 10.59
C TYR D 147 -20.74 24.00 9.08
N ARG D 148 -21.83 24.20 8.33
CA ARG D 148 -21.73 24.14 6.87
C ARG D 148 -20.81 25.23 6.33
N GLU D 149 -20.88 26.43 6.91
CA GLU D 149 -19.99 27.51 6.50
C GLU D 149 -18.54 27.15 6.79
N PHE D 150 -18.28 26.53 7.94
CA PHE D 150 -16.92 26.08 8.26
C PHE D 150 -16.42 25.08 7.23
N ILE D 151 -17.25 24.10 6.91
CA ILE D 151 -16.83 23.06 5.95
C ILE D 151 -16.56 23.68 4.59
N SER D 152 -17.46 24.56 4.13
CA SER D 152 -17.29 25.18 2.82
C SER D 152 -16.04 26.05 2.78
N PHE D 153 -15.79 26.83 3.83
CA PHE D 153 -14.60 27.68 3.84
C PHE D 153 -13.33 26.84 3.85
N VAL D 154 -13.31 25.76 4.63
CA VAL D 154 -12.12 24.92 4.66
C VAL D 154 -11.89 24.27 3.29
N LYS D 155 -12.97 23.81 2.66
CA LYS D 155 -12.86 23.24 1.32
C LYS D 155 -12.30 24.26 0.33
N THR D 156 -12.83 25.48 0.35
CA THR D 156 -12.37 26.50 -0.59
C THR D 156 -10.91 26.86 -0.35
N THR D 157 -10.52 27.04 0.93
CA THR D 157 -9.14 27.40 1.23
C THR D 157 -8.18 26.28 0.83
N VAL D 158 -8.54 25.02 1.09
CA VAL D 158 -7.67 23.92 0.74
C VAL D 158 -7.65 23.68 -0.77
N ASP D 159 -8.68 24.14 -1.49
CA ASP D 159 -8.72 23.94 -2.93
C ASP D 159 -7.85 24.96 -3.66
N ASN D 160 -8.05 26.24 -3.38
CA ASN D 160 -7.32 27.29 -4.07
C ASN D 160 -5.95 27.51 -3.46
N SER D 161 -5.18 26.44 -3.33
CA SER D 161 -3.81 26.52 -2.83
C SER D 161 -3.03 25.31 -3.33
N PHE D 162 -1.71 25.45 -3.33
CA PHE D 162 -0.81 24.39 -3.81
C PHE D 162 0.28 24.17 -2.75
N VAL D 163 -0.04 23.34 -1.75
CA VAL D 163 0.93 22.94 -0.74
C VAL D 163 0.86 21.44 -0.55
N GLY D 164 -0.13 20.81 -1.18
CA GLY D 164 -0.27 19.36 -1.09
C GLY D 164 -1.04 18.87 0.11
N TRP D 165 -2.04 19.62 0.57
CA TRP D 165 -2.87 19.16 1.68
C TRP D 165 -3.73 17.98 1.23
N ASP D 166 -3.68 16.90 2.02
CA ASP D 166 -4.43 15.68 1.74
C ASP D 166 -5.54 15.56 2.77
N MET D 167 -6.69 16.17 2.47
CA MET D 167 -7.84 16.13 3.38
C MET D 167 -8.75 14.99 2.96
N GLN D 168 -9.02 14.08 3.89
CA GLN D 168 -9.89 12.95 3.64
C GLN D 168 -10.73 12.66 4.88
N ASN D 169 -11.80 11.91 4.66
CA ASN D 169 -12.71 11.50 5.73
C ASN D 169 -13.30 12.72 6.45
N VAL D 170 -14.05 13.52 5.70
CA VAL D 170 -14.74 14.66 6.29
C VAL D 170 -16.03 14.16 6.93
N ILE D 171 -15.94 13.77 8.20
CA ILE D 171 -17.08 13.18 8.90
C ILE D 171 -18.04 14.29 9.32
N THR D 172 -19.32 13.95 9.39
CA THR D 172 -20.36 14.85 9.85
C THR D 172 -21.29 14.10 10.81
N LEU D 173 -20.68 13.47 11.82
CA LEU D 173 -21.44 12.69 12.78
C LEU D 173 -22.49 13.56 13.46
N ASP D 174 -23.75 13.13 13.40
CA ASP D 174 -24.85 13.94 13.89
C ASP D 174 -25.96 13.16 14.56
N THR D 175 -25.84 11.84 14.70
CA THR D 175 -26.90 11.00 15.27
C THR D 175 -26.39 10.34 16.55
N SER D 176 -26.92 10.77 17.69
CA SER D 176 -26.51 10.28 19.01
C SER D 176 -25.00 10.38 19.21
N PHE D 177 -24.48 9.71 20.23
CA PHE D 177 -23.04 9.66 20.42
C PHE D 177 -22.57 8.30 20.93
N GLU D 178 -23.42 7.28 20.90
CA GLU D 178 -23.02 5.96 21.37
C GLU D 178 -23.48 4.82 20.46
N ASP D 179 -24.30 5.07 19.44
CA ASP D 179 -24.82 4.01 18.60
C ASP D 179 -23.78 3.62 17.55
N ALA D 180 -24.20 2.81 16.57
CA ALA D 180 -23.26 2.24 15.62
C ALA D 180 -22.69 3.29 14.67
N LYS D 181 -23.51 4.23 14.23
CA LYS D 181 -23.09 5.17 13.19
C LYS D 181 -21.89 5.99 13.63
N THR D 182 -21.97 6.61 14.80
CA THR D 182 -20.87 7.42 15.29
C THR D 182 -19.63 6.57 15.52
N GLN D 183 -19.81 5.35 16.03
CA GLN D 183 -18.67 4.48 16.30
C GLN D 183 -17.92 4.14 15.02
N VAL D 184 -18.64 3.69 13.99
CA VAL D 184 -17.96 3.29 12.77
C VAL D 184 -17.35 4.50 12.07
N GLN D 185 -18.08 5.63 12.03
CA GLN D 185 -17.55 6.81 11.36
C GLN D 185 -16.29 7.32 12.05
N LEU D 186 -16.29 7.32 13.38
CA LEU D 186 -15.09 7.72 14.12
C LEU D 186 -13.96 6.73 13.89
N LYS D 187 -14.27 5.43 13.83
CA LYS D 187 -13.25 4.42 13.58
C LYS D 187 -12.61 4.60 12.21
N LYS D 188 -13.36 5.15 11.25
CA LYS D 188 -12.83 5.32 9.90
C LYS D 188 -11.61 6.23 9.87
N ILE D 189 -11.46 7.10 10.86
CA ILE D 189 -10.38 8.08 10.86
C ILE D 189 -9.05 7.36 11.05
N HIS D 190 -8.02 7.80 10.30
CA HIS D 190 -6.68 7.27 10.49
C HIS D 190 -5.59 8.33 10.31
N SER D 191 -5.94 9.61 10.38
CA SER D 191 -4.96 10.66 10.17
C SER D 191 -4.14 10.88 11.44
N SER D 192 -3.21 11.84 11.38
CA SER D 192 -2.43 12.25 12.53
C SER D 192 -2.80 13.63 13.04
N VAL D 193 -3.74 14.31 12.39
CA VAL D 193 -4.24 15.61 12.83
C VAL D 193 -5.75 15.59 12.65
N ILE D 194 -6.48 16.04 13.67
CA ILE D 194 -7.93 16.07 13.64
C ILE D 194 -8.39 17.48 13.97
N LEU D 195 -9.32 17.99 13.16
CA LEU D 195 -9.81 19.37 13.28
C LEU D 195 -11.31 19.30 13.51
N LEU D 196 -11.73 19.47 14.76
CA LEU D 196 -13.14 19.31 15.11
C LEU D 196 -13.79 20.67 15.33
N TYR D 197 -15.11 20.64 15.48
CA TYR D 197 -15.92 21.86 15.60
C TYR D 197 -17.19 21.49 16.36
N CYS D 198 -17.25 21.85 17.64
CA CYS D 198 -18.38 21.49 18.48
C CYS D 198 -18.69 22.64 19.42
N SER D 199 -19.54 22.39 20.42
CA SER D 199 -19.95 23.40 21.39
C SER D 199 -19.80 22.81 22.80
N LYS D 200 -18.58 22.92 23.34
CA LYS D 200 -18.26 22.54 24.71
C LYS D 200 -18.76 21.13 25.08
N ASP D 201 -20.03 21.02 25.45
CA ASP D 201 -20.56 19.75 25.95
C ASP D 201 -20.45 18.65 24.88
N GLU D 202 -20.84 18.97 23.65
CA GLU D 202 -20.67 17.99 22.58
C GLU D 202 -19.19 17.68 22.37
N ALA D 203 -18.33 18.69 22.51
CA ALA D 203 -16.90 18.47 22.33
C ALA D 203 -16.33 17.56 23.41
N VAL D 204 -16.72 17.75 24.67
CA VAL D 204 -16.19 16.90 25.73
C VAL D 204 -16.72 15.47 25.56
N LEU D 205 -17.99 15.32 25.16
CA LEU D 205 -18.50 13.98 24.89
C LEU D 205 -17.71 13.30 23.77
N ILE D 206 -17.45 14.03 22.68
CA ILE D 206 -16.73 13.46 21.54
C ILE D 206 -15.31 13.10 21.95
N LEU D 207 -14.64 13.97 22.71
CA LEU D 207 -13.27 13.68 23.13
C LEU D 207 -13.21 12.48 24.07
N SER D 208 -14.19 12.35 24.97
CA SER D 208 -14.24 11.17 25.83
C SER D 208 -14.43 9.91 25.02
N GLU D 209 -15.34 9.95 24.04
CA GLU D 209 -15.53 8.77 23.18
C GLU D 209 -14.26 8.43 22.41
N ALA D 210 -13.57 9.45 21.89
CA ALA D 210 -12.34 9.21 21.13
C ALA D 210 -11.25 8.61 22.02
N ARG D 211 -11.12 9.11 23.25
CA ARG D 211 -10.13 8.53 24.16
C ARG D 211 -10.48 7.09 24.48
N SER D 212 -11.77 6.80 24.72
CA SER D 212 -12.18 5.41 24.95
C SER D 212 -11.84 4.54 23.75
N LEU D 213 -11.97 5.09 22.54
CA LEU D 213 -11.58 4.34 21.35
C LEU D 213 -10.06 4.26 21.23
N GLY D 214 -9.33 5.18 21.85
CA GLY D 214 -7.89 5.18 21.81
C GLY D 214 -7.27 6.10 20.79
N LEU D 215 -7.86 7.27 20.54
CA LEU D 215 -7.37 8.20 19.54
C LEU D 215 -6.57 9.35 20.13
N THR D 216 -6.33 9.35 21.44
CA THR D 216 -5.68 10.49 22.09
C THR D 216 -4.37 10.09 22.75
N GLY D 217 -3.53 9.35 22.04
CA GLY D 217 -2.23 8.96 22.55
C GLY D 217 -1.20 10.05 22.43
N TYR D 218 0.05 9.66 22.14
CA TYR D 218 1.16 10.58 21.99
C TYR D 218 1.30 11.16 20.60
N ASP D 219 0.51 10.70 19.63
CA ASP D 219 0.69 11.09 18.23
C ASP D 219 -0.62 11.58 17.63
N PHE D 220 -1.33 12.44 18.36
CA PHE D 220 -2.54 13.06 17.84
C PHE D 220 -2.66 14.46 18.42
N PHE D 221 -3.19 15.39 17.62
CA PHE D 221 -3.22 16.80 17.97
C PHE D 221 -4.55 17.40 17.52
N TRP D 222 -5.49 17.52 18.45
CA TRP D 222 -6.77 18.16 18.15
C TRP D 222 -6.60 19.67 18.10
N ILE D 223 -7.27 20.31 17.15
CA ILE D 223 -7.09 21.74 16.87
C ILE D 223 -8.44 22.46 16.96
N VAL D 224 -9.29 22.04 17.89
CA VAL D 224 -10.64 22.59 18.02
C VAL D 224 -10.57 24.11 18.18
N PRO D 225 -11.41 24.89 17.49
CA PRO D 225 -11.28 26.35 17.51
C PRO D 225 -12.17 27.05 18.52
N SER D 226 -11.58 28.09 19.13
CA SER D 226 -12.25 29.13 19.93
C SER D 226 -13.53 28.74 20.63
N LEU D 227 -14.51 28.23 19.88
CA LEU D 227 -15.83 27.94 20.43
C LEU D 227 -15.72 27.06 21.66
N VAL D 228 -14.98 25.96 21.56
CA VAL D 228 -14.71 25.10 22.73
C VAL D 228 -13.42 25.61 23.35
N SER D 229 -13.53 26.69 24.11
CA SER D 229 -12.46 27.13 24.98
C SER D 229 -12.97 27.73 26.28
N GLY D 230 -14.27 27.77 26.51
CA GLY D 230 -14.91 28.38 27.66
C GLY D 230 -14.38 29.78 27.90
N ASN D 231 -14.36 30.16 29.19
CA ASN D 231 -13.71 31.39 29.62
C ASN D 231 -12.28 31.14 30.06
N THR D 232 -11.65 30.08 29.57
CA THR D 232 -10.27 29.70 29.88
C THR D 232 -10.06 29.45 31.37
N GLU D 233 -11.14 29.25 32.13
CA GLU D 233 -11.02 28.98 33.55
C GLU D 233 -12.00 27.92 34.04
N LEU D 234 -12.62 27.15 33.15
CA LEU D 234 -13.56 26.10 33.51
C LEU D 234 -13.19 24.81 32.81
N ILE D 235 -11.91 24.43 32.91
CA ILE D 235 -11.39 23.28 32.19
C ILE D 235 -12.02 22.00 32.74
N PRO D 236 -12.75 21.25 31.92
CA PRO D 236 -13.27 19.96 32.36
C PRO D 236 -12.16 18.91 32.41
N LYS D 237 -12.42 17.85 33.16
CA LYS D 237 -11.42 16.79 33.29
C LYS D 237 -11.52 15.82 32.12
N GLU D 238 -11.58 16.36 30.90
CA GLU D 238 -11.57 15.54 29.70
C GLU D 238 -10.69 16.08 28.58
N PHE D 239 -10.37 17.36 28.56
CA PHE D 239 -9.53 17.91 27.51
C PHE D 239 -8.11 17.38 27.68
N PRO D 240 -7.59 16.62 26.72
CA PRO D 240 -6.20 16.15 26.85
C PRO D 240 -5.22 17.31 26.78
N SER D 241 -4.15 17.19 27.56
CA SER D 241 -3.11 18.20 27.52
C SER D 241 -2.47 18.23 26.14
N GLY D 242 -2.28 19.44 25.60
CA GLY D 242 -1.80 19.56 24.23
C GLY D 242 -2.93 19.66 23.23
N LEU D 243 -3.83 20.61 23.45
CA LEU D 243 -5.00 20.81 22.59
C LEU D 243 -4.99 22.26 22.10
N ILE D 244 -4.82 22.43 20.79
CA ILE D 244 -4.67 23.76 20.21
C ILE D 244 -6.04 24.39 20.02
N SER D 245 -6.18 25.67 20.38
CA SER D 245 -7.45 26.37 20.21
C SER D 245 -7.16 27.86 20.12
N VAL D 246 -7.22 28.40 18.90
CA VAL D 246 -7.02 29.83 18.71
C VAL D 246 -8.13 30.60 19.42
N SER D 247 -7.75 31.54 20.28
CA SER D 247 -8.71 32.30 21.06
C SER D 247 -8.29 33.76 21.03
N TYR D 248 -8.94 34.58 21.86
CA TYR D 248 -8.62 35.98 21.96
C TYR D 248 -7.59 36.22 23.06
N ASP D 249 -7.00 37.42 23.04
CA ASP D 249 -5.91 37.75 23.96
C ASP D 249 -6.47 38.49 25.17
N ASP D 250 -6.17 37.97 26.36
CA ASP D 250 -6.47 38.67 27.60
C ASP D 250 -5.24 38.98 28.43
N TRP D 251 -4.17 38.19 28.30
CA TRP D 251 -2.90 38.48 28.94
C TRP D 251 -2.10 39.55 28.20
N ASP D 252 -2.30 39.66 26.89
CA ASP D 252 -1.45 40.54 26.08
C ASP D 252 -1.68 42.01 26.44
N TYR D 253 -2.93 42.44 26.48
CA TYR D 253 -3.23 43.83 26.78
C TYR D 253 -4.58 43.93 27.48
N SER D 254 -4.75 44.98 28.27
CA SER D 254 -5.86 45.12 29.18
C SER D 254 -6.97 45.98 28.55
N LEU D 255 -7.96 46.33 29.38
CA LEU D 255 -9.13 47.06 28.91
C LEU D 255 -8.84 48.52 28.59
N GLU D 256 -7.80 49.10 29.21
CA GLU D 256 -7.50 50.51 28.98
C GLU D 256 -7.16 50.76 27.51
N ALA D 257 -6.36 49.88 26.91
CA ALA D 257 -6.05 50.03 25.50
C ALA D 257 -7.29 49.92 24.64
N ARG D 258 -8.20 49.00 25.00
CA ARG D 258 -9.43 48.83 24.23
C ARG D 258 -10.29 50.10 24.27
N VAL D 259 -10.47 50.67 25.46
CA VAL D 259 -11.31 51.86 25.56
C VAL D 259 -10.64 53.05 24.89
N ARG D 260 -9.31 53.15 24.99
CA ARG D 260 -8.59 54.21 24.28
C ARG D 260 -8.80 54.09 22.77
N ASP D 261 -8.68 52.86 22.24
CA ASP D 261 -8.86 52.64 20.82
C ASP D 261 -10.28 52.96 20.38
N GLY D 262 -11.28 52.57 21.18
CA GLY D 262 -12.65 52.89 20.85
C GLY D 262 -12.93 54.39 20.83
N ILE D 263 -12.40 55.11 21.82
CA ILE D 263 -12.56 56.56 21.86
C ILE D 263 -11.90 57.19 20.65
N GLY D 264 -10.69 56.75 20.31
CA GLY D 264 -10.03 57.27 19.12
C GLY D 264 -10.80 56.97 17.85
N ILE D 265 -11.39 55.78 17.76
CA ILE D 265 -12.17 55.42 16.57
C ILE D 265 -13.37 56.34 16.42
N LEU D 266 -14.09 56.56 17.51
CA LEU D 266 -15.27 57.44 17.45
C LEU D 266 -14.87 58.87 17.11
N THR D 267 -13.77 59.36 17.70
CA THR D 267 -13.32 60.71 17.40
C THR D 267 -12.89 60.86 15.95
N THR D 268 -12.18 59.87 15.42
CA THR D 268 -11.76 59.93 14.02
C THR D 268 -12.97 59.88 13.08
N ALA D 269 -13.96 59.05 13.41
CA ALA D 269 -15.17 59.01 12.60
C ALA D 269 -15.89 60.37 12.62
N ALA D 270 -15.96 61.00 13.79
CA ALA D 270 -16.58 62.32 13.87
C ALA D 270 -15.81 63.35 13.06
N SER D 271 -14.47 63.29 13.12
CA SER D 271 -13.65 64.22 12.34
C SER D 271 -13.85 64.02 10.85
N SER D 272 -13.92 62.76 10.41
CA SER D 272 -14.16 62.47 9.00
C SER D 272 -15.53 62.98 8.57
N MET D 273 -16.54 62.79 9.42
CA MET D 273 -17.88 63.28 9.11
C MET D 273 -17.90 64.80 8.99
N LEU D 274 -17.20 65.48 9.89
CA LEU D 274 -17.11 66.94 9.81
C LEU D 274 -16.39 67.38 8.55
N GLU D 275 -15.31 66.69 8.18
CA GLU D 275 -14.59 67.06 6.97
C GLU D 275 -15.42 66.79 5.72
N LYS D 276 -16.32 65.81 5.77
CA LYS D 276 -17.13 65.45 4.61
C LYS D 276 -18.51 66.08 4.61
N PHE D 277 -18.97 66.64 5.74
CA PHE D 277 -20.29 67.23 5.81
C PHE D 277 -20.34 68.60 6.46
N SER D 278 -19.37 68.96 7.30
CA SER D 278 -19.32 70.25 8.00
C SER D 278 -20.54 70.48 8.88
N TYR D 279 -21.22 69.41 9.30
CA TYR D 279 -22.41 69.53 10.14
C TYR D 279 -22.69 68.17 10.78
N ILE D 280 -22.74 68.15 12.11
CA ILE D 280 -22.99 66.93 12.87
C ILE D 280 -24.35 67.07 13.55
N PRO D 281 -25.36 66.30 13.15
CA PRO D 281 -26.67 66.38 13.80
C PRO D 281 -26.67 65.65 15.14
N GLU D 282 -27.84 65.61 15.76
CA GLU D 282 -28.03 65.00 17.07
C GLU D 282 -28.90 63.75 16.96
N ALA D 283 -28.89 62.95 18.02
CA ALA D 283 -29.66 61.71 18.08
C ALA D 283 -30.32 61.58 19.45
N LYS D 284 -30.95 62.66 19.91
CA LYS D 284 -31.57 62.73 21.24
C LYS D 284 -33.01 63.18 21.12
N ALA D 285 -33.77 62.55 20.22
CA ALA D 285 -35.15 62.97 20.00
C ALA D 285 -36.07 62.49 21.12
N SER D 286 -36.23 61.16 21.25
CA SER D 286 -37.09 60.59 22.27
C SER D 286 -36.89 59.08 22.31
N CYS D 287 -36.86 58.53 23.51
CA CYS D 287 -36.80 57.09 23.71
C CYS D 287 -38.19 56.47 23.91
N TYR D 288 -38.89 56.93 24.95
CA TYR D 288 -40.19 56.35 25.30
C TYR D 288 -41.29 57.05 24.49
N GLY D 289 -42.03 56.26 23.71
CA GLY D 289 -43.17 56.78 22.98
C GLY D 289 -42.83 57.85 21.98
N GLN D 290 -41.77 57.66 21.19
CA GLN D 290 -41.39 58.65 20.19
C GLN D 290 -42.34 58.61 19.00
N MET D 291 -42.37 57.49 18.28
CA MET D 291 -43.27 57.31 17.13
C MET D 291 -43.17 58.47 16.16
N GLU D 292 -41.95 58.89 15.85
CA GLU D 292 -41.73 60.10 15.07
C GLU D 292 -41.60 59.80 13.58
N ARG D 293 -40.59 59.02 13.19
CA ARG D 293 -40.28 58.81 11.78
C ARG D 293 -39.18 57.75 11.70
N PRO D 294 -39.03 57.09 10.55
CA PRO D 294 -37.89 56.18 10.35
C PRO D 294 -36.58 56.92 10.18
N GLU D 295 -35.51 56.19 9.84
CA GLU D 295 -34.18 56.76 9.75
C GLU D 295 -34.09 57.77 8.61
N VAL D 296 -33.07 58.62 8.69
CA VAL D 296 -32.78 59.62 7.67
C VAL D 296 -31.30 59.51 7.30
N PRO D 297 -30.91 59.82 6.05
CA PRO D 297 -29.50 59.76 5.65
C PRO D 297 -28.71 61.02 6.02
N MET D 298 -28.86 61.46 7.26
CA MET D 298 -28.19 62.68 7.71
C MET D 298 -26.74 62.39 8.13
N HIS D 299 -26.55 61.46 9.05
CA HIS D 299 -25.24 61.15 9.62
C HIS D 299 -25.00 59.65 9.64
N THR D 300 -25.27 58.99 8.52
CA THR D 300 -24.96 57.56 8.39
C THR D 300 -23.45 57.43 8.31
N LEU D 301 -22.83 57.10 9.44
CA LEU D 301 -21.37 57.15 9.58
C LEU D 301 -20.68 55.86 9.18
N HIS D 302 -21.43 54.89 8.62
CA HIS D 302 -20.81 53.64 8.19
C HIS D 302 -19.65 53.86 7.23
N PRO D 303 -19.80 54.60 6.13
CA PRO D 303 -18.64 54.82 5.25
C PRO D 303 -17.53 55.62 5.91
N PHE D 304 -17.78 56.20 7.08
CA PHE D 304 -16.76 56.91 7.83
C PHE D 304 -15.99 56.01 8.78
N MET D 305 -16.26 54.70 8.77
CA MET D 305 -15.52 53.75 9.59
C MET D 305 -14.85 52.65 8.78
N VAL D 306 -15.05 52.61 7.47
CA VAL D 306 -14.49 51.53 6.66
C VAL D 306 -12.97 51.63 6.56
N ASN D 307 -12.46 52.86 6.40
CA ASN D 307 -11.05 53.10 6.12
C ASN D 307 -10.46 54.09 7.13
N VAL D 308 -10.70 53.85 8.41
CA VAL D 308 -10.25 54.73 9.48
C VAL D 308 -8.99 54.17 10.09
N THR D 309 -7.99 55.04 10.28
CA THR D 309 -6.75 54.69 10.96
C THR D 309 -6.44 55.73 12.02
N TRP D 310 -5.75 55.31 13.08
CA TRP D 310 -5.48 56.20 14.20
C TRP D 310 -4.29 55.69 15.00
N ASP D 311 -3.45 56.63 15.44
CA ASP D 311 -2.34 56.36 16.35
C ASP D 311 -1.41 55.26 15.84
N GLY D 312 -1.15 55.28 14.55
CA GLY D 312 -0.22 54.30 13.97
C GLY D 312 -0.74 52.89 13.83
N LYS D 313 -1.35 52.35 14.88
CA LYS D 313 -1.92 51.01 14.83
C LYS D 313 -3.21 51.03 14.03
N ASP D 314 -3.08 50.96 12.70
CA ASP D 314 -4.24 51.04 11.82
C ASP D 314 -5.16 49.87 12.11
N LEU D 315 -6.45 50.17 12.25
CA LEU D 315 -7.47 49.15 12.45
C LEU D 315 -8.77 49.66 11.84
N SER D 316 -9.41 48.83 11.02
CA SER D 316 -10.56 49.27 10.23
C SER D 316 -11.56 48.14 10.14
N PHE D 317 -12.79 48.50 9.78
CA PHE D 317 -13.89 47.56 9.67
C PHE D 317 -14.32 47.44 8.21
N THR D 318 -15.00 46.35 7.89
CA THR D 318 -15.51 46.13 6.54
C THR D 318 -16.80 45.31 6.61
N GLU D 319 -17.78 45.71 5.79
CA GLU D 319 -19.06 45.02 5.68
C GLU D 319 -19.70 44.79 7.04
N GLU D 320 -19.54 43.59 7.58
CA GLU D 320 -20.11 43.25 8.88
C GLU D 320 -19.17 43.73 9.99
N GLY D 321 -19.41 43.27 11.21
CA GLY D 321 -18.60 43.67 12.35
C GLY D 321 -17.28 42.93 12.44
N TYR D 322 -16.73 42.52 11.31
CA TYR D 322 -15.44 41.84 11.29
C TYR D 322 -14.34 42.89 11.23
N GLN D 323 -13.62 43.06 12.34
CA GLN D 323 -12.43 43.92 12.32
C GLN D 323 -11.42 43.34 11.35
N VAL D 324 -10.89 44.19 10.47
CA VAL D 324 -10.04 43.70 9.39
C VAL D 324 -8.76 43.09 9.94
N HIS D 325 -8.20 43.69 10.98
CA HIS D 325 -6.97 43.18 11.59
C HIS D 325 -7.26 42.73 13.02
N PRO D 326 -7.52 41.46 13.26
CA PRO D 326 -7.80 40.99 14.62
C PRO D 326 -6.52 40.80 15.41
N ARG D 327 -6.67 40.35 16.66
CA ARG D 327 -5.55 40.14 17.58
C ARG D 327 -5.59 38.72 18.13
N LEU D 328 -5.78 37.75 17.24
CA LEU D 328 -5.89 36.36 17.66
C LEU D 328 -4.58 35.85 18.24
N VAL D 329 -4.70 34.89 19.17
CA VAL D 329 -3.56 34.23 19.78
C VAL D 329 -3.83 32.73 19.81
N VAL D 330 -2.78 31.97 20.14
CA VAL D 330 -2.86 30.51 20.21
C VAL D 330 -2.54 30.08 21.62
N ILE D 331 -3.28 29.09 22.12
CA ILE D 331 -3.08 28.60 23.48
C ILE D 331 -3.05 27.07 23.44
N VAL D 332 -2.31 26.49 24.40
CA VAL D 332 -2.22 25.04 24.56
C VAL D 332 -2.49 24.69 26.02
N LEU D 333 -2.81 23.43 26.25
CA LEU D 333 -3.11 22.94 27.59
C LEU D 333 -1.83 22.43 28.22
N ASN D 334 -1.27 23.21 29.16
CA ASN D 334 -0.04 22.84 29.84
C ASN D 334 -0.28 21.64 30.74
N LYS D 335 0.82 21.03 31.20
CA LYS D 335 0.74 19.86 32.06
C LYS D 335 0.11 20.17 33.41
N ASP D 336 -0.01 21.44 33.79
CA ASP D 336 -0.67 21.83 35.03
C ASP D 336 -2.11 22.29 34.80
N ARG D 337 -2.66 22.01 33.62
CA ARG D 337 -4.03 22.38 33.27
C ARG D 337 -4.24 23.89 33.32
N GLU D 338 -3.46 24.59 32.49
CA GLU D 338 -3.60 26.02 32.30
C GLU D 338 -3.22 26.35 30.87
N TRP D 339 -3.73 27.47 30.37
CA TRP D 339 -3.50 27.87 29.00
C TRP D 339 -2.21 28.66 28.87
N GLU D 340 -1.35 28.25 27.93
CA GLU D 340 -0.08 28.92 27.68
C GLU D 340 -0.29 30.00 26.61
N LYS D 341 0.81 30.52 26.06
CA LYS D 341 0.74 31.66 25.16
C LYS D 341 1.70 31.47 23.98
N VAL D 342 1.66 30.30 23.35
CA VAL D 342 2.52 30.05 22.20
C VAL D 342 1.94 30.74 20.98
N GLY D 343 2.82 31.38 20.18
CA GLY D 343 2.41 32.00 18.94
C GLY D 343 1.57 33.25 19.09
N LYS D 344 1.54 34.09 18.06
CA LYS D 344 0.72 35.30 18.08
C LYS D 344 0.51 35.77 16.65
N TRP D 345 -0.71 35.65 16.14
CA TRP D 345 -1.08 36.06 14.79
C TRP D 345 -1.17 37.58 14.77
N GLU D 346 -0.05 38.24 14.52
CA GLU D 346 0.02 39.70 14.72
C GLU D 346 -0.55 40.46 13.53
N ASN D 347 0.10 40.38 12.37
CA ASN D 347 -0.36 41.13 11.20
C ASN D 347 -0.75 40.20 10.05
N HIS D 348 0.17 39.38 9.54
CA HIS D 348 -0.17 38.40 8.54
C HIS D 348 0.64 37.11 8.66
N THR D 349 1.50 36.99 9.65
CA THR D 349 2.32 35.80 9.84
C THR D 349 2.11 35.26 11.24
N LEU D 350 2.15 33.94 11.37
CA LEU D 350 1.84 33.31 12.65
C LEU D 350 2.85 33.69 13.73
N SER D 351 4.14 33.67 13.39
CA SER D 351 5.21 34.13 14.29
C SER D 351 5.17 33.37 15.63
N LEU D 352 5.42 32.06 15.54
CA LEU D 352 5.39 31.21 16.72
C LEU D 352 6.60 31.48 17.60
N ARG D 353 6.70 30.72 18.70
CA ARG D 353 7.83 30.80 19.61
C ARG D 353 8.52 29.47 19.84
N HIS D 354 7.94 28.35 19.37
CA HIS D 354 8.54 27.03 19.51
C HIS D 354 8.97 26.54 18.14
N ALA D 355 10.26 26.23 18.01
CA ALA D 355 10.78 25.77 16.73
C ALA D 355 10.22 24.40 16.36
N VAL D 356 10.15 23.48 17.31
CA VAL D 356 9.60 22.15 17.11
C VAL D 356 8.61 21.87 18.22
N TRP D 357 7.70 20.94 17.94
CA TRP D 357 6.64 20.64 18.90
C TRP D 357 7.22 19.98 20.15
N PRO D 358 6.89 20.48 21.34
CA PRO D 358 7.50 19.96 22.57
C PRO D 358 7.00 18.59 23.01
N ARG D 359 6.12 17.93 22.24
CA ARG D 359 5.71 16.56 22.49
C ARG D 359 5.06 16.42 23.88
N TYR D 360 3.91 17.07 24.02
CA TYR D 360 3.18 17.05 25.28
C TYR D 360 2.63 15.67 25.58
N LYS D 361 2.47 15.38 26.88
CA LYS D 361 1.90 14.13 27.34
C LYS D 361 0.38 14.22 27.34
N SER D 362 -0.28 13.21 26.77
CA SER D 362 -1.73 13.25 26.62
C SER D 362 -2.42 13.27 27.98
N PHE D 363 -2.26 12.20 28.76
CA PHE D 363 -2.96 12.09 30.03
C PHE D 363 -2.03 11.64 31.15
N SER D 364 -2.59 11.33 32.31
CA SER D 364 -1.84 10.78 33.42
C SER D 364 -1.71 9.27 33.37
N ASP D 365 -2.34 8.62 32.39
CA ASP D 365 -2.29 7.17 32.28
C ASP D 365 -2.10 6.73 30.83
N CYS D 366 -1.39 7.52 30.03
CA CYS D 366 -1.16 7.20 28.64
C CYS D 366 0.10 6.34 28.48
N GLU D 367 0.23 5.73 27.31
CA GLU D 367 1.39 4.89 27.04
C GLU D 367 2.65 5.75 26.92
N PRO D 368 3.79 5.22 27.35
CA PRO D 368 5.05 5.98 27.22
C PRO D 368 5.43 6.19 25.77
N ASP D 369 6.12 7.31 25.52
CA ASP D 369 6.55 7.67 24.18
C ASP D 369 7.81 6.88 23.83
N ASP D 370 7.70 6.00 22.82
CA ASP D 370 8.84 5.19 22.41
C ASP D 370 8.92 5.08 20.89
N ASN D 371 8.42 6.08 20.18
CA ASN D 371 8.51 6.10 18.72
C ASN D 371 9.26 7.30 18.20
N HIS D 372 8.95 8.50 18.67
CA HIS D 372 9.65 9.70 18.23
C HIS D 372 11.09 9.67 18.72
N LEU D 373 12.02 9.98 17.82
CA LEU D 373 13.43 9.91 18.15
C LEU D 373 14.21 10.88 17.28
N SER D 374 15.42 11.21 17.72
CA SER D 374 16.28 12.17 17.05
C SER D 374 17.35 11.44 16.25
N ILE D 375 17.57 11.90 15.02
CA ILE D 375 18.51 11.27 14.09
C ILE D 375 19.50 12.32 13.63
N VAL D 376 20.79 11.97 13.63
CA VAL D 376 21.87 12.89 13.32
C VAL D 376 22.46 12.53 11.96
N THR D 377 22.68 13.54 11.12
CA THR D 377 23.41 13.36 9.87
C THR D 377 24.08 14.67 9.49
N LEU D 378 25.04 14.59 8.58
CA LEU D 378 25.74 15.75 8.08
C LEU D 378 25.69 15.73 6.56
N GLU D 379 26.00 16.87 5.94
CA GLU D 379 25.95 16.99 4.49
C GLU D 379 27.29 16.62 3.87
N GLU D 380 27.24 15.73 2.88
CA GLU D 380 28.40 15.37 2.06
C GLU D 380 27.98 14.43 0.93
N ALA D 381 28.69 14.49 -0.19
CA ALA D 381 28.59 13.49 -1.25
C ALA D 381 27.20 13.46 -1.88
N PRO D 382 26.95 12.59 -2.87
CA PRO D 382 25.56 12.39 -3.32
C PRO D 382 24.82 11.39 -2.44
N PHE D 383 24.96 11.54 -1.13
CA PHE D 383 24.24 10.72 -0.16
C PHE D 383 23.19 11.52 0.58
N VAL D 384 23.57 12.67 1.13
CA VAL D 384 22.62 13.60 1.73
C VAL D 384 23.08 15.03 1.48
N ILE D 385 22.33 15.76 0.64
CA ILE D 385 22.68 17.13 0.26
C ILE D 385 21.60 18.06 0.81
N VAL D 386 22.02 19.20 1.34
CA VAL D 386 21.12 20.18 1.94
C VAL D 386 20.98 21.36 1.00
N GLU D 387 19.75 21.72 0.68
CA GLU D 387 19.43 22.86 -0.18
C GLU D 387 18.85 23.98 0.66
N ASP D 388 18.44 25.06 -0.02
CA ASP D 388 17.82 26.20 0.63
C ASP D 388 16.30 26.13 0.53
N ILE D 389 15.63 26.75 1.49
CA ILE D 389 14.17 26.72 1.51
C ILE D 389 13.64 27.58 0.37
N ASP D 390 12.59 27.12 -0.28
CA ASP D 390 12.01 27.84 -1.42
C ASP D 390 11.37 29.13 -0.93
N PRO D 391 11.71 30.29 -1.51
CA PRO D 391 11.10 31.55 -1.07
C PRO D 391 9.59 31.56 -1.21
N LEU D 392 9.10 31.35 -2.42
CA LEU D 392 7.66 31.23 -2.64
C LEU D 392 7.19 29.85 -2.22
N THR D 393 5.93 29.77 -1.78
CA THR D 393 5.35 28.54 -1.29
C THR D 393 6.22 27.95 -0.17
N GLU D 394 6.24 28.67 0.96
CA GLU D 394 7.26 28.43 1.97
C GLU D 394 7.07 27.08 2.65
N THR D 395 7.26 26.02 1.87
CA THR D 395 7.32 24.65 2.35
C THR D 395 8.46 23.97 1.60
N CYS D 396 8.73 22.71 1.96
CA CYS D 396 9.91 22.01 1.45
C CYS D 396 9.53 21.13 0.27
N VAL D 397 9.40 21.78 -0.90
CA VAL D 397 9.24 21.17 -2.21
C VAL D 397 8.23 20.01 -2.13
N ARG D 398 8.64 18.82 -2.57
CA ARG D 398 7.73 17.69 -2.59
C ARG D 398 8.30 16.43 -1.96
N ASN D 399 9.61 16.18 -2.11
CA ASN D 399 10.21 14.94 -1.66
C ASN D 399 11.23 15.10 -0.54
N THR D 400 11.79 16.29 -0.36
CA THR D 400 12.77 16.49 0.69
C THR D 400 12.14 16.43 2.07
N VAL D 401 12.84 15.80 3.00
CA VAL D 401 12.42 15.73 4.40
C VAL D 401 12.86 17.00 5.11
N PRO D 402 12.17 17.44 6.17
CA PRO D 402 12.52 18.72 6.83
C PRO D 402 13.60 18.61 7.91
N CYS D 403 14.85 18.53 7.48
CA CYS D 403 15.97 18.56 8.42
C CYS D 403 16.31 19.99 8.78
N ARG D 404 16.72 20.20 10.03
CA ARG D 404 17.04 21.53 10.53
C ARG D 404 18.47 21.55 11.06
N LYS D 405 19.17 22.64 10.78
CA LYS D 405 20.57 22.80 11.15
C LYS D 405 20.74 23.98 12.09
N PHE D 406 21.73 23.88 12.98
CA PHE D 406 22.07 24.97 13.88
C PHE D 406 22.92 25.99 13.12
N VAL D 407 22.39 27.19 12.94
CA VAL D 407 23.07 28.23 12.18
C VAL D 407 23.81 29.15 13.14
N LYS D 408 25.06 29.44 12.84
CA LYS D 408 25.90 30.32 13.65
C LYS D 408 26.37 31.49 12.80
N ILE D 409 26.31 32.70 13.38
CA ILE D 409 26.74 33.90 12.68
C ILE D 409 28.26 34.03 12.80
N ASN D 410 28.72 35.16 13.32
CA ASN D 410 30.14 35.41 13.46
C ASN D 410 30.42 36.18 14.74
N ASN D 411 31.65 36.05 15.23
CA ASN D 411 32.15 36.77 16.41
C ASN D 411 31.27 36.41 17.61
N SER D 412 31.09 37.35 18.54
CA SER D 412 30.26 37.12 19.71
C SER D 412 28.78 37.09 19.37
N THR D 413 28.39 37.51 18.16
CA THR D 413 27.01 37.43 17.70
C THR D 413 26.72 36.11 16.99
N ASN D 414 27.62 35.14 17.07
CA ASN D 414 27.45 33.86 16.38
C ASN D 414 26.31 33.03 16.95
N GLU D 415 25.76 33.40 18.10
CA GLU D 415 24.63 32.67 18.67
C GLU D 415 23.41 32.86 17.77
N GLY D 416 23.09 31.82 17.00
CA GLY D 416 22.00 31.91 16.04
C GLY D 416 20.89 30.91 16.30
N MET D 417 19.71 31.18 15.76
CA MET D 417 18.56 30.31 15.96
C MET D 417 18.69 29.04 15.12
N ASN D 418 17.76 28.12 15.35
CA ASN D 418 17.72 26.85 14.62
C ASN D 418 16.96 27.08 13.31
N VAL D 419 17.69 27.49 12.28
CA VAL D 419 17.07 27.73 10.98
C VAL D 419 16.67 26.39 10.35
N LYS D 420 15.68 26.44 9.47
CA LYS D 420 15.18 25.26 8.79
C LYS D 420 15.77 25.19 7.39
N LYS D 421 16.65 24.22 7.17
CA LYS D 421 17.30 24.01 5.86
C LYS D 421 17.15 22.53 5.53
N CYS D 422 16.08 22.19 4.82
CA CYS D 422 15.73 20.80 4.61
C CYS D 422 16.49 20.19 3.44
N CYS D 423 16.70 18.87 3.51
CA CYS D 423 17.70 18.16 2.72
C CYS D 423 17.12 16.91 2.08
N LYS D 424 17.77 16.47 1.00
CA LYS D 424 17.42 15.24 0.31
C LYS D 424 18.72 14.53 -0.09
N GLY D 425 18.59 13.30 -0.60
CA GLY D 425 19.76 12.58 -1.03
C GLY D 425 19.48 11.09 -1.16
N PHE D 426 20.54 10.30 -1.00
CA PHE D 426 20.45 8.85 -1.10
C PHE D 426 20.14 8.19 0.24
N CYS D 427 20.88 8.56 1.29
CA CYS D 427 20.60 8.02 2.61
C CYS D 427 19.21 8.43 3.09
N ILE D 428 18.73 9.59 2.66
CA ILE D 428 17.41 10.05 3.04
C ILE D 428 16.33 9.13 2.48
N ASP D 429 16.55 8.60 1.28
CA ASP D 429 15.61 7.64 0.73
C ASP D 429 15.53 6.38 1.58
N ILE D 430 16.68 5.86 2.00
CA ILE D 430 16.70 4.68 2.87
C ILE D 430 16.01 5.00 4.19
N LEU D 431 16.23 6.21 4.72
CA LEU D 431 15.57 6.59 5.96
C LEU D 431 14.05 6.63 5.79
N LYS D 432 13.58 7.17 4.67
CA LYS D 432 12.14 7.21 4.40
C LYS D 432 11.56 5.81 4.31
N LYS D 433 12.24 4.91 3.60
CA LYS D 433 11.75 3.56 3.47
C LYS D 433 11.72 2.85 4.82
N LEU D 434 12.75 3.07 5.65
CA LEU D 434 12.77 2.48 6.98
C LEU D 434 11.64 3.04 7.84
N SER D 435 11.36 4.34 7.72
CA SER D 435 10.26 4.94 8.47
C SER D 435 8.93 4.34 8.05
N ARG D 436 8.74 4.12 6.74
CA ARG D 436 7.51 3.50 6.27
C ARG D 436 7.39 2.07 6.78
N THR D 437 8.49 1.31 6.76
CA THR D 437 8.40 -0.10 7.10
C THR D 437 8.25 -0.30 8.62
N VAL D 438 9.16 0.24 9.41
CA VAL D 438 9.15 0.01 10.85
C VAL D 438 8.15 0.91 11.58
N LYS D 439 7.60 1.91 10.89
CA LYS D 439 6.56 2.79 11.44
C LYS D 439 7.05 3.53 12.69
N PHE D 440 8.04 4.40 12.47
CA PHE D 440 8.53 5.29 13.51
C PHE D 440 8.76 6.68 12.91
N THR D 441 8.43 7.71 13.69
CA THR D 441 8.58 9.09 13.27
C THR D 441 9.85 9.69 13.87
N TYR D 442 10.53 10.52 13.08
CA TYR D 442 11.84 11.03 13.43
C TYR D 442 11.83 12.55 13.54
N ASP D 443 12.96 13.07 14.02
CA ASP D 443 13.18 14.50 14.24
C ASP D 443 14.53 14.91 13.68
N LEU D 444 14.76 14.55 12.41
CA LEU D 444 16.06 14.71 11.76
C LEU D 444 16.60 16.12 11.96
N TYR D 445 17.90 16.20 12.29
CA TYR D 445 18.56 17.47 12.47
C TYR D 445 20.04 17.34 12.17
N LEU D 446 20.59 18.33 11.47
CA LEU D 446 21.98 18.30 11.05
C LEU D 446 22.90 18.57 12.23
N VAL D 447 24.19 18.29 12.03
CA VAL D 447 25.21 18.42 13.06
C VAL D 447 26.27 19.40 12.58
N THR D 448 26.60 20.38 13.43
CA THR D 448 27.73 21.27 13.21
C THR D 448 28.56 21.28 14.49
N ASN D 449 29.40 20.26 14.64
CA ASN D 449 30.36 20.21 15.73
C ASN D 449 31.68 19.58 15.34
N GLY D 450 31.87 19.21 14.07
CA GLY D 450 33.04 18.47 13.66
C GLY D 450 32.87 17.69 12.38
N LYS D 451 33.16 16.40 12.42
CA LYS D 451 33.19 15.56 11.23
C LYS D 451 32.71 14.16 11.63
N HIS D 452 33.04 13.16 10.81
CA HIS D 452 32.57 11.81 11.05
C HIS D 452 32.95 11.31 12.44
N GLY D 453 34.13 11.67 12.93
CA GLY D 453 34.50 11.33 14.29
C GLY D 453 35.95 10.94 14.46
N LYS D 454 36.60 11.50 15.47
CA LYS D 454 37.98 11.16 15.78
C LYS D 454 38.20 11.31 17.27
N LYS D 455 38.73 10.27 17.90
CA LYS D 455 38.95 10.28 19.35
C LYS D 455 40.10 11.24 19.66
N VAL D 456 39.77 12.44 20.08
CA VAL D 456 40.75 13.47 20.44
C VAL D 456 40.51 13.87 21.89
N ASN D 457 41.58 13.88 22.67
CA ASN D 457 41.51 14.18 24.10
C ASN D 457 40.56 13.23 24.83
N ASN D 458 40.57 11.96 24.41
CA ASN D 458 39.78 10.90 25.04
C ASN D 458 38.30 11.24 25.06
N VAL D 459 37.82 11.87 24.00
CA VAL D 459 36.41 12.21 23.84
C VAL D 459 36.07 12.21 22.35
N TRP D 460 35.01 11.51 21.98
CA TRP D 460 34.57 11.48 20.59
C TRP D 460 33.87 12.78 20.24
N ASN D 461 34.19 13.33 19.07
CA ASN D 461 33.62 14.60 18.62
C ASN D 461 33.09 14.43 17.20
N GLY D 462 31.84 14.85 16.99
CA GLY D 462 31.25 14.81 15.67
C GLY D 462 30.45 13.55 15.39
N MET D 463 29.13 13.71 15.22
CA MET D 463 28.22 12.60 14.92
C MET D 463 28.31 11.49 15.95
N ILE D 464 29.36 10.67 15.85
CA ILE D 464 29.50 9.52 16.73
C ILE D 464 29.45 9.95 18.19
N GLY D 465 30.13 11.05 18.52
CA GLY D 465 30.11 11.55 19.88
C GLY D 465 28.70 11.76 20.39
N GLU D 466 27.82 12.33 19.55
CA GLU D 466 26.43 12.46 19.93
C GLU D 466 25.83 11.10 20.31
N VAL D 467 25.98 10.12 19.42
CA VAL D 467 25.48 8.77 19.71
C VAL D 467 26.19 8.20 20.93
N VAL D 468 27.42 8.66 21.18
CA VAL D 468 28.14 8.22 22.37
C VAL D 468 27.44 8.69 23.63
N TYR D 469 26.97 9.95 23.63
CA TYR D 469 26.52 10.60 24.86
C TYR D 469 25.00 10.69 24.95
N GLN D 470 24.29 9.71 24.41
CA GLN D 470 22.84 9.59 24.56
C GLN D 470 22.11 10.87 24.15
N ARG D 471 22.51 11.43 23.01
CA ARG D 471 21.86 12.60 22.47
C ARG D 471 21.22 12.35 21.11
N ALA D 472 21.40 11.17 20.53
CA ALA D 472 20.82 10.84 19.24
C ALA D 472 20.80 9.33 19.08
N VAL D 473 19.60 8.75 18.96
CA VAL D 473 19.49 7.30 18.94
C VAL D 473 19.87 6.68 17.60
N MET D 474 20.17 7.50 16.59
CA MET D 474 20.54 6.98 15.30
C MET D 474 21.40 8.00 14.57
N ALA D 475 22.29 7.52 13.72
CA ALA D 475 23.27 8.36 13.03
C ALA D 475 23.34 8.00 11.56
N VAL D 476 22.18 7.93 10.90
CA VAL D 476 22.16 7.64 9.47
C VAL D 476 23.00 8.66 8.72
N GLY D 477 23.54 8.25 7.59
CA GLY D 477 24.35 9.13 6.78
C GLY D 477 25.43 8.33 6.05
N SER D 478 26.64 8.87 6.06
CA SER D 478 27.75 8.32 5.31
C SER D 478 28.86 7.79 6.22
N LEU D 479 28.47 7.08 7.29
CA LEU D 479 29.46 6.47 8.15
C LEU D 479 30.13 5.29 7.44
N THR D 480 31.27 4.89 7.99
CA THR D 480 31.99 3.71 7.52
C THR D 480 32.39 2.86 8.71
N ILE D 481 32.24 1.54 8.58
CA ILE D 481 32.53 0.65 9.69
C ILE D 481 34.03 0.61 9.93
N ASN D 482 34.41 0.35 11.18
CA ASN D 482 35.81 0.31 11.58
C ASN D 482 35.95 -0.65 12.74
N GLU D 483 37.15 -0.70 13.32
CA GLU D 483 37.40 -1.56 14.48
C GLU D 483 37.25 -0.77 15.77
N GLU D 484 37.95 0.36 15.90
CA GLU D 484 37.80 1.20 17.09
C GLU D 484 36.41 1.83 17.14
N ARG D 485 35.87 2.23 16.00
CA ARG D 485 34.54 2.81 15.97
C ARG D 485 33.48 1.82 16.44
N SER D 486 33.56 0.58 15.98
CA SER D 486 32.57 -0.43 16.31
C SER D 486 32.65 -0.89 17.76
N GLU D 487 33.70 -0.52 18.49
CA GLU D 487 33.81 -0.94 19.88
C GLU D 487 32.85 -0.17 20.77
N VAL D 488 32.57 1.09 20.44
CA VAL D 488 31.73 1.93 21.28
C VAL D 488 30.26 1.78 20.93
N VAL D 489 29.93 1.82 19.64
CA VAL D 489 28.55 1.73 19.19
C VAL D 489 28.38 0.48 18.35
N ASP D 490 27.13 0.04 18.21
CA ASP D 490 26.80 -1.18 17.48
C ASP D 490 26.23 -0.81 16.12
N PHE D 491 26.82 -1.35 15.05
CA PHE D 491 26.43 -1.01 13.69
C PHE D 491 25.35 -1.97 13.19
N SER D 492 24.94 -1.78 11.95
CA SER D 492 24.00 -2.65 11.26
C SER D 492 24.68 -3.25 10.04
N VAL D 493 23.94 -4.10 9.33
CA VAL D 493 24.51 -4.76 8.14
C VAL D 493 24.79 -3.71 7.07
N PRO D 494 25.92 -3.79 6.37
CA PRO D 494 26.22 -2.78 5.36
C PRO D 494 25.26 -2.85 4.18
N PHE D 495 24.99 -1.70 3.58
CA PHE D 495 24.18 -1.61 2.38
C PHE D 495 24.88 -0.99 1.20
N VAL D 496 26.11 -0.49 1.36
CA VAL D 496 26.94 -0.01 0.26
C VAL D 496 28.35 -0.53 0.48
N GLU D 497 28.93 -1.13 -0.55
CA GLU D 497 30.32 -1.57 -0.48
C GLU D 497 31.25 -0.39 -0.70
N THR D 498 32.36 -0.37 0.03
CA THR D 498 33.34 0.71 -0.07
C THR D 498 34.72 0.12 0.18
N GLY D 499 35.67 1.00 0.45
CA GLY D 499 37.03 0.59 0.72
C GLY D 499 37.99 1.77 0.74
N ILE D 500 39.19 1.58 0.22
CA ILE D 500 40.18 2.65 0.08
C ILE D 500 40.78 2.51 -1.31
N SER D 501 40.30 3.30 -2.25
CA SER D 501 40.77 3.27 -3.63
C SER D 501 41.61 4.50 -3.93
N VAL D 502 42.22 4.50 -5.10
CA VAL D 502 43.11 5.57 -5.53
C VAL D 502 42.67 6.06 -6.91
N MET D 503 42.64 7.38 -7.08
CA MET D 503 42.29 8.01 -8.35
C MET D 503 43.39 8.98 -8.75
N VAL D 504 43.78 8.91 -10.02
CA VAL D 504 44.83 9.78 -10.56
C VAL D 504 44.38 10.27 -11.93
N SER D 505 44.48 11.58 -12.14
CA SER D 505 44.09 12.16 -13.43
C SER D 505 45.04 11.69 -14.52
N ARG D 506 44.47 11.24 -15.64
CA ARG D 506 45.25 10.72 -16.75
C ARG D 506 44.88 11.36 -18.08
N SER D 507 44.11 12.46 -18.06
CA SER D 507 43.70 13.12 -19.29
C SER D 507 44.87 13.84 -19.98
N ASN D 508 46.00 14.03 -19.29
CA ASN D 508 47.13 14.71 -19.92
C ASN D 508 47.66 13.93 -21.11
N GLY D 509 47.78 12.61 -20.97
CA GLY D 509 48.24 11.77 -22.06
C GLY D 509 47.33 10.60 -22.32
N THR D 510 46.74 10.56 -23.52
CA THR D 510 45.84 9.45 -23.86
C THR D 510 46.60 8.13 -23.98
N VAL D 511 47.69 8.13 -24.74
CA VAL D 511 48.54 6.95 -24.94
C VAL D 511 47.69 5.78 -25.43
N SER D 512 46.93 6.01 -26.51
CA SER D 512 46.06 4.96 -27.03
C SER D 512 46.88 3.84 -27.65
N PRO D 513 46.69 2.60 -27.24
CA PRO D 513 47.45 1.49 -27.83
C PRO D 513 47.12 1.30 -29.30
N SER D 514 48.09 0.79 -30.04
CA SER D 514 47.95 0.56 -31.47
C SER D 514 48.50 -0.83 -31.78
N ALA D 515 48.58 -1.15 -33.08
CA ALA D 515 49.06 -2.46 -33.50
C ALA D 515 50.55 -2.62 -33.24
N PHE D 516 51.30 -1.51 -33.19
CA PHE D 516 52.74 -1.59 -32.94
C PHE D 516 53.02 -2.16 -31.55
N LEU D 517 52.22 -1.76 -30.56
CA LEU D 517 52.39 -2.31 -29.21
C LEU D 517 52.13 -3.81 -29.19
N GLU D 518 51.11 -4.26 -29.93
CA GLU D 518 50.84 -5.68 -30.03
C GLU D 518 52.00 -6.39 -30.75
N PRO D 519 52.28 -7.64 -30.38
CA PRO D 519 53.39 -8.36 -31.02
C PRO D 519 53.18 -8.51 -32.52
N PHE D 520 54.26 -8.38 -33.28
CA PHE D 520 54.24 -8.50 -34.72
C PHE D 520 55.38 -9.40 -35.17
N SER D 521 55.09 -10.29 -36.12
CA SER D 521 56.08 -11.18 -36.71
C SER D 521 56.76 -12.05 -35.65
N ALA D 522 55.99 -12.46 -34.64
CA ALA D 522 56.52 -13.32 -33.60
C ALA D 522 56.93 -14.68 -34.15
N SER D 523 55.96 -15.45 -34.65
CA SER D 523 56.25 -16.75 -35.24
C SER D 523 55.51 -17.00 -36.55
N VAL D 524 54.39 -16.34 -36.83
CA VAL D 524 53.66 -16.59 -38.06
C VAL D 524 54.45 -16.09 -39.27
N TRP D 525 55.18 -14.98 -39.10
CA TRP D 525 55.96 -14.44 -40.20
C TRP D 525 57.07 -15.39 -40.64
N VAL D 526 57.67 -16.12 -39.69
CA VAL D 526 58.69 -17.10 -40.04
C VAL D 526 58.08 -18.20 -40.89
N MET D 527 56.89 -18.68 -40.52
CA MET D 527 56.22 -19.69 -41.33
C MET D 527 55.88 -19.15 -42.72
N MET D 528 55.40 -17.91 -42.78
CA MET D 528 55.10 -17.30 -44.08
C MET D 528 56.34 -17.25 -44.95
N PHE D 529 57.46 -16.82 -44.39
CA PHE D 529 58.70 -16.75 -45.14
C PHE D 529 59.16 -18.11 -45.62
N VAL D 530 59.08 -19.13 -44.76
CA VAL D 530 59.60 -20.44 -45.13
C VAL D 530 58.73 -21.08 -46.21
N MET D 531 57.40 -20.95 -46.12
CA MET D 531 56.60 -21.53 -47.20
C MET D 531 56.69 -20.70 -48.48
N LEU D 532 56.91 -19.39 -48.38
CA LEU D 532 57.18 -18.60 -49.58
C LEU D 532 58.46 -19.07 -50.26
N LEU D 533 59.51 -19.32 -49.47
CA LEU D 533 60.76 -19.83 -50.03
C LEU D 533 60.57 -21.21 -50.64
N ILE D 534 59.77 -22.07 -49.99
CA ILE D 534 59.52 -23.40 -50.52
C ILE D 534 58.81 -23.32 -51.86
N VAL D 535 57.78 -22.46 -51.95
CA VAL D 535 57.04 -22.30 -53.19
C VAL D 535 57.94 -21.73 -54.29
N SER D 536 58.80 -20.77 -53.92
CA SER D 536 59.72 -20.20 -54.90
C SER D 536 60.69 -21.26 -55.42
N ALA D 537 61.22 -22.10 -54.54
CA ALA D 537 62.10 -23.18 -54.97
C ALA D 537 61.37 -24.17 -55.87
N ILE D 538 60.12 -24.50 -55.52
CA ILE D 538 59.34 -25.41 -56.35
C ILE D 538 59.11 -24.82 -57.74
N ALA D 539 58.78 -23.53 -57.80
CA ALA D 539 58.57 -22.87 -59.09
C ALA D 539 59.86 -22.83 -59.90
N VAL D 540 61.00 -22.57 -59.24
CA VAL D 540 62.28 -22.56 -59.94
C VAL D 540 62.58 -23.94 -60.52
N PHE D 541 62.36 -25.00 -59.73
CA PHE D 541 62.58 -26.35 -60.21
C PHE D 541 61.66 -26.68 -61.38
N VAL D 542 60.39 -26.25 -61.30
CA VAL D 542 59.44 -26.50 -62.38
C VAL D 542 59.89 -25.81 -63.66
N PHE D 543 60.30 -24.55 -63.55
CA PHE D 543 60.77 -23.81 -64.73
C PHE D 543 62.07 -24.39 -65.27
N GLU D 544 62.87 -25.02 -64.41
CA GLU D 544 64.15 -25.58 -64.86
C GLU D 544 63.93 -26.68 -65.89
N TYR D 545 62.94 -27.54 -65.66
CA TYR D 545 62.63 -28.63 -66.60
C TYR D 545 61.23 -28.47 -67.17
N PHE D 566 70.64 -15.52 -64.40
CA PHE D 566 69.73 -14.57 -63.75
C PHE D 566 68.32 -15.11 -63.68
N THR D 567 68.14 -16.36 -64.14
CA THR D 567 66.82 -16.99 -64.09
C THR D 567 66.34 -17.15 -62.65
N ILE D 568 67.23 -17.56 -61.75
CA ILE D 568 66.85 -17.66 -60.34
C ILE D 568 66.49 -16.30 -59.78
N GLY D 569 67.30 -15.28 -60.10
CA GLY D 569 66.97 -13.93 -59.64
C GLY D 569 65.70 -13.40 -60.24
N LYS D 570 65.47 -13.68 -61.53
CA LYS D 570 64.23 -13.25 -62.17
C LYS D 570 63.02 -13.92 -61.52
N ALA D 571 63.12 -15.22 -61.22
CA ALA D 571 62.02 -15.91 -60.56
C ALA D 571 61.78 -15.36 -59.16
N ILE D 572 62.86 -15.06 -58.43
CA ILE D 572 62.71 -14.49 -57.09
C ILE D 572 62.03 -13.13 -57.16
N TRP D 573 62.45 -12.30 -58.11
CA TRP D 573 61.83 -10.98 -58.27
C TRP D 573 60.37 -11.10 -58.65
N LEU D 574 60.03 -12.02 -59.56
CA LEU D 574 58.64 -12.21 -59.96
C LEU D 574 57.79 -12.68 -58.78
N LEU D 575 58.31 -13.62 -57.99
CA LEU D 575 57.57 -14.10 -56.84
C LEU D 575 57.35 -13.00 -55.82
N TRP D 576 58.40 -12.22 -55.54
CA TRP D 576 58.28 -11.12 -54.58
C TRP D 576 57.28 -10.08 -55.06
N GLY D 577 57.31 -9.76 -56.36
CA GLY D 577 56.33 -8.82 -56.89
C GLY D 577 54.91 -9.35 -56.79
N LEU D 578 54.71 -10.60 -57.20
CA LEU D 578 53.37 -11.20 -57.11
C LEU D 578 52.87 -11.19 -55.67
N VAL D 579 53.77 -11.39 -54.71
CA VAL D 579 53.39 -11.30 -53.31
C VAL D 579 53.01 -9.86 -52.94
N PHE D 580 53.82 -8.89 -53.38
CA PHE D 580 53.63 -7.50 -52.95
C PHE D 580 52.78 -6.70 -53.93
N ASN D 581 53.24 -6.55 -55.18
CA ASN D 581 52.54 -5.75 -56.17
C ASN D 581 53.12 -6.06 -57.54
N ASN D 582 52.27 -5.99 -58.56
CA ASN D 582 52.62 -6.39 -59.91
C ASN D 582 53.53 -5.38 -60.62
N SER D 583 54.10 -4.42 -59.89
CA SER D 583 54.97 -3.41 -60.48
C SER D 583 56.40 -3.91 -60.69
N VAL D 584 56.63 -5.22 -60.67
CA VAL D 584 57.95 -5.79 -60.89
C VAL D 584 57.85 -6.90 -61.93
N PRO D 585 57.70 -6.57 -63.21
CA PRO D 585 57.56 -7.61 -64.23
C PRO D 585 58.90 -8.11 -64.75
N VAL D 586 58.95 -9.40 -65.06
CA VAL D 586 60.14 -10.05 -65.61
C VAL D 586 59.69 -11.25 -66.43
N GLN D 587 60.56 -11.72 -67.31
CA GLN D 587 60.29 -12.88 -68.16
C GLN D 587 60.76 -14.18 -67.50
N ASN D 588 60.35 -14.37 -66.24
CA ASN D 588 60.73 -15.57 -65.49
C ASN D 588 59.91 -16.80 -65.92
N PRO D 589 58.57 -16.76 -65.92
CA PRO D 589 57.82 -17.97 -66.24
C PRO D 589 57.76 -18.21 -67.74
N LYS D 590 58.01 -19.44 -68.15
CA LYS D 590 57.96 -19.85 -69.55
C LYS D 590 57.05 -21.06 -69.70
N GLY D 591 56.13 -21.00 -70.65
CA GLY D 591 55.21 -22.08 -70.90
C GLY D 591 53.86 -21.86 -70.23
N THR D 592 52.89 -22.68 -70.66
CA THR D 592 51.54 -22.57 -70.11
C THR D 592 51.50 -22.95 -68.64
N THR D 593 52.24 -23.99 -68.25
CA THR D 593 52.23 -24.41 -66.84
C THR D 593 52.82 -23.34 -65.93
N SER D 594 53.93 -22.71 -66.35
CA SER D 594 54.52 -21.65 -65.55
C SER D 594 53.58 -20.46 -65.44
N LYS D 595 52.90 -20.10 -66.53
CA LYS D 595 51.94 -19.00 -66.48
C LYS D 595 50.79 -19.32 -65.55
N ILE D 596 50.30 -20.57 -65.59
CA ILE D 596 49.20 -20.96 -64.70
C ILE D 596 49.65 -20.90 -63.24
N MET D 597 50.86 -21.39 -62.96
CA MET D 597 51.38 -21.33 -61.59
C MET D 597 51.54 -19.89 -61.11
N VAL D 598 52.05 -19.01 -61.98
CA VAL D 598 52.20 -17.60 -61.62
C VAL D 598 50.85 -16.96 -61.35
N SER D 599 49.85 -17.26 -62.20
CA SER D 599 48.52 -16.71 -61.99
C SER D 599 47.90 -17.23 -60.69
N VAL D 600 48.09 -18.51 -60.38
CA VAL D 600 47.56 -19.06 -59.14
C VAL D 600 48.23 -18.40 -57.94
N TRP D 601 49.54 -18.21 -58.01
CA TRP D 601 50.24 -17.54 -56.91
C TRP D 601 49.78 -16.10 -56.75
N ALA D 602 49.56 -15.40 -57.86
CA ALA D 602 49.06 -14.03 -57.80
C ALA D 602 47.67 -13.97 -57.17
N PHE D 603 46.80 -14.91 -57.54
CA PHE D 603 45.47 -14.96 -56.96
C PHE D 603 45.54 -15.24 -55.46
N PHE D 604 46.41 -16.17 -55.06
CA PHE D 604 46.57 -16.47 -53.64
C PHE D 604 47.07 -15.25 -52.87
N ALA D 605 48.04 -14.53 -53.45
CA ALA D 605 48.56 -13.34 -52.80
C ALA D 605 47.49 -12.24 -52.71
N VAL D 606 46.66 -12.11 -53.75
CA VAL D 606 45.59 -11.11 -53.73
C VAL D 606 44.58 -11.45 -52.63
N ILE D 607 44.22 -12.74 -52.53
CA ILE D 607 43.28 -13.15 -51.48
C ILE D 607 43.89 -12.91 -50.10
N PHE D 608 45.19 -13.19 -49.94
CA PHE D 608 45.86 -12.94 -48.67
C PHE D 608 45.86 -11.46 -48.34
N LEU D 609 46.10 -10.61 -49.33
CA LEU D 609 46.07 -9.17 -49.11
C LEU D 609 44.69 -8.69 -48.71
N ALA D 610 43.65 -9.22 -49.37
CA ALA D 610 42.29 -8.85 -49.01
C ALA D 610 41.97 -9.28 -47.58
N SER D 611 42.38 -10.49 -47.20
CA SER D 611 42.17 -10.94 -45.83
C SER D 611 42.92 -10.08 -44.83
N TYR D 612 44.15 -9.69 -45.18
CA TYR D 612 44.94 -8.82 -44.30
C TYR D 612 44.27 -7.46 -44.13
N THR D 613 43.74 -6.91 -45.22
CA THR D 613 43.02 -5.63 -45.13
C THR D 613 41.78 -5.76 -44.25
N ALA D 614 41.03 -6.86 -44.42
CA ALA D 614 39.86 -7.08 -43.58
C ALA D 614 40.24 -7.20 -42.11
N ASN D 615 41.32 -7.94 -41.82
CA ASN D 615 41.77 -8.09 -40.44
C ASN D 615 42.22 -6.76 -39.86
N LEU D 616 42.94 -5.95 -40.64
CA LEU D 616 43.37 -4.64 -40.16
C LEU D 616 42.17 -3.74 -39.90
N ALA D 617 41.17 -3.79 -40.77
CA ALA D 617 39.95 -3.01 -40.55
C ALA D 617 39.24 -3.45 -39.28
N ALA D 618 39.17 -4.76 -39.04
CA ALA D 618 38.52 -5.27 -37.84
C ALA D 618 39.33 -4.97 -36.58
N PHE D 619 40.66 -4.80 -36.70
CA PHE D 619 41.48 -4.52 -35.53
C PHE D 619 41.15 -3.18 -34.90
N MET D 620 40.70 -2.20 -35.70
CA MET D 620 40.53 -0.84 -35.22
C MET D 620 39.39 -0.71 -34.20
N ILE D 621 38.56 -1.74 -34.03
CA ILE D 621 37.42 -1.67 -33.11
C ILE D 621 37.88 -2.04 -31.70
N GLN D 622 39.18 -2.20 -31.51
CA GLN D 622 39.74 -2.56 -30.22
C GLN D 622 40.72 -1.49 -29.75
N GLU D 623 40.66 -1.16 -28.46
CA GLU D 623 41.57 -0.18 -27.87
C GLU D 623 41.66 -0.52 -26.38
N GLU D 624 42.78 -1.13 -25.99
CA GLU D 624 42.96 -1.60 -24.63
C GLU D 624 43.43 -0.46 -23.72
N PHE D 625 43.63 -0.79 -22.44
CA PHE D 625 44.07 0.17 -21.44
C PHE D 625 45.12 -0.48 -20.55
N VAL D 626 45.94 0.36 -19.93
CA VAL D 626 47.04 -0.09 -19.09
C VAL D 626 46.70 0.22 -17.64
N ASP D 627 46.84 -0.78 -16.77
CA ASP D 627 46.62 -0.63 -15.34
C ASP D 627 47.90 -0.75 -14.54
N GLN D 628 48.70 -1.78 -14.80
CA GLN D 628 50.01 -1.96 -14.17
C GLN D 628 49.90 -2.02 -12.65
N VAL D 629 50.12 -0.87 -11.99
CA VAL D 629 50.15 -0.83 -10.53
C VAL D 629 48.75 -1.14 -10.00
N THR D 630 48.68 -2.05 -9.03
CA THR D 630 47.44 -2.42 -8.37
C THR D 630 47.61 -2.23 -6.87
N GLY D 631 46.73 -1.42 -6.27
CA GLY D 631 46.83 -1.14 -4.85
C GLY D 631 48.03 -0.26 -4.54
N LEU D 632 48.49 -0.37 -3.29
CA LEU D 632 49.63 0.39 -2.81
C LEU D 632 50.95 -0.36 -2.97
N SER D 633 50.93 -1.53 -3.60
CA SER D 633 52.15 -2.35 -3.76
C SER D 633 52.96 -1.81 -4.93
N ASP D 634 53.62 -0.68 -4.69
CA ASP D 634 54.50 -0.07 -5.68
C ASP D 634 55.51 0.80 -4.95
N LYS D 635 56.70 0.93 -5.54
CA LYS D 635 57.76 1.74 -4.93
C LYS D 635 57.40 3.22 -4.92
N LYS D 636 56.50 3.66 -5.80
CA LYS D 636 56.07 5.06 -5.76
C LYS D 636 55.35 5.37 -4.47
N PHE D 637 54.49 4.46 -4.00
CA PHE D 637 53.75 4.65 -2.76
C PHE D 637 54.51 4.12 -1.55
N GLN D 638 55.14 2.95 -1.67
CA GLN D 638 55.81 2.34 -0.54
C GLN D 638 57.00 3.18 -0.08
N ARG D 639 57.78 3.71 -1.02
CA ARG D 639 58.93 4.53 -0.68
C ARG D 639 58.49 5.98 -0.56
N PRO D 640 58.50 6.57 0.64
CA PRO D 640 58.03 7.96 0.78
C PRO D 640 58.93 8.97 0.09
N HIS D 641 60.21 8.94 0.42
CA HIS D 641 61.18 9.93 -0.05
C HIS D 641 61.91 9.42 -1.28
N ASP D 642 62.97 10.13 -1.66
CA ASP D 642 63.85 9.76 -2.76
C ASP D 642 63.12 9.78 -4.09
N TYR D 643 63.15 8.65 -4.80
CA TYR D 643 62.62 8.54 -6.16
C TYR D 643 63.25 9.59 -7.06
N SER D 644 62.43 10.47 -7.63
CA SER D 644 62.94 11.56 -8.46
C SER D 644 61.89 12.67 -8.60
N PRO D 645 60.64 12.38 -8.98
CA PRO D 645 59.64 13.44 -9.02
C PRO D 645 58.94 13.57 -7.68
N PRO D 646 58.65 14.80 -7.23
CA PRO D 646 57.94 14.97 -5.96
C PRO D 646 56.48 14.56 -6.08
N PHE D 647 56.13 13.41 -5.48
CA PHE D 647 54.78 12.90 -5.55
C PHE D 647 53.92 13.52 -4.44
N ARG D 648 52.68 13.06 -4.35
CA ARG D 648 51.73 13.57 -3.37
C ARG D 648 50.82 12.44 -2.93
N PHE D 649 50.33 12.54 -1.69
CA PHE D 649 49.48 11.51 -1.12
C PHE D 649 48.21 12.12 -0.56
N GLY D 650 47.54 12.97 -1.34
CA GLY D 650 46.38 13.72 -0.89
C GLY D 650 45.32 12.90 -0.18
N THR D 651 45.06 13.25 1.07
CA THR D 651 44.05 12.57 1.88
C THR D 651 43.54 13.53 2.94
N VAL D 652 42.25 13.82 2.91
CA VAL D 652 41.66 14.73 3.90
C VAL D 652 41.75 14.10 5.29
N PRO D 653 42.07 14.87 6.32
CA PRO D 653 42.24 14.30 7.67
C PRO D 653 40.89 14.07 8.33
N ASN D 654 40.95 13.50 9.53
CA ASN D 654 39.77 13.24 10.36
C ASN D 654 38.75 12.37 9.63
N GLY D 655 39.18 11.15 9.33
CA GLY D 655 38.34 10.19 8.66
C GLY D 655 38.88 8.78 8.85
N SER D 656 38.27 7.84 8.15
CA SER D 656 38.72 6.45 8.25
C SER D 656 40.00 6.21 7.46
N THR D 657 40.17 6.88 6.32
CA THR D 657 41.36 6.65 5.50
C THR D 657 42.63 7.05 6.24
N GLU D 658 42.60 8.19 6.92
CA GLU D 658 43.79 8.65 7.64
C GLU D 658 44.16 7.67 8.75
N ARG D 659 43.17 7.23 9.53
CA ARG D 659 43.45 6.30 10.62
C ARG D 659 43.95 4.96 10.09
N ASN D 660 43.34 4.47 9.01
CA ASN D 660 43.79 3.21 8.42
C ASN D 660 45.22 3.31 7.92
N ILE D 661 45.56 4.41 7.26
CA ILE D 661 46.93 4.60 6.77
C ILE D 661 47.91 4.68 7.92
N ARG D 662 47.54 5.40 8.99
CA ARG D 662 48.44 5.50 10.13
C ARG D 662 48.65 4.15 10.80
N ASN D 663 47.59 3.37 10.96
CA ASN D 663 47.70 2.11 11.68
C ASN D 663 48.43 1.06 10.86
N ASN D 664 48.13 0.96 9.57
CA ASN D 664 48.71 -0.10 8.75
C ASN D 664 50.18 0.19 8.44
N TYR D 665 50.44 1.29 7.73
CA TYR D 665 51.79 1.65 7.30
C TYR D 665 52.18 2.97 7.91
N PRO D 666 52.92 2.98 9.02
CA PRO D 666 53.33 4.24 9.67
C PRO D 666 54.58 4.86 9.08
N TYR D 667 54.64 4.90 7.75
CA TYR D 667 55.74 5.55 7.05
C TYR D 667 55.26 6.58 6.04
N MET D 668 54.18 6.30 5.32
CA MET D 668 53.62 7.26 4.38
C MET D 668 52.86 8.38 5.07
N HIS D 669 52.54 8.22 6.36
CA HIS D 669 51.85 9.28 7.09
C HIS D 669 52.74 10.50 7.26
N GLN D 670 54.01 10.29 7.59
CA GLN D 670 54.92 11.42 7.81
C GLN D 670 55.27 12.13 6.53
N TYR D 671 55.35 11.41 5.40
CA TYR D 671 55.73 12.04 4.14
C TYR D 671 54.71 13.09 3.71
N MET D 672 53.42 12.78 3.86
CA MET D 672 52.35 13.69 3.47
C MET D 672 51.60 14.23 4.68
N THR D 673 52.27 14.33 5.82
CA THR D 673 51.63 14.88 7.01
C THR D 673 51.21 16.33 6.79
N LYS D 674 52.13 17.16 6.33
CA LYS D 674 51.82 18.54 5.96
C LYS D 674 51.46 18.65 4.48
N PHE D 675 50.50 17.84 4.05
CA PHE D 675 50.08 17.85 2.65
C PHE D 675 48.58 17.64 2.47
N ASN D 676 47.81 17.48 3.54
CA ASN D 676 46.39 17.20 3.42
C ASN D 676 45.64 18.41 2.87
N GLN D 677 44.68 18.15 1.99
CA GLN D 677 43.84 19.19 1.43
C GLN D 677 42.75 19.59 2.42
N LYS D 678 41.84 20.46 1.98
CA LYS D 678 40.76 20.91 2.85
C LYS D 678 39.52 20.03 2.70
N GLY D 679 39.01 19.91 1.48
CA GLY D 679 37.82 19.12 1.21
C GLY D 679 37.95 18.41 -0.12
N VAL D 680 36.94 17.58 -0.41
CA VAL D 680 36.96 16.80 -1.65
C VAL D 680 36.91 17.71 -2.87
N GLU D 681 36.07 18.75 -2.83
CA GLU D 681 35.98 19.67 -3.96
C GLU D 681 37.30 20.41 -4.16
N ASP D 682 37.89 20.91 -3.07
CA ASP D 682 39.17 21.61 -3.19
C ASP D 682 40.27 20.67 -3.67
N ALA D 683 40.29 19.44 -3.15
CA ALA D 683 41.29 18.47 -3.58
C ALA D 683 41.10 18.09 -5.04
N LEU D 684 39.84 17.93 -5.47
CA LEU D 684 39.58 17.63 -6.88
C LEU D 684 40.04 18.77 -7.78
N VAL D 685 39.76 20.01 -7.37
CA VAL D 685 40.19 21.17 -8.16
C VAL D 685 41.71 21.23 -8.23
N SER D 686 42.39 21.01 -7.10
CA SER D 686 43.84 21.02 -7.08
C SER D 686 44.42 19.87 -7.92
N LEU D 687 43.70 18.75 -8.02
CA LEU D 687 44.11 17.69 -8.92
C LEU D 687 43.95 18.10 -10.37
N LYS D 688 42.88 18.84 -10.68
CA LYS D 688 42.63 19.25 -12.06
C LYS D 688 43.74 20.16 -12.57
N THR D 689 44.14 21.14 -11.76
CA THR D 689 45.26 22.03 -12.09
C THR D 689 46.50 21.48 -11.40
N GLY D 690 47.36 20.82 -12.16
CA GLY D 690 48.35 19.92 -11.61
C GLY D 690 49.28 20.48 -10.54
N LYS D 691 49.01 20.09 -9.30
CA LYS D 691 49.92 20.31 -8.18
C LYS D 691 50.07 19.10 -7.27
N LEU D 692 49.11 18.18 -7.26
CA LEU D 692 49.19 16.95 -6.47
C LEU D 692 48.39 15.89 -7.23
N ASP D 693 49.09 15.07 -8.02
CA ASP D 693 48.43 14.16 -8.96
C ASP D 693 48.31 12.77 -8.35
N ALA D 694 47.59 12.71 -7.23
CA ALA D 694 47.24 11.45 -6.58
C ALA D 694 46.18 11.69 -5.50
N PHE D 695 45.10 10.92 -5.51
CA PHE D 695 44.08 11.04 -4.49
C PHE D 695 43.69 9.67 -3.96
N ILE D 696 43.49 9.59 -2.64
CA ILE D 696 42.98 8.38 -1.99
C ILE D 696 41.88 8.79 -1.01
N TYR D 697 40.72 8.18 -1.15
CA TYR D 697 39.56 8.53 -0.35
C TYR D 697 38.61 7.33 -0.33
N ASP D 698 37.42 7.53 0.23
CA ASP D 698 36.40 6.49 0.24
C ASP D 698 36.06 6.08 -1.19
N ALA D 699 35.94 4.77 -1.41
CA ALA D 699 35.79 4.26 -2.76
C ALA D 699 34.50 4.76 -3.42
N ALA D 700 33.40 4.81 -2.67
CA ALA D 700 32.12 5.18 -3.27
C ALA D 700 32.14 6.63 -3.77
N VAL D 701 32.69 7.55 -2.97
CA VAL D 701 32.71 8.95 -3.35
C VAL D 701 33.55 9.15 -4.60
N LEU D 702 34.75 8.54 -4.63
CA LEU D 702 35.62 8.66 -5.78
C LEU D 702 35.00 8.04 -7.02
N ASN D 703 34.36 6.89 -6.86
CA ASN D 703 33.71 6.24 -8.00
C ASN D 703 32.59 7.11 -8.55
N TYR D 704 31.79 7.73 -7.67
CA TYR D 704 30.74 8.63 -8.13
C TYR D 704 31.34 9.82 -8.85
N LYS D 705 32.41 10.40 -8.31
CA LYS D 705 33.02 11.56 -8.94
C LYS D 705 33.55 11.22 -10.32
N ALA D 706 34.19 10.06 -10.46
CA ALA D 706 34.64 9.61 -11.78
C ALA D 706 33.47 9.34 -12.71
N GLY D 707 32.34 8.89 -12.15
CA GLY D 707 31.18 8.62 -12.99
C GLY D 707 30.56 9.86 -13.61
N ARG D 708 30.57 10.97 -12.89
CA ARG D 708 29.95 12.21 -13.34
C ARG D 708 30.97 13.33 -13.48
N ASP D 709 32.12 13.01 -14.07
CA ASP D 709 33.15 14.02 -14.31
C ASP D 709 32.78 14.85 -15.54
N GLU D 710 33.52 15.94 -15.74
CA GLU D 710 33.32 16.84 -16.87
C GLU D 710 34.16 16.33 -18.04
N GLY D 711 33.51 15.73 -19.03
CA GLY D 711 34.20 15.16 -20.16
C GLY D 711 34.85 13.81 -19.90
N CYS D 712 34.67 13.24 -18.71
CA CYS D 712 35.28 11.97 -18.32
C CYS D 712 36.80 12.02 -18.52
N LYS D 713 37.43 12.87 -17.71
CA LYS D 713 38.86 13.11 -17.79
C LYS D 713 39.64 12.30 -16.75
N LEU D 714 39.32 12.47 -15.47
CA LEU D 714 40.05 11.80 -14.41
C LEU D 714 39.52 10.39 -14.20
N VAL D 715 40.40 9.50 -13.74
CA VAL D 715 40.12 8.07 -13.67
C VAL D 715 40.74 7.49 -12.40
N THR D 716 40.03 6.56 -11.77
CA THR D 716 40.58 5.79 -10.66
C THR D 716 41.53 4.73 -11.18
N ILE D 717 42.72 4.65 -10.57
CA ILE D 717 43.73 3.71 -11.01
C ILE D 717 43.28 2.29 -10.73
N GLY D 718 43.35 1.43 -11.73
CA GLY D 718 42.95 0.05 -11.59
C GLY D 718 41.45 -0.13 -11.66
N SER D 719 41.04 -1.40 -11.72
CA SER D 719 39.62 -1.76 -11.78
C SER D 719 39.05 -1.91 -10.37
N GLY D 720 39.04 -0.79 -9.64
CA GLY D 720 38.50 -0.77 -8.30
C GLY D 720 39.29 -1.62 -7.32
N TYR D 721 40.61 -1.50 -7.34
CA TYR D 721 41.49 -2.28 -6.47
C TYR D 721 41.39 -1.74 -5.05
N ILE D 722 40.26 -2.05 -4.41
CA ILE D 722 40.00 -1.57 -3.05
C ILE D 722 41.02 -2.20 -2.10
N PHE D 723 41.67 -1.36 -1.30
CA PHE D 723 42.73 -1.85 -0.42
C PHE D 723 42.17 -2.74 0.69
N ALA D 724 41.11 -2.29 1.36
CA ALA D 724 40.51 -3.06 2.45
C ALA D 724 39.02 -2.75 2.46
N THR D 725 38.23 -3.61 1.82
CA THR D 725 36.80 -3.38 1.73
C THR D 725 36.15 -3.53 3.10
N THR D 726 35.44 -2.50 3.54
CA THR D 726 34.72 -2.54 4.80
C THR D 726 33.22 -2.37 4.63
N GLY D 727 32.77 -1.34 3.95
CA GLY D 727 31.36 -1.12 3.73
C GLY D 727 30.79 -0.05 4.64
N TYR D 728 29.74 0.62 4.16
CA TYR D 728 29.07 1.65 4.92
C TYR D 728 28.13 1.00 5.94
N GLY D 729 27.26 1.79 6.56
CA GLY D 729 26.31 1.24 7.48
C GLY D 729 25.72 2.25 8.45
N ILE D 730 24.45 2.06 8.80
CA ILE D 730 23.82 2.92 9.78
C ILE D 730 24.43 2.66 11.15
N ALA D 731 24.39 3.67 12.02
CA ALA D 731 24.87 3.54 13.38
C ALA D 731 23.69 3.30 14.31
N LEU D 732 23.99 3.17 15.60
CA LEU D 732 22.97 2.91 16.60
C LEU D 732 23.58 3.15 17.98
N GLN D 733 22.71 3.19 18.99
CA GLN D 733 23.18 3.24 20.36
C GLN D 733 23.57 1.85 20.83
N LYS D 734 24.34 1.80 21.92
CA LYS D 734 24.86 0.53 22.40
C LYS D 734 23.72 -0.35 22.90
N GLY D 735 23.41 -1.40 22.15
CA GLY D 735 22.36 -2.33 22.54
C GLY D 735 20.96 -1.75 22.53
N SER D 736 20.65 -0.87 21.58
CA SER D 736 19.32 -0.32 21.48
C SER D 736 18.35 -1.38 20.95
N PRO D 737 17.08 -1.32 21.35
CA PRO D 737 16.11 -2.32 20.89
C PRO D 737 15.77 -2.21 19.41
N TRP D 738 16.35 -1.27 18.67
CA TRP D 738 16.06 -1.09 17.26
C TRP D 738 16.97 -1.92 16.35
N LYS D 739 17.93 -2.65 16.92
CA LYS D 739 18.96 -3.31 16.11
C LYS D 739 18.35 -4.41 15.24
N ARG D 740 17.57 -5.31 15.84
CA ARG D 740 17.08 -6.47 15.10
C ARG D 740 16.16 -6.07 13.97
N GLN D 741 15.20 -5.18 14.25
CA GLN D 741 14.25 -4.77 13.22
C GLN D 741 14.93 -4.03 12.09
N ILE D 742 15.87 -3.14 12.42
CA ILE D 742 16.58 -2.38 11.39
C ILE D 742 17.40 -3.32 10.51
N ASP D 743 18.11 -4.27 11.13
CA ASP D 743 18.91 -5.21 10.35
C ASP D 743 18.02 -6.06 9.44
N LEU D 744 16.90 -6.56 9.96
CA LEU D 744 16.00 -7.36 9.15
C LEU D 744 15.44 -6.57 7.98
N ALA D 745 15.01 -5.33 8.24
CA ALA D 745 14.45 -4.51 7.17
C ALA D 745 15.49 -4.18 6.11
N LEU D 746 16.72 -3.89 6.53
CA LEU D 746 17.79 -3.59 5.56
C LEU D 746 18.10 -4.81 4.71
N LEU D 747 18.16 -6.00 5.32
CA LEU D 747 18.40 -7.21 4.56
C LEU D 747 17.27 -7.47 3.56
N GLN D 748 16.02 -7.27 3.99
CA GLN D 748 14.89 -7.46 3.09
C GLN D 748 14.94 -6.49 1.92
N PHE D 749 15.28 -5.22 2.19
CA PHE D 749 15.41 -4.25 1.11
C PHE D 749 16.52 -4.63 0.14
N VAL D 750 17.65 -5.09 0.66
CA VAL D 750 18.75 -5.51 -0.21
C VAL D 750 18.31 -6.68 -1.08
N GLY D 751 17.56 -7.62 -0.51
CA GLY D 751 17.15 -8.78 -1.26
C GLY D 751 16.17 -8.48 -2.37
N ASP D 752 15.21 -7.59 -2.12
CA ASP D 752 14.10 -7.37 -3.04
C ASP D 752 14.38 -6.27 -4.06
N GLY D 753 15.56 -6.33 -4.70
CA GLY D 753 15.89 -5.51 -5.85
C GLY D 753 15.57 -4.03 -5.81
N GLU D 754 15.41 -3.45 -4.61
CA GLU D 754 15.11 -2.04 -4.49
C GLU D 754 16.38 -1.18 -4.44
N MET D 755 17.40 -1.66 -3.74
CA MET D 755 18.67 -0.93 -3.70
C MET D 755 19.26 -0.78 -5.08
N GLU D 756 19.03 -1.74 -5.97
CA GLU D 756 19.51 -1.59 -7.35
C GLU D 756 18.83 -0.43 -8.04
N GLU D 757 17.51 -0.29 -7.87
CA GLU D 757 16.81 0.86 -8.45
C GLU D 757 17.32 2.17 -7.86
N LEU D 758 17.52 2.21 -6.54
CA LEU D 758 18.03 3.44 -5.92
C LEU D 758 19.41 3.78 -6.46
N GLU D 759 20.28 2.78 -6.60
CA GLU D 759 21.63 3.04 -7.12
C GLU D 759 21.59 3.51 -8.57
N THR D 760 20.73 2.91 -9.39
CA THR D 760 20.60 3.35 -10.77
C THR D 760 20.02 4.74 -10.88
N LEU D 761 19.20 5.15 -9.92
CA LEU D 761 18.56 6.46 -9.97
C LEU D 761 19.43 7.58 -9.42
N TRP D 762 20.21 7.33 -8.37
CA TRP D 762 20.87 8.43 -7.66
C TRP D 762 22.31 8.65 -8.09
N LEU D 763 23.17 7.65 -7.97
CA LEU D 763 24.60 7.84 -8.19
C LEU D 763 25.10 7.15 -9.45
N THR D 764 24.24 7.04 -10.47
CA THR D 764 24.67 6.52 -11.76
C THR D 764 25.21 7.66 -12.62
N GLY D 765 26.42 7.48 -13.14
CA GLY D 765 27.09 8.52 -13.90
C GLY D 765 26.84 8.42 -15.39
N ILE D 766 27.67 9.15 -16.14
CA ILE D 766 27.56 9.21 -17.60
C ILE D 766 28.71 8.45 -18.27
N CYS D 767 29.96 8.81 -17.95
CA CYS D 767 31.09 8.10 -18.51
C CYS D 767 31.16 6.64 -18.05
N HIS D 768 30.47 6.30 -16.95
CA HIS D 768 30.51 4.92 -16.46
C HIS D 768 30.08 3.93 -17.52
N ASN D 769 29.06 4.28 -18.31
CA ASN D 769 28.67 3.43 -19.44
C ASN D 769 29.75 3.42 -20.51
N GLU D 770 30.37 4.57 -20.76
CA GLU D 770 31.39 4.65 -21.80
C GLU D 770 32.69 4.01 -21.35
N LYS D 771 33.56 3.74 -22.32
CA LYS D 771 34.87 3.15 -22.04
C LYS D 771 35.82 3.36 -23.20
N LEU D 779 45.74 6.94 -38.22
CA LEU D 779 47.17 6.88 -38.51
C LEU D 779 48.00 6.92 -37.23
N ASP D 780 48.23 5.76 -36.64
CA ASP D 780 49.02 5.68 -35.42
C ASP D 780 50.49 5.98 -35.71
N ILE D 781 51.12 6.75 -34.82
CA ILE D 781 52.52 7.09 -34.99
C ILE D 781 53.45 5.96 -34.56
N ASP D 782 53.00 5.08 -33.67
CA ASP D 782 53.83 3.96 -33.23
C ASP D 782 54.11 3.00 -34.39
N ASN D 783 53.09 2.71 -35.20
CA ASN D 783 53.29 1.85 -36.36
C ASN D 783 54.24 2.49 -37.37
N MET D 784 54.11 3.81 -37.54
CA MET D 784 55.04 4.52 -38.43
C MET D 784 56.47 4.44 -37.93
N ALA D 785 56.67 4.61 -36.62
CA ALA D 785 58.00 4.48 -36.06
C ALA D 785 58.55 3.07 -36.24
N GLY D 786 57.70 2.05 -36.04
CA GLY D 786 58.14 0.68 -36.22
C GLY D 786 58.52 0.38 -37.66
N VAL D 787 57.72 0.85 -38.62
CA VAL D 787 58.04 0.59 -40.01
C VAL D 787 59.29 1.37 -40.43
N PHE D 788 59.49 2.57 -39.88
CA PHE D 788 60.73 3.29 -40.14
C PHE D 788 61.94 2.55 -39.59
N TYR D 789 61.81 1.98 -38.39
CA TYR D 789 62.89 1.18 -37.82
C TYR D 789 63.19 -0.03 -38.69
N MET D 790 62.14 -0.71 -39.16
CA MET D 790 62.34 -1.88 -40.03
C MET D 790 63.01 -1.49 -41.33
N LEU D 791 62.60 -0.37 -41.93
CA LEU D 791 63.23 0.11 -43.16
C LEU D 791 64.69 0.45 -42.94
N ALA D 792 65.00 1.10 -41.81
CA ALA D 792 66.39 1.42 -41.49
C ALA D 792 67.21 0.15 -41.32
N ALA D 793 66.65 -0.86 -40.64
CA ALA D 793 67.37 -2.13 -40.48
C ALA D 793 67.61 -2.80 -41.82
N ALA D 794 66.61 -2.79 -42.71
CA ALA D 794 66.77 -3.38 -44.03
C ALA D 794 67.85 -2.65 -44.84
N MET D 795 67.85 -1.31 -44.76
CA MET D 795 68.87 -0.54 -45.48
C MET D 795 70.26 -0.83 -44.93
N ALA D 796 70.38 -0.95 -43.60
CA ALA D 796 71.66 -1.28 -43.00
C ALA D 796 72.13 -2.67 -43.44
N LEU D 797 71.21 -3.63 -43.50
CA LEU D 797 71.57 -4.96 -43.97
C LEU D 797 72.02 -4.94 -45.42
N SER D 798 71.33 -4.16 -46.27
CA SER D 798 71.73 -4.06 -47.67
C SER D 798 73.11 -3.43 -47.80
N LEU D 799 73.38 -2.37 -47.03
CA LEU D 799 74.70 -1.74 -47.06
C LEU D 799 75.77 -2.70 -46.58
N ILE D 800 75.47 -3.49 -45.55
CA ILE D 800 76.44 -4.46 -45.05
C ILE D 800 76.74 -5.51 -46.10
N THR D 801 75.69 -6.00 -46.79
CA THR D 801 75.90 -6.98 -47.85
C THR D 801 76.75 -6.40 -48.98
N PHE D 802 76.49 -5.15 -49.35
CA PHE D 802 77.28 -4.51 -50.39
C PHE D 802 78.74 -4.37 -49.96
N ILE D 803 78.96 -3.99 -48.70
CA ILE D 803 80.33 -3.86 -48.19
C ILE D 803 81.04 -5.20 -48.20
N TRP D 804 80.33 -6.26 -47.78
CA TRP D 804 80.94 -7.59 -47.79
C TRP D 804 81.27 -8.04 -49.20
N GLU D 805 80.38 -7.74 -50.17
CA GLU D 805 80.66 -8.08 -51.56
C GLU D 805 81.88 -7.33 -52.07
N HIS D 806 82.00 -6.05 -51.71
CA HIS D 806 83.16 -5.27 -52.14
C HIS D 806 84.45 -5.81 -51.52
N LEU D 807 84.40 -6.19 -50.24
CA LEU D 807 85.59 -6.67 -49.57
C LEU D 807 86.09 -7.98 -50.18
N PHE D 808 85.18 -8.90 -50.49
CA PHE D 808 85.56 -10.19 -51.05
C PHE D 808 85.86 -10.07 -52.54
N LEU E 1 45.06 -42.04 61.37
CA LEU E 1 44.59 -40.78 61.93
C LEU E 1 43.83 -41.03 63.24
N GLN E 2 44.58 -41.30 64.30
CA GLN E 2 43.98 -41.59 65.60
C GLN E 2 43.48 -40.31 66.26
N LEU E 3 42.81 -40.49 67.40
CA LEU E 3 42.28 -39.38 68.18
C LEU E 3 42.54 -39.64 69.66
N GLN E 4 42.61 -38.56 70.43
CA GLN E 4 42.84 -38.65 71.87
C GLN E 4 42.06 -37.55 72.57
N GLU E 5 41.27 -37.94 73.57
CA GLU E 5 40.49 -36.97 74.33
C GLU E 5 41.35 -36.32 75.40
N SER E 6 40.86 -35.19 75.92
CA SER E 6 41.56 -34.47 76.97
C SER E 6 40.56 -33.60 77.73
N GLY E 7 40.72 -33.52 79.04
CA GLY E 7 39.88 -32.71 79.87
C GLY E 7 39.96 -33.08 81.34
N PRO E 8 39.23 -32.36 82.18
CA PRO E 8 39.22 -32.64 83.61
C PRO E 8 38.39 -33.89 83.92
N GLY E 9 38.29 -34.19 85.22
CA GLY E 9 37.56 -35.36 85.66
C GLY E 9 36.57 -35.08 86.76
N LEU E 10 36.46 -33.82 87.18
CA LEU E 10 35.54 -33.41 88.23
C LEU E 10 34.33 -32.73 87.60
N VAL E 11 33.14 -33.13 88.04
CA VAL E 11 31.88 -32.61 87.51
C VAL E 11 31.05 -32.13 88.69
N LYS E 12 31.17 -30.84 89.01
CA LYS E 12 30.35 -30.23 90.04
C LYS E 12 28.95 -29.96 89.51
N PRO E 13 27.94 -29.93 90.39
CA PRO E 13 26.60 -29.57 89.93
C PRO E 13 26.56 -28.16 89.35
N SER E 14 25.76 -28.01 88.30
CA SER E 14 25.60 -26.73 87.60
C SER E 14 26.94 -26.17 87.14
N GLN E 15 27.75 -27.02 86.53
CA GLN E 15 29.06 -26.64 86.03
C GLN E 15 29.01 -26.44 84.52
N THR E 16 30.18 -26.15 83.93
CA THR E 16 30.32 -25.88 82.51
C THR E 16 31.53 -26.66 81.97
N LEU E 17 31.53 -27.96 82.24
CA LEU E 17 32.62 -28.81 81.78
C LEU E 17 32.76 -28.74 80.28
N SER E 18 34.00 -28.61 79.81
CA SER E 18 34.29 -28.43 78.38
C SER E 18 35.51 -29.26 78.03
N LEU E 19 35.28 -30.47 77.53
CA LEU E 19 36.38 -31.32 77.09
C LEU E 19 36.79 -30.95 75.66
N THR E 20 37.99 -31.39 75.28
CA THR E 20 38.52 -31.13 73.95
C THR E 20 39.16 -32.40 73.42
N CYS E 21 39.25 -32.48 72.10
CA CYS E 21 39.83 -33.62 71.40
C CYS E 21 41.04 -33.17 70.60
N THR E 22 41.82 -34.16 70.16
CA THR E 22 43.05 -33.90 69.41
C THR E 22 42.97 -34.58 68.05
N VAL E 23 43.47 -33.90 67.03
CA VAL E 23 43.52 -34.44 65.67
C VAL E 23 44.93 -34.93 65.40
N SER E 24 45.05 -36.14 64.87
CA SER E 24 46.34 -36.73 64.54
C SER E 24 46.35 -37.13 63.08
N GLY E 25 47.41 -36.76 62.38
CA GLY E 25 47.58 -37.12 60.97
C GLY E 25 46.76 -36.35 59.97
N GLY E 26 45.44 -36.40 60.08
CA GLY E 26 44.57 -35.75 59.13
C GLY E 26 44.41 -34.26 59.40
N SER E 27 43.73 -33.59 58.47
CA SER E 27 43.41 -32.17 58.59
C SER E 27 41.90 -32.02 58.71
N ILE E 28 41.47 -31.30 59.74
CA ILE E 28 40.04 -31.18 60.01
C ILE E 28 39.32 -30.40 58.92
N SER E 29 40.05 -29.63 58.12
CA SER E 29 39.45 -28.91 57.00
C SER E 29 39.22 -29.90 55.86
N SER E 30 38.18 -30.70 56.01
CA SER E 30 37.85 -31.74 55.05
C SER E 30 36.33 -31.89 55.01
N SER E 31 35.86 -32.98 54.43
CA SER E 31 34.44 -33.23 54.23
C SER E 31 33.91 -34.31 55.18
N ASN E 32 34.42 -34.33 56.39
CA ASN E 32 34.00 -35.31 57.40
C ASN E 32 33.43 -34.58 58.61
N TRP E 33 32.27 -35.03 59.08
CA TRP E 33 31.69 -34.47 60.28
C TRP E 33 32.30 -35.13 61.52
N TRP E 34 32.17 -34.44 62.65
CA TRP E 34 32.75 -34.89 63.91
C TRP E 34 31.67 -34.91 64.98
N SER E 35 31.65 -35.98 65.77
CA SER E 35 30.59 -36.21 66.74
C SER E 35 31.17 -36.33 68.15
N TRP E 36 30.26 -36.38 69.13
CA TRP E 36 30.60 -36.42 70.56
C TRP E 36 29.77 -37.46 71.28
N VAL E 37 29.72 -38.68 70.73
CA VAL E 37 28.93 -39.75 71.34
C VAL E 37 29.39 -40.00 72.77
N ARG E 38 28.42 -40.15 73.67
CA ARG E 38 28.67 -40.33 75.10
C ARG E 38 28.17 -41.70 75.54
N GLN E 39 28.86 -42.29 76.51
CA GLN E 39 28.57 -43.64 76.98
C GLN E 39 28.23 -43.63 78.46
N PRO E 40 27.01 -44.01 78.84
CA PRO E 40 26.68 -44.10 80.27
C PRO E 40 27.50 -45.18 80.93
N PRO E 41 27.74 -45.07 82.25
CA PRO E 41 28.59 -46.05 82.94
C PRO E 41 27.90 -47.39 83.20
N GLY E 42 27.92 -48.28 82.22
CA GLY E 42 27.31 -49.58 82.37
C GLY E 42 25.95 -49.69 81.73
N LYS E 43 25.84 -49.21 80.49
CA LYS E 43 24.59 -49.22 79.75
C LYS E 43 24.92 -49.14 78.27
N GLY E 44 23.93 -48.80 77.44
CA GLY E 44 24.15 -48.67 76.02
C GLY E 44 24.89 -47.40 75.64
N LEU E 45 24.52 -46.80 74.51
CA LEU E 45 25.16 -45.59 74.03
C LEU E 45 24.12 -44.50 73.82
N GLU E 46 24.61 -43.30 73.49
CA GLU E 46 23.78 -42.15 73.21
C GLU E 46 24.57 -41.18 72.35
N TRP E 47 23.88 -40.55 71.40
CA TRP E 47 24.51 -39.59 70.50
C TRP E 47 24.18 -38.17 70.94
N ILE E 48 25.20 -37.32 71.00
CA ILE E 48 25.04 -35.97 71.52
C ILE E 48 24.84 -34.98 70.38
N GLY E 49 25.82 -34.87 69.49
CA GLY E 49 25.71 -33.96 68.36
C GLY E 49 26.92 -34.05 67.47
N GLU E 50 26.80 -33.41 66.31
CA GLU E 50 27.86 -33.34 65.33
C GLU E 50 28.12 -31.89 64.95
N ILE E 51 29.28 -31.66 64.33
CA ILE E 51 29.65 -30.31 63.92
C ILE E 51 30.52 -30.36 62.66
N TYR E 52 30.06 -29.71 61.59
CA TYR E 52 30.87 -29.59 60.39
C TYR E 52 32.02 -28.62 60.64
N HIS E 53 33.07 -28.74 59.83
CA HIS E 53 34.29 -27.99 60.11
C HIS E 53 34.08 -26.49 60.01
N SER E 54 33.14 -26.03 59.18
CA SER E 54 33.02 -24.60 58.98
C SER E 54 32.20 -23.91 60.07
N GLY E 55 30.88 -24.15 60.09
CA GLY E 55 30.05 -23.47 61.07
C GLY E 55 28.97 -24.25 61.81
N ASN E 56 28.53 -25.36 61.25
CA ASN E 56 27.21 -25.89 61.58
C ASN E 56 27.24 -26.86 62.75
N THR E 57 26.10 -26.94 63.46
CA THR E 57 25.91 -27.84 64.58
C THR E 57 24.58 -28.58 64.41
N ASN E 58 24.54 -29.83 64.88
CA ASN E 58 23.38 -30.69 64.65
C ASN E 58 23.02 -31.50 65.89
N TYR E 59 22.95 -30.85 67.06
CA TYR E 59 22.64 -31.57 68.28
C TYR E 59 21.26 -32.22 68.20
N ASN E 60 21.03 -33.23 69.05
CA ASN E 60 19.76 -33.91 69.13
C ASN E 60 18.75 -33.08 69.93
N PRO E 61 17.45 -33.20 69.62
CA PRO E 61 16.42 -32.40 70.28
C PRO E 61 15.87 -33.04 71.56
N SER E 62 16.75 -33.36 72.49
CA SER E 62 16.33 -33.81 73.82
C SER E 62 17.13 -33.07 74.88
N LEU E 63 18.31 -32.59 74.50
CA LEU E 63 19.13 -31.71 75.31
C LEU E 63 19.60 -30.54 74.45
N LYS E 64 18.64 -29.92 73.75
CA LYS E 64 18.94 -28.90 72.76
C LYS E 64 19.61 -27.67 73.39
N SER E 65 19.08 -27.19 74.50
CA SER E 65 19.52 -25.93 75.08
C SER E 65 20.65 -26.08 76.07
N ARG E 66 21.14 -27.30 76.29
CA ARG E 66 22.17 -27.54 77.29
C ARG E 66 23.56 -27.73 76.72
N VAL E 67 23.71 -27.86 75.40
CA VAL E 67 25.00 -28.14 74.78
C VAL E 67 25.37 -27.03 73.83
N THR E 68 26.67 -26.85 73.63
CA THR E 68 27.19 -25.97 72.59
C THR E 68 28.54 -26.51 72.16
N VAL E 69 28.69 -26.80 70.86
CA VAL E 69 29.92 -27.38 70.33
C VAL E 69 30.56 -26.38 69.40
N SER E 70 31.83 -26.09 69.63
CA SER E 70 32.60 -25.17 68.81
C SER E 70 33.87 -25.85 68.34
N VAL E 71 34.47 -25.31 67.29
CA VAL E 71 35.66 -25.88 66.66
C VAL E 71 36.72 -24.79 66.55
N ASP E 72 37.96 -25.16 66.89
CA ASP E 72 39.12 -24.29 66.72
C ASP E 72 39.87 -24.80 65.50
N LYS E 73 39.73 -24.10 64.38
CA LYS E 73 40.36 -24.53 63.14
C LYS E 73 41.88 -24.35 63.20
N SER E 74 42.33 -23.18 63.65
CA SER E 74 43.76 -22.94 63.76
C SER E 74 44.41 -23.89 64.76
N LYS E 75 43.78 -24.06 65.92
CA LYS E 75 44.25 -25.05 66.89
C LYS E 75 43.78 -26.46 66.54
N ASN E 76 42.78 -26.59 65.68
CA ASN E 76 42.28 -27.88 65.22
C ASN E 76 41.84 -28.77 66.40
N GLN E 77 40.82 -28.29 67.10
CA GLN E 77 40.33 -29.01 68.28
C GLN E 77 38.84 -28.76 68.43
N PHE E 78 38.21 -29.53 69.32
CA PHE E 78 36.79 -29.42 69.60
C PHE E 78 36.57 -28.77 70.96
N SER E 79 35.33 -28.33 71.18
CA SER E 79 34.92 -27.80 72.48
C SER E 79 33.44 -28.08 72.65
N LEU E 80 33.12 -29.16 73.36
CA LEU E 80 31.73 -29.57 73.59
C LEU E 80 31.30 -29.13 74.99
N LYS E 81 31.03 -27.84 75.13
CA LYS E 81 30.63 -27.31 76.42
C LYS E 81 29.19 -27.69 76.75
N LEU E 82 28.94 -27.99 78.02
CA LEU E 82 27.63 -28.41 78.49
C LEU E 82 27.27 -27.59 79.72
N THR E 83 26.05 -27.07 79.76
CA THR E 83 25.61 -26.17 80.82
C THR E 83 24.62 -26.87 81.73
N SER E 84 24.57 -26.41 82.99
CA SER E 84 23.64 -26.92 83.99
C SER E 84 23.78 -28.42 84.18
N VAL E 85 25.03 -28.91 84.16
CA VAL E 85 25.27 -30.34 84.30
C VAL E 85 25.01 -30.76 85.73
N THR E 86 24.26 -31.86 85.89
CA THR E 86 23.96 -32.44 87.19
C THR E 86 24.57 -33.83 87.26
N ALA E 87 24.22 -34.57 88.32
CA ALA E 87 24.73 -35.92 88.50
C ALA E 87 24.22 -36.89 87.45
N ALA E 88 23.20 -36.52 86.68
CA ALA E 88 22.66 -37.38 85.64
C ALA E 88 23.52 -37.42 84.38
N ASP E 89 24.58 -36.60 84.33
CA ASP E 89 25.48 -36.57 83.17
C ASP E 89 26.80 -37.27 83.44
N THR E 90 26.90 -38.02 84.54
CA THR E 90 28.14 -38.73 84.88
C THR E 90 28.25 -39.94 83.96
N ALA E 91 28.87 -39.72 82.80
CA ALA E 91 29.00 -40.76 81.78
C ALA E 91 30.38 -40.69 81.16
N VAL E 92 30.80 -41.82 80.58
CA VAL E 92 32.07 -41.88 79.86
C VAL E 92 31.89 -41.24 78.50
N TYR E 93 32.83 -40.37 78.12
CA TYR E 93 32.75 -39.63 76.88
C TYR E 93 33.75 -40.17 75.86
N TYR E 94 33.36 -40.14 74.59
CA TYR E 94 34.18 -40.67 73.51
C TYR E 94 34.30 -39.63 72.39
N CYS E 95 35.38 -39.75 71.63
CA CYS E 95 35.59 -38.95 70.42
C CYS E 95 35.31 -39.82 69.20
N ALA E 96 34.59 -39.26 68.23
CA ALA E 96 34.16 -40.03 67.07
C ALA E 96 34.19 -39.18 65.83
N ARG E 97 34.93 -39.64 64.82
CA ARG E 97 34.93 -39.04 63.50
C ARG E 97 33.83 -39.67 62.66
N ASP E 98 33.05 -38.85 61.96
CA ASP E 98 31.93 -39.32 61.16
C ASP E 98 32.18 -38.96 59.70
N VAL E 99 32.58 -39.97 58.91
CA VAL E 99 32.72 -39.76 57.47
C VAL E 99 31.32 -39.64 56.88
N SER E 100 31.05 -38.49 56.25
CA SER E 100 29.71 -38.20 55.76
C SER E 100 29.28 -39.20 54.70
N GLY E 101 29.94 -39.17 53.54
CA GLY E 101 29.58 -40.07 52.46
C GLY E 101 28.11 -39.99 52.14
N GLY E 102 27.37 -41.04 52.49
CA GLY E 102 25.93 -41.02 52.41
C GLY E 102 25.30 -41.77 53.56
N VAL E 103 26.07 -41.97 54.63
CA VAL E 103 25.61 -42.77 55.76
C VAL E 103 26.45 -42.41 56.98
N ASN E 104 25.81 -42.37 58.14
CA ASN E 104 26.53 -42.16 59.39
C ASN E 104 27.40 -43.37 59.70
N TRP E 105 28.71 -43.13 59.87
CA TRP E 105 29.72 -44.17 59.99
C TRP E 105 30.68 -43.86 61.15
N PHE E 106 30.13 -43.66 62.36
CA PHE E 106 31.00 -43.21 63.45
C PHE E 106 32.18 -44.15 63.60
N ASP E 107 33.36 -43.69 63.14
CA ASP E 107 34.61 -44.45 63.13
C ASP E 107 35.73 -43.54 62.62
N PRO E 108 36.94 -43.67 63.15
CA PRO E 108 37.36 -44.53 64.26
C PRO E 108 37.05 -43.87 65.60
N TRP E 109 36.72 -44.65 66.62
CA TRP E 109 36.42 -44.08 67.91
C TRP E 109 37.70 -43.65 68.62
N GLY E 110 37.60 -42.58 69.40
CA GLY E 110 38.75 -42.06 70.11
C GLY E 110 39.14 -42.95 71.28
N GLN E 111 40.26 -42.58 71.91
CA GLN E 111 40.75 -43.33 73.06
C GLN E 111 39.77 -43.31 74.22
N GLY E 112 38.90 -42.31 74.28
CA GLY E 112 37.90 -42.24 75.32
C GLY E 112 38.37 -41.48 76.55
N THR E 113 37.41 -41.20 77.43
CA THR E 113 37.69 -40.50 78.67
C THR E 113 36.66 -40.92 79.71
N LEU E 114 36.98 -40.68 80.97
CA LEU E 114 36.14 -41.06 82.10
C LEU E 114 35.72 -39.83 82.90
N VAL E 115 35.33 -38.77 82.20
CA VAL E 115 34.90 -37.52 82.86
C VAL E 115 33.49 -37.77 83.39
N THR E 116 33.40 -38.11 84.67
CA THR E 116 32.11 -38.41 85.29
C THR E 116 32.23 -38.19 86.80
N VAL E 117 31.25 -37.49 87.36
CA VAL E 117 31.23 -37.22 88.80
C VAL E 117 29.83 -36.80 89.23
N LEU E 118 -66.94 41.87 -36.58
CA LEU E 118 -67.58 40.78 -35.84
C LEU E 118 -68.78 41.28 -35.06
N GLN E 119 -69.83 40.47 -35.00
CA GLN E 119 -71.05 40.82 -34.29
C GLN E 119 -71.54 39.61 -33.51
N LEU E 120 -72.32 39.88 -32.46
CA LEU E 120 -72.92 38.85 -31.62
C LEU E 120 -74.43 38.91 -31.78
N GLN E 121 -75.05 37.76 -32.05
CA GLN E 121 -76.49 37.66 -32.22
C GLN E 121 -77.07 36.81 -31.10
N GLU E 122 -78.11 37.32 -30.45
CA GLU E 122 -78.76 36.61 -29.35
C GLU E 122 -79.92 35.79 -29.90
N SER E 123 -79.93 34.50 -29.54
CA SER E 123 -80.97 33.57 -29.99
C SER E 123 -81.58 32.91 -28.75
N GLY E 124 -82.73 33.42 -28.32
CA GLY E 124 -83.42 32.88 -27.18
C GLY E 124 -84.75 32.28 -27.55
N PRO E 125 -85.09 31.13 -26.95
CA PRO E 125 -86.36 30.47 -27.24
C PRO E 125 -87.58 31.15 -26.63
N GLY E 126 -87.39 32.25 -25.90
CA GLY E 126 -88.51 32.95 -25.32
C GLY E 126 -89.16 32.26 -24.13
N LEU E 127 -88.44 31.35 -23.48
CA LEU E 127 -88.97 30.65 -22.31
C LEU E 127 -89.06 31.62 -21.14
N VAL E 128 -90.27 32.08 -20.84
CA VAL E 128 -90.48 33.02 -19.75
C VAL E 128 -91.58 32.49 -18.83
N LYS E 129 -91.93 31.22 -19.01
CA LYS E 129 -92.95 30.62 -18.17
C LYS E 129 -92.44 30.47 -16.74
N PRO E 130 -93.32 30.59 -15.74
CA PRO E 130 -92.88 30.39 -14.35
C PRO E 130 -92.35 28.98 -14.14
N SER E 131 -91.29 28.89 -13.33
CA SER E 131 -90.63 27.62 -13.01
C SER E 131 -90.25 26.87 -14.27
N GLN E 132 -89.53 27.56 -15.17
CA GLN E 132 -89.07 26.99 -16.42
C GLN E 132 -87.57 27.18 -16.55
N THR E 133 -86.93 26.23 -17.24
CA THR E 133 -85.49 26.29 -17.44
C THR E 133 -85.13 27.50 -18.31
N LEU E 134 -84.11 28.24 -17.90
CA LEU E 134 -83.65 29.42 -18.62
C LEU E 134 -82.51 29.01 -19.54
N SER E 135 -82.77 29.05 -20.85
CA SER E 135 -81.78 28.70 -21.85
C SER E 135 -81.81 29.73 -22.97
N LEU E 136 -80.71 29.80 -23.70
CA LEU E 136 -80.57 30.72 -24.82
C LEU E 136 -79.46 30.23 -25.73
N THR E 137 -79.10 31.03 -26.72
CA THR E 137 -78.00 30.70 -27.62
C THR E 137 -77.45 32.00 -28.20
N CYS E 138 -76.13 32.01 -28.46
CA CYS E 138 -75.45 33.16 -29.03
C CYS E 138 -74.66 32.73 -30.26
N THR E 139 -74.68 33.56 -31.29
CA THR E 139 -73.96 33.30 -32.53
C THR E 139 -72.95 34.42 -32.77
N VAL E 140 -71.81 34.05 -33.34
CA VAL E 140 -70.72 34.98 -33.61
C VAL E 140 -70.53 35.08 -35.12
N SER E 141 -70.53 36.29 -35.63
CA SER E 141 -70.34 36.56 -37.06
C SER E 141 -69.02 37.30 -37.26
N GLY E 142 -68.21 36.83 -38.21
CA GLY E 142 -66.93 37.43 -38.47
C GLY E 142 -65.81 36.98 -37.57
N GLY E 143 -66.05 36.03 -36.68
CA GLY E 143 -65.02 35.54 -35.79
C GLY E 143 -65.22 34.07 -35.48
N SER E 144 -64.16 33.46 -34.93
CA SER E 144 -64.15 32.05 -34.58
C SER E 144 -64.21 31.92 -33.06
N ILE E 145 -65.05 31.00 -32.57
CA ILE E 145 -65.17 30.79 -31.14
C ILE E 145 -63.85 30.33 -30.54
N SER E 146 -63.17 29.40 -31.22
CA SER E 146 -61.89 28.91 -30.75
C SER E 146 -60.81 29.96 -31.00
N SER E 147 -60.54 30.79 -30.00
CA SER E 147 -59.56 31.86 -30.11
C SER E 147 -59.11 32.24 -28.68
N SER E 148 -58.44 33.38 -28.57
CA SER E 148 -57.96 33.87 -27.29
C SER E 148 -59.03 34.63 -26.51
N ASN E 149 -60.30 34.49 -26.90
CA ASN E 149 -61.38 35.20 -26.25
C ASN E 149 -61.88 34.44 -25.02
N TRP E 150 -62.73 35.10 -24.25
CA TRP E 150 -63.32 34.57 -23.02
C TRP E 150 -64.82 34.82 -23.00
N TRP E 151 -65.49 34.43 -24.09
CA TRP E 151 -66.90 34.69 -24.32
C TRP E 151 -67.73 34.54 -23.05
N SER E 152 -68.52 35.57 -22.75
CA SER E 152 -69.27 35.65 -21.50
C SER E 152 -70.66 36.20 -21.79
N TRP E 153 -71.53 36.10 -20.78
CA TRP E 153 -72.88 36.62 -20.86
C TRP E 153 -73.10 37.67 -19.79
N VAL E 154 -74.01 38.61 -20.08
CA VAL E 154 -74.43 39.62 -19.12
C VAL E 154 -75.94 39.53 -18.95
N ARG E 155 -76.40 39.72 -17.71
CA ARG E 155 -77.82 39.66 -17.39
C ARG E 155 -78.19 40.91 -16.58
N GLN E 156 -79.22 41.61 -17.04
CA GLN E 156 -79.63 42.86 -16.40
C GLN E 156 -81.11 42.76 -16.03
N PRO E 157 -81.47 42.91 -14.75
CA PRO E 157 -82.89 42.97 -14.40
C PRO E 157 -83.51 44.24 -14.93
N PRO E 158 -84.79 44.21 -15.31
CA PRO E 158 -85.44 45.43 -15.81
C PRO E 158 -85.49 46.51 -14.74
N GLY E 159 -85.28 47.75 -15.17
CA GLY E 159 -85.28 48.87 -14.24
C GLY E 159 -84.19 48.80 -13.18
N LYS E 160 -82.99 48.37 -13.58
CA LYS E 160 -81.88 48.24 -12.65
C LYS E 160 -80.58 48.19 -13.45
N GLY E 161 -79.49 47.87 -12.78
CA GLY E 161 -78.19 47.80 -13.42
C GLY E 161 -77.97 46.47 -14.11
N LEU E 162 -76.73 46.27 -14.57
CA LEU E 162 -76.34 45.06 -15.27
C LEU E 162 -75.52 44.18 -14.32
N GLU E 163 -76.04 42.98 -14.06
CA GLU E 163 -75.35 42.01 -13.21
C GLU E 163 -74.38 41.19 -14.06
N TRP E 164 -73.84 40.11 -13.49
CA TRP E 164 -72.93 39.23 -14.20
C TRP E 164 -73.44 37.80 -14.12
N ILE E 165 -73.24 37.05 -15.21
CA ILE E 165 -73.63 35.66 -15.29
C ILE E 165 -72.41 34.73 -15.23
N GLY E 166 -71.51 34.86 -16.19
CA GLY E 166 -70.31 34.05 -16.20
C GLY E 166 -69.65 34.06 -17.56
N GLU E 167 -68.46 33.47 -17.60
CA GLU E 167 -67.66 33.38 -18.80
C GLU E 167 -67.24 31.93 -19.04
N ILE E 168 -67.15 31.55 -20.30
CA ILE E 168 -66.84 30.19 -20.69
C ILE E 168 -65.65 30.20 -21.66
N TYR E 169 -64.70 29.30 -21.43
CA TYR E 169 -63.55 29.13 -22.30
C TYR E 169 -63.84 27.97 -23.26
N HIS E 170 -63.57 28.20 -24.55
CA HIS E 170 -63.78 27.16 -25.55
C HIS E 170 -62.95 25.91 -25.28
N SER E 171 -61.84 26.05 -24.56
CA SER E 171 -60.93 24.94 -24.32
C SER E 171 -61.26 24.15 -23.06
N GLY E 172 -62.45 24.34 -22.49
CA GLY E 172 -62.82 23.57 -21.32
C GLY E 172 -63.47 24.33 -20.18
N ASN E 173 -62.79 24.33 -19.03
CA ASN E 173 -63.39 24.80 -17.79
C ASN E 173 -63.85 26.25 -17.87
N THR E 174 -64.83 26.59 -17.03
CA THR E 174 -65.39 27.92 -16.98
C THR E 174 -65.64 28.31 -15.53
N ASN E 175 -65.67 29.62 -15.28
CA ASN E 175 -65.96 30.16 -13.96
C ASN E 175 -67.15 31.11 -14.08
N TYR E 176 -68.31 30.68 -13.60
CA TYR E 176 -69.54 31.45 -13.82
C TYR E 176 -69.68 32.58 -12.80
N ASN E 177 -69.86 32.23 -11.52
CA ASN E 177 -70.14 33.20 -10.48
C ASN E 177 -70.17 32.55 -9.11
N PRO E 178 -69.92 33.29 -8.02
CA PRO E 178 -70.06 32.70 -6.69
C PRO E 178 -71.49 32.79 -6.17
N SER E 179 -72.26 33.75 -6.68
CA SER E 179 -73.63 33.95 -6.21
C SER E 179 -74.51 32.76 -6.55
N LEU E 180 -74.36 32.21 -7.75
CA LEU E 180 -75.18 31.08 -8.23
C LEU E 180 -74.27 30.00 -8.80
N LYS E 181 -73.23 29.63 -8.04
CA LYS E 181 -72.29 28.62 -8.50
C LYS E 181 -72.92 27.24 -8.62
N SER E 182 -74.06 27.01 -7.97
CA SER E 182 -74.73 25.71 -8.00
C SER E 182 -76.02 25.75 -8.80
N ARG E 183 -76.18 26.72 -9.70
CA ARG E 183 -77.40 26.84 -10.49
C ARG E 183 -77.17 27.15 -11.95
N VAL E 184 -75.93 27.25 -12.42
CA VAL E 184 -75.65 27.60 -13.80
C VAL E 184 -74.63 26.62 -14.37
N THR E 185 -74.65 26.47 -15.70
CA THR E 185 -73.71 25.60 -16.40
C THR E 185 -73.70 26.02 -17.87
N VAL E 186 -72.56 26.51 -18.35
CA VAL E 186 -72.44 27.01 -19.70
C VAL E 186 -71.79 25.96 -20.60
N SER E 187 -72.24 25.90 -21.85
CA SER E 187 -71.70 24.99 -22.83
C SER E 187 -71.43 25.73 -24.13
N VAL E 188 -70.35 25.33 -24.81
CA VAL E 188 -69.94 25.95 -26.07
C VAL E 188 -69.73 24.85 -27.10
N ASP E 189 -70.37 24.99 -28.25
CA ASP E 189 -70.23 24.05 -29.37
C ASP E 189 -69.35 24.70 -30.42
N LYS E 190 -68.12 24.19 -30.56
CA LYS E 190 -67.18 24.79 -31.50
C LYS E 190 -67.58 24.58 -32.94
N SER E 191 -68.19 23.43 -33.26
CA SER E 191 -68.54 23.13 -34.64
C SER E 191 -69.57 24.13 -35.18
N LYS E 192 -70.58 24.45 -34.37
CA LYS E 192 -71.61 25.41 -34.77
C LYS E 192 -71.27 26.84 -34.37
N ASN E 193 -70.18 27.05 -33.65
CA ASN E 193 -69.75 28.37 -33.20
C ASN E 193 -70.86 29.06 -32.40
N GLN E 194 -71.24 28.44 -31.28
CA GLN E 194 -72.30 28.96 -30.44
C GLN E 194 -72.01 28.60 -28.99
N PHE E 195 -72.57 29.41 -28.09
CA PHE E 195 -72.43 29.22 -26.65
C PHE E 195 -73.80 29.26 -26.01
N SER E 196 -74.12 28.25 -25.19
CA SER E 196 -75.43 28.15 -24.58
C SER E 196 -75.29 27.69 -23.14
N LEU E 197 -76.28 28.02 -22.32
CA LEU E 197 -76.33 27.59 -20.94
C LEU E 197 -77.77 27.40 -20.52
N LYS E 198 -78.02 26.38 -19.70
CA LYS E 198 -79.35 26.08 -19.18
C LYS E 198 -79.35 26.29 -17.67
N LEU E 199 -80.19 27.21 -17.21
CA LEU E 199 -80.34 27.48 -15.79
C LEU E 199 -81.59 26.79 -15.27
N THR E 200 -81.41 25.87 -14.33
CA THR E 200 -82.51 25.08 -13.81
C THR E 200 -83.11 25.73 -12.56
N SER E 201 -84.36 25.37 -12.27
CA SER E 201 -85.07 25.85 -11.09
C SER E 201 -85.13 27.38 -11.05
N VAL E 202 -85.40 27.99 -12.20
CA VAL E 202 -85.47 29.44 -12.28
C VAL E 202 -86.73 29.92 -11.55
N THR E 203 -86.56 30.91 -10.67
CA THR E 203 -87.66 31.45 -9.92
C THR E 203 -88.39 32.53 -10.71
N ALA E 204 -89.58 32.89 -10.24
CA ALA E 204 -90.37 33.92 -10.92
C ALA E 204 -89.74 35.31 -10.80
N ALA E 205 -88.84 35.50 -9.85
CA ALA E 205 -88.16 36.78 -9.67
C ALA E 205 -86.91 36.90 -10.54
N ASP E 206 -86.58 35.88 -11.32
CA ASP E 206 -85.41 35.88 -12.18
C ASP E 206 -85.67 36.51 -13.54
N THR E 207 -86.73 37.32 -13.66
CA THR E 207 -87.01 37.99 -14.93
C THR E 207 -85.97 39.07 -15.18
N ALA E 208 -85.37 39.04 -16.37
CA ALA E 208 -84.31 39.97 -16.74
C ALA E 208 -84.10 39.87 -18.25
N VAL E 209 -83.11 40.60 -18.74
CA VAL E 209 -82.73 40.59 -20.15
C VAL E 209 -81.27 40.16 -20.24
N TYR E 210 -81.00 39.22 -21.15
CA TYR E 210 -79.67 38.69 -21.34
C TYR E 210 -79.06 39.25 -22.62
N TYR E 211 -77.79 39.64 -22.53
CA TYR E 211 -77.06 40.19 -23.67
C TYR E 211 -75.69 39.54 -23.75
N CYS E 212 -75.12 39.56 -24.94
CA CYS E 212 -73.86 38.89 -25.24
C CYS E 212 -72.74 39.92 -25.34
N ALA E 213 -71.68 39.71 -24.56
CA ALA E 213 -70.45 40.49 -24.64
C ALA E 213 -69.29 39.53 -24.46
N ARG E 214 -68.42 39.43 -25.46
CA ARG E 214 -67.52 38.28 -25.51
C ARG E 214 -66.38 38.41 -24.50
N ASP E 215 -65.45 39.33 -24.73
CA ASP E 215 -64.30 39.52 -23.86
C ASP E 215 -63.40 40.61 -24.44
N VAL E 216 -62.41 41.00 -23.64
CA VAL E 216 -61.24 41.73 -24.12
C VAL E 216 -60.05 41.15 -23.38
N SER E 217 -59.27 40.31 -24.06
CA SER E 217 -58.24 39.52 -23.38
C SER E 217 -57.21 40.40 -22.70
N GLY E 218 -56.41 41.12 -23.50
CA GLY E 218 -55.47 42.12 -23.01
C GLY E 218 -54.78 41.80 -21.70
N GLY E 219 -54.88 42.72 -20.75
CA GLY E 219 -54.42 42.47 -19.39
C GLY E 219 -55.45 42.93 -18.38
N VAL E 220 -56.49 43.61 -18.88
CA VAL E 220 -57.59 44.08 -18.05
C VAL E 220 -58.89 43.79 -18.77
N ASN E 221 -59.86 43.25 -18.03
CA ASN E 221 -61.14 42.90 -18.61
C ASN E 221 -61.91 44.15 -19.03
N TRP E 222 -62.58 44.07 -20.18
CA TRP E 222 -63.39 45.17 -20.70
C TRP E 222 -64.50 44.56 -21.53
N PHE E 223 -65.72 44.55 -21.00
CA PHE E 223 -66.85 43.92 -21.68
C PHE E 223 -67.22 44.74 -22.91
N ASP E 224 -66.71 44.32 -24.08
CA ASP E 224 -66.94 45.01 -25.34
C ASP E 224 -66.52 44.13 -26.50
N PRO E 225 -67.27 44.12 -27.61
CA PRO E 225 -68.52 44.85 -27.83
C PRO E 225 -69.73 44.07 -27.31
N TRP E 226 -70.82 44.74 -27.00
CA TRP E 226 -72.04 44.08 -26.57
C TRP E 226 -72.85 43.65 -27.79
N GLY E 227 -73.49 42.48 -27.69
CA GLY E 227 -74.25 41.94 -28.78
C GLY E 227 -75.61 42.62 -28.93
N GLN E 228 -76.44 42.02 -29.79
CA GLN E 228 -77.78 42.56 -30.01
C GLN E 228 -78.61 42.50 -28.73
N GLY E 229 -78.51 41.42 -27.98
CA GLY E 229 -79.25 41.30 -26.74
C GLY E 229 -80.57 40.59 -26.92
N THR E 230 -80.99 39.91 -25.85
CA THR E 230 -82.24 39.17 -25.83
C THR E 230 -83.17 39.77 -24.78
N LEU E 231 -84.41 40.04 -25.16
CA LEU E 231 -85.41 40.61 -24.26
C LEU E 231 -86.31 39.50 -23.77
N VAL E 232 -86.33 39.29 -22.45
CA VAL E 232 -87.15 38.27 -21.82
C VAL E 232 -88.00 38.93 -20.75
N THR E 233 -89.30 38.64 -20.76
CA THR E 233 -90.26 39.19 -19.80
C THR E 233 -91.02 38.03 -19.17
N VAL E 234 -90.63 37.65 -17.95
CA VAL E 234 -91.29 36.57 -17.25
C VAL E 234 -92.44 37.11 -16.40
N ASN F 1 11.97 -39.71 66.59
CA ASN F 1 12.96 -40.73 66.89
C ASN F 1 12.30 -42.08 67.15
N PHE F 2 13.12 -43.05 67.54
CA PHE F 2 12.63 -44.39 67.82
C PHE F 2 13.66 -45.13 68.66
N MET F 3 13.24 -46.28 69.21
CA MET F 3 14.11 -47.13 70.00
C MET F 3 14.50 -48.36 69.17
N LEU F 4 15.73 -48.82 69.36
CA LEU F 4 16.26 -49.96 68.64
C LEU F 4 16.50 -51.07 69.65
N THR F 5 15.71 -52.13 69.57
CA THR F 5 15.71 -53.20 70.57
C THR F 5 16.58 -54.37 70.12
N GLN F 6 17.31 -54.94 71.07
CA GLN F 6 18.17 -56.10 70.84
C GLN F 6 18.04 -57.04 72.03
N PRO F 7 18.33 -58.33 71.83
CA PRO F 7 18.27 -59.27 72.96
C PRO F 7 19.37 -58.99 73.97
N HIS F 8 19.11 -59.41 75.21
CA HIS F 8 20.00 -59.09 76.32
C HIS F 8 21.39 -59.70 76.12
N SER F 9 21.43 -61.01 75.84
CA SER F 9 22.72 -61.69 75.65
C SER F 9 22.49 -62.99 74.91
N VAL F 10 23.58 -63.55 74.39
CA VAL F 10 23.56 -64.82 73.69
C VAL F 10 24.72 -65.68 74.19
N SER F 11 24.59 -66.99 73.99
CA SER F 11 25.63 -67.92 74.41
C SER F 11 25.51 -69.19 73.59
N GLU F 12 26.63 -69.66 73.04
CA GLU F 12 26.64 -70.88 72.25
C GLU F 12 28.06 -71.44 72.23
N SER F 13 28.17 -72.70 71.84
CA SER F 13 29.47 -73.35 71.76
C SER F 13 30.28 -72.78 70.61
N PRO F 14 31.60 -72.72 70.75
CA PRO F 14 32.44 -72.24 69.65
C PRO F 14 32.33 -73.15 68.42
N GLY F 15 32.43 -72.53 67.26
CA GLY F 15 32.32 -73.25 65.99
C GLY F 15 30.91 -73.41 65.47
N LYS F 16 29.90 -72.97 66.22
CA LYS F 16 28.52 -73.07 65.79
C LYS F 16 28.11 -71.77 65.08
N THR F 17 26.84 -71.64 64.76
CA THR F 17 26.30 -70.45 64.09
C THR F 17 25.41 -69.70 65.07
N VAL F 18 25.75 -68.43 65.31
CA VAL F 18 25.00 -67.56 66.20
C VAL F 18 24.52 -66.36 65.41
N THR F 19 23.21 -66.11 65.45
CA THR F 19 22.59 -64.99 64.76
C THR F 19 21.86 -64.13 65.78
N ILE F 20 22.05 -62.82 65.68
CA ILE F 20 21.42 -61.86 66.58
C ILE F 20 20.56 -60.92 65.76
N SER F 21 19.34 -60.67 66.23
CA SER F 21 18.37 -59.85 65.51
C SER F 21 18.12 -58.56 66.27
N CYS F 22 18.13 -57.45 65.54
CA CYS F 22 17.95 -56.12 66.10
C CYS F 22 16.71 -55.49 65.48
N THR F 23 15.74 -55.15 66.32
CA THR F 23 14.41 -54.76 65.86
C THR F 23 14.10 -53.32 66.21
N ARG F 24 13.35 -52.67 65.34
CA ARG F 24 12.83 -51.32 65.57
C ARG F 24 11.36 -51.31 65.21
N SER F 25 10.52 -50.79 66.12
CA SER F 25 9.09 -50.87 65.99
C SER F 25 8.45 -49.62 65.39
N SER F 26 9.25 -48.63 65.00
CA SER F 26 8.74 -47.41 64.38
C SER F 26 9.29 -47.28 62.98
N GLY F 27 8.42 -46.88 62.04
CA GLY F 27 8.84 -46.82 60.66
C GLY F 27 9.10 -48.20 60.10
N SER F 28 10.10 -48.28 59.21
CA SER F 28 10.46 -49.56 58.60
C SER F 28 11.93 -49.51 58.22
N ILE F 29 12.62 -50.64 58.37
CA ILE F 29 14.04 -50.71 58.01
C ILE F 29 14.07 -51.10 56.53
N ALA F 30 13.83 -50.10 55.68
CA ALA F 30 14.12 -50.20 54.26
C ALA F 30 14.58 -48.87 53.69
N SER F 31 14.70 -47.83 54.51
CA SER F 31 14.97 -46.48 54.04
C SER F 31 16.22 -45.86 54.63
N ASN F 32 16.78 -46.41 55.70
CA ASN F 32 18.00 -45.91 56.30
C ASN F 32 18.95 -47.06 56.53
N TYR F 33 20.23 -46.85 56.21
CA TYR F 33 21.22 -47.90 56.37
C TYR F 33 21.38 -48.28 57.84
N VAL F 34 21.82 -49.50 58.07
CA VAL F 34 22.03 -50.01 59.42
C VAL F 34 23.47 -50.48 59.54
N GLN F 35 23.99 -50.44 60.76
CA GLN F 35 25.36 -50.87 61.02
C GLN F 35 25.49 -51.27 62.48
N TRP F 36 26.53 -52.06 62.75
CA TRP F 36 26.84 -52.55 64.08
C TRP F 36 28.27 -52.17 64.45
N TYR F 37 28.50 -51.99 65.75
CA TYR F 37 29.82 -51.65 66.26
C TYR F 37 30.23 -52.66 67.32
N GLN F 38 31.42 -53.22 67.17
CA GLN F 38 31.94 -54.23 68.08
C GLN F 38 32.82 -53.56 69.13
N GLN F 39 32.46 -53.73 70.39
CA GLN F 39 33.18 -53.13 71.51
C GLN F 39 33.68 -54.24 72.42
N ARG F 40 34.98 -54.52 72.35
CA ARG F 40 35.57 -55.47 73.28
C ARG F 40 35.52 -54.91 74.70
N PRO F 41 35.40 -55.78 75.70
CA PRO F 41 35.27 -55.29 77.08
C PRO F 41 36.48 -54.46 77.49
N GLY F 42 36.22 -53.36 78.20
CA GLY F 42 37.27 -52.46 78.65
C GLY F 42 38.09 -51.85 77.53
N SER F 43 37.43 -51.44 76.46
CA SER F 43 38.13 -50.86 75.31
C SER F 43 37.16 -49.91 74.60
N ALA F 44 37.57 -49.47 73.40
CA ALA F 44 36.77 -48.60 72.55
C ALA F 44 36.09 -49.41 71.45
N PRO F 45 34.85 -49.05 71.10
CA PRO F 45 34.14 -49.81 70.07
C PRO F 45 34.84 -49.71 68.72
N THR F 46 34.72 -50.78 67.94
CA THR F 46 35.29 -50.84 66.60
C THR F 46 34.23 -51.25 65.60
N THR F 47 34.37 -50.76 64.38
CA THR F 47 33.43 -51.10 63.32
C THR F 47 33.51 -52.57 62.98
N VAL F 48 32.34 -53.19 62.77
CA VAL F 48 32.29 -54.62 62.48
C VAL F 48 31.57 -54.84 61.15
N ILE F 49 30.31 -54.41 61.08
CA ILE F 49 29.49 -54.60 59.89
C ILE F 49 28.71 -53.32 59.64
N TYR F 50 28.70 -52.86 58.39
CA TYR F 50 28.05 -51.62 57.99
C TYR F 50 27.21 -51.85 56.75
N GLU F 51 26.32 -50.89 56.49
CA GLU F 51 25.64 -50.79 55.19
C GLU F 51 24.94 -52.09 54.82
N ASP F 52 24.32 -52.72 55.81
CA ASP F 52 23.67 -54.01 55.64
C ASP F 52 24.64 -55.07 55.12
N ASN F 53 24.67 -55.27 53.80
CA ASN F 53 25.48 -56.32 53.18
C ASN F 53 26.75 -55.70 52.61
N GLN F 54 27.74 -55.50 53.48
CA GLN F 54 29.06 -55.04 53.08
C GLN F 54 30.02 -55.16 54.25
N ARG F 55 31.23 -55.69 54.00
CA ARG F 55 32.17 -55.92 55.09
C ARG F 55 33.44 -55.09 54.89
N PRO F 56 34.00 -54.54 55.96
CA PRO F 56 35.25 -53.77 55.83
C PRO F 56 36.41 -54.66 55.45
N SER F 57 37.40 -54.06 54.78
CA SER F 57 38.60 -54.79 54.40
C SER F 57 39.39 -55.19 55.63
N GLY F 58 39.81 -56.46 55.68
CA GLY F 58 40.55 -56.99 56.80
C GLY F 58 39.70 -57.64 57.86
N VAL F 59 38.40 -57.37 57.89
CA VAL F 59 37.49 -57.98 58.86
C VAL F 59 37.32 -59.45 58.49
N PRO F 60 37.13 -60.34 59.46
CA PRO F 60 36.91 -61.75 59.13
C PRO F 60 35.66 -61.95 58.30
N ASP F 61 35.73 -62.89 57.37
CA ASP F 61 34.60 -63.16 56.47
C ASP F 61 33.48 -63.94 57.14
N ARG F 62 33.70 -64.44 58.36
CA ARG F 62 32.66 -65.20 59.05
C ARG F 62 31.44 -64.33 59.34
N PHE F 63 31.66 -63.09 59.79
CA PHE F 63 30.56 -62.20 60.11
C PHE F 63 29.84 -61.76 58.84
N SER F 64 28.53 -61.59 58.94
CA SER F 64 27.73 -61.12 57.82
C SER F 64 26.46 -60.48 58.34
N GLY F 65 25.78 -59.74 57.47
CA GLY F 65 24.55 -59.07 57.84
C GLY F 65 23.46 -59.33 56.81
N SER F 66 22.23 -59.11 57.25
CA SER F 66 21.07 -59.31 56.39
C SER F 66 19.91 -58.46 56.90
N ILE F 67 18.98 -58.17 56.00
CA ILE F 67 17.78 -57.39 56.32
C ILE F 67 16.58 -58.32 56.18
N ASP F 68 15.81 -58.44 57.26
CA ASP F 68 14.62 -59.28 57.22
C ASP F 68 13.59 -58.74 56.23
N SER F 69 13.40 -57.43 56.21
CA SER F 69 12.48 -56.74 55.30
C SER F 69 11.03 -57.16 55.52
N SER F 70 10.79 -57.99 56.51
CA SER F 70 9.45 -58.43 56.87
C SER F 70 9.13 -58.24 58.35
N SER F 71 10.11 -58.44 59.22
CA SER F 71 9.94 -58.25 60.65
C SER F 71 10.45 -56.90 61.14
N ASN F 72 10.80 -56.00 60.21
CA ASN F 72 11.34 -54.69 60.55
C ASN F 72 12.58 -54.83 61.45
N SER F 73 13.42 -55.80 61.13
CA SER F 73 14.60 -56.09 61.93
C SER F 73 15.77 -56.45 61.01
N ALA F 74 16.98 -56.28 61.55
CA ALA F 74 18.21 -56.59 60.84
C ALA F 74 18.96 -57.67 61.61
N SER F 75 19.44 -58.68 60.89
CA SER F 75 20.11 -59.82 61.48
C SER F 75 21.60 -59.77 61.21
N LEU F 76 22.39 -60.18 62.20
CA LEU F 76 23.83 -60.28 62.07
C LEU F 76 24.24 -61.70 62.44
N THR F 77 24.95 -62.37 61.54
CA THR F 77 25.36 -63.76 61.71
C THR F 77 26.86 -63.84 61.92
N ILE F 78 27.27 -64.68 62.87
CA ILE F 78 28.66 -64.85 63.24
C ILE F 78 29.05 -66.31 63.03
N SER F 79 28.47 -66.95 62.01
CA SER F 79 28.69 -68.36 61.75
C SER F 79 30.17 -68.67 61.63
N GLY F 80 30.61 -69.74 62.28
CA GLY F 80 32.02 -70.05 62.40
C GLY F 80 32.63 -69.33 63.58
N LEU F 81 31.96 -69.40 64.73
CA LEU F 81 32.35 -68.65 65.90
C LEU F 81 33.66 -69.19 66.47
N LYS F 82 34.39 -68.29 67.15
CA LYS F 82 35.63 -68.63 67.82
C LYS F 82 35.56 -68.05 69.23
N THR F 83 36.64 -68.22 69.99
CA THR F 83 36.69 -67.71 71.36
C THR F 83 37.00 -66.22 71.44
N GLU F 84 37.45 -65.61 70.36
CA GLU F 84 37.78 -64.19 70.37
C GLU F 84 36.58 -63.30 70.15
N ASP F 85 35.43 -63.86 69.78
CA ASP F 85 34.23 -63.08 69.51
C ASP F 85 33.42 -62.76 70.76
N GLU F 86 33.83 -63.25 71.92
CA GLU F 86 33.10 -63.00 73.16
C GLU F 86 33.32 -61.56 73.58
N ALA F 87 32.34 -60.70 73.27
CA ALA F 87 32.41 -59.28 73.57
C ALA F 87 30.99 -58.71 73.50
N ASP F 88 30.89 -57.39 73.51
CA ASP F 88 29.60 -56.71 73.43
C ASP F 88 29.40 -56.16 72.02
N TYR F 89 28.25 -56.44 71.44
CA TYR F 89 27.90 -56.01 70.09
C TYR F 89 26.66 -55.13 70.15
N TYR F 90 26.67 -54.02 69.43
CA TYR F 90 25.62 -53.02 69.53
C TYR F 90 24.98 -52.75 68.18
N CYS F 91 23.80 -52.12 68.23
CA CYS F 91 23.03 -51.75 67.05
C CYS F 91 22.92 -50.23 66.99
N GLN F 92 23.04 -49.67 65.78
CA GLN F 92 22.91 -48.24 65.60
C GLN F 92 22.25 -47.96 64.26
N SER F 93 21.39 -46.94 64.22
CA SER F 93 20.77 -46.54 62.97
C SER F 93 20.32 -45.09 63.09
N TYR F 94 20.11 -44.46 61.93
CA TYR F 94 19.92 -43.02 61.86
C TYR F 94 18.60 -42.71 61.18
N ASP F 95 17.85 -41.79 61.78
CA ASP F 95 16.59 -41.32 61.23
C ASP F 95 16.82 -40.08 60.37
N SER F 96 15.75 -39.40 60.01
CA SER F 96 15.86 -38.12 59.31
C SER F 96 16.06 -36.95 60.25
N SER F 97 16.04 -37.17 61.55
CA SER F 97 16.25 -36.10 62.51
C SER F 97 17.37 -36.39 63.50
N THR F 98 17.46 -37.63 64.00
CA THR F 98 18.48 -38.01 64.97
C THR F 98 19.06 -39.36 64.57
N VAL F 99 20.02 -39.84 65.37
CA VAL F 99 20.59 -41.17 65.23
C VAL F 99 20.59 -41.82 66.61
N VAL F 100 20.30 -43.11 66.65
CA VAL F 100 20.11 -43.83 67.91
C VAL F 100 20.95 -45.10 67.92
N PHE F 101 21.24 -45.56 69.13
CA PHE F 101 22.02 -46.77 69.38
C PHE F 101 21.15 -47.80 70.08
N GLY F 102 21.67 -49.03 70.17
CA GLY F 102 20.94 -50.13 70.78
C GLY F 102 21.22 -50.28 72.26
N GLY F 103 20.47 -51.18 72.89
CA GLY F 103 20.57 -51.41 74.32
C GLY F 103 21.81 -52.13 74.78
N GLY F 104 21.95 -53.40 74.42
CA GLY F 104 23.10 -54.18 74.86
C GLY F 104 23.06 -55.64 74.43
N THR F 105 24.24 -56.27 74.37
CA THR F 105 24.33 -57.67 73.99
C THR F 105 25.64 -58.23 74.52
N LYS F 106 25.69 -59.56 74.63
CA LYS F 106 26.88 -60.25 75.13
C LYS F 106 26.91 -61.66 74.59
N LEU F 107 28.09 -62.10 74.15
CA LEU F 107 28.29 -63.44 73.62
C LEU F 107 29.22 -64.23 74.53
N THR F 108 28.80 -65.43 74.89
CA THR F 108 29.58 -66.30 75.77
C THR F 108 29.79 -67.64 75.10
N VAL F 109 31.01 -68.16 75.20
CA VAL F 109 31.36 -69.44 74.60
C VAL F 109 31.41 -70.54 75.67
N ASN F 110 -68.09 39.58 -1.55
CA ASN F 110 -68.15 40.53 -2.65
C ASN F 110 -68.42 41.95 -2.13
N PHE F 111 -68.61 42.89 -3.05
CA PHE F 111 -68.87 44.28 -2.71
C PHE F 111 -69.74 44.89 -3.80
N MET F 112 -69.82 46.22 -3.81
CA MET F 112 -70.64 46.92 -4.78
C MET F 112 -70.04 48.30 -5.02
N LEU F 113 -70.44 48.91 -6.14
CA LEU F 113 -70.01 50.25 -6.50
C LEU F 113 -71.15 51.23 -6.27
N THR F 114 -70.87 52.30 -5.53
CA THR F 114 -71.87 53.31 -5.20
C THR F 114 -71.67 54.53 -6.08
N GLN F 115 -72.72 54.96 -6.75
CA GLN F 115 -72.69 56.08 -7.66
C GLN F 115 -73.91 56.97 -7.40
N PRO F 116 -73.83 58.26 -7.74
CA PRO F 116 -75.00 59.13 -7.59
C PRO F 116 -76.13 58.70 -8.51
N HIS F 117 -77.35 58.99 -8.08
CA HIS F 117 -78.53 58.57 -8.84
C HIS F 117 -78.56 59.24 -10.21
N SER F 118 -78.43 60.56 -10.25
CA SER F 118 -78.45 61.29 -11.51
C SER F 118 -77.81 62.66 -11.30
N VAL F 119 -77.39 63.27 -12.40
CA VAL F 119 -76.80 64.60 -12.38
C VAL F 119 -77.38 65.43 -13.53
N SER F 120 -77.29 66.75 -13.38
CA SER F 120 -77.76 67.67 -14.39
C SER F 120 -76.80 68.86 -14.47
N GLU F 121 -76.51 69.29 -15.70
CA GLU F 121 -75.59 70.40 -15.91
C GLU F 121 -75.98 71.14 -17.18
N SER F 122 -75.58 72.41 -17.25
CA SER F 122 -75.89 73.23 -18.41
C SER F 122 -75.04 72.79 -19.61
N PRO F 123 -75.52 73.01 -20.82
CA PRO F 123 -74.71 72.71 -22.01
C PRO F 123 -73.43 73.54 -22.01
N GLY F 124 -72.35 72.92 -22.48
CA GLY F 124 -71.06 73.56 -22.49
C GLY F 124 -70.31 73.53 -21.18
N LYS F 125 -70.88 72.94 -20.14
CA LYS F 125 -70.26 72.86 -18.83
C LYS F 125 -69.68 71.47 -18.61
N THR F 126 -68.92 71.33 -17.52
CA THR F 126 -68.28 70.08 -17.15
C THR F 126 -69.03 69.44 -15.99
N VAL F 127 -69.38 68.17 -16.13
CA VAL F 127 -70.08 67.42 -15.10
C VAL F 127 -69.22 66.22 -14.71
N THR F 128 -69.03 66.05 -13.41
CA THR F 128 -68.20 64.98 -12.86
C THR F 128 -69.05 64.04 -12.02
N ILE F 129 -68.90 62.75 -12.25
CA ILE F 129 -69.61 61.72 -11.49
C ILE F 129 -68.57 60.81 -10.84
N SER F 130 -68.73 60.58 -9.54
CA SER F 130 -67.78 59.78 -8.78
C SER F 130 -68.38 58.40 -8.50
N CYS F 131 -67.69 57.35 -8.95
CA CYS F 131 -68.07 55.98 -8.67
C CYS F 131 -67.21 55.47 -7.52
N THR F 132 -67.85 55.10 -6.42
CA THR F 132 -67.16 54.73 -5.18
C THR F 132 -67.41 53.26 -4.88
N ARG F 133 -66.35 52.52 -4.60
CA ARG F 133 -66.47 51.13 -4.20
C ARG F 133 -66.89 51.03 -2.74
N SER F 134 -67.75 50.04 -2.45
CA SER F 134 -68.19 49.83 -1.07
C SER F 134 -67.03 49.43 -0.17
N SER F 135 -66.13 48.58 -0.67
CA SER F 135 -64.99 48.11 0.12
C SER F 135 -63.83 47.88 -0.84
N GLY F 136 -62.81 47.16 -0.35
CA GLY F 136 -61.64 46.92 -1.18
C GLY F 136 -60.84 48.19 -1.37
N SER F 137 -60.44 48.43 -2.62
CA SER F 137 -59.69 49.64 -2.94
C SER F 137 -59.91 49.97 -4.41
N ILE F 138 -59.64 51.23 -4.76
CA ILE F 138 -59.77 51.66 -6.14
C ILE F 138 -58.51 51.38 -6.97
N ALA F 139 -57.36 51.21 -6.32
CA ALA F 139 -56.13 50.90 -7.02
C ALA F 139 -55.86 49.41 -7.13
N SER F 140 -56.75 48.57 -6.57
CA SER F 140 -56.57 47.12 -6.67
C SER F 140 -56.67 46.66 -8.12
N ASN F 141 -57.61 47.23 -8.88
CA ASN F 141 -57.80 46.85 -10.27
C ASN F 141 -58.26 48.07 -11.06
N TYR F 142 -58.03 48.01 -12.37
CA TYR F 142 -58.47 49.09 -13.24
C TYR F 142 -59.99 49.15 -13.29
N VAL F 143 -60.52 50.37 -13.43
CA VAL F 143 -61.95 50.62 -13.42
C VAL F 143 -62.35 51.19 -14.77
N GLN F 144 -63.39 50.61 -15.37
CA GLN F 144 -63.89 51.05 -16.66
C GLN F 144 -65.19 51.83 -16.51
N TRP F 145 -65.39 52.81 -17.39
CA TRP F 145 -66.60 53.61 -17.42
C TRP F 145 -67.09 53.71 -18.85
N TYR F 146 -68.41 53.57 -19.04
CA TYR F 146 -68.99 53.54 -20.37
C TYR F 146 -70.32 54.29 -20.35
N GLN F 147 -70.82 54.58 -21.56
CA GLN F 147 -72.10 55.25 -21.74
C GLN F 147 -73.00 54.41 -22.62
N GLN F 148 -74.28 54.33 -22.25
CA GLN F 148 -75.25 53.51 -22.97
C GLN F 148 -76.51 54.35 -23.22
N ARG F 149 -76.91 54.46 -24.48
CA ARG F 149 -78.16 55.12 -24.80
C ARG F 149 -79.33 54.23 -24.39
N PRO F 150 -80.46 54.83 -23.99
CA PRO F 150 -81.62 54.04 -23.62
C PRO F 150 -82.10 53.17 -24.78
N GLY F 151 -82.46 51.93 -24.47
CA GLY F 151 -82.88 51.01 -25.50
C GLY F 151 -81.77 50.47 -26.38
N SER F 152 -80.52 50.69 -26.00
CA SER F 152 -79.37 50.28 -26.81
C SER F 152 -78.33 49.61 -25.92
N ALA F 153 -77.51 48.76 -26.55
CA ALA F 153 -76.47 48.05 -25.83
C ALA F 153 -75.40 49.03 -25.35
N PRO F 154 -74.77 48.73 -24.20
CA PRO F 154 -73.73 49.62 -23.68
C PRO F 154 -72.56 49.73 -24.65
N THR F 155 -71.99 50.94 -24.73
CA THR F 155 -70.85 51.22 -25.58
C THR F 155 -69.72 51.78 -24.73
N THR F 156 -68.53 51.21 -24.89
CA THR F 156 -67.37 51.65 -24.12
C THR F 156 -66.99 53.07 -24.48
N VAL F 157 -66.56 53.82 -23.46
CA VAL F 157 -66.15 55.21 -23.66
C VAL F 157 -64.71 55.39 -23.21
N ILE F 158 -64.45 55.14 -21.93
CA ILE F 158 -63.11 55.28 -21.36
C ILE F 158 -62.83 54.03 -20.53
N TYR F 159 -61.82 53.26 -20.95
CA TYR F 159 -61.43 52.04 -20.26
C TYR F 159 -60.09 52.25 -19.55
N GLU F 160 -59.90 51.50 -18.46
CA GLU F 160 -58.68 51.56 -17.64
C GLU F 160 -58.46 52.93 -17.01
N ASP F 161 -59.50 53.77 -16.99
CA ASP F 161 -59.54 55.09 -16.37
C ASP F 161 -58.61 56.09 -17.04
N ASN F 162 -57.87 55.71 -18.06
CA ASN F 162 -56.97 56.64 -18.73
C ASN F 162 -56.98 56.55 -20.25
N GLN F 163 -57.56 55.50 -20.85
CA GLN F 163 -57.52 55.29 -22.29
C GLN F 163 -58.93 55.27 -22.85
N ARG F 164 -59.06 55.77 -24.09
CA ARG F 164 -60.33 55.78 -24.79
C ARG F 164 -60.12 55.18 -26.18
N PRO F 165 -60.98 54.28 -26.62
CA PRO F 165 -60.80 53.66 -27.94
C PRO F 165 -61.05 54.66 -29.07
N SER F 166 -60.71 54.22 -30.28
CA SER F 166 -60.94 55.06 -31.46
C SER F 166 -62.42 55.34 -31.63
N GLY F 167 -62.75 56.61 -31.90
CA GLY F 167 -64.13 57.04 -31.99
C GLY F 167 -64.72 57.59 -30.71
N VAL F 168 -64.07 57.39 -29.58
CA VAL F 168 -64.55 57.96 -28.32
C VAL F 168 -64.28 59.46 -28.33
N PRO F 169 -65.26 60.30 -27.97
CA PRO F 169 -65.02 61.74 -27.95
C PRO F 169 -63.99 62.13 -26.90
N ASP F 170 -63.24 63.19 -27.20
CA ASP F 170 -62.22 63.68 -26.26
C ASP F 170 -62.81 64.40 -25.07
N ARG F 171 -64.12 64.68 -25.08
CA ARG F 171 -64.74 65.38 -23.96
C ARG F 171 -64.67 64.55 -22.68
N PHE F 172 -64.93 63.25 -22.78
CA PHE F 172 -64.91 62.39 -21.61
C PHE F 172 -63.48 62.16 -21.12
N SER F 173 -63.33 62.10 -19.81
CA SER F 173 -62.03 61.86 -19.19
C SER F 173 -62.24 61.15 -17.87
N GLY F 174 -61.19 60.48 -17.41
CA GLY F 174 -61.24 59.76 -16.15
C GLY F 174 -60.06 60.07 -15.28
N SER F 175 -60.27 59.90 -13.97
CA SER F 175 -59.22 60.17 -12.99
C SER F 175 -59.48 59.33 -11.74
N ILE F 176 -58.43 59.17 -10.94
CA ILE F 176 -58.50 58.44 -9.69
C ILE F 176 -57.92 59.30 -8.58
N ASP F 177 -58.34 59.02 -7.35
CA ASP F 177 -57.91 59.78 -6.18
C ASP F 177 -57.08 58.98 -5.20
N SER F 178 -57.33 57.68 -5.06
CA SER F 178 -56.61 56.80 -4.14
C SER F 178 -56.72 57.26 -2.69
N SER F 179 -57.75 58.04 -2.37
CA SER F 179 -58.01 58.51 -1.01
C SER F 179 -59.34 58.03 -0.47
N SER F 180 -60.41 58.18 -1.25
CA SER F 180 -61.73 57.71 -0.86
C SER F 180 -62.15 56.42 -1.56
N ASN F 181 -61.21 55.77 -2.24
CA ASN F 181 -61.47 54.54 -3.00
C ASN F 181 -62.59 54.77 -4.02
N SER F 182 -62.36 55.73 -4.91
CA SER F 182 -63.35 56.11 -5.90
C SER F 182 -62.66 56.62 -7.15
N ALA F 183 -63.40 56.61 -8.26
CA ALA F 183 -62.91 57.09 -9.54
C ALA F 183 -63.88 58.12 -10.10
N SER F 184 -63.33 59.20 -10.64
CA SER F 184 -64.12 60.32 -11.14
C SER F 184 -64.13 60.29 -12.66
N LEU F 185 -65.33 60.36 -13.25
CA LEU F 185 -65.51 60.45 -14.68
C LEU F 185 -66.09 61.83 -14.99
N THR F 186 -65.38 62.59 -15.82
CA THR F 186 -65.73 63.97 -16.11
C THR F 186 -66.09 64.12 -17.59
N ILE F 187 -67.04 65.00 -17.86
CA ILE F 187 -67.45 65.34 -19.22
C ILE F 187 -67.36 66.85 -19.38
N SER F 188 -66.69 67.28 -20.45
CA SER F 188 -66.48 68.70 -20.72
C SER F 188 -67.30 69.10 -21.94
N GLY F 189 -68.10 70.15 -21.80
CA GLY F 189 -68.93 70.62 -22.90
C GLY F 189 -70.03 69.63 -23.25
N LEU F 190 -70.99 69.46 -22.35
CA LEU F 190 -72.08 68.52 -22.59
C LEU F 190 -72.93 68.98 -23.76
N LYS F 191 -73.39 68.01 -24.55
CA LYS F 191 -74.22 68.26 -25.72
C LYS F 191 -75.57 67.57 -25.55
N THR F 192 -76.41 67.66 -26.59
CA THR F 192 -77.72 67.03 -26.54
C THR F 192 -77.61 65.51 -26.45
N GLU F 193 -76.66 64.92 -27.18
CA GLU F 193 -76.49 63.47 -27.17
C GLU F 193 -75.92 62.94 -25.86
N ASP F 194 -75.48 63.81 -24.96
CA ASP F 194 -74.89 63.37 -23.70
C ASP F 194 -75.90 62.73 -22.76
N GLU F 195 -77.20 62.84 -23.05
CA GLU F 195 -78.22 62.25 -22.19
C GLU F 195 -78.24 60.74 -22.37
N ALA F 196 -77.51 60.02 -21.51
CA ALA F 196 -77.43 58.57 -21.58
C ALA F 196 -77.05 58.04 -20.20
N ASP F 197 -77.22 56.73 -20.02
CA ASP F 197 -76.91 56.08 -18.77
C ASP F 197 -75.39 55.83 -18.71
N TYR F 198 -74.74 56.43 -17.73
CA TYR F 198 -73.29 56.30 -17.57
C TYR F 198 -73.02 55.29 -16.47
N TYR F 199 -72.24 54.26 -16.78
CA TYR F 199 -72.06 53.12 -15.90
C TYR F 199 -70.57 52.89 -15.61
N CYS F 200 -70.28 52.48 -14.38
CA CYS F 200 -68.92 52.16 -13.94
C CYS F 200 -68.87 50.71 -13.51
N GLN F 201 -67.81 50.01 -13.95
CA GLN F 201 -67.63 48.60 -13.62
C GLN F 201 -66.17 48.32 -13.35
N SER F 202 -65.92 47.27 -12.57
CA SER F 202 -64.57 46.85 -12.23
C SER F 202 -64.61 45.39 -11.84
N TYR F 203 -63.47 44.86 -11.41
CA TYR F 203 -63.36 43.46 -11.01
C TYR F 203 -62.39 43.33 -9.85
N ASP F 204 -62.32 42.12 -9.31
CA ASP F 204 -61.43 41.80 -8.19
C ASP F 204 -60.90 40.39 -8.41
N SER F 205 -60.32 39.82 -7.35
CA SER F 205 -59.79 38.46 -7.41
C SER F 205 -60.87 37.41 -7.24
N SER F 206 -62.11 37.79 -6.97
CA SER F 206 -63.22 36.85 -6.79
C SER F 206 -64.24 36.92 -7.91
N THR F 207 -64.67 38.12 -8.29
CA THR F 207 -65.68 38.28 -9.33
C THR F 207 -65.55 39.69 -9.91
N VAL F 208 -66.53 40.10 -10.70
CA VAL F 208 -66.58 41.42 -11.31
C VAL F 208 -67.88 42.09 -10.90
N VAL F 209 -67.80 43.37 -10.54
CA VAL F 209 -68.95 44.12 -10.04
C VAL F 209 -69.15 45.35 -10.92
N PHE F 210 -70.39 45.55 -11.38
CA PHE F 210 -70.77 46.72 -12.14
C PHE F 210 -71.66 47.62 -11.30
N GLY F 211 -71.41 48.92 -11.38
CA GLY F 211 -72.14 49.86 -10.55
C GLY F 211 -73.57 50.07 -11.01
N GLY F 212 -74.32 50.80 -10.18
CA GLY F 212 -75.71 51.10 -10.49
C GLY F 212 -75.89 52.12 -11.59
N GLY F 213 -74.87 52.92 -11.86
CA GLY F 213 -74.93 53.89 -12.93
C GLY F 213 -75.68 55.16 -12.54
N THR F 214 -75.88 56.01 -13.55
CA THR F 214 -76.56 57.28 -13.36
C THR F 214 -77.18 57.71 -14.68
N LYS F 215 -78.12 58.65 -14.59
CA LYS F 215 -78.82 59.18 -15.75
C LYS F 215 -78.43 60.63 -15.97
N LEU F 216 -77.99 60.96 -17.18
CA LEU F 216 -77.61 62.32 -17.51
C LEU F 216 -78.84 63.17 -17.82
N THR F 217 -78.71 64.48 -17.60
CA THR F 217 -79.81 65.41 -17.85
C THR F 217 -79.21 66.73 -18.31
N VAL F 218 -79.54 67.14 -19.53
CA VAL F 218 -79.03 68.39 -20.08
C VAL F 218 -79.96 69.54 -19.75
#